data_6VMF
#
_entry.id   6VMF
#
_cell.length_a   107.857
_cell.length_b   92.985
_cell.length_c   187.048
_cell.angle_alpha   90.000
_cell.angle_beta   95.060
_cell.angle_gamma   90.000
#
_symmetry.space_group_name_H-M   'P 1 21 1'
#
loop_
_entity.id
_entity.type
_entity.pdbx_description
1 polymer 'Glycine oxidase'
2 non-polymer 'MAGNESIUM ION'
3 non-polymer 'SULFATE ION'
4 water water
#
_entity_poly.entity_id   1
_entity_poly.type   'polypeptide(L)'
_entity_poly.pdbx_seq_one_letter_code
;MSNCQYKIYPPLGIARVGNGPAIKPLSLSTPEVPWAHLYDTNVQYLVTQQELEQLLEEAFGGNVINEISQIKTKLDERKA
EKFKQEEIETITGLLGLSHLVPQQQLSRSLDNLELKSTKDSDDIVQQIKGALLKVLSDHYLHAVKKQAQNFYIYKCDEQG
NPVEKLKLTDGDKVTWRVEVANKKSFWYDYNNALDLSLHTQGSGNLSKNVSKHRLAPAMTAKRRNPNVITNSLRKQLVIS
SQGSVSSDNNTQVPLRGKFPANEPDTNNRLSDLLNLQERHNVLQGSIECDNEGVLRFYAGNGISQALSPSSLNTDFADNS
NWFDDICDGRVTAVVELKNGDTFEIQDEQSSAWVATTPPDYAPQIEPIVTMYDMVSGAALKEQDLDNLTTQFSDVFPILY
RLYRMQWVNQADFTDNAVNTQIRELNSELGFAQLLDNSASAKSLREGIFNQFRNPLFDQDIDVDDPGQSSNEWVSNSRII
PSKDETNIAAKPATSSLKLPFYPNDGIDYPGSPVQWFAIPPFMYQHLQNWAAGDFSVTQVEKESANTIEELGLFYSEQFK
NSPNSALLCARGALDALYGGGFHPGVELTWPMRHNLIYSQNDYVSSVTPEINLLGLREFRLKQDLQGLNSPNMYQDFGHV
IAVDNVTASIDPNSDAAWLWRSTPGDLTKWMGIPWQSDAASCQAVYTPEDFPIPSW(TNQ)AANLPVHVLPLARYNKFKD
SQSADLPEINGMTHSIAQGMSEETFEHLRLEQFSQRLDWLHTADLGFVGFHAEGGYTNGLIQMVSQWKNMAMVMARPVEN
PGSSGIPNVVYVAYSQADKD
;
_entity_poly.pdbx_strand_id   A,B,C,D
#
loop_
_chem_comp.id
_chem_comp.type
_chem_comp.name
_chem_comp.formula
MG non-polymer 'MAGNESIUM ION' 'Mg 2'
SO4 non-polymer 'SULFATE ION' 'O4 S -2'
#
# COMPACT_ATOMS: atom_id res chain seq x y z
N CYS A 4 -41.09 -34.67 28.86
CA CYS A 4 -41.08 -33.33 28.28
C CYS A 4 -42.47 -32.69 28.29
N GLN A 5 -42.63 -31.66 29.11
CA GLN A 5 -43.89 -30.93 29.18
C GLN A 5 -43.78 -29.45 28.88
N TYR A 6 -42.56 -28.91 28.79
CA TYR A 6 -42.36 -27.53 28.38
C TYR A 6 -41.18 -27.46 27.43
N LYS A 7 -41.28 -26.59 26.44
CA LYS A 7 -40.20 -26.35 25.50
C LYS A 7 -40.06 -24.85 25.30
N ILE A 8 -38.88 -24.44 24.86
CA ILE A 8 -38.59 -23.05 24.53
C ILE A 8 -38.63 -22.91 23.03
N TYR A 9 -39.25 -21.83 22.55
CA TYR A 9 -39.26 -21.51 21.13
C TYR A 9 -38.90 -20.05 20.92
N PRO A 10 -38.16 -19.73 19.85
CA PRO A 10 -37.66 -20.67 18.84
C PRO A 10 -36.48 -21.52 19.35
N PRO A 11 -36.23 -22.66 18.71
CA PRO A 11 -35.04 -23.44 19.07
C PRO A 11 -33.75 -22.68 18.86
N LEU A 12 -33.69 -21.84 17.82
CA LEU A 12 -32.53 -20.99 17.56
C LEU A 12 -33.01 -19.55 17.38
N GLY A 13 -32.83 -18.75 18.42
CA GLY A 13 -33.18 -17.35 18.34
C GLY A 13 -32.10 -16.53 17.65
N ILE A 14 -32.53 -15.45 17.00
CA ILE A 14 -31.63 -14.55 16.31
C ILE A 14 -31.87 -13.13 16.80
N ALA A 15 -30.81 -12.47 17.23
CA ALA A 15 -30.83 -11.06 17.60
C ALA A 15 -29.77 -10.35 16.78
N ARG A 16 -30.08 -9.15 16.31
CA ARG A 16 -29.18 -8.42 15.44
C ARG A 16 -28.71 -7.16 16.15
N VAL A 17 -27.42 -6.86 15.99
CA VAL A 17 -26.85 -5.71 16.68
C VAL A 17 -27.43 -4.41 16.10
N GLY A 18 -27.35 -3.36 16.89
CA GLY A 18 -27.74 -2.04 16.45
C GLY A 18 -27.40 -1.00 17.49
N ASN A 19 -27.07 0.22 17.06
CA ASN A 19 -26.80 1.30 18.00
C ASN A 19 -28.07 1.93 18.55
N GLY A 20 -29.24 1.48 18.12
CA GLY A 20 -30.48 1.88 18.74
C GLY A 20 -30.54 1.41 20.17
N PRO A 21 -31.42 1.99 20.97
CA PRO A 21 -31.53 1.59 22.38
C PRO A 21 -32.24 0.26 22.53
N ALA A 22 -31.85 -0.46 23.58
CA ALA A 22 -32.46 -1.75 23.91
C ALA A 22 -33.72 -1.51 24.76
N ILE A 23 -34.74 -0.97 24.10
CA ILE A 23 -36.06 -0.81 24.70
C ILE A 23 -37.10 -1.24 23.68
N LYS A 24 -38.26 -1.65 24.19
CA LYS A 24 -39.32 -2.17 23.31
C LYS A 24 -39.81 -1.16 22.28
N PRO A 25 -40.13 0.10 22.63
CA PRO A 25 -40.71 0.99 21.62
C PRO A 25 -39.75 1.39 20.51
N LEU A 26 -38.44 1.33 20.74
CA LEU A 26 -37.46 1.79 19.77
C LEU A 26 -36.66 0.65 19.15
N SER A 27 -37.17 -0.58 19.21
CA SER A 27 -36.48 -1.73 18.64
C SER A 27 -37.46 -2.55 17.81
N LEU A 28 -36.89 -3.48 17.06
CA LEU A 28 -37.65 -4.43 16.26
C LEU A 28 -37.52 -5.83 16.86
N SER A 29 -38.43 -6.71 16.44
CA SER A 29 -38.44 -8.09 16.91
C SER A 29 -38.21 -9.03 15.73
N THR A 30 -37.41 -10.07 15.98
CA THR A 30 -37.21 -11.11 14.98
C THR A 30 -38.55 -11.66 14.54
N PRO A 31 -38.76 -11.88 13.23
CA PRO A 31 -40.06 -12.35 12.76
C PRO A 31 -40.49 -13.65 13.45
N GLU A 32 -41.76 -13.69 13.84
CA GLU A 32 -42.38 -14.87 14.39
C GLU A 32 -43.40 -15.50 13.45
N VAL A 33 -43.71 -14.85 12.34
CA VAL A 33 -44.54 -15.41 11.28
C VAL A 33 -43.88 -15.05 9.95
N PRO A 34 -43.56 -16.02 9.10
CA PRO A 34 -42.93 -15.69 7.81
C PRO A 34 -43.82 -14.79 6.97
N TRP A 35 -43.18 -13.84 6.28
CA TRP A 35 -43.79 -13.01 5.25
C TRP A 35 -44.85 -12.05 5.80
N ALA A 36 -44.80 -11.72 7.10
CA ALA A 36 -45.88 -10.96 7.72
C ALA A 36 -45.93 -9.51 7.27
N HIS A 37 -44.84 -8.94 6.76
CA HIS A 37 -44.80 -7.50 6.51
C HIS A 37 -44.01 -7.16 5.26
N LEU A 38 -44.14 -7.97 4.20
CA LEU A 38 -43.35 -7.74 3.00
C LEU A 38 -43.76 -6.48 2.24
N TYR A 39 -44.99 -6.00 2.45
CA TYR A 39 -45.46 -4.78 1.79
C TYR A 39 -45.83 -3.70 2.80
N ASP A 40 -45.52 -3.91 4.08
CA ASP A 40 -45.76 -2.93 5.12
C ASP A 40 -45.00 -1.63 4.84
N THR A 41 -45.67 -0.65 4.26
CA THR A 41 -45.07 0.65 3.98
C THR A 41 -44.94 1.53 5.22
N ASN A 42 -45.23 0.99 6.40
CA ASN A 42 -45.15 1.71 7.65
C ASN A 42 -43.89 1.41 8.45
N VAL A 43 -43.04 0.50 7.97
CA VAL A 43 -41.93 0.01 8.80
C VAL A 43 -40.94 1.14 9.06
N GLN A 44 -40.42 1.18 10.29
CA GLN A 44 -39.38 2.12 10.69
C GLN A 44 -38.24 1.30 11.30
N TYR A 45 -37.23 0.98 10.50
CA TYR A 45 -36.08 0.22 10.97
C TYR A 45 -34.98 1.11 11.50
N LEU A 46 -35.06 2.42 11.29
CA LEU A 46 -34.19 3.40 11.93
C LEU A 46 -35.00 4.19 12.95
N VAL A 47 -34.34 4.65 13.99
CA VAL A 47 -35.02 5.47 14.99
C VAL A 47 -35.40 6.80 14.35
N THR A 48 -36.67 7.15 14.44
CA THR A 48 -37.24 8.34 13.83
C THR A 48 -37.43 9.42 14.88
N GLN A 49 -37.59 10.66 14.42
CA GLN A 49 -37.81 11.74 15.37
C GLN A 49 -39.16 11.62 16.05
N GLN A 50 -40.19 11.16 15.32
CA GLN A 50 -41.49 10.95 15.94
C GLN A 50 -41.41 9.93 17.06
N GLU A 51 -40.58 8.90 16.89
CA GLU A 51 -40.43 7.89 17.94
C GLU A 51 -39.77 8.46 19.18
N LEU A 52 -38.79 9.35 19.00
CA LEU A 52 -38.20 10.01 20.16
C LEU A 52 -39.16 11.03 20.77
N GLU A 53 -39.96 11.70 19.93
CA GLU A 53 -41.01 12.57 20.44
C GLU A 53 -42.03 11.79 21.26
N GLN A 54 -42.37 10.58 20.82
CA GLN A 54 -43.34 9.76 21.54
C GLN A 54 -42.75 9.19 22.82
N LEU A 55 -41.45 8.86 22.81
CA LEU A 55 -40.81 8.39 24.04
C LEU A 55 -40.73 9.50 25.08
N LEU A 56 -40.61 10.75 24.64
CA LEU A 56 -40.49 11.86 25.58
C LEU A 56 -41.80 12.23 26.25
N GLU A 57 -42.96 11.96 25.61
CA GLU A 57 -44.24 12.39 26.16
C GLU A 57 -44.76 11.39 27.19
N GLU A 58 -44.48 10.09 27.00
CA GLU A 58 -44.87 9.16 28.06
C GLU A 58 -43.90 9.21 29.24
N ALA A 59 -42.71 9.77 29.05
CA ALA A 59 -41.89 10.16 30.19
C ALA A 59 -42.40 11.42 30.87
N PHE A 60 -43.49 12.00 30.36
CA PHE A 60 -44.10 13.19 30.93
C PHE A 60 -45.50 12.89 31.46
N ILE A 88 -32.37 21.20 39.72
CA ILE A 88 -32.97 20.90 38.42
C ILE A 88 -32.92 19.39 38.17
N GLU A 89 -32.07 18.69 38.92
CA GLU A 89 -32.16 17.23 38.97
C GLU A 89 -33.51 16.79 39.51
N THR A 90 -34.30 17.72 40.05
CA THR A 90 -35.74 17.59 40.28
C THR A 90 -36.40 16.91 39.08
N ILE A 91 -36.10 17.40 37.87
CA ILE A 91 -36.81 16.95 36.67
C ILE A 91 -36.20 15.67 36.09
N THR A 92 -34.87 15.61 36.03
CA THR A 92 -34.20 14.52 35.33
C THR A 92 -34.39 13.18 36.02
N GLY A 93 -34.48 13.17 37.35
CA GLY A 93 -34.77 11.93 38.05
C GLY A 93 -36.22 11.49 37.94
N LEU A 94 -37.11 12.41 37.57
CA LEU A 94 -38.53 12.10 37.48
C LEU A 94 -38.91 11.38 36.19
N LEU A 95 -38.11 11.52 35.14
CA LEU A 95 -38.21 10.69 33.94
C LEU A 95 -36.95 9.85 33.82
N GLY A 96 -37.13 8.54 33.67
CA GLY A 96 -36.04 7.60 33.86
C GLY A 96 -34.90 7.73 32.87
N LEU A 97 -35.04 8.55 31.82
CA LEU A 97 -34.15 8.54 30.65
C LEU A 97 -32.66 8.34 30.89
N SER A 98 -32.23 8.20 32.14
CA SER A 98 -30.79 8.02 32.42
C SER A 98 -30.25 6.73 31.82
N HIS A 99 -31.11 5.72 31.66
CA HIS A 99 -30.67 4.46 31.09
C HIS A 99 -30.54 4.49 29.57
N LEU A 100 -30.85 5.62 28.94
CA LEU A 100 -30.59 5.85 27.52
C LEU A 100 -29.47 6.84 27.28
N VAL A 101 -29.47 7.94 28.03
CA VAL A 101 -28.44 8.97 27.97
C VAL A 101 -27.91 9.19 29.38
N PRO A 102 -26.59 9.28 29.58
CA PRO A 102 -26.07 9.72 30.88
C PRO A 102 -26.74 11.02 31.32
N GLN A 103 -27.00 11.11 32.63
CA GLN A 103 -27.84 12.19 33.15
C GLN A 103 -27.19 13.57 32.98
N GLN A 104 -25.86 13.64 32.98
CA GLN A 104 -25.18 14.92 32.97
C GLN A 104 -25.57 15.76 31.76
N GLN A 105 -25.80 15.13 30.61
CA GLN A 105 -26.19 15.87 29.43
C GLN A 105 -27.67 16.27 29.49
N LEU A 106 -28.52 15.43 30.11
CA LEU A 106 -29.94 15.73 30.20
C LEU A 106 -30.24 16.92 31.11
N SER A 107 -29.30 17.31 31.97
CA SER A 107 -29.48 18.51 32.78
C SER A 107 -28.69 19.70 32.24
N ARG A 108 -27.51 19.46 31.66
CA ARG A 108 -26.89 20.47 30.81
C ARG A 108 -27.84 20.86 29.69
N SER A 109 -28.62 19.89 29.20
CA SER A 109 -29.76 20.15 28.30
C SER A 109 -30.54 21.40 28.70
N LEU A 110 -31.04 21.44 29.93
CA LEU A 110 -31.88 22.54 30.38
C LEU A 110 -31.08 23.65 31.06
N ASP A 111 -29.88 23.36 31.57
CA ASP A 111 -29.09 24.38 32.25
C ASP A 111 -28.60 25.44 31.26
N ASN A 112 -28.23 25.02 30.05
CA ASN A 112 -27.94 25.97 28.98
C ASN A 112 -29.17 26.81 28.64
N LEU A 113 -30.36 26.27 28.89
CA LEU A 113 -31.62 26.79 28.39
C LEU A 113 -32.17 27.97 29.21
N VAL A 125 -45.15 26.69 28.32
CA VAL A 125 -43.88 26.15 27.87
C VAL A 125 -43.83 24.64 28.05
N GLN A 126 -42.74 24.07 27.58
CA GLN A 126 -42.69 22.69 27.11
C GLN A 126 -41.27 22.49 26.59
N GLN A 127 -40.58 23.61 26.40
CA GLN A 127 -39.23 23.65 25.84
C GLN A 127 -38.25 22.81 26.66
N ILE A 128 -38.69 22.32 27.82
CA ILE A 128 -37.97 21.22 28.46
C ILE A 128 -37.99 19.99 27.56
N LYS A 129 -39.14 19.70 26.95
CA LYS A 129 -39.23 18.62 25.98
C LYS A 129 -38.27 18.83 24.82
N GLY A 130 -38.29 20.03 24.22
CA GLY A 130 -37.44 20.29 23.08
C GLY A 130 -35.96 20.11 23.39
N ALA A 131 -35.54 20.54 24.58
CA ALA A 131 -34.13 20.38 24.95
C ALA A 131 -33.80 18.91 25.17
N LEU A 132 -34.65 18.19 25.92
CA LEU A 132 -34.45 16.76 26.09
C LEU A 132 -34.59 16.01 24.77
N LEU A 133 -35.28 16.59 23.79
CA LEU A 133 -35.44 15.91 22.51
C LEU A 133 -34.12 15.86 21.75
N LYS A 134 -33.41 16.98 21.66
CA LYS A 134 -32.23 17.04 20.82
C LYS A 134 -31.07 16.22 21.41
N VAL A 135 -30.98 16.10 22.72
CA VAL A 135 -29.97 15.23 23.30
C VAL A 135 -30.26 13.77 22.97
N LEU A 136 -31.54 13.37 23.04
CA LEU A 136 -31.91 12.04 22.60
C LEU A 136 -31.57 11.83 21.13
N SER A 137 -31.85 12.82 20.29
CA SER A 137 -31.65 12.68 18.86
C SER A 137 -30.16 12.58 18.51
N ASP A 138 -29.32 13.42 19.15
CA ASP A 138 -27.89 13.33 18.92
C ASP A 138 -27.36 11.93 19.18
N HIS A 139 -27.92 11.23 20.17
CA HIS A 139 -27.49 9.89 20.51
C HIS A 139 -28.12 8.83 19.61
N TYR A 140 -29.38 9.03 19.22
CA TYR A 140 -30.17 7.91 18.69
C TYR A 140 -30.88 8.18 17.38
N LEU A 141 -30.90 9.41 16.87
CA LEU A 141 -31.64 9.67 15.63
C LEU A 141 -31.01 8.91 14.47
N HIS A 142 -31.85 8.25 13.67
CA HIS A 142 -31.47 7.43 12.53
C HIS A 142 -30.65 6.20 12.91
N ALA A 143 -30.57 5.86 14.19
CA ALA A 143 -29.77 4.72 14.61
C ALA A 143 -30.41 3.41 14.12
N VAL A 144 -29.57 2.45 13.78
CA VAL A 144 -30.03 1.12 13.38
C VAL A 144 -30.66 0.47 14.62
N LYS A 145 -31.97 0.26 14.57
CA LYS A 145 -32.67 -0.36 15.69
C LYS A 145 -32.18 -1.79 15.90
N LYS A 146 -32.09 -2.19 17.16
CA LYS A 146 -31.78 -3.59 17.49
C LYS A 146 -32.95 -4.47 17.11
N GLN A 147 -32.66 -5.59 16.46
CA GLN A 147 -33.67 -6.63 16.24
C GLN A 147 -33.54 -7.63 17.37
N ALA A 148 -34.48 -7.57 18.31
CA ALA A 148 -34.45 -8.43 19.49
C ALA A 148 -35.31 -9.67 19.26
N GLN A 149 -34.94 -10.76 19.93
CA GLN A 149 -35.65 -12.03 19.79
C GLN A 149 -36.49 -12.27 21.04
N ASN A 150 -37.77 -12.55 20.83
CA ASN A 150 -38.65 -13.01 21.89
C ASN A 150 -38.54 -14.53 22.00
N PHE A 151 -38.37 -15.01 23.22
CA PHE A 151 -38.39 -16.45 23.51
C PHE A 151 -39.63 -16.76 24.34
N TYR A 152 -40.24 -17.91 24.06
CA TYR A 152 -41.48 -18.30 24.72
C TYR A 152 -41.36 -19.71 25.28
N ILE A 153 -42.02 -19.94 26.41
CA ILE A 153 -42.26 -21.28 26.92
C ILE A 153 -43.58 -21.78 26.35
N TYR A 154 -43.59 -23.01 25.86
CA TYR A 154 -44.79 -23.61 25.28
C TYR A 154 -45.13 -24.88 26.04
N LYS A 155 -46.41 -25.01 26.43
CA LYS A 155 -46.87 -26.21 27.09
C LYS A 155 -47.04 -27.32 26.06
N CYS A 156 -46.49 -28.50 26.37
CA CYS A 156 -46.49 -29.64 25.47
C CYS A 156 -47.50 -30.69 25.94
N ASP A 157 -47.95 -31.49 24.98
CA ASP A 157 -48.84 -32.61 25.30
C ASP A 157 -48.04 -33.91 25.42
N ASN A 161 -44.67 -31.82 21.60
CA ASN A 161 -45.76 -31.31 20.78
C ASN A 161 -46.43 -30.12 21.47
N PRO A 162 -46.12 -28.91 20.99
CA PRO A 162 -46.55 -27.70 21.71
C PRO A 162 -47.92 -27.20 21.30
N VAL A 163 -48.80 -26.99 22.28
CA VAL A 163 -50.18 -26.59 22.01
C VAL A 163 -50.41 -25.11 22.28
N GLU A 164 -49.78 -24.56 23.32
CA GLU A 164 -50.03 -23.17 23.65
C GLU A 164 -48.85 -22.62 24.47
N LYS A 165 -48.70 -21.30 24.41
CA LYS A 165 -47.71 -20.63 25.24
C LYS A 165 -48.07 -20.79 26.71
N LEU A 166 -47.04 -20.94 27.54
CA LEU A 166 -47.26 -21.04 28.99
C LEU A 166 -47.88 -19.75 29.50
N LYS A 167 -49.03 -19.86 30.14
CA LYS A 167 -49.72 -18.73 30.74
C LYS A 167 -49.57 -18.82 32.25
N LEU A 168 -48.95 -17.81 32.84
CA LEU A 168 -48.70 -17.82 34.27
C LEU A 168 -49.94 -17.41 35.05
N THR A 169 -50.23 -18.16 36.10
CA THR A 169 -51.15 -17.76 37.14
C THR A 169 -50.37 -17.09 38.26
N ASP A 170 -51.09 -16.32 39.09
CA ASP A 170 -50.44 -15.74 40.25
C ASP A 170 -49.93 -16.86 41.16
N GLY A 171 -48.62 -16.88 41.37
CA GLY A 171 -47.98 -17.99 42.05
C GLY A 171 -46.94 -18.62 41.15
N ASP A 172 -47.23 -18.67 39.85
CA ASP A 172 -46.28 -19.22 38.89
C ASP A 172 -45.25 -18.17 38.50
N LYS A 173 -44.04 -18.65 38.22
CA LYS A 173 -42.98 -17.82 37.68
C LYS A 173 -42.10 -18.68 36.78
N VAL A 174 -41.41 -18.04 35.85
CA VAL A 174 -40.42 -18.69 35.03
C VAL A 174 -39.14 -17.87 35.07
N THR A 175 -38.03 -18.53 35.35
CA THR A 175 -36.71 -17.91 35.38
C THR A 175 -35.95 -18.33 34.13
N TRP A 176 -35.45 -17.36 33.39
CA TRP A 176 -34.64 -17.62 32.21
C TRP A 176 -33.16 -17.54 32.56
N ARG A 177 -32.35 -18.28 31.80
CA ARG A 177 -30.91 -18.26 31.97
C ARG A 177 -30.27 -18.30 30.60
N VAL A 178 -29.34 -17.39 30.35
CA VAL A 178 -28.66 -17.30 29.06
C VAL A 178 -27.17 -17.17 29.32
N GLU A 179 -26.39 -18.11 28.78
CA GLU A 179 -24.93 -18.05 28.83
C GLU A 179 -24.41 -18.00 27.41
N VAL A 180 -23.67 -16.93 27.07
CA VAL A 180 -23.24 -16.70 25.70
C VAL A 180 -21.73 -16.51 25.67
N ALA A 181 -21.17 -16.63 24.47
CA ALA A 181 -19.74 -16.45 24.29
C ALA A 181 -19.44 -16.01 22.87
N ASN A 182 -18.22 -15.50 22.70
CA ASN A 182 -17.65 -15.16 21.41
C ASN A 182 -16.28 -15.79 21.34
N LYS A 183 -16.03 -16.56 20.27
CA LYS A 183 -14.77 -17.29 20.11
C LYS A 183 -14.13 -16.99 18.78
N LYS A 184 -14.61 -15.96 18.08
CA LYS A 184 -14.03 -15.62 16.78
C LYS A 184 -12.53 -15.46 16.86
N SER A 185 -12.03 -14.78 17.90
CA SER A 185 -10.60 -14.49 17.98
C SER A 185 -9.80 -15.70 18.45
N PHE A 186 -10.46 -16.68 19.06
CA PHE A 186 -9.85 -17.92 19.50
C PHE A 186 -9.79 -18.98 18.40
N TRP A 187 -10.62 -18.85 17.35
CA TRP A 187 -10.84 -19.93 16.39
C TRP A 187 -9.91 -19.76 15.18
N TYR A 188 -10.21 -20.44 14.09
CA TYR A 188 -9.32 -20.54 12.93
C TYR A 188 -9.73 -19.58 11.84
N ASP A 189 -8.78 -19.29 10.96
CA ASP A 189 -9.05 -18.54 9.75
C ASP A 189 -10.24 -19.13 9.01
N TYR A 190 -11.01 -18.28 8.32
CA TYR A 190 -12.01 -18.75 7.37
C TYR A 190 -11.45 -18.55 5.97
N ASN A 191 -11.02 -19.65 5.35
CA ASN A 191 -10.59 -19.62 3.96
C ASN A 191 -11.69 -20.06 3.02
N ASN A 192 -12.36 -21.17 3.33
CA ASN A 192 -13.61 -21.55 2.68
C ASN A 192 -14.28 -22.63 3.52
N ALA A 193 -15.43 -23.10 3.05
CA ALA A 193 -16.20 -24.08 3.80
C ALA A 193 -15.48 -25.42 3.85
N LEU A 194 -15.27 -25.94 5.06
CA LEU A 194 -14.53 -27.19 5.19
C LEU A 194 -15.29 -28.36 4.62
N ASP A 195 -16.62 -28.32 4.66
CA ASP A 195 -17.42 -29.47 4.24
C ASP A 195 -17.34 -29.72 2.74
N LEU A 196 -16.68 -28.85 1.99
CA LEU A 196 -16.64 -28.98 0.53
C LEU A 196 -15.83 -30.18 0.07
N SER A 197 -14.94 -30.71 0.91
CA SER A 197 -14.19 -31.93 0.60
C SER A 197 -14.58 -33.08 1.50
N LEU A 198 -15.64 -32.92 2.29
CA LEU A 198 -16.10 -33.97 3.19
C LEU A 198 -16.79 -35.06 2.38
N HIS A 199 -16.34 -36.30 2.55
CA HIS A 199 -16.98 -37.41 1.85
C HIS A 199 -18.41 -37.56 2.33
N THR A 200 -19.34 -37.62 1.38
CA THR A 200 -20.75 -37.64 1.70
C THR A 200 -21.49 -38.38 0.58
N GLN A 201 -22.65 -38.91 0.92
CA GLN A 201 -23.57 -39.44 -0.07
C GLN A 201 -24.50 -38.36 -0.61
N GLY A 202 -24.28 -37.11 -0.21
CA GLY A 202 -25.09 -35.99 -0.65
C GLY A 202 -26.30 -35.75 0.24
N SER A 203 -26.64 -34.49 0.45
CA SER A 203 -27.81 -34.10 1.21
C SER A 203 -28.71 -33.24 0.34
N GLY A 204 -29.79 -32.74 0.95
CA GLY A 204 -30.63 -31.79 0.25
C GLY A 204 -30.01 -30.42 0.07
N ASN A 205 -28.88 -30.16 0.74
CA ASN A 205 -28.23 -28.86 0.68
C ASN A 205 -26.96 -28.86 -0.15
N LEU A 206 -26.33 -30.01 -0.35
CA LEU A 206 -25.03 -30.07 -1.02
C LEU A 206 -24.90 -31.38 -1.76
N SER A 207 -24.73 -31.30 -3.07
CA SER A 207 -24.53 -32.49 -3.88
C SER A 207 -23.21 -33.17 -3.53
N LYS A 208 -23.20 -34.50 -3.65
CA LYS A 208 -21.99 -35.27 -3.42
C LYS A 208 -20.94 -35.02 -4.50
N ASN A 209 -21.31 -34.42 -5.64
CA ASN A 209 -20.35 -34.17 -6.71
C ASN A 209 -19.31 -33.15 -6.33
N VAL A 210 -19.59 -32.27 -5.36
CA VAL A 210 -18.63 -31.24 -4.98
C VAL A 210 -17.37 -31.88 -4.41
N SER A 211 -17.53 -32.72 -3.38
CA SER A 211 -16.39 -33.43 -2.82
C SER A 211 -15.87 -34.49 -3.78
N LYS A 212 -16.77 -35.28 -4.38
CA LYS A 212 -16.36 -36.44 -5.16
C LYS A 212 -15.50 -36.03 -6.36
N HIS A 213 -15.86 -34.94 -7.03
CA HIS A 213 -15.06 -34.46 -8.15
C HIS A 213 -14.20 -33.26 -7.78
N ARG A 214 -14.13 -32.92 -6.50
CA ARG A 214 -13.18 -31.94 -5.98
C ARG A 214 -13.37 -30.60 -6.70
N LEU A 215 -14.64 -30.17 -6.79
CA LEU A 215 -15.00 -28.95 -7.49
C LEU A 215 -14.60 -27.70 -6.72
N ALA A 216 -14.37 -27.81 -5.41
CA ALA A 216 -13.93 -26.67 -4.61
C ALA A 216 -13.27 -27.18 -3.34
N PRO A 217 -12.02 -27.65 -3.44
CA PRO A 217 -11.41 -28.36 -2.30
C PRO A 217 -11.28 -27.48 -1.06
N ALA A 218 -11.62 -28.05 0.08
CA ALA A 218 -11.46 -27.35 1.35
C ALA A 218 -9.98 -27.03 1.58
N MET A 219 -9.74 -25.86 2.15
CA MET A 219 -8.39 -25.44 2.46
C MET A 219 -8.09 -25.64 3.94
N THR A 220 -6.80 -25.80 4.25
CA THR A 220 -6.38 -25.74 5.65
C THR A 220 -6.47 -24.30 6.15
N ALA A 221 -6.66 -24.15 7.46
CA ALA A 221 -6.82 -22.83 8.06
C ALA A 221 -5.99 -22.76 9.34
N LYS A 222 -5.15 -21.73 9.44
CA LYS A 222 -4.34 -21.55 10.63
C LYS A 222 -5.15 -20.87 11.73
N ARG A 223 -4.57 -20.80 12.92
CA ARG A 223 -5.25 -20.16 14.04
C ARG A 223 -5.30 -18.65 13.84
N ARG A 224 -6.36 -18.04 14.34
CA ARG A 224 -6.39 -16.59 14.47
C ARG A 224 -5.61 -16.18 15.71
N ASN A 225 -4.97 -15.02 15.64
CA ASN A 225 -4.08 -14.53 16.68
C ASN A 225 -3.04 -15.62 17.04
N PRO A 226 -2.21 -16.00 16.06
CA PRO A 226 -1.35 -17.17 16.27
C PRO A 226 -0.20 -16.93 17.25
N ASN A 227 0.08 -15.68 17.63
CA ASN A 227 1.18 -15.39 18.53
C ASN A 227 0.85 -15.71 19.98
N VAL A 228 -0.43 -15.78 20.32
N VAL A 228 -0.42 -15.78 20.35
CA VAL A 228 -0.86 -16.25 21.64
CA VAL A 228 -0.78 -16.21 21.69
C VAL A 228 -0.79 -17.78 21.64
C VAL A 228 -0.82 -17.73 21.70
N ILE A 229 0.08 -18.34 22.47
CA ILE A 229 0.33 -19.77 22.45
C ILE A 229 -0.14 -20.38 23.76
N THR A 230 -0.16 -21.72 23.80
CA THR A 230 -0.73 -22.55 24.85
C THR A 230 -2.23 -22.36 24.99
N ASN A 231 -2.95 -23.47 25.24
CA ASN A 231 -4.40 -23.43 25.34
C ASN A 231 -4.85 -22.54 26.49
N SER A 232 -4.11 -22.52 27.60
CA SER A 232 -4.55 -21.76 28.75
C SER A 232 -4.46 -20.26 28.52
N LEU A 233 -3.48 -19.80 27.74
CA LEU A 233 -3.41 -18.39 27.41
C LEU A 233 -4.40 -18.02 26.32
N ARG A 234 -4.72 -18.96 25.42
CA ARG A 234 -5.69 -18.71 24.38
C ARG A 234 -7.10 -18.57 24.93
N LYS A 235 -7.35 -19.00 26.16
CA LYS A 235 -8.67 -18.83 26.75
C LYS A 235 -9.06 -17.36 26.90
N GLN A 236 -8.07 -16.46 27.01
CA GLN A 236 -8.39 -15.04 27.12
C GLN A 236 -8.92 -14.46 25.82
N LEU A 237 -8.67 -15.12 24.69
CA LEU A 237 -9.23 -14.70 23.42
C LEU A 237 -10.73 -14.96 23.31
N VAL A 238 -11.36 -15.54 24.33
CA VAL A 238 -12.78 -15.89 24.30
C VAL A 238 -13.51 -14.94 25.24
N ILE A 239 -14.51 -14.24 24.70
CA ILE A 239 -15.39 -13.38 25.49
C ILE A 239 -16.63 -14.18 25.86
N SER A 240 -17.08 -14.06 27.11
CA SER A 240 -18.22 -14.82 27.58
C SER A 240 -18.91 -14.07 28.71
N SER A 241 -20.21 -14.32 28.86
CA SER A 241 -21.02 -13.69 29.88
C SER A 241 -22.31 -14.50 30.02
N GLN A 242 -22.95 -14.32 31.16
CA GLN A 242 -24.22 -14.99 31.43
C GLN A 242 -25.10 -14.08 32.26
N GLY A 243 -26.36 -14.45 32.38
CA GLY A 243 -27.30 -13.65 33.14
C GLY A 243 -28.62 -14.39 33.26
N SER A 244 -29.42 -13.96 34.24
N SER A 244 -29.41 -13.95 34.23
CA SER A 244 -30.70 -14.58 34.52
CA SER A 244 -30.69 -14.58 34.52
C SER A 244 -31.76 -13.52 34.73
C SER A 244 -31.77 -13.53 34.74
N VAL A 245 -32.94 -13.77 34.19
CA VAL A 245 -34.10 -12.90 34.38
C VAL A 245 -35.32 -13.78 34.65
N SER A 246 -36.25 -13.24 35.44
CA SER A 246 -37.45 -13.96 35.82
C SER A 246 -38.67 -13.10 35.54
N SER A 247 -39.84 -13.75 35.54
CA SER A 247 -41.10 -13.06 35.33
C SER A 247 -41.53 -12.23 36.54
N ASP A 248 -40.82 -12.33 37.66
CA ASP A 248 -41.13 -11.52 38.82
C ASP A 248 -40.60 -10.09 38.71
N ASN A 249 -39.64 -9.84 37.82
CA ASN A 249 -39.03 -8.52 37.71
C ASN A 249 -38.61 -8.28 36.27
N ASN A 250 -39.08 -7.16 35.70
CA ASN A 250 -38.84 -6.78 34.32
C ASN A 250 -37.46 -6.18 34.08
N THR A 251 -36.65 -5.97 35.12
CA THR A 251 -35.44 -5.18 34.97
C THR A 251 -34.45 -5.86 34.02
N GLN A 252 -33.97 -5.09 33.04
CA GLN A 252 -33.07 -5.62 32.02
C GLN A 252 -31.69 -5.93 32.62
N VAL A 253 -31.02 -6.91 32.03
CA VAL A 253 -29.77 -7.42 32.57
C VAL A 253 -28.72 -7.47 31.47
N PRO A 254 -27.55 -6.86 31.66
CA PRO A 254 -26.53 -6.88 30.61
C PRO A 254 -25.68 -8.14 30.65
N LEU A 255 -25.47 -8.75 29.48
CA LEU A 255 -24.48 -9.81 29.32
C LEU A 255 -23.18 -9.12 28.92
N ARG A 256 -22.37 -8.79 29.92
CA ARG A 256 -21.15 -8.02 29.70
C ARG A 256 -19.94 -8.90 29.96
N GLY A 257 -19.11 -9.08 28.94
CA GLY A 257 -17.87 -9.81 29.06
C GLY A 257 -16.67 -8.88 29.06
N LYS A 258 -15.51 -9.45 28.77
CA LYS A 258 -14.26 -8.69 28.77
C LYS A 258 -13.32 -9.29 27.75
N PHE A 259 -12.56 -8.43 27.07
CA PHE A 259 -11.54 -8.87 26.12
C PHE A 259 -10.29 -8.05 26.34
N PRO A 260 -9.13 -8.68 26.63
CA PRO A 260 -9.00 -10.12 26.83
C PRO A 260 -9.69 -10.57 28.12
N ALA A 261 -10.01 -11.85 28.24
CA ALA A 261 -10.79 -12.34 29.36
C ALA A 261 -9.88 -12.68 30.55
N ASN A 262 -10.53 -12.99 31.68
CA ASN A 262 -9.88 -13.47 32.90
C ASN A 262 -8.81 -14.52 32.61
N GLU A 278 -4.47 -3.72 29.42
CA GLU A 278 -5.77 -3.06 29.37
C GLU A 278 -6.86 -3.99 28.84
N ARG A 279 -8.02 -3.96 29.47
CA ARG A 279 -9.14 -4.83 29.10
C ARG A 279 -10.35 -3.99 28.73
N HIS A 280 -11.09 -4.45 27.73
CA HIS A 280 -12.25 -3.75 27.20
C HIS A 280 -13.53 -4.48 27.57
N ASN A 281 -14.53 -3.73 28.03
CA ASN A 281 -15.84 -4.31 28.27
C ASN A 281 -16.55 -4.56 26.95
N VAL A 282 -17.15 -5.75 26.81
CA VAL A 282 -17.94 -6.09 25.64
C VAL A 282 -19.36 -6.37 26.11
N LEU A 283 -20.30 -5.56 25.66
CA LEU A 283 -21.72 -5.82 25.91
C LEU A 283 -22.19 -6.82 24.87
N GLN A 284 -22.15 -8.10 25.24
CA GLN A 284 -22.56 -9.14 24.30
C GLN A 284 -24.07 -9.13 24.08
N GLY A 285 -24.84 -8.67 25.06
CA GLY A 285 -26.28 -8.61 24.90
C GLY A 285 -26.95 -8.17 26.18
N SER A 286 -28.27 -8.03 26.08
CA SER A 286 -29.12 -7.67 27.21
C SER A 286 -30.39 -8.52 27.17
N ILE A 287 -30.87 -8.91 28.35
CA ILE A 287 -32.06 -9.75 28.43
C ILE A 287 -33.03 -9.14 29.44
N GLU A 288 -34.31 -9.38 29.20
CA GLU A 288 -35.40 -8.95 30.06
C GLU A 288 -36.57 -9.90 29.86
N CYS A 289 -37.42 -10.01 30.87
CA CYS A 289 -38.52 -10.95 30.85
C CYS A 289 -39.74 -10.30 31.51
N ASP A 290 -40.81 -10.14 30.75
CA ASP A 290 -42.01 -9.48 31.25
C ASP A 290 -42.76 -10.41 32.22
N ASN A 291 -43.86 -9.89 32.78
CA ASN A 291 -44.61 -10.64 33.78
C ASN A 291 -45.31 -11.86 33.20
N GLU A 292 -45.44 -11.94 31.87
CA GLU A 292 -46.03 -13.10 31.22
C GLU A 292 -45.01 -14.20 30.95
N GLY A 293 -43.74 -13.96 31.26
CA GLY A 293 -42.72 -15.00 31.11
C GLY A 293 -42.05 -15.06 29.77
N VAL A 294 -42.19 -14.04 28.93
CA VAL A 294 -41.55 -14.01 27.63
C VAL A 294 -40.19 -13.33 27.77
N LEU A 295 -39.13 -14.06 27.38
CA LEU A 295 -37.79 -13.49 27.38
C LEU A 295 -37.55 -12.69 26.11
N ARG A 296 -36.90 -11.54 26.27
CA ARG A 296 -36.54 -10.69 25.14
C ARG A 296 -35.04 -10.48 25.15
N PHE A 297 -34.36 -10.93 24.09
CA PHE A 297 -32.92 -10.90 24.00
C PHE A 297 -32.49 -9.82 23.02
N TYR A 298 -31.73 -8.84 23.50
CA TYR A 298 -31.13 -7.82 22.67
C TYR A 298 -29.68 -8.17 22.38
N ALA A 299 -29.24 -7.93 21.15
CA ALA A 299 -27.85 -8.14 20.77
C ALA A 299 -27.03 -6.92 21.21
N GLY A 300 -25.76 -6.89 20.85
CA GLY A 300 -24.88 -5.81 21.27
C GLY A 300 -25.14 -4.52 20.51
N ASN A 301 -24.29 -3.53 20.79
CA ASN A 301 -24.41 -2.23 20.15
C ASN A 301 -23.67 -2.16 18.81
N GLY A 302 -23.02 -3.25 18.40
CA GLY A 302 -22.29 -3.23 17.15
C GLY A 302 -20.92 -2.61 17.26
N ILE A 303 -20.30 -2.67 18.42
CA ILE A 303 -18.96 -2.13 18.65
C ILE A 303 -17.94 -3.24 18.44
N SER A 304 -17.09 -3.07 17.43
CA SER A 304 -15.91 -3.89 17.21
C SER A 304 -14.65 -3.01 17.29
N GLN A 305 -13.54 -3.61 17.69
CA GLN A 305 -12.40 -2.78 18.05
C GLN A 305 -11.17 -3.66 18.11
N ALA A 306 -10.02 -3.04 17.88
CA ALA A 306 -8.74 -3.71 18.04
C ALA A 306 -8.12 -3.32 19.36
N LEU A 307 -7.07 -4.05 19.75
CA LEU A 307 -6.37 -3.73 20.99
C LEU A 307 -5.42 -2.56 20.82
N SER A 308 -4.83 -2.41 19.62
CA SER A 308 -4.11 -1.21 19.23
C SER A 308 -4.84 -0.51 18.09
N PRO A 309 -4.95 0.83 18.13
CA PRO A 309 -5.67 1.52 17.05
C PRO A 309 -5.04 1.35 15.69
N SER A 310 -3.76 0.96 15.63
CA SER A 310 -3.11 0.73 14.35
C SER A 310 -3.37 -0.65 13.77
N SER A 311 -4.02 -1.54 14.51
CA SER A 311 -4.38 -2.86 13.97
C SER A 311 -5.61 -2.69 13.09
N LEU A 312 -5.40 -2.75 11.77
CA LEU A 312 -6.47 -2.54 10.81
C LEU A 312 -7.03 -3.87 10.33
N ASN A 313 -8.33 -3.87 10.04
CA ASN A 313 -9.07 -5.08 9.66
C ASN A 313 -9.14 -5.18 8.13
N THR A 314 -7.98 -5.45 7.53
CA THR A 314 -7.88 -5.39 6.08
C THR A 314 -8.23 -6.71 5.38
N ASP A 315 -8.39 -7.80 6.12
CA ASP A 315 -8.85 -9.06 5.54
C ASP A 315 -10.36 -9.18 5.72
N PHE A 316 -11.00 -9.85 4.77
CA PHE A 316 -12.45 -9.96 4.81
C PHE A 316 -12.93 -10.72 6.03
N ALA A 317 -12.10 -11.62 6.59
CA ALA A 317 -12.57 -12.49 7.66
C ALA A 317 -11.60 -12.66 8.82
N ASP A 318 -10.29 -12.61 8.62
CA ASP A 318 -9.31 -12.97 9.65
C ASP A 318 -8.38 -11.81 9.96
N ASN A 319 -8.64 -11.14 11.09
CA ASN A 319 -7.87 -9.98 11.50
C ASN A 319 -7.45 -10.17 12.96
N SER A 320 -6.14 -10.36 13.16
N SER A 320 -6.15 -10.37 13.17
CA SER A 320 -5.63 -10.49 14.52
CA SER A 320 -5.66 -10.51 14.53
C SER A 320 -5.83 -9.19 15.29
C SER A 320 -5.80 -9.20 15.29
N ASN A 321 -5.81 -9.31 16.62
CA ASN A 321 -5.92 -8.19 17.56
C ASN A 321 -7.29 -7.53 17.57
N TRP A 322 -8.29 -8.12 16.92
CA TRP A 322 -9.64 -7.56 16.88
C TRP A 322 -10.59 -8.40 17.73
N PHE A 323 -11.61 -7.74 18.27
CA PHE A 323 -12.74 -8.40 18.89
C PHE A 323 -14.03 -7.69 18.49
N ASP A 324 -15.13 -8.43 18.42
CA ASP A 324 -16.43 -7.80 18.22
C ASP A 324 -17.42 -8.31 19.26
N ASP A 325 -18.61 -7.73 19.25
CA ASP A 325 -19.63 -8.02 20.24
C ASP A 325 -20.66 -9.03 19.76
N ILE A 326 -20.39 -9.72 18.66
CA ILE A 326 -21.25 -10.82 18.23
C ILE A 326 -21.11 -11.98 19.21
N CYS A 327 -22.21 -12.68 19.50
CA CYS A 327 -22.15 -13.80 20.42
C CYS A 327 -23.24 -14.82 20.10
N ASP A 328 -23.15 -15.96 20.78
CA ASP A 328 -24.16 -16.99 20.65
C ASP A 328 -24.00 -17.96 21.82
N GLY A 329 -25.12 -18.44 22.34
CA GLY A 329 -25.03 -19.26 23.52
C GLY A 329 -26.34 -19.95 23.86
N ARG A 330 -26.36 -20.50 25.08
CA ARG A 330 -27.35 -21.48 25.51
C ARG A 330 -28.46 -20.81 26.32
N VAL A 331 -29.70 -21.06 25.92
CA VAL A 331 -30.88 -20.50 26.57
C VAL A 331 -31.63 -21.65 27.24
N THR A 332 -31.76 -21.57 28.56
CA THR A 332 -32.50 -22.54 29.35
C THR A 332 -33.46 -21.79 30.27
N ALA A 333 -34.38 -22.54 30.89
CA ALA A 333 -35.37 -21.92 31.74
C ALA A 333 -35.83 -22.91 32.80
N VAL A 334 -36.46 -22.38 33.84
N VAL A 334 -36.47 -22.36 33.82
CA VAL A 334 -37.07 -23.20 34.88
CA VAL A 334 -37.06 -23.12 34.92
C VAL A 334 -38.45 -22.63 35.18
C VAL A 334 -38.47 -22.60 35.16
N VAL A 335 -39.46 -23.50 35.14
CA VAL A 335 -40.85 -23.12 35.38
C VAL A 335 -41.25 -23.59 36.76
N GLU A 336 -41.67 -22.66 37.60
CA GLU A 336 -42.18 -22.94 38.94
C GLU A 336 -43.67 -22.62 38.98
N LEU A 337 -44.47 -23.58 39.43
CA LEU A 337 -45.91 -23.38 39.54
C LEU A 337 -46.31 -23.16 41.00
N LYS A 338 -47.59 -22.82 41.20
CA LYS A 338 -48.07 -22.53 42.54
C LYS A 338 -47.86 -23.70 43.49
N ASN A 339 -48.33 -24.89 43.10
CA ASN A 339 -48.30 -26.05 43.97
C ASN A 339 -46.89 -26.47 44.36
N GLY A 340 -45.86 -25.87 43.76
CA GLY A 340 -44.48 -26.23 44.04
C GLY A 340 -43.80 -26.99 42.93
N ASP A 341 -44.55 -27.50 41.96
CA ASP A 341 -43.97 -28.18 40.81
C ASP A 341 -42.93 -27.29 40.15
N THR A 342 -41.78 -27.88 39.83
CA THR A 342 -40.70 -27.17 39.16
C THR A 342 -40.25 -27.98 37.96
N PHE A 343 -40.32 -27.38 36.78
CA PHE A 343 -40.00 -28.04 35.52
C PHE A 343 -38.71 -27.44 34.99
N GLU A 344 -37.66 -28.26 34.93
CA GLU A 344 -36.38 -27.82 34.38
C GLU A 344 -36.40 -27.96 32.87
N ILE A 345 -36.20 -26.86 32.17
CA ILE A 345 -36.08 -26.87 30.72
C ILE A 345 -34.62 -26.69 30.36
N GLN A 346 -33.87 -27.80 30.41
CA GLN A 346 -32.41 -27.75 30.36
C GLN A 346 -31.85 -28.63 29.25
N ASP A 347 -32.58 -29.69 28.90
CA ASP A 347 -32.07 -30.66 27.95
C ASP A 347 -32.17 -30.13 26.53
N GLU A 348 -31.44 -30.79 25.62
CA GLU A 348 -31.31 -30.25 24.26
C GLU A 348 -32.58 -30.43 23.43
N GLN A 349 -33.49 -31.30 23.84
CA GLN A 349 -34.74 -31.45 23.12
C GLN A 349 -35.70 -30.30 23.40
N SER A 350 -35.56 -29.62 24.54
CA SER A 350 -36.51 -28.60 24.95
C SER A 350 -35.90 -27.22 25.17
N SER A 351 -34.59 -27.11 25.38
CA SER A 351 -33.95 -25.82 25.53
C SER A 351 -33.63 -25.22 24.16
N ALA A 352 -33.10 -24.00 24.14
CA ALA A 352 -32.96 -23.25 22.91
C ALA A 352 -31.54 -22.69 22.79
N TRP A 353 -31.34 -21.93 21.72
CA TRP A 353 -30.06 -21.32 21.42
C TRP A 353 -30.31 -19.92 20.87
N VAL A 354 -29.39 -19.01 21.17
CA VAL A 354 -29.48 -17.65 20.67
C VAL A 354 -28.17 -17.29 19.98
N ALA A 355 -28.26 -16.54 18.89
CA ALA A 355 -27.09 -16.08 18.17
C ALA A 355 -27.31 -14.65 17.70
N THR A 356 -26.28 -13.82 17.80
CA THR A 356 -26.33 -12.45 17.34
C THR A 356 -25.58 -12.32 16.01
N THR A 357 -26.07 -11.41 15.16
CA THR A 357 -25.63 -11.32 13.77
C THR A 357 -25.49 -9.85 13.34
N PRO A 358 -24.91 -9.57 12.17
CA PRO A 358 -24.99 -8.22 11.61
C PRO A 358 -26.43 -7.79 11.41
N PRO A 359 -26.67 -6.48 11.24
CA PRO A 359 -28.03 -6.02 10.99
C PRO A 359 -28.57 -6.49 9.65
N ASP A 360 -29.89 -6.56 9.58
CA ASP A 360 -30.60 -6.81 8.33
C ASP A 360 -30.90 -5.45 7.72
N TYR A 361 -30.22 -5.12 6.62
CA TYR A 361 -30.35 -3.81 5.99
C TYR A 361 -31.48 -3.78 4.97
N ALA A 362 -32.16 -4.90 4.75
CA ALA A 362 -33.39 -4.94 3.96
C ALA A 362 -34.29 -6.02 4.55
N PRO A 363 -34.90 -5.74 5.70
CA PRO A 363 -35.71 -6.77 6.38
C PRO A 363 -36.84 -7.38 5.56
N GLN A 364 -37.41 -6.65 4.61
CA GLN A 364 -38.54 -7.16 3.85
C GLN A 364 -38.13 -7.90 2.58
N ILE A 365 -36.83 -7.93 2.27
CA ILE A 365 -36.31 -8.68 1.13
C ILE A 365 -35.67 -9.95 1.66
N GLU A 366 -36.16 -11.09 1.19
CA GLU A 366 -35.76 -12.39 1.72
C GLU A 366 -34.66 -13.01 0.87
N PRO A 367 -33.65 -13.61 1.50
CA PRO A 367 -32.66 -14.38 0.73
C PRO A 367 -33.34 -15.45 -0.10
N ILE A 368 -32.79 -15.70 -1.29
CA ILE A 368 -33.38 -16.67 -2.20
C ILE A 368 -33.38 -18.06 -1.55
N VAL A 369 -32.34 -18.37 -0.78
CA VAL A 369 -32.26 -19.60 0.00
C VAL A 369 -31.95 -19.20 1.43
N THR A 370 -32.78 -19.63 2.36
CA THR A 370 -32.72 -19.15 3.74
C THR A 370 -32.08 -20.19 4.66
N MET A 371 -31.81 -19.76 5.89
CA MET A 371 -31.23 -20.68 6.87
C MET A 371 -32.25 -21.75 7.27
N TYR A 372 -33.54 -21.43 7.18
CA TYR A 372 -34.54 -22.47 7.39
C TYR A 372 -34.51 -23.49 6.26
N ASP A 373 -34.19 -23.05 5.04
CA ASP A 373 -34.06 -24.00 3.94
C ASP A 373 -32.93 -24.98 4.21
N MET A 374 -31.81 -24.50 4.78
CA MET A 374 -30.70 -25.39 5.11
C MET A 374 -31.12 -26.41 6.17
N VAL A 375 -31.93 -25.98 7.14
CA VAL A 375 -32.49 -26.92 8.11
C VAL A 375 -33.35 -27.94 7.40
N SER A 376 -34.17 -27.50 6.43
N SER A 376 -34.17 -27.50 6.43
CA SER A 376 -35.01 -28.43 5.69
CA SER A 376 -35.02 -28.44 5.69
C SER A 376 -34.18 -29.35 4.81
C SER A 376 -34.20 -29.34 4.80
N GLY A 377 -33.14 -28.81 4.18
CA GLY A 377 -32.32 -29.62 3.30
C GLY A 377 -31.42 -30.61 4.02
N ALA A 378 -31.04 -30.30 5.27
CA ALA A 378 -30.15 -31.18 6.02
C ALA A 378 -30.81 -32.52 6.33
N ALA A 379 -32.14 -32.56 6.40
CA ALA A 379 -32.85 -33.79 6.71
C ALA A 379 -33.02 -34.71 5.51
N LEU A 380 -32.57 -34.29 4.33
CA LEU A 380 -32.76 -35.06 3.12
C LEU A 380 -31.42 -35.58 2.62
N LYS A 381 -31.42 -36.79 2.07
CA LYS A 381 -30.26 -37.35 1.40
C LYS A 381 -30.44 -37.19 -0.10
N GLU A 382 -29.35 -36.85 -0.78
CA GLU A 382 -29.41 -36.55 -2.21
C GLU A 382 -30.02 -37.70 -3.00
N GLN A 383 -29.70 -38.93 -2.62
CA GLN A 383 -30.23 -40.09 -3.35
C GLN A 383 -31.71 -40.32 -3.11
N ASP A 384 -32.36 -39.55 -2.23
CA ASP A 384 -33.77 -39.73 -1.93
C ASP A 384 -34.64 -38.60 -2.46
N LEU A 385 -34.06 -37.61 -3.14
CA LEU A 385 -34.85 -36.52 -3.69
C LEU A 385 -35.84 -36.99 -4.74
N ASP A 386 -35.65 -38.21 -5.27
CA ASP A 386 -36.59 -38.75 -6.26
C ASP A 386 -37.99 -38.89 -5.68
N ASN A 387 -38.11 -39.15 -4.38
CA ASN A 387 -39.39 -39.37 -3.74
C ASN A 387 -39.95 -38.11 -3.10
N LEU A 388 -39.36 -36.96 -3.39
CA LEU A 388 -39.92 -35.70 -2.93
C LEU A 388 -41.17 -35.36 -3.72
N THR A 389 -42.22 -34.92 -3.02
N THR A 389 -42.20 -34.90 -3.00
CA THR A 389 -43.42 -34.43 -3.68
CA THR A 389 -43.45 -34.42 -3.59
C THR A 389 -43.42 -32.91 -3.68
C THR A 389 -43.42 -32.90 -3.66
N THR A 390 -43.97 -32.34 -4.74
CA THR A 390 -43.90 -30.91 -4.99
C THR A 390 -45.29 -30.31 -5.18
N GLN A 391 -45.58 -29.27 -4.41
CA GLN A 391 -46.66 -28.33 -4.70
C GLN A 391 -46.07 -27.08 -5.34
N PHE A 392 -46.94 -26.25 -5.90
CA PHE A 392 -46.45 -24.99 -6.46
C PHE A 392 -45.89 -24.10 -5.36
N SER A 393 -46.51 -24.13 -4.18
CA SER A 393 -46.03 -23.30 -3.08
C SER A 393 -44.64 -23.69 -2.61
N ASP A 394 -44.10 -24.83 -3.08
CA ASP A 394 -42.73 -25.20 -2.81
C ASP A 394 -41.77 -24.60 -3.83
N VAL A 395 -42.30 -24.14 -4.95
N VAL A 395 -42.24 -24.16 -4.99
CA VAL A 395 -41.52 -23.52 -6.02
CA VAL A 395 -41.37 -23.48 -5.93
C VAL A 395 -41.62 -22.00 -5.97
C VAL A 395 -41.60 -21.97 -5.95
N PHE A 396 -42.79 -21.49 -5.60
CA PHE A 396 -43.02 -20.05 -5.57
C PHE A 396 -42.01 -19.25 -4.74
N PRO A 397 -41.52 -19.73 -3.58
CA PRO A 397 -40.50 -18.93 -2.86
C PRO A 397 -39.28 -18.61 -3.71
N ILE A 398 -38.82 -19.56 -4.54
N ILE A 398 -38.82 -19.55 -4.55
CA ILE A 398 -37.67 -19.29 -5.40
CA ILE A 398 -37.66 -19.27 -5.38
C ILE A 398 -37.96 -18.13 -6.33
C ILE A 398 -37.94 -18.14 -6.37
N LEU A 399 -39.10 -18.17 -7.03
CA LEU A 399 -39.44 -17.12 -7.98
C LEU A 399 -39.69 -15.80 -7.25
N TYR A 400 -40.50 -15.84 -6.19
CA TYR A 400 -40.82 -14.65 -5.43
C TYR A 400 -39.55 -13.95 -4.90
N ARG A 401 -38.69 -14.70 -4.21
CA ARG A 401 -37.49 -14.09 -3.64
C ARG A 401 -36.58 -13.54 -4.71
N LEU A 402 -36.36 -14.30 -5.79
CA LEU A 402 -35.56 -13.81 -6.90
C LEU A 402 -36.21 -12.58 -7.55
N TYR A 403 -37.54 -12.53 -7.58
CA TYR A 403 -38.22 -11.38 -8.16
C TYR A 403 -38.01 -10.13 -7.33
N ARG A 404 -38.04 -10.25 -6.01
CA ARG A 404 -37.90 -9.12 -5.11
C ARG A 404 -36.46 -8.71 -4.89
N MET A 405 -35.49 -9.45 -5.44
CA MET A 405 -34.09 -9.04 -5.39
C MET A 405 -33.81 -7.80 -6.21
N GLN A 406 -34.74 -7.40 -7.09
CA GLN A 406 -34.55 -6.22 -7.91
C GLN A 406 -34.34 -4.96 -7.07
N TRP A 407 -34.79 -4.97 -5.83
CA TRP A 407 -34.69 -3.82 -4.95
C TRP A 407 -33.33 -3.70 -4.26
N VAL A 408 -32.48 -4.73 -4.34
CA VAL A 408 -31.18 -4.72 -3.69
C VAL A 408 -30.04 -5.07 -4.63
N ASN A 409 -30.32 -5.33 -5.91
CA ASN A 409 -29.27 -5.82 -6.80
C ASN A 409 -29.65 -5.48 -8.24
N GLN A 410 -28.75 -4.78 -8.95
CA GLN A 410 -29.08 -4.29 -10.29
C GLN A 410 -29.35 -5.45 -11.25
N ALA A 411 -28.63 -6.55 -11.11
CA ALA A 411 -28.77 -7.65 -12.06
C ALA A 411 -30.18 -8.20 -12.07
N ASP A 412 -30.83 -8.24 -10.91
CA ASP A 412 -32.19 -8.75 -10.81
C ASP A 412 -33.22 -7.69 -11.18
N PHE A 413 -32.81 -6.43 -11.26
CA PHE A 413 -33.69 -5.37 -11.75
C PHE A 413 -33.71 -5.35 -13.27
N THR A 414 -32.54 -5.38 -13.92
CA THR A 414 -32.46 -5.11 -15.35
C THR A 414 -31.64 -6.13 -16.15
N ASP A 415 -31.18 -7.22 -15.54
CA ASP A 415 -30.38 -8.20 -16.27
C ASP A 415 -30.83 -9.64 -16.01
N ASN A 416 -32.01 -9.81 -15.44
CA ASN A 416 -32.54 -11.13 -15.09
C ASN A 416 -33.74 -11.41 -16.01
N ALA A 417 -33.56 -12.32 -16.98
CA ALA A 417 -34.61 -12.59 -17.96
C ALA A 417 -35.82 -13.26 -17.33
N VAL A 418 -35.63 -14.01 -16.24
CA VAL A 418 -36.76 -14.62 -15.56
C VAL A 418 -37.60 -13.54 -14.88
N ASN A 419 -36.97 -12.58 -14.22
CA ASN A 419 -37.71 -11.47 -13.63
C ASN A 419 -38.42 -10.65 -14.69
N THR A 420 -37.84 -10.54 -15.88
CA THR A 420 -38.49 -9.81 -16.96
C THR A 420 -39.68 -10.57 -17.51
N GLN A 421 -39.60 -11.91 -17.54
CA GLN A 421 -40.75 -12.70 -17.98
C GLN A 421 -41.86 -12.65 -16.94
N ILE A 422 -41.51 -12.69 -15.65
CA ILE A 422 -42.52 -12.54 -14.61
C ILE A 422 -43.27 -11.24 -14.80
N ARG A 423 -42.54 -10.15 -15.01
CA ARG A 423 -43.20 -8.86 -15.25
C ARG A 423 -44.06 -8.90 -16.50
N GLU A 424 -43.59 -9.58 -17.55
CA GLU A 424 -44.41 -9.80 -18.73
C GLU A 424 -45.71 -10.51 -18.36
N LEU A 425 -45.62 -11.56 -17.54
CA LEU A 425 -46.81 -12.27 -17.10
C LEU A 425 -47.72 -11.37 -16.27
N ASN A 426 -47.13 -10.60 -15.35
CA ASN A 426 -47.92 -9.70 -14.51
C ASN A 426 -48.70 -8.70 -15.36
N SER A 427 -48.07 -8.15 -16.40
CA SER A 427 -48.68 -7.07 -17.17
C SER A 427 -49.91 -7.51 -17.92
N GLU A 428 -50.11 -8.82 -18.11
CA GLU A 428 -51.30 -9.35 -18.76
C GLU A 428 -52.15 -10.18 -17.81
N LEU A 429 -51.93 -10.02 -16.49
CA LEU A 429 -52.67 -10.75 -15.47
C LEU A 429 -52.62 -12.26 -15.72
N GLY A 430 -51.45 -12.74 -16.18
CA GLY A 430 -51.31 -14.13 -16.55
C GLY A 430 -50.26 -14.91 -15.78
N PHE A 431 -50.00 -14.53 -14.52
CA PHE A 431 -49.07 -15.29 -13.70
C PHE A 431 -49.60 -16.67 -13.36
N ALA A 432 -50.92 -16.86 -13.38
CA ALA A 432 -51.50 -18.14 -13.01
C ALA A 432 -51.09 -19.27 -13.94
N GLN A 433 -50.59 -18.95 -15.13
CA GLN A 433 -50.10 -19.99 -16.03
C GLN A 433 -48.99 -20.81 -15.38
N LEU A 434 -48.15 -20.18 -14.56
CA LEU A 434 -47.08 -20.90 -13.89
C LEU A 434 -47.62 -21.96 -12.94
N LEU A 435 -48.85 -21.83 -12.49
CA LEU A 435 -49.49 -22.80 -11.61
C LEU A 435 -50.16 -23.93 -12.39
N ASP A 436 -50.03 -23.92 -13.71
CA ASP A 436 -50.65 -24.92 -14.56
C ASP A 436 -49.69 -26.09 -14.75
N ASN A 437 -50.09 -27.28 -14.29
CA ASN A 437 -49.24 -28.46 -14.39
C ASN A 437 -49.49 -29.28 -15.65
N SER A 438 -50.34 -28.79 -16.55
CA SER A 438 -50.72 -29.54 -17.74
C SER A 438 -49.71 -29.33 -18.87
N ALA A 439 -49.88 -30.12 -19.94
CA ALA A 439 -48.92 -30.12 -21.03
C ALA A 439 -48.91 -28.82 -21.81
N SER A 440 -50.04 -28.11 -21.85
CA SER A 440 -50.12 -26.86 -22.59
C SER A 440 -49.27 -25.76 -21.97
N ALA A 441 -48.77 -25.96 -20.75
CA ALA A 441 -47.93 -24.99 -20.07
C ALA A 441 -46.51 -25.50 -19.84
N LYS A 442 -46.18 -26.70 -20.30
CA LYS A 442 -44.89 -27.31 -19.96
C LYS A 442 -43.72 -26.53 -20.55
N SER A 443 -43.87 -26.02 -21.78
CA SER A 443 -42.79 -25.25 -22.39
C SER A 443 -42.59 -23.92 -21.68
N LEU A 444 -43.66 -23.38 -21.08
CA LEU A 444 -43.52 -22.17 -20.29
C LEU A 444 -42.73 -22.42 -19.02
N ARG A 445 -43.10 -23.49 -18.29
CA ARG A 445 -42.38 -23.80 -17.06
C ARG A 445 -40.95 -24.22 -17.35
N GLU A 446 -40.73 -24.96 -18.44
CA GLU A 446 -39.40 -25.47 -18.73
C GLU A 446 -38.43 -24.36 -19.09
N GLY A 447 -38.89 -23.37 -19.87
CA GLY A 447 -38.01 -22.27 -20.24
C GLY A 447 -37.47 -21.53 -19.03
N ILE A 448 -38.28 -21.42 -17.98
CA ILE A 448 -37.83 -20.76 -16.76
C ILE A 448 -36.88 -21.67 -16.00
N PHE A 449 -37.27 -22.94 -15.83
CA PHE A 449 -36.44 -23.88 -15.09
C PHE A 449 -35.08 -24.08 -15.74
N ASN A 450 -35.01 -24.03 -17.07
CA ASN A 450 -33.76 -24.28 -17.77
C ASN A 450 -32.74 -23.17 -17.56
N GLN A 451 -33.13 -22.03 -17.00
CA GLN A 451 -32.21 -20.94 -16.73
C GLN A 451 -31.57 -21.02 -15.35
N PHE A 452 -31.97 -21.98 -14.52
CA PHE A 452 -31.45 -22.10 -13.18
C PHE A 452 -30.26 -23.05 -13.13
N ARG A 453 -29.32 -22.74 -12.24
CA ARG A 453 -28.10 -23.51 -12.12
C ARG A 453 -28.37 -24.84 -11.41
N ASN A 454 -27.81 -25.91 -11.95
CA ASN A 454 -28.04 -27.24 -11.39
C ASN A 454 -27.06 -27.49 -10.25
N PRO A 455 -27.51 -27.63 -9.00
CA PRO A 455 -26.59 -27.87 -7.89
C PRO A 455 -25.83 -29.18 -7.97
N LEU A 456 -26.10 -30.03 -8.97
CA LEU A 456 -25.18 -31.11 -9.27
C LEU A 456 -23.86 -30.59 -9.81
N PHE A 457 -23.83 -29.33 -10.26
CA PHE A 457 -22.62 -28.67 -10.77
C PHE A 457 -21.96 -29.50 -11.86
N ASP A 458 -22.76 -30.29 -12.59
CA ASP A 458 -22.27 -31.13 -13.68
C ASP A 458 -22.75 -30.63 -15.03
N GLN A 459 -23.34 -29.44 -15.09
CA GLN A 459 -23.77 -28.83 -16.34
C GLN A 459 -22.80 -27.73 -16.74
N ASP A 460 -22.73 -27.49 -18.05
CA ASP A 460 -21.88 -26.43 -18.60
C ASP A 460 -20.43 -26.61 -18.17
N ILE A 461 -19.91 -27.82 -18.33
CA ILE A 461 -18.55 -28.14 -17.95
C ILE A 461 -17.90 -29.00 -19.02
N ASP A 462 -16.62 -28.78 -19.26
CA ASP A 462 -15.80 -29.66 -20.09
C ASP A 462 -14.93 -30.50 -19.15
N VAL A 463 -15.12 -31.82 -19.20
CA VAL A 463 -14.36 -32.72 -18.34
C VAL A 463 -12.91 -32.71 -18.81
N ASP A 464 -12.04 -32.11 -18.01
CA ASP A 464 -10.63 -32.03 -18.33
C ASP A 464 -9.95 -33.35 -18.01
N ASP A 465 -9.22 -33.88 -19.00
CA ASP A 465 -8.42 -35.11 -18.94
C ASP A 465 -9.02 -36.22 -18.11
N PRO A 466 -9.86 -37.10 -18.69
CA PRO A 466 -10.03 -38.40 -18.05
C PRO A 466 -8.83 -39.30 -18.33
N SER A 470 -8.63 -38.83 -12.04
CA SER A 470 -7.88 -37.61 -12.28
C SER A 470 -8.75 -36.56 -12.97
N ASN A 471 -10.03 -36.88 -13.12
CA ASN A 471 -10.95 -35.99 -13.83
C ASN A 471 -11.01 -34.62 -13.16
N GLU A 472 -11.03 -33.58 -13.99
CA GLU A 472 -11.26 -32.22 -13.53
C GLU A 472 -12.41 -31.64 -14.33
N TRP A 473 -13.40 -31.08 -13.62
CA TRP A 473 -14.54 -30.45 -14.26
C TRP A 473 -14.28 -28.96 -14.40
N VAL A 474 -14.26 -28.47 -15.64
CA VAL A 474 -13.99 -27.06 -15.93
C VAL A 474 -15.22 -26.43 -16.55
N SER A 475 -15.79 -25.43 -15.88
CA SER A 475 -16.97 -24.74 -16.39
C SER A 475 -16.67 -24.08 -17.73
N ASN A 476 -17.64 -24.17 -18.64
CA ASN A 476 -17.55 -23.48 -19.93
C ASN A 476 -18.52 -22.30 -20.01
N SER A 477 -19.02 -21.83 -18.87
N SER A 477 -19.01 -21.83 -18.86
CA SER A 477 -19.77 -20.59 -18.81
CA SER A 477 -19.79 -20.61 -18.77
C SER A 477 -18.85 -19.47 -18.32
C SER A 477 -18.87 -19.46 -18.40
N ARG A 478 -19.43 -18.40 -17.81
CA ARG A 478 -18.62 -17.28 -17.34
C ARG A 478 -17.99 -17.63 -16.00
N ILE A 479 -16.67 -17.44 -15.91
CA ILE A 479 -15.96 -17.68 -14.66
C ILE A 479 -15.81 -16.37 -13.91
N ILE A 480 -15.41 -16.46 -12.65
CA ILE A 480 -15.12 -15.29 -11.84
C ILE A 480 -13.61 -15.27 -11.58
N PRO A 481 -12.86 -14.40 -12.23
CA PRO A 481 -11.40 -14.44 -12.09
C PRO A 481 -10.96 -14.06 -10.70
N SER A 482 -9.86 -14.68 -10.26
CA SER A 482 -9.13 -14.20 -9.11
C SER A 482 -8.52 -12.84 -9.44
N LYS A 483 -8.29 -12.03 -8.40
CA LYS A 483 -7.65 -10.73 -8.61
C LYS A 483 -6.21 -10.86 -9.07
N ASP A 484 -5.57 -12.00 -8.82
CA ASP A 484 -4.22 -12.23 -9.32
C ASP A 484 -4.25 -12.46 -10.82
N GLU A 485 -4.09 -11.37 -11.59
CA GLU A 485 -4.32 -11.40 -13.02
C GLU A 485 -3.22 -12.15 -13.76
N THR A 486 -3.59 -12.69 -14.92
CA THR A 486 -2.65 -13.35 -15.84
C THR A 486 -3.01 -12.88 -17.24
N ASN A 487 -2.14 -12.07 -17.84
CA ASN A 487 -2.43 -11.47 -19.14
C ASN A 487 -2.33 -12.49 -20.26
N ILE A 488 -3.14 -13.55 -20.17
CA ILE A 488 -3.28 -14.54 -21.23
C ILE A 488 -4.76 -14.61 -21.58
N ALA A 489 -5.05 -14.62 -22.89
CA ALA A 489 -6.43 -14.59 -23.37
C ALA A 489 -7.31 -15.61 -22.67
N ALA A 490 -8.45 -15.15 -22.18
CA ALA A 490 -9.38 -16.04 -21.50
C ALA A 490 -9.99 -17.04 -22.48
N LYS A 491 -10.43 -18.17 -21.94
CA LYS A 491 -11.16 -19.14 -22.73
C LYS A 491 -12.58 -18.63 -22.99
N PRO A 492 -13.01 -18.51 -24.24
CA PRO A 492 -14.37 -18.03 -24.52
C PRO A 492 -15.43 -18.93 -23.90
N ALA A 493 -16.45 -18.31 -23.31
CA ALA A 493 -17.57 -19.04 -22.72
C ALA A 493 -18.51 -19.53 -23.82
N THR A 494 -18.91 -20.80 -23.73
CA THR A 494 -19.84 -21.38 -24.69
C THR A 494 -21.25 -21.58 -24.14
N SER A 495 -21.42 -21.60 -22.82
CA SER A 495 -22.71 -21.81 -22.20
C SER A 495 -23.17 -20.53 -21.51
N SER A 496 -24.47 -20.25 -21.62
CA SER A 496 -25.04 -19.09 -20.95
C SER A 496 -24.82 -19.18 -19.44
N LEU A 497 -24.67 -18.03 -18.81
CA LEU A 497 -24.56 -17.97 -17.36
C LEU A 497 -25.90 -18.29 -16.73
N LYS A 498 -25.92 -19.25 -15.82
CA LYS A 498 -27.16 -19.69 -15.20
C LYS A 498 -27.47 -18.89 -13.94
N LEU A 499 -28.70 -19.01 -13.48
CA LEU A 499 -29.29 -18.26 -12.39
C LEU A 499 -29.19 -19.03 -11.07
N PRO A 500 -29.09 -18.32 -9.93
CA PRO A 500 -29.00 -16.86 -9.85
C PRO A 500 -27.58 -16.32 -10.05
N PHE A 501 -27.46 -15.01 -10.23
CA PHE A 501 -26.19 -14.39 -10.61
C PHE A 501 -25.36 -14.01 -9.37
N TYR A 502 -25.11 -15.02 -8.52
CA TYR A 502 -24.41 -14.79 -7.26
C TYR A 502 -23.22 -15.72 -7.13
N PRO A 503 -22.13 -15.26 -6.49
CA PRO A 503 -21.01 -16.14 -6.19
C PRO A 503 -21.37 -17.14 -5.09
N ASN A 504 -20.49 -18.12 -4.88
CA ASN A 504 -20.82 -19.29 -4.07
C ASN A 504 -19.59 -19.77 -3.30
N ASP A 505 -19.78 -20.91 -2.63
CA ASP A 505 -18.76 -21.51 -1.75
C ASP A 505 -17.40 -21.63 -2.44
N GLY A 506 -17.40 -21.95 -3.73
CA GLY A 506 -16.17 -22.19 -4.44
C GLY A 506 -15.63 -21.00 -5.22
N ILE A 507 -15.91 -19.79 -4.74
CA ILE A 507 -15.47 -18.58 -5.43
C ILE A 507 -13.96 -18.57 -5.64
N ASP A 508 -13.19 -19.19 -4.73
CA ASP A 508 -11.73 -19.11 -4.80
C ASP A 508 -11.13 -19.82 -5.99
N TYR A 509 -11.92 -20.56 -6.78
CA TYR A 509 -11.40 -21.45 -7.82
C TYR A 509 -11.96 -21.09 -9.18
N PRO A 510 -11.30 -20.19 -9.91
CA PRO A 510 -11.73 -19.88 -11.28
C PRO A 510 -11.90 -21.14 -12.13
N GLY A 511 -13.03 -21.19 -12.84
CA GLY A 511 -13.36 -22.34 -13.65
C GLY A 511 -14.13 -23.42 -12.94
N SER A 512 -14.14 -23.41 -11.62
CA SER A 512 -14.96 -24.36 -10.89
C SER A 512 -16.43 -24.02 -11.07
N PRO A 513 -17.29 -25.02 -11.30
CA PRO A 513 -18.73 -24.73 -11.38
C PRO A 513 -19.29 -24.15 -10.10
N VAL A 514 -18.59 -24.34 -8.98
CA VAL A 514 -19.09 -23.95 -7.67
C VAL A 514 -18.67 -22.51 -7.36
N GLN A 515 -18.08 -21.83 -8.35
CA GLN A 515 -17.91 -20.38 -8.21
C GLN A 515 -19.25 -19.69 -8.06
N TRP A 516 -20.29 -20.21 -8.71
CA TRP A 516 -21.59 -19.56 -8.78
C TRP A 516 -22.61 -20.32 -7.94
N PHE A 517 -23.61 -19.59 -7.44
CA PHE A 517 -24.58 -20.14 -6.51
C PHE A 517 -25.68 -20.88 -7.26
N ALA A 518 -26.14 -21.97 -6.64
CA ALA A 518 -27.28 -22.74 -7.13
C ALA A 518 -28.21 -23.02 -5.96
N ILE A 519 -29.51 -22.98 -6.22
CA ILE A 519 -30.44 -23.37 -5.16
C ILE A 519 -30.14 -24.81 -4.77
N PRO A 520 -30.30 -25.20 -3.50
CA PRO A 520 -29.78 -26.50 -3.05
C PRO A 520 -30.48 -27.65 -3.76
N PRO A 521 -29.90 -28.86 -3.71
CA PRO A 521 -30.48 -29.99 -4.45
C PRO A 521 -31.97 -30.21 -4.22
N PHE A 522 -32.47 -30.04 -3.00
CA PHE A 522 -33.88 -30.33 -2.76
C PHE A 522 -34.79 -29.25 -3.31
N MET A 523 -34.34 -27.99 -3.31
CA MET A 523 -35.15 -26.92 -3.89
C MET A 523 -35.13 -27.00 -5.42
N TYR A 524 -33.97 -27.31 -6.01
CA TYR A 524 -33.92 -27.56 -7.43
C TYR A 524 -34.71 -28.80 -7.83
N GLN A 525 -34.80 -29.79 -6.93
CA GLN A 525 -35.68 -30.93 -7.18
C GLN A 525 -37.12 -30.47 -7.35
N HIS A 526 -37.59 -29.64 -6.41
CA HIS A 526 -38.89 -29.01 -6.53
C HIS A 526 -39.06 -28.32 -7.87
N LEU A 527 -38.03 -27.58 -8.29
CA LEU A 527 -38.11 -26.84 -9.54
C LEU A 527 -38.20 -27.77 -10.74
N GLN A 528 -37.43 -28.87 -10.72
CA GLN A 528 -37.50 -29.82 -11.82
C GLN A 528 -38.84 -30.53 -11.85
N ASN A 529 -39.40 -30.84 -10.67
CA ASN A 529 -40.74 -31.43 -10.61
C ASN A 529 -41.77 -30.47 -11.22
N TRP A 530 -41.69 -29.19 -10.87
CA TRP A 530 -42.60 -28.20 -11.43
C TRP A 530 -42.42 -28.12 -12.95
N ALA A 531 -41.18 -28.14 -13.42
CA ALA A 531 -40.92 -28.07 -14.85
C ALA A 531 -41.55 -29.25 -15.59
N ALA A 532 -41.46 -30.45 -15.01
CA ALA A 532 -41.98 -31.64 -15.67
C ALA A 532 -43.49 -31.74 -15.63
N GLY A 533 -44.15 -30.99 -14.76
CA GLY A 533 -45.58 -31.08 -14.53
C GLY A 533 -45.93 -31.77 -13.23
N ASP A 534 -45.07 -32.66 -12.74
CA ASP A 534 -45.36 -33.42 -11.53
C ASP A 534 -45.45 -32.52 -10.30
N PHE A 535 -46.52 -31.72 -10.22
CA PHE A 535 -46.74 -30.92 -9.04
C PHE A 535 -48.23 -30.67 -8.87
N SER A 536 -48.61 -30.39 -7.63
CA SER A 536 -50.00 -30.16 -7.28
C SER A 536 -50.20 -28.72 -6.83
N VAL A 537 -51.38 -28.19 -7.13
CA VAL A 537 -51.77 -26.85 -6.66
C VAL A 537 -53.29 -26.83 -6.55
N THR A 538 -53.78 -26.04 -5.60
CA THR A 538 -55.21 -25.97 -5.34
C THR A 538 -55.85 -24.86 -6.17
N GLN A 539 -57.18 -24.98 -6.33
CA GLN A 539 -57.90 -24.00 -7.14
C GLN A 539 -57.91 -22.63 -6.47
N VAL A 540 -58.01 -22.59 -5.14
CA VAL A 540 -57.97 -21.32 -4.42
C VAL A 540 -56.63 -20.61 -4.63
N GLU A 541 -55.54 -21.37 -4.77
CA GLU A 541 -54.27 -20.76 -5.11
C GLU A 541 -54.28 -20.20 -6.52
N LYS A 542 -54.86 -20.95 -7.47
CA LYS A 542 -54.90 -20.51 -8.86
C LYS A 542 -55.64 -19.19 -9.01
N GLU A 543 -56.73 -19.00 -8.26
CA GLU A 543 -57.53 -17.81 -8.41
C GLU A 543 -56.94 -16.60 -7.70
N SER A 544 -55.93 -16.79 -6.84
CA SER A 544 -55.22 -15.68 -6.21
C SER A 544 -53.88 -15.41 -6.89
N ALA A 545 -53.67 -15.88 -8.11
CA ALA A 545 -52.36 -15.87 -8.73
C ALA A 545 -52.35 -15.15 -10.08
N ASN A 546 -53.18 -14.11 -10.23
CA ASN A 546 -53.13 -13.35 -11.47
C ASN A 546 -51.83 -12.58 -11.61
N THR A 547 -51.30 -12.08 -10.49
CA THR A 547 -49.96 -11.51 -10.44
C THR A 547 -49.19 -12.14 -9.29
N ILE A 548 -47.87 -11.99 -9.33
CA ILE A 548 -47.04 -12.60 -8.30
C ILE A 548 -47.29 -11.94 -6.95
N GLU A 549 -47.64 -10.65 -6.95
CA GLU A 549 -47.91 -9.96 -5.69
C GLU A 549 -49.21 -10.46 -5.06
N GLU A 550 -50.23 -10.73 -5.88
CA GLU A 550 -51.47 -11.25 -5.33
C GLU A 550 -51.25 -12.61 -4.69
N LEU A 551 -50.48 -13.46 -5.35
CA LEU A 551 -50.17 -14.78 -4.78
C LEU A 551 -49.28 -14.65 -3.56
N GLY A 552 -48.28 -13.77 -3.62
CA GLY A 552 -47.46 -13.53 -2.45
C GLY A 552 -48.27 -13.06 -1.25
N LEU A 553 -49.30 -12.25 -1.49
CA LEU A 553 -50.13 -11.78 -0.39
C LEU A 553 -51.06 -12.88 0.09
N PHE A 554 -51.50 -13.77 -0.81
CA PHE A 554 -52.28 -14.93 -0.38
C PHE A 554 -51.44 -15.85 0.49
N TYR A 555 -50.25 -16.21 0.02
CA TYR A 555 -49.36 -17.04 0.82
C TYR A 555 -49.01 -16.37 2.13
N SER A 556 -48.81 -15.04 2.10
CA SER A 556 -48.64 -14.28 3.34
C SER A 556 -49.78 -14.54 4.30
N GLU A 557 -51.02 -14.57 3.78
CA GLU A 557 -52.18 -14.81 4.62
C GLU A 557 -52.20 -16.23 5.17
N GLN A 558 -51.72 -17.21 4.39
CA GLN A 558 -51.68 -18.58 4.88
C GLN A 558 -50.76 -18.72 6.09
N PHE A 559 -49.59 -18.08 6.05
CA PHE A 559 -48.69 -18.08 7.20
C PHE A 559 -49.38 -17.45 8.42
N LYS A 560 -50.15 -16.38 8.19
CA LYS A 560 -50.66 -15.59 9.31
C LYS A 560 -51.72 -16.35 10.10
N ASN A 561 -52.50 -17.20 9.44
CA ASN A 561 -53.59 -17.91 10.09
C ASN A 561 -53.28 -19.39 10.31
N SER A 562 -52.07 -19.83 10.01
CA SER A 562 -51.65 -21.16 10.42
C SER A 562 -51.65 -21.25 11.94
N PRO A 563 -52.23 -22.29 12.53
CA PRO A 563 -52.38 -22.33 13.99
C PRO A 563 -51.13 -22.77 14.74
N ASN A 564 -50.05 -23.13 14.06
CA ASN A 564 -48.83 -23.57 14.75
C ASN A 564 -47.91 -22.38 14.96
N SER A 565 -48.17 -21.65 16.04
N SER A 565 -48.17 -21.65 16.04
CA SER A 565 -47.36 -20.47 16.33
CA SER A 565 -47.37 -20.47 16.35
C SER A 565 -45.95 -20.85 16.77
C SER A 565 -45.95 -20.87 16.74
N ALA A 566 -45.80 -21.98 17.47
CA ALA A 566 -44.48 -22.39 17.93
C ALA A 566 -43.55 -22.73 16.76
N LEU A 567 -44.06 -23.47 15.78
CA LEU A 567 -43.20 -23.85 14.65
C LEU A 567 -43.04 -22.73 13.64
N LEU A 568 -44.06 -21.87 13.50
CA LEU A 568 -43.89 -20.68 12.66
C LEU A 568 -42.83 -19.76 13.25
N CYS A 569 -42.86 -19.56 14.56
CA CYS A 569 -41.82 -18.79 15.25
C CYS A 569 -40.46 -19.45 15.13
N ALA A 570 -40.41 -20.78 15.11
CA ALA A 570 -39.15 -21.46 14.83
C ALA A 570 -38.67 -21.17 13.42
N ARG A 571 -39.59 -21.15 12.46
CA ARG A 571 -39.23 -20.88 11.08
C ARG A 571 -38.95 -19.41 10.83
N GLY A 572 -39.72 -18.52 11.47
CA GLY A 572 -39.56 -17.10 11.23
C GLY A 572 -38.22 -16.57 11.68
N ALA A 573 -37.62 -17.22 12.68
CA ALA A 573 -36.33 -16.78 13.19
C ALA A 573 -35.21 -17.00 12.18
N LEU A 574 -35.38 -17.96 11.27
CA LEU A 574 -34.33 -18.31 10.33
C LEU A 574 -34.66 -18.01 8.88
N ASP A 575 -35.91 -17.69 8.55
CA ASP A 575 -36.25 -17.43 7.16
C ASP A 575 -35.70 -16.10 6.66
N ALA A 576 -35.27 -15.22 7.55
CA ALA A 576 -34.63 -13.98 7.16
C ALA A 576 -33.12 -14.10 7.07
N LEU A 577 -32.54 -15.22 7.52
CA LEU A 577 -31.10 -15.44 7.48
C LEU A 577 -30.70 -16.07 6.15
N TYR A 578 -29.44 -15.84 5.78
CA TYR A 578 -28.94 -16.35 4.51
C TYR A 578 -28.64 -17.85 4.61
N GLY A 579 -28.78 -18.54 3.48
CA GLY A 579 -28.47 -19.94 3.41
C GLY A 579 -27.51 -20.27 2.29
N GLY A 580 -26.47 -19.45 2.15
CA GLY A 580 -25.52 -19.61 1.06
C GLY A 580 -25.45 -18.39 0.18
N GLY A 581 -24.30 -18.13 -0.46
CA GLY A 581 -23.11 -18.95 -0.30
C GLY A 581 -22.44 -18.73 1.04
N PHE A 582 -21.57 -19.67 1.41
CA PHE A 582 -20.95 -19.70 2.72
C PHE A 582 -19.45 -19.41 2.55
N HIS A 583 -19.12 -18.13 2.45
CA HIS A 583 -17.71 -17.78 2.33
C HIS A 583 -17.31 -16.58 3.19
N PRO A 584 -17.65 -16.55 4.48
CA PRO A 584 -18.39 -17.50 5.33
C PRO A 584 -19.90 -17.31 5.26
N GLY A 585 -20.33 -16.18 4.70
CA GLY A 585 -21.73 -15.81 4.68
C GLY A 585 -21.97 -14.53 5.46
N VAL A 586 -23.16 -14.43 6.07
CA VAL A 586 -23.53 -13.22 6.78
C VAL A 586 -23.80 -13.50 8.25
N GLU A 587 -24.83 -14.30 8.53
CA GLU A 587 -25.19 -14.57 9.91
C GLU A 587 -24.47 -15.81 10.46
N LEU A 588 -24.71 -16.98 9.85
CA LEU A 588 -24.09 -18.23 10.22
C LEU A 588 -23.45 -18.83 8.97
N THR A 589 -22.87 -20.02 9.09
CA THR A 589 -22.10 -20.57 7.97
C THR A 589 -22.33 -22.08 7.88
N TRP A 590 -21.46 -22.75 7.14
CA TRP A 590 -21.76 -24.08 6.60
C TRP A 590 -22.10 -25.18 7.61
N PRO A 591 -21.64 -25.17 8.88
CA PRO A 591 -22.05 -26.26 9.79
C PRO A 591 -23.56 -26.40 9.91
N MET A 592 -24.33 -25.37 9.59
CA MET A 592 -25.76 -25.41 9.75
C MET A 592 -26.47 -26.24 8.69
N ARG A 593 -25.82 -26.54 7.56
CA ARG A 593 -26.46 -27.30 6.50
C ARG A 593 -26.23 -28.81 6.63
N HIS A 594 -25.77 -29.26 7.81
CA HIS A 594 -25.54 -30.66 8.10
C HIS A 594 -26.43 -31.07 9.26
N ASN A 595 -27.10 -32.22 9.12
CA ASN A 595 -27.93 -32.75 10.19
C ASN A 595 -27.13 -33.00 11.47
N LEU A 596 -25.81 -33.16 11.36
CA LEU A 596 -24.98 -33.38 12.54
C LEU A 596 -25.16 -32.30 13.59
N ILE A 597 -25.38 -31.04 13.18
CA ILE A 597 -25.48 -29.97 14.17
C ILE A 597 -26.80 -29.98 14.91
N TYR A 598 -27.75 -30.80 14.48
CA TYR A 598 -29.06 -30.87 15.11
C TYR A 598 -29.19 -32.16 15.92
N SER A 599 -29.77 -32.04 17.11
CA SER A 599 -30.18 -33.20 17.89
C SER A 599 -31.57 -33.69 17.50
N GLN A 600 -32.29 -32.94 16.68
CA GLN A 600 -33.63 -33.30 16.24
C GLN A 600 -33.95 -32.49 15.00
N ASN A 601 -34.53 -33.13 14.00
CA ASN A 601 -34.85 -32.43 12.75
C ASN A 601 -35.94 -33.23 12.02
N ASP A 602 -37.20 -32.89 12.31
CA ASP A 602 -38.35 -33.65 11.81
C ASP A 602 -39.32 -32.75 11.07
N TYR A 603 -39.73 -33.20 9.88
CA TYR A 603 -40.95 -32.66 9.28
C TYR A 603 -42.11 -32.88 10.23
N VAL A 604 -42.96 -31.87 10.37
CA VAL A 604 -44.14 -31.92 11.22
C VAL A 604 -45.42 -31.74 10.41
N SER A 605 -45.49 -30.69 9.59
CA SER A 605 -46.72 -30.44 8.86
C SER A 605 -46.47 -29.40 7.78
N SER A 606 -47.35 -29.42 6.78
CA SER A 606 -47.50 -28.31 5.87
C SER A 606 -47.97 -27.08 6.65
N VAL A 607 -47.76 -25.91 6.05
CA VAL A 607 -48.16 -24.68 6.73
C VAL A 607 -49.67 -24.67 6.96
N THR A 608 -50.42 -24.94 5.93
CA THR A 608 -51.85 -25.18 6.04
C THR A 608 -52.15 -26.58 5.55
N PRO A 609 -53.27 -27.17 5.95
CA PRO A 609 -53.58 -28.55 5.51
C PRO A 609 -53.45 -28.76 4.00
N GLU A 610 -53.70 -27.73 3.20
CA GLU A 610 -53.67 -27.87 1.74
C GLU A 610 -52.42 -27.29 1.11
N ILE A 611 -51.59 -26.55 1.85
CA ILE A 611 -50.52 -25.77 1.26
C ILE A 611 -49.24 -25.99 2.07
N ASN A 612 -48.21 -26.56 1.44
N ASN A 612 -48.24 -26.59 1.43
CA ASN A 612 -46.99 -26.88 2.16
CA ASN A 612 -46.98 -26.88 2.11
C ASN A 612 -46.16 -25.63 2.45
C ASN A 612 -46.22 -25.60 2.44
N LEU A 613 -45.85 -24.84 1.41
CA LEU A 613 -45.00 -23.67 1.55
C LEU A 613 -43.68 -24.05 2.22
N LEU A 614 -43.09 -25.15 1.75
CA LEU A 614 -41.83 -25.72 2.20
C LEU A 614 -41.90 -26.31 3.60
N GLY A 615 -43.06 -26.28 4.24
CA GLY A 615 -43.31 -27.07 5.43
C GLY A 615 -42.94 -26.37 6.74
N LEU A 616 -43.30 -27.04 7.83
CA LEU A 616 -42.91 -26.66 9.18
C LEU A 616 -42.19 -27.83 9.83
N ARG A 617 -41.11 -27.53 10.56
CA ARG A 617 -40.24 -28.56 11.10
C ARG A 617 -39.99 -28.31 12.58
N GLU A 618 -39.80 -29.41 13.33
CA GLU A 618 -39.37 -29.36 14.71
C GLU A 618 -37.89 -29.73 14.75
N PHE A 619 -37.04 -28.73 14.85
CA PHE A 619 -35.59 -28.93 14.90
C PHE A 619 -35.05 -28.46 16.23
N ARG A 620 -33.92 -29.05 16.63
CA ARG A 620 -33.24 -28.68 17.86
C ARG A 620 -31.73 -28.73 17.62
N LEU A 621 -31.01 -27.79 18.22
CA LEU A 621 -29.56 -27.78 18.09
C LEU A 621 -28.95 -28.82 19.03
N LYS A 622 -27.90 -29.49 18.55
CA LYS A 622 -27.06 -30.28 19.45
C LYS A 622 -26.43 -29.34 20.49
N GLN A 623 -26.56 -29.71 21.76
CA GLN A 623 -26.11 -28.83 22.83
C GLN A 623 -25.22 -29.58 23.80
N ASP A 624 -24.13 -28.90 24.22
CA ASP A 624 -23.37 -29.33 25.38
C ASP A 624 -24.10 -28.85 26.62
N LEU A 625 -24.63 -29.78 27.41
CA LEU A 625 -25.55 -29.40 28.47
C LEU A 625 -24.90 -28.61 29.60
N GLN A 626 -23.56 -28.59 29.68
CA GLN A 626 -22.88 -27.81 30.69
C GLN A 626 -22.57 -26.38 30.25
N GLY A 627 -22.73 -26.07 28.96
CA GLY A 627 -22.59 -24.70 28.51
C GLY A 627 -21.20 -24.17 28.75
N LEU A 628 -21.12 -23.00 29.39
CA LEU A 628 -19.83 -22.36 29.63
C LEU A 628 -18.90 -23.23 30.46
N ASN A 629 -19.43 -24.23 31.17
CA ASN A 629 -18.63 -25.10 32.02
C ASN A 629 -18.20 -26.37 31.33
N SER A 630 -18.44 -26.51 30.03
CA SER A 630 -18.06 -27.72 29.33
C SER A 630 -16.54 -27.82 29.26
N PRO A 631 -15.96 -28.98 29.61
CA PRO A 631 -14.52 -29.15 29.43
C PRO A 631 -14.05 -28.96 28.00
N ASN A 632 -14.97 -29.01 27.03
CA ASN A 632 -14.65 -28.79 25.62
C ASN A 632 -14.85 -27.34 25.20
N MET A 633 -15.10 -26.44 26.16
CA MET A 633 -15.30 -25.03 25.83
C MET A 633 -14.16 -24.47 25.00
N TYR A 634 -12.93 -24.92 25.26
CA TYR A 634 -11.74 -24.33 24.65
C TYR A 634 -10.97 -25.35 23.80
N GLN A 635 -11.68 -26.27 23.17
CA GLN A 635 -11.03 -27.29 22.36
C GLN A 635 -10.72 -26.77 20.96
N ASP A 636 -9.64 -27.28 20.38
CA ASP A 636 -9.31 -26.97 18.99
C ASP A 636 -8.64 -28.21 18.38
N PHE A 637 -8.08 -28.03 17.18
CA PHE A 637 -7.36 -29.09 16.48
C PHE A 637 -5.91 -28.74 16.24
N GLY A 638 -5.31 -27.95 17.15
CA GLY A 638 -3.91 -27.61 17.00
C GLY A 638 -3.65 -26.47 16.02
N HIS A 639 -2.51 -26.57 15.32
CA HIS A 639 -2.01 -25.45 14.55
C HIS A 639 -2.93 -25.09 13.38
N VAL A 640 -3.61 -26.08 12.82
CA VAL A 640 -4.51 -25.88 11.70
C VAL A 640 -5.77 -26.70 11.93
N ILE A 641 -6.86 -26.26 11.32
CA ILE A 641 -8.05 -27.07 11.15
C ILE A 641 -8.16 -27.42 9.68
N ALA A 642 -8.63 -28.64 9.41
CA ALA A 642 -8.75 -29.14 8.05
C ALA A 642 -9.97 -30.05 7.98
N VAL A 643 -10.32 -30.44 6.75
CA VAL A 643 -11.51 -31.28 6.55
C VAL A 643 -11.34 -32.65 7.21
N ASP A 644 -10.10 -33.10 7.38
CA ASP A 644 -9.86 -34.34 8.12
C ASP A 644 -10.41 -34.25 9.53
N ASN A 645 -10.33 -33.08 10.15
CA ASN A 645 -10.90 -32.92 11.48
C ASN A 645 -12.41 -33.02 11.43
N VAL A 646 -13.02 -32.47 10.38
CA VAL A 646 -14.47 -32.55 10.22
C VAL A 646 -14.90 -33.99 9.99
N THR A 647 -14.13 -34.73 9.18
CA THR A 647 -14.45 -36.13 8.93
C THR A 647 -14.45 -36.94 10.22
N ALA A 648 -13.38 -36.80 11.01
CA ALA A 648 -13.32 -37.47 12.30
C ALA A 648 -14.45 -37.06 13.23
N SER A 649 -15.07 -35.90 12.98
CA SER A 649 -16.14 -35.41 13.85
C SER A 649 -17.50 -36.04 13.54
N ILE A 650 -17.66 -36.67 12.38
CA ILE A 650 -18.98 -37.19 12.04
C ILE A 650 -19.41 -38.26 13.04
N ASP A 651 -18.49 -39.13 13.44
CA ASP A 651 -18.79 -40.18 14.41
C ASP A 651 -19.09 -39.57 15.78
N PRO A 652 -20.30 -39.72 16.30
CA PRO A 652 -20.62 -39.10 17.61
C PRO A 652 -19.86 -39.70 18.77
N ASN A 653 -19.30 -40.90 18.64
CA ASN A 653 -18.48 -41.47 19.71
C ASN A 653 -17.02 -41.04 19.67
N SER A 654 -16.56 -40.48 18.55
CA SER A 654 -15.15 -40.18 18.39
C SER A 654 -14.77 -38.93 19.19
N ASP A 655 -13.47 -38.71 19.32
CA ASP A 655 -12.99 -37.62 20.16
C ASP A 655 -13.27 -36.26 19.54
N ALA A 656 -13.32 -36.18 18.22
CA ALA A 656 -13.54 -34.91 17.52
C ALA A 656 -15.01 -34.53 17.42
N ALA A 657 -15.92 -35.32 18.00
CA ALA A 657 -17.35 -35.05 17.90
C ALA A 657 -17.78 -33.80 18.65
N TRP A 658 -16.93 -33.23 19.51
CA TRP A 658 -17.29 -32.01 20.20
C TRP A 658 -17.59 -30.86 19.24
N LEU A 659 -17.03 -30.91 18.03
CA LEU A 659 -17.25 -29.88 17.04
C LEU A 659 -18.73 -29.62 16.78
N TRP A 660 -19.56 -30.66 16.90
CA TRP A 660 -20.98 -30.55 16.60
C TRP A 660 -21.84 -30.36 17.85
N ARG A 661 -21.31 -30.60 19.03
CA ARG A 661 -22.06 -30.45 20.30
C ARG A 661 -21.77 -29.06 20.82
N SER A 662 -22.63 -28.10 20.43
CA SER A 662 -22.29 -26.69 20.56
C SER A 662 -22.24 -26.25 22.02
N THR A 663 -21.12 -25.64 22.39
CA THR A 663 -20.93 -24.81 23.57
C THR A 663 -21.08 -23.34 23.16
N PRO A 664 -21.38 -22.45 24.11
CA PRO A 664 -21.54 -21.03 23.77
C PRO A 664 -20.39 -20.47 22.94
N GLY A 665 -20.74 -19.75 21.89
CA GLY A 665 -19.77 -19.24 20.95
C GLY A 665 -19.48 -20.14 19.76
N ASP A 666 -20.02 -21.36 19.74
CA ASP A 666 -19.63 -22.30 18.70
C ASP A 666 -20.26 -21.95 17.34
N LEU A 667 -21.45 -21.34 17.34
CA LEU A 667 -22.14 -21.06 16.09
C LEU A 667 -21.48 -19.91 15.33
N THR A 668 -21.04 -18.86 16.03
CA THR A 668 -20.53 -17.65 15.39
C THR A 668 -19.01 -17.60 15.27
N LYS A 669 -18.28 -18.50 15.93
CA LYS A 669 -16.83 -18.43 15.90
C LYS A 669 -16.27 -18.56 14.48
N TRP A 670 -17.06 -19.12 13.56
CA TRP A 670 -16.57 -19.30 12.21
C TRP A 670 -16.53 -17.99 11.44
N MET A 671 -17.40 -17.04 11.79
CA MET A 671 -17.61 -15.87 10.97
C MET A 671 -16.44 -14.90 11.07
N GLY A 672 -16.46 -13.90 10.19
CA GLY A 672 -15.35 -12.97 10.09
C GLY A 672 -15.26 -12.09 11.33
N ILE A 673 -14.03 -11.80 11.72
CA ILE A 673 -13.75 -10.96 12.88
C ILE A 673 -12.94 -9.76 12.41
N PRO A 674 -13.44 -8.52 12.58
CA PRO A 674 -14.79 -8.23 13.04
C PRO A 674 -15.80 -8.48 11.93
N TRP A 675 -17.10 -8.50 12.26
CA TRP A 675 -18.12 -8.74 11.25
C TRP A 675 -18.23 -7.60 10.24
N GLN A 676 -17.78 -6.39 10.60
CA GLN A 676 -17.80 -5.31 9.62
C GLN A 676 -16.84 -5.58 8.47
N SER A 677 -15.84 -6.45 8.68
CA SER A 677 -14.91 -6.75 7.60
C SER A 677 -15.59 -7.56 6.51
N ASP A 678 -16.42 -8.53 6.90
CA ASP A 678 -17.08 -9.36 5.91
C ASP A 678 -18.28 -8.66 5.29
N ALA A 679 -18.96 -7.78 6.04
CA ALA A 679 -20.05 -7.01 5.46
C ALA A 679 -19.55 -6.11 4.33
N ALA A 680 -18.47 -5.36 4.58
CA ALA A 680 -17.89 -4.52 3.53
C ALA A 680 -17.34 -5.35 2.38
N SER A 681 -16.98 -6.60 2.64
CA SER A 681 -16.59 -7.57 1.62
C SER A 681 -17.79 -8.30 1.02
N CYS A 682 -18.99 -8.04 1.52
CA CYS A 682 -20.19 -8.74 1.07
C CYS A 682 -20.95 -7.87 0.07
N GLN A 683 -20.35 -7.71 -1.10
CA GLN A 683 -20.94 -6.85 -2.12
C GLN A 683 -20.80 -7.46 -3.50
N ALA A 684 -20.29 -6.70 -4.46
CA ALA A 684 -20.17 -7.16 -5.82
C ALA A 684 -18.79 -7.76 -6.07
N VAL A 685 -18.75 -8.79 -6.91
CA VAL A 685 -17.51 -9.34 -7.44
C VAL A 685 -17.59 -9.13 -8.95
N TYR A 686 -16.85 -8.15 -9.45
CA TYR A 686 -16.96 -7.76 -10.85
C TYR A 686 -16.24 -8.76 -11.75
N THR A 687 -16.89 -9.10 -12.86
CA THR A 687 -16.29 -9.87 -13.93
C THR A 687 -15.76 -8.93 -15.00
N PRO A 688 -14.89 -9.41 -15.90
CA PRO A 688 -14.48 -8.56 -17.03
C PRO A 688 -15.65 -8.21 -17.93
N GLU A 689 -16.72 -8.99 -17.92
CA GLU A 689 -17.97 -8.62 -18.56
C GLU A 689 -18.79 -7.80 -17.57
N ASP A 690 -19.30 -6.65 -18.04
CA ASP A 690 -19.90 -5.67 -17.13
C ASP A 690 -21.20 -6.19 -16.53
N PHE A 691 -22.00 -6.92 -17.31
CA PHE A 691 -23.30 -7.32 -16.83
C PHE A 691 -23.54 -8.79 -17.13
N PRO A 692 -24.26 -9.51 -16.27
CA PRO A 692 -24.78 -8.98 -14.99
C PRO A 692 -23.70 -8.81 -13.94
N ILE A 693 -23.92 -7.91 -13.00
CA ILE A 693 -22.96 -7.70 -11.92
C ILE A 693 -23.22 -8.73 -10.84
N PRO A 694 -22.27 -9.62 -10.54
CA PRO A 694 -22.50 -10.61 -9.47
C PRO A 694 -22.51 -9.96 -8.11
N SER A 695 -23.41 -10.44 -7.24
CA SER A 695 -23.56 -9.92 -5.89
C SER A 695 -23.63 -11.07 -4.89
N TRP A 696 -23.03 -10.86 -3.72
CA TRP A 696 -22.89 -11.91 -2.71
C TRP A 696 -24.19 -12.24 -1.98
N TNQ A 697 -24.51 -11.42 -0.99
CA TNQ A 697 -25.70 -11.64 -0.14
C TNQ A 697 -26.63 -10.44 -0.13
O TNQ A 697 -26.91 -9.89 0.96
CB TNQ A 697 -25.26 -11.99 1.28
CG TNQ A 697 -24.21 -13.08 1.30
CD1 TNQ A 697 -24.42 -14.44 1.11
CD2 TNQ A 697 -22.74 -12.95 1.50
NE1 TNQ A 697 -23.25 -15.14 1.19
CE2 TNQ A 697 -22.20 -14.32 1.42
CE3 TNQ A 697 -21.91 -11.86 1.75
CZ2 TNQ A 697 -20.74 -14.52 1.59
CZ3 TNQ A 697 -20.53 -12.06 1.90
CH2 TNQ A 697 -19.92 -13.31 1.85
C1 TNQ A 697 -16.47 -12.92 0.76
C2 TNQ A 697 -17.92 -12.99 0.97
N1 TNQ A 697 -18.52 -13.39 2.00
O2 TNQ A 697 -15.85 -13.94 0.39
O3 TNQ A 697 -15.90 -11.81 0.91
O7 TNQ A 697 -20.19 -15.76 1.52
N ALA A 698 -27.11 -10.03 -1.30
CA ALA A 698 -27.70 -8.70 -1.45
C ALA A 698 -29.00 -8.47 -0.70
N ALA A 699 -29.71 -9.55 -0.32
CA ALA A 699 -31.00 -9.38 0.34
C ALA A 699 -30.86 -8.92 1.79
N ASN A 700 -29.71 -9.14 2.43
CA ASN A 700 -29.45 -8.60 3.76
C ASN A 700 -28.38 -7.52 3.76
N LEU A 701 -27.53 -7.51 2.73
CA LEU A 701 -26.49 -6.50 2.55
C LEU A 701 -26.60 -6.08 1.10
N PRO A 702 -27.47 -5.10 0.81
CA PRO A 702 -27.73 -4.74 -0.58
C PRO A 702 -26.48 -4.25 -1.29
N VAL A 703 -26.51 -4.36 -2.61
CA VAL A 703 -25.43 -3.91 -3.46
C VAL A 703 -25.84 -2.69 -4.27
N HIS A 704 -27.05 -2.70 -4.82
CA HIS A 704 -27.59 -1.58 -5.60
C HIS A 704 -28.97 -1.28 -5.06
N VAL A 705 -29.18 -0.05 -4.59
CA VAL A 705 -30.43 0.32 -3.95
C VAL A 705 -30.99 1.59 -4.58
N LEU A 706 -32.27 1.78 -4.33
CA LEU A 706 -33.04 2.96 -4.70
C LEU A 706 -33.00 3.94 -3.54
N PRO A 707 -32.17 4.98 -3.62
CA PRO A 707 -32.03 5.90 -2.49
C PRO A 707 -33.28 6.73 -2.26
N LEU A 708 -33.41 7.24 -1.03
CA LEU A 708 -34.48 8.17 -0.72
C LEU A 708 -34.46 9.38 -1.64
N ALA A 709 -33.26 9.79 -2.09
CA ALA A 709 -33.16 10.92 -3.02
C ALA A 709 -33.95 10.66 -4.30
N ARG A 710 -33.91 9.42 -4.79
CA ARG A 710 -34.73 9.09 -5.95
C ARG A 710 -36.20 8.98 -5.57
N TYR A 711 -36.50 8.52 -4.36
CA TYR A 711 -37.89 8.36 -3.94
C TYR A 711 -38.62 9.69 -3.98
N ASN A 712 -38.01 10.72 -3.42
CA ASN A 712 -38.62 12.05 -3.44
C ASN A 712 -38.66 12.67 -4.82
N LYS A 713 -38.14 11.99 -5.85
CA LYS A 713 -38.21 12.46 -7.22
C LYS A 713 -39.11 11.60 -8.10
N PHE A 714 -39.81 10.60 -7.53
CA PHE A 714 -40.83 9.90 -8.28
C PHE A 714 -42.08 9.61 -7.46
N LYS A 715 -42.10 9.90 -6.16
CA LYS A 715 -43.22 9.52 -5.32
C LYS A 715 -44.51 10.29 -5.63
N ASP A 716 -44.42 11.45 -6.27
CA ASP A 716 -45.57 12.33 -6.45
C ASP A 716 -46.17 12.20 -7.85
N SER A 717 -47.49 12.40 -7.92
CA SER A 717 -48.16 12.57 -9.20
C SER A 717 -48.23 14.05 -9.55
N GLN A 718 -48.61 14.33 -10.80
CA GLN A 718 -48.62 15.71 -11.29
C GLN A 718 -49.63 16.58 -10.56
N SER A 719 -50.61 15.99 -9.87
CA SER A 719 -51.67 16.73 -9.22
C SER A 719 -51.43 16.90 -7.72
N ALA A 720 -50.22 16.62 -7.24
CA ALA A 720 -49.94 16.70 -5.81
C ALA A 720 -49.98 18.14 -5.32
N ASP A 721 -50.51 18.32 -4.10
CA ASP A 721 -50.64 19.65 -3.50
C ASP A 721 -49.37 20.03 -2.76
N LEU A 722 -48.28 20.14 -3.53
CA LEU A 722 -46.97 20.38 -2.95
C LEU A 722 -46.24 21.43 -3.78
N PRO A 723 -45.64 22.45 -3.15
CA PRO A 723 -44.91 23.46 -3.91
C PRO A 723 -43.73 22.89 -4.66
N GLU A 724 -43.22 21.74 -4.22
CA GLU A 724 -42.21 20.98 -4.94
C GLU A 724 -42.74 19.59 -5.22
N ILE A 725 -42.72 19.18 -6.47
CA ILE A 725 -43.27 17.90 -6.91
C ILE A 725 -42.15 17.16 -7.62
N ASN A 726 -41.70 16.06 -7.01
CA ASN A 726 -40.66 15.21 -7.59
C ASN A 726 -39.39 16.00 -7.88
N GLY A 727 -39.00 16.83 -6.92
CA GLY A 727 -37.80 17.65 -7.05
C GLY A 727 -37.94 18.83 -7.99
N MET A 728 -39.11 19.07 -8.55
CA MET A 728 -39.36 20.19 -9.44
C MET A 728 -40.27 21.20 -8.74
N THR A 729 -40.18 22.45 -9.17
CA THR A 729 -41.15 23.44 -8.73
C THR A 729 -42.53 23.04 -9.25
N HIS A 730 -43.56 23.35 -8.44
CA HIS A 730 -44.93 23.05 -8.81
C HIS A 730 -45.26 23.51 -10.23
N SER A 731 -44.76 24.68 -10.62
N SER A 731 -44.75 24.68 -10.63
CA SER A 731 -45.06 25.20 -11.96
CA SER A 731 -45.05 25.21 -11.96
C SER A 731 -44.38 24.38 -13.04
C SER A 731 -44.37 24.40 -13.05
N ILE A 732 -43.12 24.00 -12.84
CA ILE A 732 -42.41 23.21 -13.82
C ILE A 732 -42.99 21.81 -13.89
N ALA A 733 -43.36 21.24 -12.73
CA ALA A 733 -43.91 19.90 -12.70
C ALA A 733 -45.21 19.82 -13.49
N GLN A 734 -46.09 20.81 -13.32
CA GLN A 734 -47.39 20.81 -13.98
C GLN A 734 -47.36 21.46 -15.36
N GLY A 735 -46.26 22.11 -15.74
CA GLY A 735 -46.17 22.64 -17.09
C GLY A 735 -45.85 21.60 -18.13
N MET A 736 -45.22 20.50 -17.74
CA MET A 736 -44.83 19.50 -18.72
C MET A 736 -45.97 18.55 -19.00
N SER A 737 -45.93 17.95 -20.19
CA SER A 737 -46.93 16.98 -20.59
C SER A 737 -46.95 15.80 -19.63
N GLU A 738 -48.13 15.19 -19.49
CA GLU A 738 -48.29 14.07 -18.56
C GLU A 738 -47.39 12.91 -18.94
N GLU A 739 -47.21 12.66 -20.25
CA GLU A 739 -46.30 11.61 -20.68
C GLU A 739 -44.87 11.91 -20.28
N THR A 740 -44.43 13.17 -20.41
CA THR A 740 -43.08 13.54 -20.04
C THR A 740 -42.89 13.49 -18.51
N PHE A 741 -43.92 13.88 -17.76
CA PHE A 741 -43.83 13.81 -16.30
C PHE A 741 -43.61 12.38 -15.81
N GLU A 742 -44.33 11.42 -16.40
CA GLU A 742 -44.20 10.04 -15.95
C GLU A 742 -42.89 9.42 -16.40
N HIS A 743 -42.39 9.80 -17.59
CA HIS A 743 -41.08 9.34 -18.02
C HIS A 743 -40.00 9.77 -17.04
N LEU A 744 -40.10 11.01 -16.54
CA LEU A 744 -39.13 11.46 -15.54
C LEU A 744 -39.23 10.61 -14.27
N ARG A 745 -40.45 10.25 -13.86
CA ARG A 745 -40.62 9.41 -12.69
C ARG A 745 -39.88 8.09 -12.85
N LEU A 746 -40.11 7.42 -13.99
CA LEU A 746 -39.47 6.13 -14.21
C LEU A 746 -37.96 6.27 -14.35
N GLU A 747 -37.48 7.39 -14.88
CA GLU A 747 -36.04 7.62 -14.95
C GLU A 747 -35.44 7.75 -13.55
N GLN A 748 -36.10 8.51 -12.67
CA GLN A 748 -35.64 8.58 -11.28
C GLN A 748 -35.76 7.23 -10.59
N PHE A 749 -36.82 6.47 -10.90
CA PHE A 749 -37.05 5.18 -10.27
C PHE A 749 -35.95 4.18 -10.62
N SER A 750 -35.35 4.31 -11.80
CA SER A 750 -34.33 3.39 -12.29
C SER A 750 -32.93 3.70 -11.78
N GLN A 751 -32.74 4.80 -11.05
CA GLN A 751 -31.40 5.23 -10.63
C GLN A 751 -31.02 4.48 -9.36
N ARG A 752 -30.20 3.44 -9.51
CA ARG A 752 -29.79 2.61 -8.39
C ARG A 752 -28.39 2.97 -7.96
N LEU A 753 -28.21 3.21 -6.66
CA LEU A 753 -26.94 3.66 -6.11
C LEU A 753 -26.24 2.53 -5.38
N ASP A 754 -24.92 2.43 -5.60
CA ASP A 754 -24.12 1.45 -4.87
C ASP A 754 -24.33 1.63 -3.38
N TRP A 755 -24.69 0.54 -2.71
CA TRP A 755 -24.97 0.62 -1.28
C TRP A 755 -23.74 0.98 -0.49
N LEU A 756 -22.56 0.67 -1.01
CA LEU A 756 -21.33 1.08 -0.34
C LEU A 756 -21.16 2.59 -0.36
N HIS A 757 -21.84 3.28 -1.27
CA HIS A 757 -21.74 4.73 -1.37
C HIS A 757 -22.80 5.45 -0.54
N THR A 758 -23.58 4.73 0.24
CA THR A 758 -24.57 5.38 1.08
C THR A 758 -23.95 6.00 2.32
N ALA A 759 -22.65 5.80 2.54
CA ALA A 759 -21.93 6.42 3.63
C ALA A 759 -20.48 6.57 3.19
N ASP A 760 -19.69 7.28 4.01
CA ASP A 760 -18.30 7.54 3.68
C ASP A 760 -17.47 6.31 4.03
N LEU A 761 -17.16 5.50 3.03
N LEU A 761 -17.13 5.52 3.02
CA LEU A 761 -16.33 4.32 3.21
CA LEU A 761 -16.33 4.32 3.20
C LEU A 761 -14.95 4.50 2.60
C LEU A 761 -14.92 4.48 2.66
N GLY A 762 -14.43 5.72 2.65
CA GLY A 762 -13.09 6.01 2.16
C GLY A 762 -13.00 6.53 0.75
N PHE A 763 -14.14 6.85 0.11
CA PHE A 763 -14.14 7.39 -1.24
C PHE A 763 -14.53 8.86 -1.32
N VAL A 764 -15.01 9.44 -0.21
CA VAL A 764 -15.42 10.84 -0.16
C VAL A 764 -14.19 11.73 -0.06
N GLY A 765 -14.23 12.84 -0.78
CA GLY A 765 -13.18 13.84 -0.69
C GLY A 765 -12.35 13.89 -1.96
N PHE A 766 -11.61 14.99 -2.09
CA PHE A 766 -10.77 15.18 -3.26
C PHE A 766 -9.59 14.22 -3.21
N HIS A 767 -9.36 13.53 -4.28
CA HIS A 767 -8.35 12.55 -4.38
C HIS A 767 -8.44 11.39 -3.43
N ALA A 768 -9.62 11.11 -2.92
CA ALA A 768 -9.81 9.99 -2.00
C ALA A 768 -9.50 8.67 -2.69
N GLU A 769 -8.97 7.72 -1.91
CA GLU A 769 -8.53 6.45 -2.48
C GLU A 769 -9.70 5.53 -2.79
N GLY A 770 -10.69 5.47 -1.91
CA GLY A 770 -11.76 4.51 -2.10
C GLY A 770 -11.21 3.10 -1.99
N GLY A 771 -11.81 2.19 -2.75
CA GLY A 771 -11.28 0.86 -2.88
C GLY A 771 -11.78 -0.09 -1.82
N TYR A 772 -11.46 -1.36 -2.03
CA TYR A 772 -12.04 -2.43 -1.22
C TYR A 772 -11.58 -2.34 0.23
N THR A 773 -10.28 -2.15 0.46
CA THR A 773 -9.75 -2.24 1.81
C THR A 773 -10.25 -1.09 2.68
N ASN A 774 -10.21 0.13 2.16
CA ASN A 774 -10.73 1.26 2.92
C ASN A 774 -12.18 1.04 3.31
N GLY A 775 -12.97 0.44 2.41
CA GLY A 775 -14.33 0.06 2.77
C GLY A 775 -14.38 -0.86 3.97
N LEU A 776 -13.53 -1.89 3.97
CA LEU A 776 -13.43 -2.78 5.13
C LEU A 776 -13.04 -2.01 6.38
N ILE A 777 -12.05 -1.12 6.28
CA ILE A 777 -11.59 -0.39 7.47
C ILE A 777 -12.69 0.53 7.97
N GLN A 778 -13.35 1.26 7.07
CA GLN A 778 -14.36 2.24 7.47
C GLN A 778 -15.62 1.59 8.00
N MET A 779 -15.96 0.38 7.52
CA MET A 779 -17.21 -0.25 7.93
C MET A 779 -17.31 -0.47 9.43
N VAL A 780 -16.16 -0.52 10.13
CA VAL A 780 -16.18 -0.72 11.58
C VAL A 780 -16.98 0.37 12.26
N SER A 781 -16.85 1.61 11.78
CA SER A 781 -17.63 2.72 12.31
C SER A 781 -18.81 3.11 11.43
N GLN A 782 -18.74 2.86 10.12
CA GLN A 782 -19.76 3.31 9.18
C GLN A 782 -20.90 2.33 8.99
N TRP A 783 -20.85 1.13 9.58
CA TRP A 783 -21.94 0.17 9.44
C TRP A 783 -23.27 0.77 9.89
N LYS A 784 -23.27 1.63 10.90
CA LYS A 784 -24.49 2.21 11.43
C LYS A 784 -25.01 3.37 10.60
N ASN A 785 -24.29 3.78 9.56
CA ASN A 785 -24.71 4.86 8.69
C ASN A 785 -25.07 4.37 7.29
N MET A 786 -24.92 3.07 7.04
CA MET A 786 -25.30 2.52 5.74
C MET A 786 -26.81 2.60 5.55
N ALA A 787 -27.24 2.48 4.30
CA ALA A 787 -28.65 2.68 3.99
C ALA A 787 -29.50 1.48 4.44
N MET A 788 -30.63 1.78 5.06
CA MET A 788 -31.59 0.79 5.51
C MET A 788 -32.78 0.81 4.56
N VAL A 789 -33.07 -0.35 3.97
CA VAL A 789 -34.10 -0.44 2.95
C VAL A 789 -35.45 -0.64 3.61
N MET A 790 -36.44 0.13 3.17
CA MET A 790 -37.78 0.12 3.74
C MET A 790 -38.83 0.28 2.64
N ALA A 791 -39.91 -0.49 2.77
CA ALA A 791 -41.05 -0.34 1.89
C ALA A 791 -41.72 1.03 2.09
N ARG A 792 -42.06 1.69 0.99
CA ARG A 792 -42.72 3.00 1.02
C ARG A 792 -43.77 3.06 -0.07
N PRO A 793 -44.84 3.80 0.13
CA PRO A 793 -45.93 3.84 -0.85
C PRO A 793 -45.65 4.80 -2.00
N VAL A 794 -46.30 4.50 -3.13
CA VAL A 794 -46.45 5.42 -4.24
C VAL A 794 -47.95 5.46 -4.51
N GLU A 795 -48.61 6.50 -4.00
CA GLU A 795 -50.07 6.42 -3.87
C GLU A 795 -50.75 6.44 -5.24
N ASN A 796 -50.26 7.24 -6.19
N ASN A 796 -50.21 7.20 -6.20
CA ASN A 796 -50.81 7.26 -7.54
CA ASN A 796 -50.77 7.32 -7.54
C ASN A 796 -49.67 7.16 -8.56
C ASN A 796 -49.66 7.18 -8.58
N PRO A 797 -49.23 5.95 -8.87
CA PRO A 797 -48.25 5.78 -9.94
C PRO A 797 -48.75 6.18 -11.31
N GLY A 798 -50.06 6.23 -11.51
CA GLY A 798 -50.58 6.47 -12.85
C GLY A 798 -50.17 5.34 -13.78
N SER A 799 -49.60 5.69 -14.92
CA SER A 799 -49.03 4.72 -15.85
C SER A 799 -47.53 4.95 -16.00
N SER A 800 -46.88 5.35 -14.90
CA SER A 800 -45.43 5.50 -14.93
C SER A 800 -44.70 4.16 -14.94
N GLY A 801 -45.38 3.07 -14.61
CA GLY A 801 -44.73 1.78 -14.50
C GLY A 801 -44.06 1.54 -13.17
N ILE A 802 -44.36 2.35 -12.17
CA ILE A 802 -43.76 2.26 -10.84
C ILE A 802 -44.77 1.61 -9.91
N PRO A 803 -44.42 0.54 -9.20
CA PRO A 803 -45.41 -0.17 -8.39
C PRO A 803 -45.89 0.67 -7.21
N ASN A 804 -47.03 0.27 -6.67
CA ASN A 804 -47.63 1.00 -5.55
C ASN A 804 -46.76 0.94 -4.30
N VAL A 805 -45.92 -0.10 -4.20
CA VAL A 805 -45.03 -0.27 -3.07
C VAL A 805 -43.61 -0.32 -3.63
N VAL A 806 -42.78 0.61 -3.18
CA VAL A 806 -41.37 0.63 -3.55
C VAL A 806 -40.55 0.39 -2.29
N TYR A 807 -39.33 -0.08 -2.49
CA TYR A 807 -38.43 -0.40 -1.38
C TYR A 807 -37.26 0.57 -1.46
N VAL A 808 -37.16 1.44 -0.45
CA VAL A 808 -36.37 2.67 -0.53
C VAL A 808 -35.30 2.66 0.55
N ALA A 809 -34.08 3.03 0.17
CA ALA A 809 -32.92 3.00 1.07
C ALA A 809 -32.73 4.35 1.73
N TYR A 810 -32.72 4.35 3.06
CA TYR A 810 -32.60 5.57 3.86
C TYR A 810 -31.23 5.63 4.52
N SER A 811 -30.57 6.78 4.38
CA SER A 811 -29.36 7.11 5.13
C SER A 811 -29.10 8.60 4.98
N GLN A 812 -28.10 9.09 5.71
CA GLN A 812 -27.88 10.54 5.75
C GLN A 812 -27.25 11.06 4.47
N ALA A 813 -26.40 10.26 3.81
CA ALA A 813 -25.74 10.73 2.61
C ALA A 813 -26.68 10.77 1.41
N ASP A 814 -27.66 9.86 1.34
CA ASP A 814 -28.43 9.63 0.12
C ASP A 814 -29.82 10.27 0.14
N LYS A 815 -30.02 11.30 0.97
CA LYS A 815 -31.38 11.73 1.28
C LYS A 815 -31.92 12.83 0.36
N ASP A 816 -31.08 13.53 -0.39
CA ASP A 816 -31.58 14.56 -1.28
C ASP A 816 -30.75 14.73 -2.56
N CYS B 4 25.89 -51.31 -18.49
CA CYS B 4 26.52 -50.45 -17.48
C CYS B 4 27.91 -50.03 -17.93
N GLN B 5 28.02 -49.51 -19.15
CA GLN B 5 29.32 -49.18 -19.71
C GLN B 5 29.68 -47.70 -19.51
N TYR B 6 28.71 -46.79 -19.67
CA TYR B 6 28.96 -45.36 -19.58
C TYR B 6 27.94 -44.70 -18.67
N LYS B 7 28.37 -43.65 -17.97
CA LYS B 7 27.50 -42.86 -17.12
C LYS B 7 27.94 -41.40 -17.16
N ILE B 8 27.00 -40.52 -16.82
CA ILE B 8 27.24 -39.08 -16.79
C ILE B 8 27.45 -38.63 -15.35
N TYR B 9 28.37 -37.69 -15.15
CA TYR B 9 28.61 -37.10 -13.84
C TYR B 9 28.72 -35.58 -14.01
N PRO B 10 28.18 -34.80 -13.07
CA PRO B 10 27.45 -35.26 -11.89
C PRO B 10 26.04 -35.71 -12.23
N PRO B 11 25.40 -36.48 -11.35
CA PRO B 11 24.01 -36.91 -11.63
C PRO B 11 23.03 -35.76 -11.60
N LEU B 12 23.23 -34.80 -10.68
CA LEU B 12 22.44 -33.58 -10.63
C LEU B 12 23.42 -32.41 -10.71
N GLY B 13 23.65 -31.94 -11.93
CA GLY B 13 24.43 -30.73 -12.11
C GLY B 13 23.68 -29.51 -11.61
N ILE B 14 24.45 -28.49 -11.25
CA ILE B 14 23.89 -27.24 -10.77
C ILE B 14 24.59 -26.09 -11.47
N ALA B 15 23.82 -25.27 -12.18
CA ALA B 15 24.30 -24.01 -12.74
C ALA B 15 23.54 -22.88 -12.07
N ARG B 16 24.13 -21.70 -12.07
CA ARG B 16 23.53 -20.54 -11.40
C ARG B 16 23.44 -19.38 -12.37
N VAL B 17 22.32 -18.65 -12.28
CA VAL B 17 22.10 -17.53 -13.19
C VAL B 17 23.10 -16.42 -12.90
N GLY B 18 23.35 -15.59 -13.91
CA GLY B 18 24.18 -14.43 -13.79
C GLY B 18 24.16 -13.65 -15.08
N ASN B 19 24.49 -12.35 -14.96
CA ASN B 19 24.52 -11.48 -16.13
C ASN B 19 25.91 -11.34 -16.72
N GLY B 20 26.90 -12.03 -16.17
CA GLY B 20 28.17 -12.20 -16.85
C GLY B 20 27.95 -13.10 -18.05
N PRO B 21 28.83 -13.01 -19.05
CA PRO B 21 28.60 -13.75 -20.29
C PRO B 21 28.88 -15.23 -20.15
N ALA B 22 28.26 -16.00 -21.04
CA ALA B 22 28.37 -17.47 -21.02
C ALA B 22 29.60 -17.93 -21.80
N ILE B 23 30.76 -17.49 -21.33
CA ILE B 23 32.04 -17.88 -21.90
C ILE B 23 32.95 -18.35 -20.78
N LYS B 24 33.82 -19.31 -21.09
CA LYS B 24 34.66 -19.94 -20.08
C LYS B 24 35.52 -18.95 -19.30
N PRO B 25 36.23 -18.00 -19.92
CA PRO B 25 37.09 -17.11 -19.14
C PRO B 25 36.34 -16.25 -18.14
N LEU B 26 35.10 -15.85 -18.45
CA LEU B 26 34.38 -14.91 -17.61
C LEU B 26 33.26 -15.56 -16.81
N SER B 27 33.24 -16.88 -16.73
CA SER B 27 32.27 -17.61 -15.94
C SER B 27 32.96 -18.29 -14.76
N LEU B 28 32.15 -18.93 -13.93
CA LEU B 28 32.62 -19.78 -12.84
C LEU B 28 32.21 -21.22 -13.13
N SER B 29 32.77 -22.14 -12.34
CA SER B 29 32.47 -23.56 -12.51
C SER B 29 31.97 -24.12 -11.18
N THR B 30 30.90 -24.89 -11.26
CA THR B 30 30.35 -25.55 -10.08
C THR B 30 31.44 -26.37 -9.41
N PRO B 31 31.59 -26.29 -8.09
CA PRO B 31 32.61 -27.09 -7.39
C PRO B 31 32.54 -28.56 -7.79
N GLU B 32 33.69 -29.10 -8.20
CA GLU B 32 33.85 -30.52 -8.44
C GLU B 32 34.66 -31.19 -7.34
N VAL B 33 35.32 -30.41 -6.48
CA VAL B 33 36.04 -30.91 -5.31
C VAL B 33 35.56 -30.11 -4.10
N PRO B 34 34.88 -30.75 -3.15
CA PRO B 34 34.46 -30.03 -1.93
C PRO B 34 35.63 -29.34 -1.24
N TRP B 35 35.39 -28.08 -0.84
CA TRP B 35 36.30 -27.29 -0.02
C TRP B 35 37.56 -26.86 -0.76
N ALA B 36 37.54 -26.92 -2.10
CA ALA B 36 38.76 -26.69 -2.87
C ALA B 36 39.31 -25.28 -2.65
N HIS B 37 38.45 -24.27 -2.66
CA HIS B 37 38.91 -22.88 -2.72
C HIS B 37 38.36 -22.04 -1.58
N LEU B 38 38.14 -22.64 -0.40
CA LEU B 38 37.54 -21.92 0.71
C LEU B 38 38.37 -20.70 1.13
N TYR B 39 39.70 -20.79 1.03
CA TYR B 39 40.58 -19.70 1.43
C TYR B 39 41.28 -19.05 0.24
N ASP B 40 40.80 -19.30 -0.99
CA ASP B 40 41.39 -18.70 -2.17
C ASP B 40 41.08 -17.21 -2.19
N THR B 41 42.10 -16.39 -1.96
CA THR B 41 41.94 -14.93 -1.91
C THR B 41 42.14 -14.27 -3.27
N ASN B 42 42.22 -15.05 -4.34
CA ASN B 42 42.28 -14.51 -5.69
C ASN B 42 40.97 -14.66 -6.45
N VAL B 43 39.93 -15.18 -5.80
CA VAL B 43 38.67 -15.42 -6.48
C VAL B 43 38.07 -14.12 -6.99
N GLN B 44 37.49 -14.16 -8.19
CA GLN B 44 36.80 -13.03 -8.79
C GLN B 44 35.43 -13.53 -9.24
N TYR B 45 34.44 -13.39 -8.38
CA TYR B 45 33.08 -13.83 -8.71
C TYR B 45 32.31 -12.79 -9.52
N LEU B 46 32.82 -11.57 -9.61
CA LEU B 46 32.25 -10.52 -10.45
C LEU B 46 33.22 -10.21 -11.59
N VAL B 47 32.67 -9.92 -12.77
CA VAL B 47 33.51 -9.61 -13.92
C VAL B 47 34.37 -8.40 -13.59
N THR B 48 35.69 -8.55 -13.72
CA THR B 48 36.61 -7.47 -13.39
C THR B 48 36.93 -6.65 -14.63
N GLN B 49 37.44 -5.45 -14.39
CA GLN B 49 38.01 -4.65 -15.49
C GLN B 49 39.23 -5.35 -16.08
N GLN B 50 39.99 -6.05 -15.23
CA GLN B 50 41.15 -6.81 -15.70
C GLN B 50 40.76 -7.83 -16.77
N GLU B 51 39.76 -8.66 -16.48
CA GLU B 51 39.38 -9.73 -17.41
C GLU B 51 38.71 -9.19 -18.68
N LEU B 52 38.07 -8.01 -18.59
CA LEU B 52 37.48 -7.43 -19.80
C LEU B 52 38.56 -6.91 -20.75
N GLU B 53 39.67 -6.41 -20.20
CA GLU B 53 40.79 -6.04 -21.04
C GLU B 53 41.46 -7.29 -21.63
N GLN B 54 41.72 -8.29 -20.78
CA GLN B 54 42.36 -9.51 -21.23
C GLN B 54 41.55 -10.20 -22.33
N LEU B 55 40.22 -10.18 -22.20
CA LEU B 55 39.37 -10.68 -23.28
C LEU B 55 39.60 -9.87 -24.55
N LEU B 56 39.61 -8.54 -24.43
CA LEU B 56 39.65 -7.69 -25.62
C LEU B 56 40.97 -7.79 -26.37
N GLU B 57 42.08 -8.02 -25.66
CA GLU B 57 43.39 -8.09 -26.30
C GLU B 57 43.63 -9.47 -26.90
N GLU B 58 43.11 -10.53 -26.28
CA GLU B 58 43.13 -11.84 -26.93
C GLU B 58 42.35 -11.79 -28.24
N ALA B 59 41.25 -11.05 -28.26
CA ALA B 59 40.53 -10.83 -29.50
C ALA B 59 41.43 -10.13 -30.52
N PHE B 60 42.26 -9.18 -30.07
CA PHE B 60 43.10 -8.38 -30.94
C PHE B 60 44.41 -9.06 -31.29
N GLY B 61 44.49 -10.37 -31.12
CA GLY B 61 45.66 -11.09 -31.57
C GLY B 61 45.77 -11.07 -33.08
N GLY B 62 47.01 -11.04 -33.54
CA GLY B 62 47.31 -11.10 -34.97
C GLY B 62 46.57 -12.19 -35.73
N ASN B 63 46.28 -11.91 -36.99
CA ASN B 63 46.70 -10.68 -37.60
C ASN B 63 45.54 -9.77 -37.91
N VAL B 64 44.64 -9.63 -36.93
CA VAL B 64 43.78 -8.47 -36.92
C VAL B 64 44.62 -7.21 -36.75
N ILE B 65 45.80 -7.35 -36.11
CA ILE B 65 46.79 -6.28 -35.99
C ILE B 65 47.64 -6.16 -37.25
N ASN B 66 47.34 -6.94 -38.27
CA ASN B 66 47.71 -6.48 -39.60
C ASN B 66 46.49 -6.10 -40.41
N GLU B 67 45.31 -6.61 -40.03
CA GLU B 67 44.06 -6.06 -40.55
C GLU B 67 43.94 -4.59 -40.19
N ILE B 68 44.21 -4.24 -38.93
CA ILE B 68 44.19 -2.85 -38.47
C ILE B 68 44.72 -1.90 -39.56
N SER B 69 45.87 -2.25 -40.15
CA SER B 69 46.65 -1.33 -40.94
C SER B 69 46.10 -1.24 -42.35
N GLN B 70 45.56 -2.35 -42.85
CA GLN B 70 44.86 -2.34 -44.14
C GLN B 70 43.69 -1.37 -44.10
N ILE B 71 42.90 -1.42 -43.03
CA ILE B 71 41.74 -0.54 -42.96
C ILE B 71 42.18 0.92 -42.85
N LYS B 72 43.26 1.19 -42.11
CA LYS B 72 43.62 2.59 -41.85
C LYS B 72 44.10 3.31 -43.10
N THR B 73 44.99 2.68 -43.89
CA THR B 73 45.46 3.37 -45.08
C THR B 73 44.47 3.25 -46.23
N LYS B 74 43.51 2.31 -46.13
CA LYS B 74 42.30 2.36 -46.96
C LYS B 74 41.56 3.64 -46.67
N LYS B 82 35.87 9.48 -40.04
CA LYS B 82 35.28 8.32 -39.40
C LYS B 82 35.09 7.16 -40.36
N PHE B 83 34.36 6.15 -39.94
CA PHE B 83 34.26 4.90 -40.68
C PHE B 83 32.98 4.87 -41.51
N LYS B 84 32.88 3.89 -42.39
CA LYS B 84 31.70 3.70 -43.21
C LYS B 84 31.14 2.29 -43.01
N GLN B 85 29.84 2.16 -43.29
CA GLN B 85 28.99 1.01 -43.01
C GLN B 85 29.69 -0.36 -43.05
N GLU B 86 30.53 -0.60 -44.06
CA GLU B 86 31.10 -1.93 -44.27
C GLU B 86 32.57 -2.06 -43.89
N GLU B 87 33.30 -0.98 -43.67
CA GLU B 87 34.56 -1.20 -42.97
C GLU B 87 34.32 -1.44 -41.50
N ILE B 88 33.25 -0.86 -40.93
CA ILE B 88 32.79 -1.31 -39.62
C ILE B 88 32.30 -2.75 -39.69
N GLU B 89 31.54 -3.08 -40.74
CA GLU B 89 30.99 -4.42 -40.94
C GLU B 89 32.03 -5.49 -40.65
N THR B 90 33.30 -5.17 -40.88
CA THR B 90 34.35 -6.13 -40.60
C THR B 90 35.33 -5.71 -39.53
N ILE B 91 35.24 -4.52 -38.93
CA ILE B 91 35.90 -4.35 -37.63
C ILE B 91 35.34 -5.36 -36.66
N THR B 92 34.02 -5.36 -36.50
CA THR B 92 33.33 -6.42 -35.78
C THR B 92 33.31 -7.70 -36.60
N GLY B 93 33.42 -8.83 -35.91
CA GLY B 93 33.53 -10.09 -36.62
C GLY B 93 34.97 -10.56 -36.66
N LEU B 94 35.88 -9.65 -37.00
CA LEU B 94 37.32 -9.87 -36.85
C LEU B 94 37.64 -10.47 -35.50
N LEU B 95 37.38 -9.69 -34.46
CA LEU B 95 37.60 -10.09 -33.08
C LEU B 95 36.47 -10.95 -32.54
N GLY B 96 35.33 -11.05 -33.23
CA GLY B 96 34.25 -11.91 -32.79
C GLY B 96 33.60 -11.47 -31.49
N LEU B 97 32.97 -10.30 -31.49
CA LEU B 97 32.22 -9.83 -30.34
C LEU B 97 30.72 -9.91 -30.56
N SER B 98 30.29 -10.63 -31.60
CA SER B 98 28.86 -10.73 -31.90
C SER B 98 28.10 -11.41 -30.76
N HIS B 99 28.69 -12.45 -30.17
CA HIS B 99 28.04 -13.19 -29.10
C HIS B 99 28.09 -12.48 -27.76
N LEU B 100 28.85 -11.38 -27.64
CA LEU B 100 28.99 -10.65 -26.40
C LEU B 100 28.04 -9.46 -26.31
N VAL B 101 28.07 -8.57 -27.30
CA VAL B 101 27.32 -7.32 -27.28
C VAL B 101 26.47 -7.28 -28.55
N PRO B 102 25.27 -6.70 -28.51
CA PRO B 102 24.50 -6.51 -29.75
C PRO B 102 25.33 -5.87 -30.84
N GLN B 103 25.04 -6.24 -32.09
CA GLN B 103 25.80 -5.71 -33.22
C GLN B 103 25.71 -4.20 -33.28
N GLN B 104 24.54 -3.64 -32.96
CA GLN B 104 24.31 -2.22 -33.09
C GLN B 104 24.53 -1.45 -31.80
N GLN B 105 25.11 -2.08 -30.78
CA GLN B 105 25.77 -1.32 -29.73
C GLN B 105 27.24 -1.12 -30.04
N LEU B 106 27.90 -2.13 -30.63
CA LEU B 106 29.22 -1.92 -31.21
C LEU B 106 29.15 -1.11 -32.50
N SER B 107 28.01 -1.16 -33.20
CA SER B 107 27.74 -0.28 -34.33
C SER B 107 28.28 1.13 -34.18
N ARG B 108 27.68 1.88 -33.26
CA ARG B 108 27.98 3.29 -33.00
C ARG B 108 29.01 3.46 -31.91
N SER B 109 29.53 2.35 -31.36
CA SER B 109 30.71 2.45 -30.53
C SER B 109 31.79 3.23 -31.24
N LEU B 110 31.92 3.04 -32.56
CA LEU B 110 32.97 3.69 -33.30
C LEU B 110 32.59 4.51 -34.53
N ASP B 111 31.31 4.63 -34.90
CA ASP B 111 31.08 5.85 -35.65
C ASP B 111 30.65 6.98 -34.74
N ASN B 112 30.72 6.75 -33.42
CA ASN B 112 30.90 7.83 -32.46
C ASN B 112 32.30 8.42 -32.55
N LEU B 113 33.21 7.78 -33.29
CA LEU B 113 34.56 8.30 -33.45
C LEU B 113 34.81 8.84 -34.85
N ASP B 123 48.46 3.43 -32.50
CA ASP B 123 47.30 3.83 -31.72
C ASP B 123 46.09 3.88 -32.63
N ILE B 124 46.35 3.47 -33.88
CA ILE B 124 45.42 2.74 -34.72
C ILE B 124 44.30 2.17 -33.87
N VAL B 125 44.72 1.40 -32.86
CA VAL B 125 43.88 0.40 -32.24
C VAL B 125 43.36 0.77 -30.87
N GLN B 126 43.90 1.83 -30.25
CA GLN B 126 43.68 2.00 -28.81
C GLN B 126 42.35 2.69 -28.53
N GLN B 127 41.89 3.56 -29.44
CA GLN B 127 40.49 3.99 -29.38
C GLN B 127 39.57 3.10 -30.22
N ILE B 128 40.14 2.15 -30.97
CA ILE B 128 39.40 0.93 -31.28
C ILE B 128 39.11 0.17 -29.99
N LYS B 129 40.18 -0.19 -29.26
CA LYS B 129 40.05 -0.92 -27.99
C LYS B 129 39.30 -0.10 -26.96
N GLY B 130 39.65 1.19 -26.84
CA GLY B 130 39.05 2.01 -25.80
C GLY B 130 37.54 2.07 -25.88
N ALA B 131 37.01 2.32 -27.08
CA ALA B 131 35.57 2.39 -27.23
C ALA B 131 34.93 1.02 -27.07
N LEU B 132 35.53 -0.02 -27.66
CA LEU B 132 34.95 -1.35 -27.55
C LEU B 132 34.99 -1.89 -26.13
N LEU B 133 35.98 -1.48 -25.34
CA LEU B 133 36.07 -1.97 -23.97
C LEU B 133 35.06 -1.27 -23.08
N LYS B 134 34.87 0.03 -23.27
CA LYS B 134 33.81 0.72 -22.53
C LYS B 134 32.44 0.20 -22.94
N VAL B 135 32.29 -0.28 -24.17
CA VAL B 135 31.10 -1.04 -24.53
C VAL B 135 30.98 -2.26 -23.63
N LEU B 136 32.03 -3.09 -23.60
CA LEU B 136 32.03 -4.28 -22.77
C LEU B 136 31.85 -3.93 -21.30
N SER B 137 32.55 -2.90 -20.84
CA SER B 137 32.40 -2.45 -19.45
C SER B 137 30.96 -2.07 -19.15
N ASP B 138 30.34 -1.28 -20.04
CA ASP B 138 28.96 -0.87 -19.84
C ASP B 138 28.02 -2.06 -19.65
N HIS B 139 28.32 -3.18 -20.32
CA HIS B 139 27.45 -4.36 -20.27
C HIS B 139 27.83 -5.32 -19.14
N TYR B 140 29.12 -5.50 -18.87
CA TYR B 140 29.55 -6.60 -18.01
C TYR B 140 30.43 -6.21 -16.83
N LEU B 141 30.90 -4.97 -16.72
CA LEU B 141 31.79 -4.63 -15.61
C LEU B 141 31.06 -4.77 -14.28
N HIS B 142 31.65 -5.55 -13.37
CA HIS B 142 31.10 -5.94 -12.07
C HIS B 142 29.90 -6.87 -12.19
N ALA B 143 29.65 -7.45 -13.36
CA ALA B 143 28.51 -8.34 -13.53
C ALA B 143 28.66 -9.60 -12.70
N VAL B 144 27.53 -10.17 -12.31
CA VAL B 144 27.53 -11.42 -11.56
C VAL B 144 27.87 -12.55 -12.55
N LYS B 145 29.05 -13.13 -12.39
CA LYS B 145 29.47 -14.22 -13.27
C LYS B 145 28.56 -15.42 -13.11
N LYS B 146 28.26 -16.07 -14.23
CA LYS B 146 27.52 -17.33 -14.17
C LYS B 146 28.42 -18.44 -13.65
N GLN B 147 27.85 -19.28 -12.78
CA GLN B 147 28.54 -20.49 -12.31
C GLN B 147 28.02 -21.63 -13.17
N ALA B 148 28.84 -22.09 -14.10
CA ALA B 148 28.45 -23.11 -15.05
C ALA B 148 28.80 -24.50 -14.52
N GLN B 149 28.03 -25.50 -14.94
CA GLN B 149 28.25 -26.88 -14.55
C GLN B 149 28.83 -27.66 -15.73
N ASN B 150 29.91 -28.40 -15.46
CA ASN B 150 30.51 -29.28 -16.44
C ASN B 150 29.98 -30.70 -16.23
N PHE B 151 29.67 -31.37 -17.33
CA PHE B 151 29.18 -32.74 -17.31
C PHE B 151 30.19 -33.65 -18.00
N TYR B 152 30.39 -34.84 -17.43
CA TYR B 152 31.44 -35.75 -17.87
C TYR B 152 30.87 -37.13 -18.14
N ILE B 153 31.39 -37.79 -19.18
CA ILE B 153 31.08 -39.19 -19.44
C ILE B 153 32.16 -40.04 -18.78
N TYR B 154 31.73 -41.00 -17.97
CA TYR B 154 32.64 -41.90 -17.25
C TYR B 154 32.37 -43.32 -17.70
N LYS B 155 33.37 -43.96 -18.31
CA LYS B 155 33.26 -45.39 -18.56
C LYS B 155 33.25 -46.13 -17.25
N CYS B 156 32.46 -47.20 -17.17
CA CYS B 156 32.15 -47.83 -15.90
C CYS B 156 32.55 -49.30 -15.90
N ASP B 157 32.41 -49.90 -14.72
CA ASP B 157 32.84 -51.27 -14.43
C ASP B 157 34.34 -51.43 -14.64
N ASN B 161 30.47 -48.55 -12.02
CA ASN B 161 31.66 -48.21 -11.26
C ASN B 161 32.59 -47.33 -12.09
N PRO B 162 32.56 -46.01 -11.83
CA PRO B 162 33.24 -45.05 -12.70
C PRO B 162 34.74 -45.07 -12.49
N VAL B 163 35.46 -45.60 -13.48
CA VAL B 163 36.91 -45.70 -13.42
C VAL B 163 37.54 -44.35 -13.75
N GLU B 164 37.54 -43.98 -15.03
CA GLU B 164 38.13 -42.75 -15.52
C GLU B 164 37.17 -42.12 -16.51
N LYS B 165 37.37 -40.82 -16.78
CA LYS B 165 36.49 -40.14 -17.72
C LYS B 165 36.76 -40.62 -19.12
N LEU B 166 35.71 -40.64 -19.92
CA LEU B 166 35.78 -41.14 -21.28
C LEU B 166 36.82 -40.36 -22.10
N LYS B 167 37.76 -41.09 -22.69
CA LYS B 167 38.78 -40.53 -23.57
C LYS B 167 38.39 -40.80 -25.01
N LEU B 168 38.20 -39.72 -25.78
CA LEU B 168 37.68 -39.80 -27.14
C LEU B 168 38.84 -39.90 -28.13
N THR B 169 38.93 -41.06 -28.79
CA THR B 169 39.88 -41.24 -29.88
C THR B 169 39.43 -40.42 -31.10
N ASP B 170 40.33 -40.29 -32.07
CA ASP B 170 39.95 -39.67 -33.33
C ASP B 170 38.98 -40.59 -34.07
N GLY B 171 37.94 -40.00 -34.64
CA GLY B 171 36.85 -40.72 -35.22
C GLY B 171 35.68 -40.89 -34.27
N ASP B 172 35.93 -40.86 -32.97
CA ASP B 172 34.86 -40.89 -31.98
C ASP B 172 34.20 -39.52 -31.87
N LYS B 173 33.01 -39.52 -31.27
CA LYS B 173 32.33 -38.28 -30.92
C LYS B 173 31.22 -38.58 -29.94
N VAL B 174 30.97 -37.63 -29.04
CA VAL B 174 29.85 -37.68 -28.11
C VAL B 174 28.96 -36.49 -28.42
N THR B 175 27.66 -36.72 -28.53
CA THR B 175 26.69 -35.64 -28.68
C THR B 175 25.75 -35.66 -27.50
N TRP B 176 25.76 -34.58 -26.72
CA TRP B 176 24.87 -34.44 -25.57
C TRP B 176 23.49 -34.01 -26.03
N ARG B 177 22.50 -34.29 -25.19
CA ARG B 177 21.15 -33.79 -25.42
C ARG B 177 20.52 -33.37 -24.11
N VAL B 178 20.11 -32.10 -24.02
CA VAL B 178 19.54 -31.51 -22.83
C VAL B 178 18.17 -30.96 -23.19
N GLU B 179 17.15 -31.31 -22.41
CA GLU B 179 15.82 -30.74 -22.55
C GLU B 179 15.36 -30.25 -21.19
N VAL B 180 15.03 -28.96 -21.10
CA VAL B 180 14.71 -28.35 -19.82
C VAL B 180 13.37 -27.64 -19.91
N ALA B 181 12.81 -27.33 -18.74
CA ALA B 181 11.52 -26.68 -18.67
C ALA B 181 11.43 -25.90 -17.36
N ASN B 182 10.60 -24.86 -17.37
CA ASN B 182 10.21 -24.14 -16.17
C ASN B 182 8.70 -24.31 -16.00
N LYS B 183 8.30 -24.74 -14.81
CA LYS B 183 6.88 -24.98 -14.50
C LYS B 183 6.41 -24.17 -13.29
N LYS B 184 7.18 -23.15 -12.89
CA LYS B 184 6.80 -22.35 -11.73
C LYS B 184 5.42 -21.72 -11.93
N SER B 185 5.22 -21.04 -13.06
CA SER B 185 3.95 -20.34 -13.32
C SER B 185 2.79 -21.29 -13.51
N PHE B 186 3.05 -22.58 -13.75
CA PHE B 186 2.03 -23.60 -13.95
C PHE B 186 1.70 -24.39 -12.68
N TRP B 187 2.59 -24.37 -11.69
CA TRP B 187 2.48 -25.21 -10.51
C TRP B 187 1.64 -24.51 -9.44
N TYR B 188 1.70 -25.02 -8.21
CA TYR B 188 0.88 -24.54 -7.11
C TYR B 188 1.66 -23.57 -6.22
N ASP B 189 0.92 -22.83 -5.41
CA ASP B 189 1.51 -21.93 -4.43
C ASP B 189 2.45 -22.70 -3.50
N TYR B 190 3.45 -22.01 -2.98
CA TYR B 190 4.27 -22.57 -1.91
C TYR B 190 3.86 -21.92 -0.59
N ASN B 191 3.11 -22.67 0.22
CA ASN B 191 2.75 -22.23 1.56
C ASN B 191 3.65 -22.80 2.63
N ASN B 192 4.00 -24.08 2.51
CA ASN B 192 5.01 -24.73 3.34
C ASN B 192 5.24 -26.12 2.77
N ALA B 193 6.18 -26.85 3.37
CA ALA B 193 6.54 -28.18 2.88
C ALA B 193 5.42 -29.16 3.15
N LEU B 194 4.96 -29.84 2.10
CA LEU B 194 3.84 -30.77 2.24
C LEU B 194 4.23 -32.00 3.05
N ASP B 195 5.49 -32.41 3.00
CA ASP B 195 5.90 -33.61 3.73
C ASP B 195 5.87 -33.42 5.23
N LEU B 196 5.64 -32.19 5.72
CA LEU B 196 5.61 -31.93 7.15
C LEU B 196 4.48 -32.67 7.84
N SER B 197 3.46 -33.10 7.09
CA SER B 197 2.38 -33.90 7.64
C SER B 197 2.35 -35.30 7.06
N LEU B 198 3.30 -35.64 6.18
CA LEU B 198 3.34 -36.95 5.56
C LEU B 198 3.69 -38.02 6.59
N HIS B 199 2.83 -39.03 6.73
CA HIS B 199 3.13 -40.13 7.64
C HIS B 199 4.41 -40.84 7.19
N THR B 200 5.26 -41.16 8.16
CA THR B 200 6.58 -41.68 7.87
C THR B 200 7.06 -42.47 9.09
N GLN B 201 8.05 -43.33 8.86
CA GLN B 201 8.75 -43.92 9.98
C GLN B 201 9.88 -43.02 10.47
N GLY B 202 10.27 -42.04 9.68
CA GLY B 202 11.36 -41.13 10.02
C GLY B 202 12.58 -41.45 9.17
N SER B 203 13.24 -40.39 8.70
CA SER B 203 14.45 -40.52 7.90
C SER B 203 15.61 -39.87 8.64
N GLY B 204 16.78 -39.90 8.00
CA GLY B 204 17.90 -39.13 8.50
C GLY B 204 17.75 -37.63 8.32
N ASN B 205 16.76 -37.21 7.52
CA ASN B 205 16.51 -35.80 7.23
C ASN B 205 15.37 -35.20 8.05
N LEU B 206 14.39 -36.00 8.42
CA LEU B 206 13.20 -35.48 9.08
C LEU B 206 12.69 -36.49 10.10
N SER B 207 12.62 -36.08 11.35
CA SER B 207 12.06 -36.93 12.39
C SER B 207 10.59 -37.22 12.13
N LYS B 208 10.15 -38.40 12.57
CA LYS B 208 8.73 -38.72 12.47
C LYS B 208 7.87 -37.91 13.43
N ASN B 209 8.47 -37.24 14.41
CA ASN B 209 7.70 -36.46 15.38
C ASN B 209 7.00 -35.29 14.71
N VAL B 210 7.54 -34.79 13.60
CA VAL B 210 6.93 -33.63 12.93
C VAL B 210 5.51 -33.96 12.49
N SER B 211 5.36 -35.04 11.72
CA SER B 211 4.03 -35.46 11.26
C SER B 211 3.24 -36.13 12.36
N LYS B 212 3.89 -36.98 13.17
N LYS B 212 3.89 -36.98 13.17
CA LYS B 212 3.18 -37.75 14.18
CA LYS B 212 3.17 -37.76 14.18
C LYS B 212 2.54 -36.84 15.22
C LYS B 212 2.55 -36.86 15.24
N HIS B 213 3.20 -35.74 15.57
CA HIS B 213 2.70 -34.84 16.59
C HIS B 213 2.17 -33.52 16.02
N ARG B 214 2.10 -33.40 14.69
CA ARG B 214 1.46 -32.26 14.02
C ARG B 214 2.13 -30.93 14.43
N LEU B 215 3.46 -30.91 14.34
CA LEU B 215 4.22 -29.75 14.80
C LEU B 215 4.20 -28.61 13.79
N ALA B 216 4.05 -28.92 12.50
CA ALA B 216 4.02 -27.90 11.45
C ALA B 216 3.16 -28.42 10.31
N PRO B 217 1.83 -28.44 10.48
CA PRO B 217 0.96 -29.14 9.53
C PRO B 217 1.06 -28.55 8.12
N ALA B 218 1.10 -29.44 7.15
CA ALA B 218 1.12 -29.02 5.75
C ALA B 218 -0.15 -28.26 5.42
N MET B 219 -0.02 -27.26 4.56
CA MET B 219 -1.14 -26.44 4.13
C MET B 219 -1.54 -26.79 2.71
N THR B 220 -2.83 -26.65 2.42
CA THR B 220 -3.28 -26.76 1.05
C THR B 220 -2.69 -25.61 0.23
N ALA B 221 -2.62 -25.81 -1.08
CA ALA B 221 -2.00 -24.82 -1.97
C ALA B 221 -2.80 -24.75 -3.26
N LYS B 222 -3.25 -23.54 -3.60
CA LYS B 222 -4.01 -23.30 -4.82
C LYS B 222 -3.07 -23.14 -6.01
N ARG B 223 -3.65 -23.05 -7.19
CA ARG B 223 -2.87 -22.91 -8.42
C ARG B 223 -2.33 -21.49 -8.56
N ARG B 224 -1.07 -21.38 -8.99
CA ARG B 224 -0.58 -20.11 -9.47
C ARG B 224 -1.18 -19.84 -10.85
N ASN B 225 -1.33 -18.55 -11.17
CA ASN B 225 -2.05 -18.10 -12.35
C ASN B 225 -3.38 -18.83 -12.50
N PRO B 226 -4.27 -18.73 -11.49
CA PRO B 226 -5.47 -19.57 -11.50
C PRO B 226 -6.53 -19.14 -12.51
N ASN B 227 -6.38 -17.98 -13.15
CA ASN B 227 -7.34 -17.56 -14.17
C ASN B 227 -7.14 -18.29 -15.50
N VAL B 228 -6.01 -18.99 -15.66
CA VAL B 228 -5.79 -19.86 -16.80
C VAL B 228 -6.47 -21.19 -16.49
N ILE B 229 -7.55 -21.51 -17.22
CA ILE B 229 -8.33 -22.70 -16.92
C ILE B 229 -8.20 -23.71 -18.06
N THR B 230 -8.49 -24.98 -17.71
CA THR B 230 -8.26 -26.20 -18.49
C THR B 230 -6.78 -26.48 -18.63
N ASN B 231 -6.40 -27.76 -18.49
CA ASN B 231 -4.99 -28.14 -18.53
C ASN B 231 -4.36 -27.79 -19.86
N SER B 232 -5.14 -27.80 -20.95
CA SER B 232 -4.56 -27.51 -22.27
C SER B 232 -4.14 -26.04 -22.37
N LEU B 233 -4.86 -25.12 -21.73
CA LEU B 233 -4.44 -23.73 -21.75
C LEU B 233 -3.34 -23.45 -20.73
N ARG B 234 -3.26 -24.25 -19.66
CA ARG B 234 -2.20 -24.09 -18.69
C ARG B 234 -0.85 -24.54 -19.22
N LYS B 235 -0.82 -25.28 -20.34
CA LYS B 235 0.43 -25.61 -20.99
C LYS B 235 1.17 -24.37 -21.46
N GLN B 236 0.43 -23.28 -21.73
CA GLN B 236 1.06 -22.02 -22.13
C GLN B 236 1.92 -21.44 -21.01
N LEU B 237 1.73 -21.88 -19.77
CA LEU B 237 2.47 -21.35 -18.64
C LEU B 237 3.83 -22.01 -18.46
N VAL B 238 4.10 -23.11 -19.17
CA VAL B 238 5.36 -23.82 -19.04
C VAL B 238 6.31 -23.34 -20.13
N ILE B 239 7.51 -22.92 -19.73
CA ILE B 239 8.58 -22.57 -20.65
C ILE B 239 9.45 -23.81 -20.85
N SER B 240 9.83 -24.09 -22.10
CA SER B 240 10.58 -25.29 -22.38
C SER B 240 11.46 -25.10 -23.60
N SER B 241 12.61 -25.77 -23.59
CA SER B 241 13.58 -25.69 -24.67
C SER B 241 14.42 -26.96 -24.65
N GLN B 242 15.20 -27.15 -25.72
CA GLN B 242 16.04 -28.33 -25.83
C GLN B 242 17.11 -28.08 -26.88
N GLY B 243 18.22 -28.79 -26.76
CA GLY B 243 19.32 -28.65 -27.70
C GLY B 243 20.32 -29.76 -27.54
N SER B 244 21.22 -29.83 -28.53
CA SER B 244 22.26 -30.87 -28.56
C SER B 244 23.55 -30.27 -29.09
N VAL B 245 24.67 -30.69 -28.48
CA VAL B 245 26.00 -30.32 -28.94
C VAL B 245 26.85 -31.58 -28.98
N SER B 246 27.85 -31.58 -29.85
CA SER B 246 28.64 -32.77 -30.13
C SER B 246 30.13 -32.46 -29.97
N SER B 247 30.93 -33.53 -29.94
CA SER B 247 32.38 -33.40 -29.86
C SER B 247 32.98 -32.71 -31.08
N ASP B 248 32.26 -32.71 -32.21
CA ASP B 248 32.81 -32.23 -33.46
C ASP B 248 32.58 -30.75 -33.66
N ASN B 249 32.05 -30.06 -32.64
CA ASN B 249 31.94 -28.62 -32.77
C ASN B 249 31.61 -27.98 -31.43
N ASN B 250 32.42 -27.00 -31.03
CA ASN B 250 32.28 -26.32 -29.76
C ASN B 250 31.37 -25.10 -29.84
N THR B 251 30.55 -24.99 -30.89
CA THR B 251 29.61 -23.88 -30.96
C THR B 251 28.64 -23.95 -29.79
N GLN B 252 28.28 -22.77 -29.27
CA GLN B 252 27.34 -22.69 -28.17
C GLN B 252 25.93 -22.57 -28.71
N VAL B 253 25.02 -23.40 -28.21
CA VAL B 253 23.64 -23.39 -28.68
C VAL B 253 22.75 -22.99 -27.51
N PRO B 254 21.89 -21.99 -27.67
CA PRO B 254 21.05 -21.52 -26.57
C PRO B 254 19.84 -22.41 -26.39
N LEU B 255 19.45 -22.58 -25.14
CA LEU B 255 18.18 -23.19 -24.77
C LEU B 255 17.19 -22.05 -24.54
N ARG B 256 16.26 -21.88 -25.47
CA ARG B 256 15.36 -20.73 -25.45
C ARG B 256 13.93 -21.18 -25.74
N GLY B 257 13.05 -20.98 -24.76
CA GLY B 257 11.63 -21.14 -24.94
C GLY B 257 10.90 -19.82 -25.00
N LYS B 258 9.58 -19.91 -25.02
CA LYS B 258 8.72 -18.74 -25.08
C LYS B 258 7.78 -18.72 -23.89
N PHE B 259 7.47 -17.52 -23.41
CA PHE B 259 6.42 -17.32 -22.41
C PHE B 259 5.50 -16.22 -22.90
N PRO B 260 4.19 -16.49 -23.07
CA PRO B 260 3.60 -17.83 -22.93
C PRO B 260 4.01 -18.76 -24.08
N ALA B 261 3.93 -20.07 -23.87
CA ALA B 261 4.42 -21.03 -24.85
C ALA B 261 3.48 -21.17 -26.04
N GLU B 278 1.92 -10.66 -26.78
CA GLU B 278 3.33 -10.28 -26.86
C GLU B 278 4.24 -11.50 -27.01
N ARG B 279 4.23 -12.34 -25.98
CA ARG B 279 5.10 -13.52 -25.87
C ARG B 279 6.56 -13.11 -25.78
N HIS B 280 7.21 -13.45 -24.68
CA HIS B 280 8.59 -13.10 -24.44
C HIS B 280 9.51 -14.31 -24.69
N ASN B 281 10.73 -14.02 -25.10
CA ASN B 281 11.75 -15.05 -25.23
C ASN B 281 12.44 -15.25 -23.89
N VAL B 282 12.61 -16.50 -23.49
CA VAL B 282 13.21 -16.85 -22.21
C VAL B 282 14.47 -17.65 -22.50
N LEU B 283 15.63 -17.05 -22.22
CA LEU B 283 16.89 -17.79 -22.33
C LEU B 283 17.06 -18.60 -21.06
N GLN B 284 16.77 -19.89 -21.13
CA GLN B 284 16.88 -20.78 -19.99
C GLN B 284 18.28 -21.35 -19.80
N GLY B 285 19.13 -21.27 -20.83
CA GLY B 285 20.47 -21.79 -20.69
C GLY B 285 21.22 -21.73 -22.01
N SER B 286 22.47 -22.19 -21.94
CA SER B 286 23.35 -22.29 -23.10
C SER B 286 24.30 -23.45 -22.88
N ILE B 287 24.32 -24.39 -23.83
CA ILE B 287 25.19 -25.56 -23.74
C ILE B 287 26.29 -25.46 -24.77
N GLU B 288 27.42 -26.11 -24.49
CA GLU B 288 28.52 -26.20 -25.42
C GLU B 288 29.36 -27.42 -25.07
N CYS B 289 29.82 -28.12 -26.10
CA CYS B 289 30.68 -29.29 -25.95
C CYS B 289 32.06 -28.97 -26.52
N ASP B 290 33.11 -29.39 -25.80
CA ASP B 290 34.45 -29.18 -26.32
C ASP B 290 34.91 -30.44 -27.07
N ASN B 291 36.12 -30.39 -27.63
CA ASN B 291 36.60 -31.48 -28.46
C ASN B 291 36.87 -32.76 -27.68
N GLU B 292 36.99 -32.67 -26.34
CA GLU B 292 37.19 -33.85 -25.52
C GLU B 292 35.87 -34.46 -25.04
N GLY B 293 34.73 -33.85 -25.37
CA GLY B 293 33.44 -34.42 -25.05
C GLY B 293 32.84 -33.99 -23.74
N VAL B 294 33.38 -32.96 -23.09
CA VAL B 294 32.82 -32.46 -21.85
C VAL B 294 31.71 -31.47 -22.17
N LEU B 295 30.59 -31.59 -21.46
CA LEU B 295 29.48 -30.66 -21.62
C LEU B 295 29.59 -29.56 -20.58
N ARG B 296 29.46 -28.31 -21.04
CA ARG B 296 29.41 -27.15 -20.15
C ARG B 296 28.04 -26.51 -20.27
N PHE B 297 27.36 -26.33 -19.14
CA PHE B 297 26.00 -25.84 -19.09
C PHE B 297 25.98 -24.48 -18.41
N TYR B 298 25.55 -23.45 -19.14
CA TYR B 298 25.36 -22.13 -18.57
C TYR B 298 23.88 -21.91 -18.28
N ALA B 299 23.59 -21.24 -17.18
CA ALA B 299 22.21 -20.92 -16.82
C ALA B 299 21.82 -19.62 -17.52
N GLY B 300 20.61 -19.12 -17.22
CA GLY B 300 20.12 -17.92 -17.86
C GLY B 300 20.75 -16.66 -17.30
N ASN B 301 20.36 -15.53 -17.90
CA ASN B 301 20.87 -14.22 -17.54
C ASN B 301 20.20 -13.62 -16.31
N GLY B 302 19.33 -14.38 -15.64
CA GLY B 302 18.69 -13.90 -14.43
C GLY B 302 17.66 -12.81 -14.68
N ILE B 303 16.93 -12.89 -15.77
CA ILE B 303 15.90 -11.91 -16.09
C ILE B 303 14.54 -12.52 -15.76
N SER B 304 13.82 -11.88 -14.84
CA SER B 304 12.45 -12.20 -14.51
C SER B 304 11.57 -11.04 -14.94
N GLN B 305 10.34 -11.35 -15.34
CA GLN B 305 9.49 -10.32 -15.92
C GLN B 305 8.03 -10.69 -15.77
N ALA B 306 7.19 -9.66 -15.71
CA ALA B 306 5.74 -9.82 -15.71
C ALA B 306 5.18 -9.56 -17.10
N LEU B 307 3.98 -10.08 -17.33
CA LEU B 307 3.31 -9.84 -18.60
C LEU B 307 2.77 -8.41 -18.70
N SER B 308 2.64 -7.71 -17.58
CA SER B 308 2.26 -6.31 -17.56
C SER B 308 3.14 -5.60 -16.53
N PRO B 309 3.66 -4.41 -16.86
CA PRO B 309 4.53 -3.69 -15.91
C PRO B 309 3.87 -3.43 -14.57
N SER B 310 2.54 -3.28 -14.53
CA SER B 310 1.84 -3.03 -13.28
C SER B 310 1.72 -4.26 -12.39
N SER B 311 2.10 -5.43 -12.89
CA SER B 311 2.06 -6.66 -12.09
C SER B 311 3.33 -6.71 -11.24
N LEU B 312 3.17 -6.55 -9.93
CA LEU B 312 4.30 -6.52 -9.02
C LEU B 312 4.41 -7.83 -8.24
N ASN B 313 5.65 -8.21 -7.94
CA ASN B 313 5.94 -9.49 -7.30
C ASN B 313 6.00 -9.30 -5.79
N THR B 314 4.85 -8.96 -5.22
CA THR B 314 4.79 -8.58 -3.81
C THR B 314 4.70 -9.77 -2.86
N ASP B 315 4.52 -10.98 -3.37
CA ASP B 315 4.53 -12.16 -2.52
C ASP B 315 5.89 -12.85 -2.59
N PHE B 316 6.30 -13.44 -1.47
CA PHE B 316 7.61 -14.07 -1.39
C PHE B 316 7.75 -15.27 -2.32
N ALA B 317 6.65 -15.86 -2.77
CA ALA B 317 6.74 -17.10 -3.54
C ALA B 317 5.79 -17.11 -4.74
N ASP B 318 4.57 -16.63 -4.56
CA ASP B 318 3.49 -16.86 -5.50
C ASP B 318 3.04 -15.52 -6.10
N ASN B 319 3.49 -15.25 -7.31
CA ASN B 319 3.14 -14.03 -8.05
C ASN B 319 2.66 -14.43 -9.43
N SER B 320 1.35 -14.33 -9.65
CA SER B 320 0.83 -14.58 -10.98
C SER B 320 1.34 -13.50 -11.93
N ASN B 321 1.25 -13.81 -13.23
CA ASN B 321 1.64 -12.94 -14.35
C ASN B 321 3.14 -12.88 -14.55
N TRP B 322 3.92 -13.68 -13.81
CA TRP B 322 5.38 -13.60 -13.81
C TRP B 322 6.00 -14.87 -14.36
N PHE B 323 7.15 -14.70 -15.00
CA PHE B 323 8.00 -15.81 -15.41
C PHE B 323 9.44 -15.47 -15.07
N ASP B 324 10.27 -16.50 -14.92
CA ASP B 324 11.70 -16.32 -14.79
C ASP B 324 12.42 -17.31 -15.70
N ASP B 325 13.74 -17.14 -15.82
CA ASP B 325 14.55 -17.98 -16.68
C ASP B 325 15.20 -19.14 -15.94
N ILE B 326 14.74 -19.43 -14.71
CA ILE B 326 15.19 -20.64 -14.03
C ILE B 326 14.65 -21.85 -14.80
N CYS B 327 15.43 -22.93 -14.82
CA CYS B 327 15.04 -24.13 -15.53
C CYS B 327 15.58 -25.35 -14.77
N ASP B 328 15.27 -26.53 -15.32
CA ASP B 328 15.85 -27.81 -14.92
C ASP B 328 15.35 -28.86 -15.88
N GLY B 329 16.16 -29.87 -16.11
CA GLY B 329 15.77 -30.90 -17.05
C GLY B 329 16.75 -32.05 -17.12
N ARG B 330 16.65 -32.77 -18.24
CA ARG B 330 17.24 -34.09 -18.41
C ARG B 330 18.48 -34.01 -19.28
N VAL B 331 19.54 -34.68 -18.86
CA VAL B 331 20.82 -34.68 -19.55
C VAL B 331 21.13 -36.11 -19.99
N THR B 332 21.18 -36.32 -21.31
CA THR B 332 21.49 -37.61 -21.90
C THR B 332 22.52 -37.43 -23.01
N ALA B 333 23.17 -38.52 -23.38
CA ALA B 333 24.22 -38.44 -24.39
C ALA B 333 24.33 -39.76 -25.15
N VAL B 334 25.00 -39.70 -26.29
CA VAL B 334 25.33 -40.88 -27.09
C VAL B 334 26.85 -40.97 -27.18
N VAL B 335 27.39 -42.18 -27.00
CA VAL B 335 28.79 -42.48 -27.27
C VAL B 335 28.87 -43.17 -28.62
N GLU B 336 29.52 -42.53 -29.57
CA GLU B 336 29.71 -43.09 -30.91
C GLU B 336 31.20 -43.14 -31.18
N LEU B 337 31.76 -44.35 -31.17
CA LEU B 337 33.19 -44.54 -31.33
C LEU B 337 33.55 -44.71 -32.80
N LYS B 338 34.87 -44.73 -33.07
CA LYS B 338 35.38 -44.83 -34.43
C LYS B 338 34.83 -46.07 -35.15
N ASN B 339 34.68 -47.16 -34.43
CA ASN B 339 34.47 -48.48 -35.03
C ASN B 339 33.00 -48.81 -35.23
N GLY B 340 32.11 -47.84 -35.08
CA GLY B 340 30.69 -48.05 -35.26
C GLY B 340 29.93 -48.35 -33.98
N ASP B 341 30.62 -48.73 -32.91
CA ASP B 341 29.96 -49.02 -31.65
C ASP B 341 29.27 -47.78 -31.11
N THR B 342 27.98 -47.89 -30.82
CA THR B 342 27.18 -46.79 -30.33
C THR B 342 26.63 -47.13 -28.95
N PHE B 343 26.89 -46.25 -27.98
CA PHE B 343 26.41 -46.42 -26.62
C PHE B 343 25.49 -45.25 -26.27
N GLU B 344 24.22 -45.56 -25.99
CA GLU B 344 23.23 -44.57 -25.62
C GLU B 344 23.09 -44.53 -24.11
N ILE B 345 23.39 -43.37 -23.53
CA ILE B 345 23.23 -43.14 -22.10
C ILE B 345 21.89 -42.44 -21.92
N GLN B 346 20.87 -43.23 -21.60
CA GLN B 346 19.49 -42.78 -21.65
C GLN B 346 18.66 -43.17 -20.44
N ASP B 347 18.98 -44.27 -19.76
CA ASP B 347 18.20 -44.70 -18.61
C ASP B 347 18.49 -43.79 -17.41
N GLU B 348 17.71 -43.98 -16.34
CA GLU B 348 17.91 -43.19 -15.14
C GLU B 348 19.15 -43.58 -14.36
N GLN B 349 19.65 -44.81 -14.54
CA GLN B 349 20.82 -45.24 -13.80
C GLN B 349 22.10 -44.58 -14.32
N SER B 350 22.08 -44.14 -15.58
N SER B 350 22.10 -44.17 -15.59
CA SER B 350 23.26 -43.62 -16.23
CA SER B 350 23.29 -43.59 -16.20
C SER B 350 23.14 -42.17 -16.68
C SER B 350 23.14 -42.14 -16.62
N SER B 351 21.92 -41.66 -16.85
CA SER B 351 21.72 -40.28 -17.24
C SER B 351 21.82 -39.35 -16.04
N ALA B 352 21.80 -38.05 -16.32
CA ALA B 352 21.97 -37.03 -15.30
C ALA B 352 20.83 -36.02 -15.38
N TRP B 353 20.87 -35.05 -14.46
CA TRP B 353 19.92 -33.96 -14.41
C TRP B 353 20.69 -32.67 -14.22
N VAL B 354 20.07 -31.56 -14.62
CA VAL B 354 20.61 -30.24 -14.40
C VAL B 354 19.51 -29.37 -13.80
N ALA B 355 19.90 -28.49 -12.89
CA ALA B 355 18.98 -27.52 -12.29
C ALA B 355 19.71 -26.19 -12.18
N THR B 356 19.07 -25.11 -12.62
CA THR B 356 19.63 -23.78 -12.47
C THR B 356 18.98 -23.08 -11.28
N THR B 357 19.77 -22.23 -10.61
CA THR B 357 19.38 -21.67 -9.32
C THR B 357 19.72 -20.18 -9.24
N PRO B 358 19.24 -19.48 -8.21
CA PRO B 358 19.74 -18.11 -7.94
C PRO B 358 21.24 -18.12 -7.67
N PRO B 359 21.89 -16.96 -7.77
CA PRO B 359 23.34 -16.93 -7.57
C PRO B 359 23.75 -17.26 -6.14
N ASP B 360 24.90 -17.93 -6.03
CA ASP B 360 25.58 -18.12 -4.74
C ASP B 360 26.35 -16.83 -4.44
N TYR B 361 25.84 -16.04 -3.50
CA TYR B 361 26.46 -14.75 -3.22
C TYR B 361 27.65 -14.84 -2.25
N ALA B 362 27.96 -16.04 -1.74
CA ALA B 362 29.19 -16.27 -0.98
C ALA B 362 29.66 -17.69 -1.25
N PRO B 363 30.20 -17.95 -2.45
CA PRO B 363 30.55 -19.34 -2.82
C PRO B 363 31.46 -20.04 -1.84
N GLN B 364 32.28 -19.32 -1.10
CA GLN B 364 33.22 -19.93 -0.17
C GLN B 364 32.63 -20.17 1.22
N ILE B 365 31.40 -19.75 1.46
CA ILE B 365 30.73 -20.02 2.73
C ILE B 365 29.71 -21.13 2.47
N GLU B 366 29.81 -22.20 3.24
CA GLU B 366 28.99 -23.37 3.00
C GLU B 366 27.79 -23.39 3.93
N PRO B 367 26.62 -23.77 3.43
CA PRO B 367 25.46 -23.97 4.31
C PRO B 367 25.78 -25.05 5.34
N ILE B 368 25.35 -24.81 6.57
CA ILE B 368 25.63 -25.74 7.66
C ILE B 368 25.10 -27.14 7.32
N VAL B 369 23.98 -27.21 6.60
CA VAL B 369 23.41 -28.44 6.10
C VAL B 369 23.14 -28.25 4.60
N THR B 370 23.77 -29.09 3.77
CA THR B 370 23.73 -28.90 2.34
C THR B 370 22.72 -29.85 1.69
N MET B 371 22.58 -29.72 0.37
CA MET B 371 21.72 -30.63 -0.37
C MET B 371 22.35 -32.01 -0.48
N TYR B 372 23.69 -32.09 -0.46
CA TYR B 372 24.34 -33.38 -0.41
C TYR B 372 24.05 -34.10 0.90
N ASP B 373 24.07 -33.35 2.02
CA ASP B 373 23.66 -33.93 3.29
C ASP B 373 22.26 -34.51 3.20
N MET B 374 21.37 -33.84 2.44
CA MET B 374 20.02 -34.35 2.25
C MET B 374 20.00 -35.65 1.47
N VAL B 375 20.86 -35.76 0.44
CA VAL B 375 21.00 -37.02 -0.28
C VAL B 375 21.48 -38.11 0.66
N SER B 376 22.48 -37.80 1.50
CA SER B 376 23.04 -38.80 2.40
C SER B 376 22.02 -39.26 3.43
N GLY B 377 21.24 -38.33 3.99
CA GLY B 377 20.25 -38.71 4.96
C GLY B 377 18.99 -39.33 4.40
N ALA B 378 18.77 -39.20 3.08
CA ALA B 378 17.52 -39.66 2.48
C ALA B 378 17.41 -41.19 2.51
N ALA B 379 18.54 -41.90 2.47
CA ALA B 379 18.55 -43.36 2.42
C ALA B 379 18.58 -44.00 3.80
N LEU B 380 18.48 -43.23 4.87
CA LEU B 380 18.57 -43.74 6.22
C LEU B 380 17.19 -43.74 6.88
N LYS B 381 16.97 -44.72 7.75
CA LYS B 381 15.78 -44.78 8.58
C LYS B 381 16.11 -44.19 9.94
N GLU B 382 15.16 -43.44 10.51
CA GLU B 382 15.42 -42.71 11.75
C GLU B 382 15.71 -43.67 12.90
N GLN B 383 14.86 -44.67 13.10
CA GLN B 383 15.05 -45.57 14.23
C GLN B 383 16.23 -46.52 14.07
N ASP B 384 16.89 -46.53 12.91
CA ASP B 384 18.11 -47.28 12.70
C ASP B 384 19.36 -46.40 12.83
N LEU B 385 19.22 -45.21 13.40
CA LEU B 385 20.34 -44.29 13.47
C LEU B 385 21.35 -44.67 14.54
N ASP B 386 20.98 -45.55 15.48
CA ASP B 386 21.95 -46.06 16.44
C ASP B 386 22.97 -46.99 15.82
N ASN B 387 22.74 -47.44 14.58
CA ASN B 387 23.71 -48.24 13.85
C ASN B 387 24.75 -47.39 13.13
N LEU B 388 24.52 -46.08 13.04
CA LEU B 388 25.46 -45.20 12.37
C LEU B 388 26.76 -45.11 13.16
N THR B 389 27.88 -45.16 12.44
CA THR B 389 29.20 -45.04 13.03
C THR B 389 29.81 -43.69 12.64
N THR B 390 30.52 -43.08 13.58
CA THR B 390 30.89 -41.68 13.50
C THR B 390 32.40 -41.52 13.58
N GLN B 391 32.97 -40.83 12.60
CA GLN B 391 34.30 -40.27 12.69
C GLN B 391 34.21 -38.79 13.05
N PHE B 392 35.33 -38.22 13.49
CA PHE B 392 35.32 -36.79 13.80
C PHE B 392 35.11 -35.95 12.54
N SER B 393 35.61 -36.43 11.40
CA SER B 393 35.36 -35.76 10.13
C SER B 393 33.90 -35.80 9.72
N ASP B 394 33.06 -36.58 10.43
CA ASP B 394 31.62 -36.54 10.20
C ASP B 394 30.96 -35.38 10.94
N VAL B 395 31.53 -34.96 12.06
CA VAL B 395 30.98 -33.84 12.82
C VAL B 395 31.74 -32.53 12.58
N PHE B 396 33.00 -32.60 12.14
CA PHE B 396 33.76 -31.38 11.91
C PHE B 396 33.10 -30.41 10.93
N PRO B 397 32.45 -30.85 9.83
CA PRO B 397 31.84 -29.87 8.93
C PRO B 397 30.75 -29.02 9.57
N ILE B 398 29.98 -29.59 10.50
CA ILE B 398 28.98 -28.79 11.22
C ILE B 398 29.66 -27.60 11.90
N LEU B 399 30.54 -27.89 12.85
CA LEU B 399 31.22 -26.83 13.60
C LEU B 399 31.98 -25.89 12.66
N TYR B 400 32.57 -26.45 11.59
CA TYR B 400 33.33 -25.64 10.65
C TYR B 400 32.42 -24.66 9.90
N ARG B 401 31.31 -25.16 9.36
CA ARG B 401 30.42 -24.29 8.60
C ARG B 401 29.72 -23.29 9.51
N LEU B 402 29.26 -23.74 10.69
CA LEU B 402 28.70 -22.81 11.65
C LEU B 402 29.68 -21.71 12.02
N TYR B 403 30.97 -22.06 12.12
CA TYR B 403 31.99 -21.08 12.43
C TYR B 403 32.16 -20.07 11.30
N ARG B 404 32.23 -20.56 10.05
CA ARG B 404 32.43 -19.67 8.91
C ARG B 404 31.20 -18.86 8.56
N MET B 405 30.07 -19.12 9.22
CA MET B 405 28.88 -18.31 9.01
C MET B 405 29.02 -16.90 9.57
N GLN B 406 30.10 -16.62 10.31
CA GLN B 406 30.31 -15.29 10.87
C GLN B 406 30.50 -14.23 9.79
N TRP B 407 30.89 -14.62 8.59
CA TRP B 407 31.14 -13.68 7.51
C TRP B 407 29.87 -13.25 6.76
N VAL B 408 28.71 -13.82 7.10
CA VAL B 408 27.50 -13.56 6.34
C VAL B 408 26.31 -13.35 7.27
N ASN B 409 26.56 -13.34 8.58
CA ASN B 409 25.46 -13.28 9.54
C ASN B 409 25.97 -12.83 10.89
N GLN B 410 25.27 -11.86 11.50
CA GLN B 410 25.78 -11.24 12.72
C GLN B 410 25.71 -12.19 13.91
N ALA B 411 24.62 -12.96 14.03
CA ALA B 411 24.49 -13.87 15.17
C ALA B 411 25.67 -14.82 15.27
N ASP B 412 26.28 -15.16 14.14
CA ASP B 412 27.40 -16.09 14.09
C ASP B 412 28.74 -15.41 14.25
N PHE B 413 28.77 -14.08 14.31
CA PHE B 413 29.98 -13.32 14.56
C PHE B 413 30.08 -12.84 16.00
N THR B 414 28.96 -12.43 16.60
CA THR B 414 29.01 -11.85 17.94
C THR B 414 27.97 -12.40 18.92
N ASP B 415 27.22 -13.45 18.55
CA ASP B 415 26.16 -13.95 19.45
C ASP B 415 26.06 -15.46 19.42
N ASN B 416 27.14 -16.14 19.07
CA ASN B 416 27.16 -17.60 18.96
C ASN B 416 28.20 -18.14 19.94
N ALA B 417 27.75 -18.61 21.11
CA ALA B 417 28.67 -19.05 22.15
C ALA B 417 29.48 -20.27 21.73
N VAL B 418 29.10 -20.97 20.68
CA VAL B 418 29.92 -22.08 20.22
C VAL B 418 31.07 -21.58 19.38
N ASN B 419 30.80 -20.59 18.51
CA ASN B 419 31.87 -19.99 17.73
C ASN B 419 32.85 -19.21 18.60
N THR B 420 32.37 -18.64 19.72
CA THR B 420 33.28 -17.92 20.60
C THR B 420 34.20 -18.89 21.34
N GLN B 421 33.70 -20.10 21.63
CA GLN B 421 34.54 -21.09 22.29
C GLN B 421 35.56 -21.68 21.33
N ILE B 422 35.15 -21.92 20.08
CA ILE B 422 36.10 -22.34 19.05
C ILE B 422 37.26 -21.37 18.98
N ARG B 423 36.95 -20.06 18.98
CA ARG B 423 38.00 -19.05 18.95
C ARG B 423 38.85 -19.10 20.21
N GLU B 424 38.24 -19.38 21.36
CA GLU B 424 39.00 -19.55 22.60
C GLU B 424 39.99 -20.70 22.47
N LEU B 425 39.51 -21.88 22.04
CA LEU B 425 40.41 -23.00 21.78
C LEU B 425 41.42 -22.65 20.69
N ASN B 426 41.02 -21.85 19.71
CA ASN B 426 41.95 -21.43 18.66
C ASN B 426 43.02 -20.51 19.23
N SER B 427 42.69 -19.73 20.25
CA SER B 427 43.65 -18.79 20.81
C SER B 427 44.78 -19.51 21.55
N GLU B 428 44.50 -20.69 22.12
CA GLU B 428 45.52 -21.42 22.83
C GLU B 428 45.96 -22.68 22.10
N LEU B 429 45.73 -22.72 20.79
CA LEU B 429 46.14 -23.86 19.96
C LEU B 429 45.63 -25.16 20.56
N GLY B 430 44.41 -25.14 21.07
CA GLY B 430 43.82 -26.29 21.71
C GLY B 430 42.53 -26.76 21.08
N PHE B 431 42.46 -26.74 19.75
CA PHE B 431 41.32 -27.32 19.05
C PHE B 431 41.39 -28.84 19.01
N ALA B 432 42.59 -29.41 19.17
CA ALA B 432 42.74 -30.86 19.13
C ALA B 432 42.01 -31.55 20.27
N GLN B 433 41.75 -30.84 21.38
CA GLN B 433 40.94 -31.42 22.45
C GLN B 433 39.59 -31.90 21.94
N LEU B 434 39.04 -31.20 20.93
CA LEU B 434 37.75 -31.59 20.37
C LEU B 434 37.81 -32.99 19.73
N LEU B 435 38.99 -33.41 19.30
CA LEU B 435 39.17 -34.70 18.65
C LEU B 435 39.44 -35.83 19.64
N ASP B 436 39.48 -35.52 20.94
CA ASP B 436 39.76 -36.52 21.97
C ASP B 436 38.47 -37.27 22.32
N ASN B 437 38.48 -38.58 22.11
CA ASN B 437 37.32 -39.40 22.47
C ASN B 437 37.37 -39.91 23.89
N SER B 438 38.40 -39.53 24.66
CA SER B 438 38.60 -40.01 26.02
C SER B 438 37.51 -39.48 26.95
N ALA B 439 37.56 -39.97 28.20
CA ALA B 439 36.66 -39.49 29.24
C ALA B 439 37.07 -38.12 29.77
N SER B 440 38.34 -37.74 29.64
CA SER B 440 38.78 -36.44 30.14
C SER B 440 38.27 -35.29 29.28
N ALA B 441 37.84 -35.57 28.05
CA ALA B 441 37.32 -34.54 27.15
C ALA B 441 35.82 -34.65 26.95
N LYS B 442 35.15 -35.61 27.60
CA LYS B 442 33.71 -35.75 27.44
C LYS B 442 32.96 -34.51 27.91
N SER B 443 33.39 -33.92 29.03
CA SER B 443 32.73 -32.72 29.53
C SER B 443 32.75 -31.60 28.50
N LEU B 444 33.87 -31.47 27.78
CA LEU B 444 34.02 -30.39 26.81
C LEU B 444 33.22 -30.67 25.55
N ARG B 445 33.26 -31.92 25.07
CA ARG B 445 32.45 -32.27 23.89
C ARG B 445 30.96 -32.15 24.20
N GLU B 446 30.56 -32.54 25.41
CA GLU B 446 29.16 -32.43 25.79
C GLU B 446 28.73 -30.98 25.95
N GLY B 447 29.64 -30.10 26.32
CA GLY B 447 29.28 -28.70 26.46
C GLY B 447 28.86 -28.08 25.14
N ILE B 448 29.52 -28.46 24.05
CA ILE B 448 29.19 -27.92 22.74
C ILE B 448 27.94 -28.59 22.16
N PHE B 449 27.83 -29.91 22.33
CA PHE B 449 26.70 -30.64 21.75
C PHE B 449 25.37 -30.20 22.36
N ASN B 450 25.36 -29.91 23.65
CA ASN B 450 24.11 -29.56 24.33
C ASN B 450 23.53 -28.22 23.89
N GLN B 451 24.32 -27.38 23.21
CA GLN B 451 23.78 -26.12 22.70
C GLN B 451 23.01 -26.30 21.39
N PHE B 452 23.12 -27.46 20.75
CA PHE B 452 22.49 -27.66 19.47
C PHE B 452 21.05 -28.13 19.62
N ARG B 453 20.27 -27.87 18.58
CA ARG B 453 18.86 -28.22 18.56
C ARG B 453 18.68 -29.68 18.19
N ASN B 454 17.79 -30.35 18.92
CA ASN B 454 17.51 -31.76 18.65
C ASN B 454 16.45 -31.87 17.56
N PRO B 455 16.75 -32.50 16.42
CA PRO B 455 15.74 -32.63 15.36
C PRO B 455 14.57 -33.53 15.72
N LEU B 456 14.59 -34.19 16.88
CA LEU B 456 13.38 -34.81 17.38
C LEU B 456 12.32 -33.78 17.71
N PHE B 457 12.72 -32.52 17.91
CA PHE B 457 11.82 -31.41 18.23
C PHE B 457 10.97 -31.73 19.46
N ASP B 458 11.48 -32.61 20.33
CA ASP B 458 10.80 -33.01 21.55
C ASP B 458 11.41 -32.38 22.81
N GLN B 459 12.37 -31.48 22.65
CA GLN B 459 12.95 -30.72 23.76
C GLN B 459 12.35 -29.33 23.82
N ASP B 460 12.50 -28.69 24.98
CA ASP B 460 12.09 -27.31 25.20
C ASP B 460 10.63 -27.10 24.82
N ILE B 461 9.78 -28.02 25.26
CA ILE B 461 8.36 -27.97 24.97
C ILE B 461 7.58 -28.22 26.24
N ASP B 462 6.35 -27.72 26.27
CA ASP B 462 5.36 -28.07 27.27
C ASP B 462 4.16 -28.68 26.53
N VAL B 463 3.87 -29.94 26.82
CA VAL B 463 2.79 -30.65 26.13
C VAL B 463 1.45 -30.11 26.62
N ASP B 464 0.69 -29.52 25.72
CA ASP B 464 -0.61 -28.96 26.05
C ASP B 464 -1.67 -30.05 26.08
N ASP B 465 -2.59 -29.94 27.05
CA ASP B 465 -3.82 -30.72 27.13
C ASP B 465 -3.61 -32.18 26.72
N PRO B 466 -2.77 -32.94 27.43
CA PRO B 466 -2.53 -34.31 26.95
C PRO B 466 -3.65 -35.27 27.34
N GLU B 472 -0.93 -30.79 22.03
N GLU B 472 -0.41 -31.68 21.67
CA GLU B 472 0.12 -30.27 21.15
CA GLU B 472 0.14 -30.40 21.21
C GLU B 472 1.40 -29.97 21.94
C GLU B 472 1.42 -30.06 21.96
N TRP B 473 2.50 -29.85 21.21
CA TRP B 473 3.81 -29.52 21.79
C TRP B 473 4.07 -28.02 21.62
N VAL B 474 4.04 -27.29 22.72
CA VAL B 474 4.27 -25.84 22.71
C VAL B 474 5.68 -25.56 23.20
N SER B 475 6.51 -24.99 22.34
CA SER B 475 7.88 -24.64 22.71
C SER B 475 7.87 -23.66 23.88
N ASN B 476 8.77 -23.89 24.84
CA ASN B 476 8.96 -22.97 25.96
C ASN B 476 10.26 -22.17 25.82
N SER B 477 10.87 -22.18 24.65
CA SER B 477 11.98 -21.29 24.35
C SER B 477 11.46 -20.13 23.47
N ARG B 478 12.37 -19.40 22.84
CA ARG B 478 11.98 -18.21 22.08
C ARG B 478 11.24 -18.61 20.81
N ILE B 479 10.14 -17.92 20.52
CA ILE B 479 9.35 -18.18 19.34
C ILE B 479 9.62 -17.10 18.31
N ILE B 480 9.15 -17.32 17.08
CA ILE B 480 9.20 -16.32 16.02
C ILE B 480 7.77 -15.88 15.74
N PRO B 481 7.36 -14.70 16.21
CA PRO B 481 5.95 -14.33 16.09
C PRO B 481 5.49 -14.18 14.64
N SER B 482 4.18 -14.28 14.47
CA SER B 482 3.54 -13.81 13.25
C SER B 482 3.61 -12.28 13.17
N LYS B 483 3.56 -11.77 11.94
CA LYS B 483 3.42 -10.32 11.76
C LYS B 483 2.02 -9.86 12.15
N ASP B 484 1.02 -10.73 12.06
CA ASP B 484 -0.31 -10.46 12.62
C ASP B 484 -0.20 -10.47 14.14
N GLU B 485 -0.23 -9.29 14.73
N GLU B 485 -0.21 -9.29 14.74
CA GLU B 485 0.08 -9.07 16.13
CA GLU B 485 0.15 -9.16 16.15
C GLU B 485 -1.15 -9.26 17.01
C GLU B 485 -1.09 -9.12 17.05
N THR B 486 -0.90 -9.57 18.28
CA THR B 486 -1.94 -9.60 19.31
C THR B 486 -1.36 -8.96 20.55
N ASN B 487 -1.99 -7.87 21.01
CA ASN B 487 -1.44 -7.12 22.14
C ASN B 487 -1.82 -7.80 23.46
N ILE B 488 -1.30 -9.02 23.61
CA ILE B 488 -1.37 -9.80 24.84
C ILE B 488 0.04 -10.33 25.09
N ALA B 489 0.53 -10.17 26.33
CA ALA B 489 1.94 -10.36 26.59
C ALA B 489 2.39 -11.79 26.29
N ALA B 490 3.54 -11.90 25.64
CA ALA B 490 4.08 -13.21 25.29
C ALA B 490 4.40 -14.01 26.55
N LYS B 491 4.17 -15.31 26.47
CA LYS B 491 4.58 -16.19 27.55
C LYS B 491 6.10 -16.18 27.64
N PRO B 492 6.67 -15.90 28.82
CA PRO B 492 8.13 -15.84 28.93
C PRO B 492 8.76 -17.21 28.67
N ALA B 493 9.75 -17.22 27.79
CA ALA B 493 10.52 -18.43 27.54
C ALA B 493 11.24 -18.88 28.81
N THR B 494 11.35 -20.19 28.99
CA THR B 494 12.06 -20.76 30.13
C THR B 494 13.24 -21.63 29.73
N SER B 495 13.51 -21.78 28.44
CA SER B 495 14.63 -22.58 27.95
C SER B 495 15.41 -21.77 26.92
N SER B 496 16.72 -21.98 26.91
CA SER B 496 17.58 -21.21 26.03
C SER B 496 17.29 -21.56 24.57
N LEU B 497 17.61 -20.62 23.68
CA LEU B 497 17.47 -20.84 22.25
C LEU B 497 18.63 -21.70 21.76
N LYS B 498 18.31 -22.89 21.27
CA LYS B 498 19.35 -23.80 20.81
C LYS B 498 19.79 -23.43 19.40
N LEU B 499 20.84 -24.02 18.99
CA LEU B 499 21.55 -23.67 17.77
C LEU B 499 21.15 -24.58 16.61
N PRO B 500 21.25 -24.10 15.36
CA PRO B 500 21.63 -22.72 15.04
C PRO B 500 20.43 -21.78 15.08
N PHE B 501 20.70 -20.48 15.07
CA PHE B 501 19.66 -19.47 15.22
C PHE B 501 18.97 -19.16 13.88
N TYR B 502 18.51 -20.19 13.17
CA TYR B 502 17.88 -19.99 11.88
C TYR B 502 16.42 -20.46 11.91
N PRO B 503 15.55 -19.85 11.09
CA PRO B 503 14.18 -20.36 10.96
C PRO B 503 14.15 -21.66 10.16
N ASN B 504 12.97 -22.29 10.14
CA ASN B 504 12.84 -23.65 9.63
C ASN B 504 11.47 -23.84 8.98
N ASP B 505 11.14 -25.09 8.65
CA ASP B 505 9.95 -25.39 7.86
C ASP B 505 8.67 -24.99 8.56
N GLY B 506 8.66 -24.98 9.89
CA GLY B 506 7.46 -24.65 10.64
C GLY B 506 7.39 -23.20 11.07
N ILE B 507 8.05 -22.33 10.32
CA ILE B 507 8.10 -20.91 10.67
C ILE B 507 6.69 -20.34 10.83
N ASP B 508 5.72 -20.87 10.08
CA ASP B 508 4.38 -20.29 10.06
C ASP B 508 3.62 -20.47 11.36
N TYR B 509 4.14 -21.23 12.31
CA TYR B 509 3.40 -21.66 13.49
C TYR B 509 4.10 -21.21 14.77
N PRO B 510 3.73 -20.07 15.32
CA PRO B 510 4.34 -19.61 16.58
C PRO B 510 4.16 -20.62 17.69
N GLY B 511 5.28 -20.99 18.33
CA GLY B 511 5.29 -21.95 19.41
C GLY B 511 5.62 -23.37 18.98
N SER B 512 5.77 -23.62 17.70
CA SER B 512 6.15 -24.96 17.28
C SER B 512 7.67 -25.06 17.29
N PRO B 513 8.23 -26.14 17.85
CA PRO B 513 9.70 -26.27 17.86
C PRO B 513 10.30 -26.34 16.46
N VAL B 514 9.48 -26.59 15.43
CA VAL B 514 9.95 -26.58 14.05
C VAL B 514 9.97 -25.18 13.45
N GLN B 515 9.68 -24.14 14.23
CA GLN B 515 9.97 -22.78 13.78
C GLN B 515 11.45 -22.59 13.54
N TRP B 516 12.29 -23.32 14.28
CA TRP B 516 13.73 -23.13 14.30
C TRP B 516 14.44 -24.34 13.69
N PHE B 517 15.55 -24.07 13.02
CA PHE B 517 16.26 -25.10 12.28
C PHE B 517 17.07 -25.99 13.20
N ALA B 518 17.06 -27.28 12.91
CA ALA B 518 17.91 -28.26 13.59
C ALA B 518 18.70 -29.02 12.52
N ILE B 519 19.92 -29.38 12.87
CA ILE B 519 20.63 -30.26 11.93
C ILE B 519 19.88 -31.58 11.85
N PRO B 520 19.82 -32.23 10.69
CA PRO B 520 18.87 -33.36 10.51
C PRO B 520 19.25 -34.53 11.39
N PRO B 521 18.31 -35.46 11.63
CA PRO B 521 18.57 -36.58 12.56
C PRO B 521 19.90 -37.29 12.39
N PHE B 522 20.32 -37.60 11.17
CA PHE B 522 21.54 -38.37 11.00
C PHE B 522 22.77 -37.54 11.31
N MET B 523 22.74 -36.23 11.01
N MET B 523 22.73 -36.23 11.04
CA MET B 523 23.82 -35.35 11.43
CA MET B 523 23.86 -35.38 11.44
C MET B 523 23.84 -35.18 12.94
C MET B 523 23.84 -35.12 12.94
N TYR B 524 22.67 -35.03 13.55
CA TYR B 524 22.60 -34.93 15.00
C TYR B 524 23.08 -36.20 15.68
N GLN B 525 22.83 -37.35 15.05
CA GLN B 525 23.32 -38.61 15.60
C GLN B 525 24.84 -38.62 15.66
N HIS B 526 25.48 -38.18 14.57
CA HIS B 526 26.93 -38.01 14.57
C HIS B 526 27.38 -37.17 15.76
N LEU B 527 26.79 -35.98 15.91
CA LEU B 527 27.14 -35.10 17.01
C LEU B 527 26.90 -35.77 18.36
N GLN B 528 25.85 -36.57 18.47
N GLN B 528 25.85 -36.59 18.46
CA GLN B 528 25.58 -37.28 19.72
CA GLN B 528 25.55 -37.29 19.70
C GLN B 528 26.63 -38.34 20.01
C GLN B 528 26.61 -38.35 20.00
N ASN B 529 27.10 -39.04 18.97
CA ASN B 529 28.13 -40.05 19.17
C ASN B 529 29.46 -39.38 19.52
N TRP B 530 29.74 -38.23 18.91
CA TRP B 530 30.91 -37.45 19.28
C TRP B 530 30.80 -36.97 20.72
N ALA B 531 29.59 -36.62 21.15
CA ALA B 531 29.40 -36.20 22.55
C ALA B 531 29.73 -37.33 23.51
N ALA B 532 29.18 -38.52 23.26
CA ALA B 532 29.36 -39.67 24.14
C ALA B 532 30.72 -40.34 24.01
N GLY B 533 31.53 -39.95 23.03
CA GLY B 533 32.83 -40.55 22.82
C GLY B 533 32.87 -41.64 21.76
N ASP B 534 31.71 -42.10 21.28
CA ASP B 534 31.65 -43.16 20.29
C ASP B 534 32.09 -42.67 18.92
N PHE B 535 33.34 -42.20 18.81
CA PHE B 535 33.85 -41.75 17.53
C PHE B 535 35.33 -42.07 17.43
N SER B 536 35.80 -42.19 16.20
CA SER B 536 37.19 -42.48 15.89
C SER B 536 37.81 -41.30 15.15
N VAL B 537 39.13 -41.19 15.27
CA VAL B 537 39.90 -40.19 14.54
C VAL B 537 41.33 -40.69 14.44
N THR B 538 41.96 -40.41 13.30
CA THR B 538 43.33 -40.87 13.09
C THR B 538 44.31 -39.88 13.69
N GLN B 539 45.49 -40.40 14.07
CA GLN B 539 46.48 -39.58 14.74
C GLN B 539 46.93 -38.41 13.87
N VAL B 540 47.03 -38.62 12.55
CA VAL B 540 47.42 -37.55 11.65
C VAL B 540 46.46 -36.37 11.74
N GLU B 541 45.19 -36.63 12.04
CA GLU B 541 44.22 -35.56 12.14
C GLU B 541 44.43 -34.73 13.40
N LYS B 542 44.74 -35.40 14.52
CA LYS B 542 45.09 -34.67 15.73
C LYS B 542 46.37 -33.85 15.55
N GLU B 543 47.21 -34.21 14.58
CA GLU B 543 48.46 -33.51 14.34
C GLU B 543 48.29 -32.28 13.46
N SER B 544 47.08 -32.02 12.96
CA SER B 544 46.78 -30.81 12.22
C SER B 544 45.55 -30.12 12.79
N ALA B 545 45.32 -30.25 14.09
CA ALA B 545 44.09 -29.79 14.73
C ALA B 545 44.36 -28.79 15.85
N ASN B 546 45.40 -27.97 15.72
CA ASN B 546 45.64 -26.94 16.72
C ASN B 546 44.58 -25.85 16.65
N THR B 547 44.15 -25.49 15.44
CA THR B 547 43.05 -24.55 15.23
C THR B 547 42.04 -25.20 14.28
N ILE B 548 40.85 -24.58 14.21
CA ILE B 548 39.85 -25.08 13.26
C ILE B 548 40.32 -24.86 11.84
N GLU B 549 41.11 -23.82 11.60
CA GLU B 549 41.56 -23.53 10.24
C GLU B 549 42.58 -24.55 9.76
N GLU B 550 43.51 -24.93 10.62
CA GLU B 550 44.51 -25.93 10.24
C GLU B 550 43.85 -27.25 9.89
N LEU B 551 42.93 -27.72 10.75
CA LEU B 551 42.22 -28.96 10.45
C LEU B 551 41.35 -28.81 9.21
N GLY B 552 40.79 -27.62 8.99
CA GLY B 552 40.00 -27.38 7.79
C GLY B 552 40.85 -27.46 6.52
N LEU B 553 42.08 -26.95 6.58
CA LEU B 553 42.97 -27.08 5.43
C LEU B 553 43.41 -28.51 5.21
N PHE B 554 43.58 -29.27 6.30
CA PHE B 554 43.94 -30.68 6.18
C PHE B 554 42.85 -31.46 5.45
N TYR B 555 41.62 -31.39 5.97
CA TYR B 555 40.51 -32.10 5.34
C TYR B 555 40.32 -31.68 3.88
N SER B 556 40.58 -30.40 3.59
CA SER B 556 40.45 -29.93 2.21
C SER B 556 41.43 -30.65 1.29
N GLU B 557 42.63 -30.96 1.80
CA GLU B 557 43.60 -31.72 1.01
C GLU B 557 43.19 -33.18 0.87
N GLN B 558 42.50 -33.71 1.88
CA GLN B 558 41.91 -35.05 1.75
C GLN B 558 40.97 -35.11 0.56
N PHE B 559 40.10 -34.10 0.42
CA PHE B 559 39.24 -34.02 -0.76
C PHE B 559 40.07 -33.88 -2.02
N LYS B 560 41.06 -32.99 -2.00
CA LYS B 560 41.81 -32.67 -3.21
C LYS B 560 42.57 -33.87 -3.76
N ASN B 561 42.97 -34.81 -2.90
CA ASN B 561 43.79 -35.93 -3.33
C ASN B 561 43.05 -37.27 -3.26
N SER B 562 41.74 -37.26 -3.05
CA SER B 562 40.97 -38.49 -3.13
C SER B 562 40.81 -38.88 -4.60
N PRO B 563 40.84 -40.17 -4.93
CA PRO B 563 40.90 -40.56 -6.35
C PRO B 563 39.56 -40.57 -7.08
N ASN B 564 38.46 -40.78 -6.36
N ASN B 564 38.47 -40.73 -6.34
CA ASN B 564 37.16 -40.96 -7.00
CA ASN B 564 37.14 -40.90 -6.91
C ASN B 564 36.70 -39.63 -7.58
C ASN B 564 36.71 -39.58 -7.56
N SER B 565 37.20 -39.34 -8.78
CA SER B 565 36.91 -38.07 -9.44
C SER B 565 35.42 -37.90 -9.72
N ALA B 566 34.72 -38.99 -10.05
CA ALA B 566 33.32 -38.88 -10.41
C ALA B 566 32.45 -38.55 -9.19
N LEU B 567 32.58 -39.34 -8.12
CA LEU B 567 31.74 -39.12 -6.95
C LEU B 567 32.07 -37.81 -6.24
N LEU B 568 33.32 -37.35 -6.35
CA LEU B 568 33.65 -36.02 -5.81
C LEU B 568 32.92 -34.93 -6.58
N CYS B 569 32.95 -35.00 -7.91
CA CYS B 569 32.20 -34.07 -8.74
C CYS B 569 30.69 -34.22 -8.50
N ALA B 570 30.25 -35.43 -8.15
CA ALA B 570 28.84 -35.63 -7.81
C ALA B 570 28.47 -34.91 -6.53
N ARG B 571 29.33 -35.00 -5.51
CA ARG B 571 29.07 -34.32 -4.25
C ARG B 571 29.28 -32.81 -4.36
N GLY B 572 30.23 -32.39 -5.19
CA GLY B 572 30.55 -30.97 -5.28
C GLY B 572 29.42 -30.15 -5.87
N ALA B 573 28.68 -30.73 -6.83
CA ALA B 573 27.55 -30.02 -7.43
C ALA B 573 26.48 -29.68 -6.40
N LEU B 574 26.41 -30.44 -5.30
CA LEU B 574 25.35 -30.29 -4.32
C LEU B 574 25.83 -29.77 -2.97
N ASP B 575 27.14 -29.76 -2.71
CA ASP B 575 27.63 -29.34 -1.41
C ASP B 575 27.55 -27.83 -1.20
N ALA B 576 27.34 -27.05 -2.27
CA ALA B 576 27.15 -25.62 -2.12
C ALA B 576 25.69 -25.23 -1.93
N LEU B 577 24.76 -26.12 -2.28
CA LEU B 577 23.33 -25.85 -2.19
C LEU B 577 22.85 -26.00 -0.74
N TYR B 578 21.75 -25.32 -0.45
CA TYR B 578 21.16 -25.39 0.89
C TYR B 578 20.37 -26.67 1.06
N GLY B 579 20.13 -27.03 2.32
CA GLY B 579 19.41 -28.25 2.64
C GLY B 579 18.57 -28.04 3.88
N GLY B 580 17.81 -26.96 3.89
CA GLY B 580 17.01 -26.59 5.04
C GLY B 580 17.41 -25.23 5.57
N GLY B 581 16.45 -24.44 6.03
CA GLY B 581 15.05 -24.80 6.00
C GLY B 581 14.42 -24.66 4.63
N PHE B 582 13.26 -25.28 4.45
CA PHE B 582 12.62 -25.39 3.14
C PHE B 582 11.32 -24.58 3.19
N HIS B 583 11.42 -23.29 2.92
CA HIS B 583 10.22 -22.45 2.92
C HIS B 583 10.22 -21.40 1.82
N PRO B 584 10.45 -21.75 0.55
CA PRO B 584 10.79 -23.05 -0.05
C PRO B 584 12.29 -23.37 0.03
N GLY B 585 13.10 -22.33 0.25
CA GLY B 585 14.54 -22.47 0.20
C GLY B 585 15.13 -21.56 -0.86
N VAL B 586 16.38 -21.84 -1.26
CA VAL B 586 17.07 -21.00 -2.23
C VAL B 586 17.03 -21.63 -3.61
N GLU B 587 17.51 -22.87 -3.71
CA GLU B 587 17.67 -23.55 -4.99
C GLU B 587 16.64 -24.65 -5.20
N LEU B 588 16.68 -25.70 -4.38
CA LEU B 588 15.70 -26.78 -4.42
C LEU B 588 15.04 -26.90 -3.05
N THR B 589 14.05 -27.79 -2.96
CA THR B 589 13.28 -27.84 -1.72
C THR B 589 12.96 -29.26 -1.25
N TRP B 590 11.83 -29.41 -0.58
CA TRP B 590 11.59 -30.60 0.23
C TRP B 590 11.48 -31.92 -0.54
N PRO B 591 11.08 -31.99 -1.82
CA PRO B 591 11.08 -33.30 -2.48
C PRO B 591 12.46 -33.97 -2.51
N MET B 592 13.52 -33.16 -2.47
CA MET B 592 14.87 -33.68 -2.55
C MET B 592 15.33 -34.41 -1.30
N ARG B 593 14.64 -34.25 -0.18
CA ARG B 593 15.03 -34.93 1.06
C ARG B 593 14.28 -36.24 1.28
N HIS B 594 13.71 -36.81 0.21
CA HIS B 594 12.99 -38.08 0.27
C HIS B 594 13.67 -39.07 -0.65
N ASN B 595 13.99 -40.25 -0.11
CA ASN B 595 14.61 -41.30 -0.92
C ASN B 595 13.74 -41.68 -2.11
N LEU B 596 12.42 -41.45 -2.01
CA LEU B 596 11.51 -41.76 -3.09
C LEU B 596 11.82 -41.03 -4.38
N ILE B 597 12.57 -39.92 -4.32
CA ILE B 597 12.85 -39.16 -5.54
C ILE B 597 14.08 -39.67 -6.28
N TYR B 598 14.87 -40.55 -5.68
CA TYR B 598 16.04 -41.10 -6.33
C TYR B 598 15.76 -42.53 -6.78
N SER B 599 16.34 -42.91 -7.92
CA SER B 599 16.25 -44.28 -8.37
C SER B 599 17.31 -45.16 -7.72
N GLN B 600 18.43 -44.58 -7.32
CA GLN B 600 19.52 -45.30 -6.68
C GLN B 600 20.20 -44.33 -5.73
N ASN B 601 20.48 -44.78 -4.50
CA ASN B 601 21.09 -43.91 -3.50
C ASN B 601 21.77 -44.80 -2.45
N ASP B 602 23.05 -45.08 -2.66
CA ASP B 602 23.80 -45.99 -1.80
C ASP B 602 25.12 -45.38 -1.38
N TYR B 603 25.50 -45.62 -0.13
CA TYR B 603 26.87 -45.39 0.30
C TYR B 603 27.82 -46.27 -0.51
N VAL B 604 28.99 -45.73 -0.84
CA VAL B 604 29.99 -46.43 -1.62
C VAL B 604 31.37 -46.39 -0.95
N SER B 605 31.80 -45.22 -0.50
CA SER B 605 33.15 -45.11 0.01
C SER B 605 33.32 -43.91 0.91
N SER B 606 34.38 -43.95 1.72
N SER B 606 34.38 -43.95 1.72
CA SER B 606 34.81 -42.78 2.47
CA SER B 606 34.81 -42.78 2.47
C SER B 606 35.60 -41.85 1.55
C SER B 606 35.59 -41.84 1.54
N VAL B 607 35.87 -40.64 2.05
CA VAL B 607 36.64 -39.68 1.24
C VAL B 607 38.05 -40.19 1.04
N THR B 608 38.74 -40.52 2.13
CA THR B 608 39.99 -41.25 2.10
C THR B 608 39.82 -42.54 2.89
N PRO B 609 40.64 -43.57 2.63
CA PRO B 609 40.45 -44.86 3.31
C PRO B 609 40.36 -44.78 4.83
N GLU B 610 40.90 -43.72 5.42
CA GLU B 610 40.86 -43.53 6.87
C GLU B 610 39.89 -42.45 7.33
N ILE B 611 39.47 -41.55 6.45
CA ILE B 611 38.71 -40.36 6.84
C ILE B 611 37.40 -40.35 6.07
N ASN B 612 36.28 -40.40 6.79
CA ASN B 612 34.97 -40.51 6.15
C ASN B 612 34.53 -39.18 5.54
N LEU B 613 34.48 -38.12 6.35
CA LEU B 613 34.02 -36.80 5.94
C LEU B 613 32.64 -36.88 5.28
N LEU B 614 31.74 -37.61 5.95
CA LEU B 614 30.34 -37.79 5.55
C LEU B 614 30.22 -38.70 4.33
N GLY B 615 31.30 -38.95 3.63
CA GLY B 615 31.36 -40.01 2.64
C GLY B 615 31.01 -39.54 1.24
N LEU B 616 31.03 -40.53 0.34
CA LEU B 616 30.73 -40.35 -1.08
C LEU B 616 29.67 -41.34 -1.49
N ARG B 617 28.67 -40.89 -2.24
CA ARG B 617 27.56 -41.72 -2.65
C ARG B 617 27.39 -41.66 -4.17
N GLU B 618 26.77 -42.70 -4.70
CA GLU B 618 26.38 -42.76 -6.10
C GLU B 618 24.85 -42.71 -6.14
N PHE B 619 24.32 -41.56 -6.55
CA PHE B 619 22.88 -41.32 -6.51
C PHE B 619 22.42 -40.84 -7.88
N ARG B 620 21.23 -41.27 -8.28
CA ARG B 620 20.59 -40.78 -9.49
C ARG B 620 19.13 -40.47 -9.19
N LEU B 621 18.63 -39.38 -9.77
CA LEU B 621 17.23 -39.05 -9.61
C LEU B 621 16.36 -40.00 -10.45
N LYS B 622 15.14 -40.22 -9.97
CA LYS B 622 14.15 -40.89 -10.80
C LYS B 622 13.82 -40.01 -12.00
N GLN B 623 13.67 -40.64 -13.16
CA GLN B 623 13.49 -39.90 -14.39
C GLN B 623 12.39 -40.52 -15.25
N ASP B 624 11.57 -39.66 -15.85
CA ASP B 624 10.65 -40.04 -16.91
C ASP B 624 11.43 -40.05 -18.22
N LEU B 625 11.66 -41.23 -18.78
CA LEU B 625 12.56 -41.35 -19.92
C LEU B 625 12.02 -40.72 -21.19
N GLN B 626 10.74 -40.31 -21.21
CA GLN B 626 10.21 -39.57 -22.35
C GLN B 626 10.49 -38.07 -22.26
N GLY B 627 10.77 -37.55 -21.06
CA GLY B 627 11.12 -36.16 -20.90
C GLY B 627 10.03 -35.17 -21.23
N LEU B 628 10.30 -34.28 -22.21
CA LEU B 628 9.31 -33.27 -22.58
C LEU B 628 8.06 -33.89 -23.17
N ASN B 629 8.19 -35.04 -23.84
CA ASN B 629 7.07 -35.72 -24.46
C ASN B 629 6.37 -36.70 -23.52
N SER B 630 6.73 -36.69 -22.25
CA SER B 630 6.06 -37.51 -21.25
C SER B 630 4.55 -37.22 -21.25
N PRO B 631 3.73 -38.24 -21.00
CA PRO B 631 2.30 -37.99 -20.79
C PRO B 631 1.99 -37.36 -19.44
N ASN B 632 2.95 -37.35 -18.52
CA ASN B 632 2.80 -36.71 -17.22
C ASN B 632 3.51 -35.36 -17.17
N MET B 633 3.94 -34.84 -18.33
CA MET B 633 4.62 -33.55 -18.36
C MET B 633 3.75 -32.45 -17.76
N TYR B 634 2.45 -32.50 -18.01
CA TYR B 634 1.53 -31.46 -17.57
C TYR B 634 0.54 -31.94 -16.52
N GLN B 635 0.96 -32.91 -15.70
CA GLN B 635 0.10 -33.45 -14.67
C GLN B 635 -0.07 -32.46 -13.53
N ASP B 636 -1.23 -32.50 -12.88
CA ASP B 636 -1.42 -31.80 -11.62
C ASP B 636 -2.47 -32.54 -10.81
N PHE B 637 -2.97 -31.89 -9.76
CA PHE B 637 -3.87 -32.50 -8.80
C PHE B 637 -5.18 -31.74 -8.67
N GLY B 638 -5.55 -30.94 -9.66
CA GLY B 638 -6.78 -30.17 -9.61
C GLY B 638 -6.62 -28.79 -9.00
N HIS B 639 -7.68 -28.32 -8.33
CA HIS B 639 -7.71 -26.93 -7.87
C HIS B 639 -6.70 -26.66 -6.76
N VAL B 640 -6.43 -27.65 -5.90
CA VAL B 640 -5.42 -27.52 -4.86
C VAL B 640 -4.54 -28.76 -4.87
N ILE B 641 -3.37 -28.62 -4.24
CA ILE B 641 -2.54 -29.75 -3.86
C ILE B 641 -2.49 -29.81 -2.34
N ALA B 642 -2.38 -31.01 -1.80
CA ALA B 642 -2.34 -31.21 -0.37
C ALA B 642 -1.51 -32.45 -0.06
N VAL B 643 -1.27 -32.69 1.23
CA VAL B 643 -0.46 -33.82 1.64
C VAL B 643 -1.12 -35.13 1.23
N ASP B 644 -2.45 -35.16 1.15
CA ASP B 644 -3.15 -36.34 0.64
C ASP B 644 -2.63 -36.73 -0.74
N ASN B 645 -2.36 -35.75 -1.59
CA ASN B 645 -1.75 -36.05 -2.88
C ASN B 645 -0.37 -36.66 -2.70
N VAL B 646 0.40 -36.15 -1.73
CA VAL B 646 1.74 -36.68 -1.49
C VAL B 646 1.65 -38.10 -0.91
N THR B 647 0.76 -38.28 0.08
CA THR B 647 0.52 -39.61 0.64
C THR B 647 0.20 -40.62 -0.46
N ALA B 648 -0.69 -40.25 -1.38
CA ALA B 648 -1.08 -41.15 -2.45
C ALA B 648 0.02 -41.38 -3.47
N SER B 649 1.07 -40.55 -3.47
CA SER B 649 2.15 -40.68 -4.44
C SER B 649 3.26 -41.63 -3.98
N ILE B 650 3.22 -42.08 -2.72
CA ILE B 650 4.23 -43.02 -2.25
C ILE B 650 4.09 -44.36 -2.96
N ASP B 651 2.86 -44.86 -3.06
CA ASP B 651 2.55 -46.06 -3.84
C ASP B 651 2.97 -45.85 -5.29
N PRO B 652 3.99 -46.57 -5.77
CA PRO B 652 4.49 -46.34 -7.14
C PRO B 652 3.50 -46.73 -8.22
N ASN B 653 2.36 -47.33 -7.87
CA ASN B 653 1.36 -47.74 -8.85
C ASN B 653 0.13 -46.85 -8.84
N SER B 654 0.08 -45.83 -7.99
CA SER B 654 -1.06 -44.93 -7.94
C SER B 654 -1.00 -43.92 -9.08
N ASP B 655 -2.12 -43.22 -9.28
CA ASP B 655 -2.13 -42.17 -10.29
C ASP B 655 -1.35 -40.93 -9.85
N ALA B 656 -0.74 -40.95 -8.68
CA ALA B 656 0.03 -39.83 -8.17
C ALA B 656 1.53 -40.08 -8.16
N ALA B 657 1.98 -41.30 -8.43
CA ALA B 657 3.40 -41.64 -8.36
C ALA B 657 4.25 -40.85 -9.34
N TRP B 658 3.66 -40.20 -10.34
CA TRP B 658 4.41 -39.36 -11.26
C TRP B 658 5.12 -38.22 -10.54
N LEU B 659 4.68 -37.87 -9.33
CA LEU B 659 5.26 -36.75 -8.60
C LEU B 659 6.75 -36.93 -8.37
N TRP B 660 7.22 -38.18 -8.31
CA TRP B 660 8.62 -38.50 -8.03
C TRP B 660 9.41 -38.90 -9.28
N ARG B 661 8.73 -39.25 -10.37
CA ARG B 661 9.39 -39.57 -11.64
C ARG B 661 9.50 -38.27 -12.42
N SER B 662 10.59 -37.53 -12.17
CA SER B 662 10.69 -36.15 -12.65
C SER B 662 10.69 -36.08 -14.17
N THR B 663 9.98 -35.09 -14.68
CA THR B 663 10.09 -34.60 -16.05
C THR B 663 10.76 -33.25 -16.02
N PRO B 664 11.22 -32.75 -17.17
CA PRO B 664 11.83 -31.41 -17.20
C PRO B 664 10.91 -30.36 -16.58
N GLY B 665 11.46 -29.59 -15.65
CA GLY B 665 10.71 -28.58 -14.93
C GLY B 665 10.27 -28.98 -13.53
N ASP B 666 10.34 -30.27 -13.20
CA ASP B 666 9.73 -30.75 -11.96
C ASP B 666 10.53 -30.38 -10.72
N LEU B 667 11.85 -30.18 -10.85
CA LEU B 667 12.66 -29.88 -9.67
C LEU B 667 12.41 -28.45 -9.18
N THR B 668 12.43 -27.48 -10.09
CA THR B 668 12.36 -26.08 -9.70
C THR B 668 10.94 -25.52 -9.62
N LYS B 669 9.94 -26.30 -10.04
CA LYS B 669 8.57 -25.79 -10.08
C LYS B 669 8.06 -25.40 -8.70
N TRP B 670 8.62 -25.95 -7.63
CA TRP B 670 8.15 -25.60 -6.29
C TRP B 670 8.65 -24.25 -5.81
N MET B 671 9.77 -23.77 -6.34
CA MET B 671 10.40 -22.57 -5.80
C MET B 671 9.59 -21.32 -6.14
N GLY B 672 9.97 -20.21 -5.51
CA GLY B 672 9.22 -18.97 -5.67
C GLY B 672 9.41 -18.38 -7.06
N ILE B 673 8.34 -17.73 -7.54
CA ILE B 673 8.33 -17.13 -8.86
C ILE B 673 7.95 -15.66 -8.72
N PRO B 674 8.78 -14.71 -9.17
CA PRO B 674 10.15 -14.96 -9.66
C PRO B 674 11.08 -15.26 -8.50
N TRP B 675 12.25 -15.83 -8.78
CA TRP B 675 13.15 -16.23 -7.70
C TRP B 675 13.64 -15.02 -6.90
N GLN B 676 13.70 -13.85 -7.53
CA GLN B 676 14.14 -12.65 -6.80
C GLN B 676 13.26 -12.37 -5.59
N SER B 677 11.96 -12.69 -5.69
CA SER B 677 11.06 -12.45 -4.57
C SER B 677 11.41 -13.31 -3.37
N ASP B 678 11.84 -14.55 -3.61
CA ASP B 678 12.27 -15.40 -2.50
C ASP B 678 13.64 -14.95 -1.97
N ALA B 679 14.54 -14.56 -2.86
CA ALA B 679 15.84 -14.07 -2.43
C ALA B 679 15.69 -12.84 -1.52
N ALA B 680 14.90 -11.86 -1.95
CA ALA B 680 14.67 -10.68 -1.12
C ALA B 680 13.92 -11.02 0.15
N SER B 681 13.18 -12.13 0.15
CA SER B 681 12.50 -12.63 1.34
C SER B 681 13.39 -13.52 2.18
N CYS B 682 14.60 -13.81 1.71
CA CYS B 682 15.49 -14.76 2.36
C CYS B 682 16.56 -13.99 3.14
N GLN B 683 16.12 -13.35 4.22
CA GLN B 683 17.03 -12.57 5.05
C GLN B 683 16.71 -12.74 6.53
N ALA B 684 16.63 -11.63 7.25
CA ALA B 684 16.39 -11.69 8.68
C ALA B 684 14.91 -11.83 8.98
N VAL B 685 14.60 -12.53 10.08
CA VAL B 685 13.26 -12.64 10.60
C VAL B 685 13.35 -12.20 12.05
N TYR B 686 12.95 -10.96 12.34
CA TYR B 686 13.26 -10.34 13.62
C TYR B 686 12.27 -10.79 14.69
N THR B 687 12.79 -11.02 15.89
CA THR B 687 12.02 -11.30 17.08
C THR B 687 11.86 -10.05 17.90
N PRO B 688 10.95 -10.04 18.89
CA PRO B 688 10.94 -8.94 19.86
C PRO B 688 12.30 -8.71 20.50
N GLU B 689 12.94 -9.80 20.93
CA GLU B 689 14.29 -9.72 21.47
C GLU B 689 15.28 -9.51 20.34
N ASP B 690 16.22 -8.57 20.53
CA ASP B 690 17.02 -8.09 19.42
C ASP B 690 18.08 -9.09 18.97
N PHE B 691 18.62 -9.89 19.89
CA PHE B 691 19.73 -10.77 19.56
C PHE B 691 19.54 -12.15 20.16
N PRO B 692 19.91 -13.21 19.43
CA PRO B 692 20.48 -13.14 18.08
C PRO B 692 19.43 -12.88 17.00
N ILE B 693 19.86 -12.40 15.84
CA ILE B 693 18.96 -12.08 14.74
C ILE B 693 18.78 -13.33 13.90
N PRO B 694 17.58 -13.88 13.78
CA PRO B 694 17.37 -15.04 12.91
C PRO B 694 17.64 -14.70 11.45
N SER B 695 18.32 -15.62 10.77
N SER B 695 18.33 -15.61 10.77
CA SER B 695 18.66 -15.48 9.36
CA SER B 695 18.64 -15.47 9.36
C SER B 695 18.28 -16.76 8.63
C SER B 695 18.29 -16.75 8.63
N TRP B 696 17.71 -16.62 7.44
CA TRP B 696 17.19 -17.77 6.69
C TRP B 696 18.26 -18.66 6.07
N TNQ B 697 18.88 -18.17 5.00
CA TNQ B 697 19.89 -18.95 4.25
C TNQ B 697 21.14 -18.14 4.01
O TNQ B 697 21.55 -17.97 2.85
CB TNQ B 697 19.30 -19.44 2.93
CG TNQ B 697 17.99 -20.15 3.19
CD1 TNQ B 697 17.77 -21.42 3.71
CD2 TNQ B 697 16.64 -19.60 2.95
NE1 TNQ B 697 16.43 -21.69 3.79
CE2 TNQ B 697 15.70 -20.65 3.36
CE3 TNQ B 697 16.21 -18.39 2.43
CZ2 TNQ B 697 14.25 -20.35 3.21
CZ3 TNQ B 697 14.86 -18.10 2.30
CH2 TNQ B 697 13.87 -19.01 2.65
C1 TNQ B 697 10.76 -17.25 3.37
C2 TNQ B 697 12.13 -17.79 3.35
N1 TNQ B 697 12.53 -18.63 2.50
O2 TNQ B 697 9.85 -17.98 3.84
O3 TNQ B 697 10.55 -16.10 2.95
O7 TNQ B 697 13.31 -21.26 3.57
N ALA B 698 21.77 -17.67 5.08
CA ALA B 698 22.80 -16.64 4.98
C ALA B 698 24.08 -17.08 4.25
N ALA B 699 24.31 -18.40 4.17
CA ALA B 699 25.51 -18.87 3.48
C ALA B 699 25.49 -18.50 2.01
N ASN B 700 24.31 -18.55 1.38
CA ASN B 700 24.17 -18.23 -0.04
C ASN B 700 23.51 -16.89 -0.31
N LEU B 701 22.63 -16.44 0.59
CA LEU B 701 22.04 -15.10 0.53
C LEU B 701 22.38 -14.42 1.85
N PRO B 702 23.53 -13.76 1.93
CA PRO B 702 24.01 -13.26 3.22
C PRO B 702 23.08 -12.20 3.79
N VAL B 703 23.15 -12.04 5.11
CA VAL B 703 22.33 -11.09 5.84
C VAL B 703 23.17 -9.92 6.36
N HIS B 704 24.31 -10.21 6.97
CA HIS B 704 25.22 -9.18 7.47
C HIS B 704 26.60 -9.46 6.90
N VAL B 705 27.19 -8.47 6.24
CA VAL B 705 28.44 -8.69 5.52
C VAL B 705 29.46 -7.62 5.89
N LEU B 706 30.72 -7.93 5.59
CA LEU B 706 31.82 -7.01 5.72
C LEU B 706 32.08 -6.33 4.38
N PRO B 707 31.62 -5.09 4.20
CA PRO B 707 31.73 -4.46 2.88
C PRO B 707 33.17 -4.12 2.52
N LEU B 708 33.38 -3.93 1.21
CA LEU B 708 34.67 -3.51 0.72
C LEU B 708 35.13 -2.22 1.38
N ALA B 709 34.19 -1.30 1.63
CA ALA B 709 34.51 -0.02 2.27
C ALA B 709 35.23 -0.24 3.59
N ARG B 710 34.73 -1.17 4.42
CA ARG B 710 35.39 -1.46 5.68
C ARG B 710 36.75 -2.09 5.47
N TYR B 711 36.86 -2.97 4.46
CA TYR B 711 38.12 -3.66 4.21
C TYR B 711 39.22 -2.68 3.85
N ASN B 712 38.90 -1.63 3.09
CA ASN B 712 39.88 -0.62 2.77
C ASN B 712 40.28 0.22 3.98
N LYS B 713 39.58 0.08 5.10
CA LYS B 713 39.92 0.81 6.32
C LYS B 713 40.52 -0.11 7.38
N PHE B 714 40.88 -1.35 7.03
CA PHE B 714 41.67 -2.18 7.93
C PHE B 714 42.69 -3.06 7.22
N LYS B 715 42.74 -3.06 5.88
CA LYS B 715 43.62 -4.00 5.17
C LYS B 715 45.09 -3.64 5.33
N ASP B 716 45.40 -2.37 5.59
CA ASP B 716 46.77 -1.87 5.57
C ASP B 716 47.38 -1.85 6.97
N SER B 717 48.70 -2.03 7.02
N SER B 717 48.69 -2.03 7.03
CA SER B 717 49.45 -1.87 8.26
CA SER B 717 49.44 -1.87 8.26
C SER B 717 49.86 -0.42 8.43
C SER B 717 49.86 -0.42 8.43
N GLN B 718 50.23 -0.08 9.68
CA GLN B 718 50.61 1.30 9.97
C GLN B 718 51.88 1.71 9.25
N SER B 719 52.79 0.78 9.00
CA SER B 719 54.03 1.08 8.30
C SER B 719 53.88 1.13 6.78
N ALA B 720 52.69 0.85 6.25
CA ALA B 720 52.43 1.16 4.86
C ALA B 720 52.63 2.64 4.61
N ASP B 721 53.33 2.97 3.52
CA ASP B 721 53.66 4.34 3.18
C ASP B 721 53.09 4.63 1.79
N LEU B 722 51.80 4.59 1.72
CA LEU B 722 50.96 5.24 0.75
C LEU B 722 50.43 6.53 1.36
N PRO B 723 49.97 7.48 0.54
CA PRO B 723 49.40 8.71 1.13
C PRO B 723 48.15 8.44 1.94
N GLU B 724 47.42 7.37 1.63
CA GLU B 724 46.21 6.98 2.35
C GLU B 724 46.41 5.59 2.94
N ILE B 725 46.31 5.50 4.26
CA ILE B 725 46.48 4.25 4.99
C ILE B 725 45.19 4.01 5.76
N ASN B 726 44.43 2.98 5.35
CA ASN B 726 43.18 2.62 6.00
C ASN B 726 42.23 3.80 6.10
N GLY B 727 42.05 4.48 4.96
CA GLY B 727 41.17 5.64 4.89
C GLY B 727 41.73 6.91 5.49
N MET B 728 42.89 6.85 6.15
CA MET B 728 43.51 8.00 6.79
C MET B 728 44.63 8.56 5.93
N THR B 729 44.99 9.81 6.21
CA THR B 729 46.21 10.32 5.62
C THR B 729 47.41 9.62 6.25
N HIS B 730 48.55 9.70 5.55
CA HIS B 730 49.77 9.11 6.07
C HIS B 730 50.15 9.70 7.42
N SER B 731 50.04 11.02 7.56
CA SER B 731 50.48 11.69 8.78
C SER B 731 49.65 11.24 9.99
N ILE B 732 48.32 11.18 9.84
CA ILE B 732 47.45 10.78 10.94
C ILE B 732 47.60 9.30 11.24
N ALA B 733 47.85 8.49 10.21
CA ALA B 733 47.94 7.06 10.41
C ALA B 733 49.14 6.69 11.27
N GLN B 734 50.31 7.25 10.96
CA GLN B 734 51.52 6.93 11.69
C GLN B 734 51.73 7.80 12.92
N GLY B 735 51.01 8.91 13.04
CA GLY B 735 51.08 9.73 14.23
C GLY B 735 50.41 9.16 15.44
N MET B 736 49.56 8.15 15.26
CA MET B 736 48.86 7.55 16.39
C MET B 736 49.66 6.39 16.97
N SER B 737 49.38 6.10 18.24
CA SER B 737 49.77 4.82 18.85
C SER B 737 49.52 3.68 17.88
N GLU B 738 50.40 2.68 17.89
CA GLU B 738 50.12 1.50 17.09
C GLU B 738 49.05 0.65 17.76
N GLU B 739 48.95 0.72 19.09
CA GLU B 739 47.83 0.12 19.79
C GLU B 739 46.52 0.69 19.28
N THR B 740 46.41 2.02 19.26
CA THR B 740 45.16 2.60 18.77
C THR B 740 45.00 2.41 17.26
N PHE B 741 46.11 2.35 16.52
CA PHE B 741 45.99 2.10 15.08
C PHE B 741 45.34 0.76 14.81
N GLU B 742 45.77 -0.29 15.51
CA GLU B 742 45.17 -1.59 15.31
C GLU B 742 43.81 -1.72 15.98
N HIS B 743 43.53 -0.87 16.98
CA HIS B 743 42.17 -0.81 17.52
C HIS B 743 41.19 -0.29 16.47
N LEU B 744 41.59 0.72 15.72
CA LEU B 744 40.76 1.23 14.64
C LEU B 744 40.59 0.19 13.53
N ARG B 745 41.60 -0.67 13.32
CA ARG B 745 41.46 -1.74 12.34
C ARG B 745 40.37 -2.71 12.73
N LEU B 746 40.32 -3.09 14.00
CA LEU B 746 39.33 -4.06 14.44
C LEU B 746 37.92 -3.45 14.52
N GLU B 747 37.83 -2.16 14.83
CA GLU B 747 36.53 -1.48 14.78
C GLU B 747 35.95 -1.57 13.37
N GLN B 748 36.74 -1.18 12.36
CA GLN B 748 36.30 -1.27 10.98
C GLN B 748 35.91 -2.70 10.62
N PHE B 749 36.78 -3.65 10.96
CA PHE B 749 36.53 -5.05 10.66
C PHE B 749 35.22 -5.54 11.26
N SER B 750 34.78 -4.93 12.36
CA SER B 750 33.58 -5.37 13.06
C SER B 750 32.30 -4.79 12.49
N GLN B 751 32.39 -3.70 11.73
CA GLN B 751 31.20 -3.04 11.18
C GLN B 751 30.61 -3.90 10.07
N ARG B 752 29.49 -4.56 10.37
CA ARG B 752 28.81 -5.44 9.41
C ARG B 752 27.56 -4.75 8.89
N LEU B 753 27.43 -4.73 7.56
CA LEU B 753 26.34 -4.05 6.88
C LEU B 753 25.22 -5.02 6.56
N ASP B 754 23.97 -4.54 6.65
CA ASP B 754 22.83 -5.33 6.19
C ASP B 754 22.95 -5.55 4.69
N TRP B 755 22.99 -6.82 4.28
CA TRP B 755 23.20 -7.15 2.87
C TRP B 755 22.10 -6.56 2.00
N LEU B 756 20.89 -6.42 2.54
CA LEU B 756 19.81 -5.75 1.80
C LEU B 756 20.17 -4.30 1.47
N HIS B 757 21.11 -3.70 2.20
CA HIS B 757 21.50 -2.31 1.98
C HIS B 757 22.66 -2.18 1.00
N THR B 758 23.08 -3.28 0.36
CA THR B 758 24.20 -3.23 -0.55
C THR B 758 23.80 -2.80 -1.95
N ALA B 759 22.50 -2.60 -2.20
CA ALA B 759 22.01 -1.96 -3.41
C ALA B 759 20.76 -1.18 -3.03
N ASP B 760 20.22 -0.44 -3.99
CA ASP B 760 19.03 0.39 -3.74
C ASP B 760 17.80 -0.50 -3.88
N LEU B 761 17.38 -1.10 -2.76
CA LEU B 761 16.20 -1.95 -2.74
C LEU B 761 14.97 -1.22 -2.23
N GLY B 762 14.88 0.09 -2.48
CA GLY B 762 13.71 0.86 -2.14
C GLY B 762 13.81 1.68 -0.87
N PHE B 763 14.98 1.70 -0.24
CA PHE B 763 15.17 2.44 1.00
C PHE B 763 16.00 3.70 0.82
N VAL B 764 16.49 3.97 -0.39
CA VAL B 764 17.38 5.09 -0.68
C VAL B 764 16.55 6.33 -0.98
N GLY B 765 16.95 7.46 -0.42
CA GLY B 765 16.34 8.73 -0.77
C GLY B 765 15.58 9.33 0.40
N PHE B 766 15.27 10.61 0.26
CA PHE B 766 14.54 11.33 1.30
C PHE B 766 13.11 10.79 1.40
N HIS B 767 12.74 10.36 2.60
CA HIS B 767 11.40 9.80 2.86
C HIS B 767 11.13 8.54 2.04
N ALA B 768 12.17 7.80 1.67
CA ALA B 768 11.95 6.51 1.02
C ALA B 768 11.26 5.55 1.98
N GLU B 769 10.35 4.73 1.43
CA GLU B 769 9.60 3.82 2.30
C GLU B 769 10.45 2.65 2.76
N GLY B 770 11.31 2.11 1.89
CA GLY B 770 11.98 0.89 2.23
C GLY B 770 10.98 -0.22 2.46
N GLY B 771 11.30 -1.10 3.41
CA GLY B 771 10.38 -2.13 3.84
C GLY B 771 10.54 -3.44 3.10
N TYR B 772 9.83 -4.45 3.60
CA TYR B 772 9.89 -5.79 3.05
C TYR B 772 9.48 -5.80 1.58
N THR B 773 8.29 -5.26 1.26
CA THR B 773 7.71 -5.43 -0.06
C THR B 773 8.52 -4.69 -1.13
N ASN B 774 8.96 -3.47 -0.84
CA ASN B 774 9.79 -2.75 -1.80
C ASN B 774 11.07 -3.53 -2.09
N GLY B 775 11.58 -4.28 -1.11
CA GLY B 775 12.73 -5.15 -1.37
C GLY B 775 12.43 -6.24 -2.38
N LEU B 776 11.30 -6.93 -2.21
CA LEU B 776 10.93 -7.97 -3.18
C LEU B 776 10.82 -7.39 -4.59
N ILE B 777 10.19 -6.22 -4.71
CA ILE B 777 9.95 -5.63 -6.03
C ILE B 777 11.26 -5.19 -6.66
N GLN B 778 12.09 -4.48 -5.89
CA GLN B 778 13.34 -3.98 -6.44
C GLN B 778 14.35 -5.09 -6.74
N MET B 779 14.24 -6.24 -6.05
CA MET B 779 15.22 -7.30 -6.24
C MET B 779 15.18 -7.86 -7.66
N VAL B 780 14.07 -7.70 -8.36
CA VAL B 780 13.98 -8.20 -9.74
C VAL B 780 15.06 -7.57 -10.60
N SER B 781 15.35 -6.28 -10.37
CA SER B 781 16.41 -5.60 -11.09
C SER B 781 17.71 -5.50 -10.31
N GLN B 782 17.66 -5.49 -8.98
CA GLN B 782 18.82 -5.21 -8.16
C GLN B 782 19.57 -6.46 -7.71
N TRP B 783 19.07 -7.66 -8.03
CA TRP B 783 19.79 -8.87 -7.70
C TRP B 783 21.22 -8.85 -8.26
N LYS B 784 21.41 -8.24 -9.42
CA LYS B 784 22.70 -8.20 -10.09
C LYS B 784 23.63 -7.12 -9.54
N ASN B 785 23.14 -6.29 -8.62
CA ASN B 785 23.98 -5.32 -7.94
C ASN B 785 24.21 -5.67 -6.48
N MET B 786 23.56 -6.70 -5.97
CA MET B 786 23.75 -7.11 -4.59
C MET B 786 25.21 -7.49 -4.33
N ALA B 787 25.62 -7.38 -3.07
CA ALA B 787 27.03 -7.59 -2.73
C ALA B 787 27.42 -9.04 -2.88
N MET B 788 28.60 -9.27 -3.46
CA MET B 788 29.19 -10.59 -3.59
C MET B 788 30.35 -10.72 -2.61
N VAL B 789 30.31 -11.75 -1.79
CA VAL B 789 31.32 -11.98 -0.76
C VAL B 789 32.47 -12.77 -1.36
N MET B 790 33.69 -12.34 -1.10
CA MET B 790 34.88 -12.96 -1.65
C MET B 790 36.00 -12.96 -0.62
N ALA B 791 36.77 -14.05 -0.59
CA ALA B 791 37.91 -14.12 0.30
C ALA B 791 38.99 -13.13 -0.12
N ARG B 792 39.52 -12.39 0.83
CA ARG B 792 40.55 -11.40 0.57
C ARG B 792 41.60 -11.46 1.66
N PRO B 793 42.85 -11.09 1.36
CA PRO B 793 43.90 -11.22 2.36
C PRO B 793 44.19 -9.94 3.14
N VAL B 794 44.53 -10.09 4.41
CA VAL B 794 45.11 -9.03 5.21
C VAL B 794 46.55 -9.43 5.48
N GLU B 795 47.50 -8.79 4.80
CA GLU B 795 48.84 -9.37 4.71
C GLU B 795 49.60 -9.24 6.02
N ASN B 796 49.37 -8.20 6.81
N ASN B 796 49.33 -8.22 6.82
CA ASN B 796 49.98 -8.07 8.14
CA ASN B 796 49.97 -8.07 8.13
C ASN B 796 48.94 -7.59 9.14
C ASN B 796 48.94 -7.59 9.15
N PRO B 797 48.17 -8.51 9.71
CA PRO B 797 47.23 -8.13 10.78
C PRO B 797 47.92 -7.73 12.06
N GLY B 798 49.19 -8.07 12.24
CA GLY B 798 49.90 -7.70 13.46
C GLY B 798 49.21 -8.31 14.67
N SER B 799 48.81 -7.46 15.60
CA SER B 799 48.08 -7.86 16.81
C SER B 799 46.64 -7.37 16.79
N SER B 800 46.09 -7.13 15.60
CA SER B 800 44.78 -6.48 15.50
C SER B 800 43.65 -7.43 15.89
N GLY B 801 43.84 -8.72 15.70
CA GLY B 801 42.77 -9.68 15.83
C GLY B 801 42.07 -9.99 14.52
N ILE B 802 42.47 -9.35 13.44
CA ILE B 802 41.89 -9.62 12.13
C ILE B 802 42.53 -10.88 11.56
N PRO B 803 41.75 -11.87 11.12
CA PRO B 803 42.34 -13.08 10.54
C PRO B 803 43.07 -12.76 9.23
N ASN B 804 43.94 -13.69 8.83
CA ASN B 804 44.77 -13.46 7.66
C ASN B 804 43.98 -13.60 6.36
N VAL B 805 42.85 -14.28 6.38
CA VAL B 805 41.94 -14.32 5.26
C VAL B 805 40.59 -13.80 5.75
N VAL B 806 40.09 -12.75 5.10
CA VAL B 806 38.78 -12.21 5.40
C VAL B 806 37.91 -12.35 4.15
N TYR B 807 36.60 -12.34 4.37
CA TYR B 807 35.62 -12.51 3.30
C TYR B 807 34.82 -11.22 3.18
N VAL B 808 34.94 -10.57 2.02
CA VAL B 808 34.56 -9.17 1.85
C VAL B 808 33.48 -9.08 0.78
N ALA B 809 32.38 -8.39 1.11
CA ALA B 809 31.25 -8.24 0.20
C ALA B 809 31.49 -7.08 -0.75
N TYR B 810 31.39 -7.35 -2.04
CA TYR B 810 31.66 -6.38 -3.08
C TYR B 810 30.36 -5.95 -3.74
N SER B 811 30.12 -4.64 -3.78
CA SER B 811 29.02 -4.07 -4.55
C SER B 811 29.49 -2.71 -5.04
N GLN B 812 28.58 -1.95 -5.66
CA GLN B 812 28.91 -0.60 -6.08
C GLN B 812 28.61 0.44 -5.01
N ALA B 813 27.55 0.22 -4.22
CA ALA B 813 27.25 1.12 -3.11
C ALA B 813 28.26 0.98 -1.97
N ASP B 814 28.77 -0.23 -1.73
CA ASP B 814 29.59 -0.57 -0.58
C ASP B 814 31.06 -0.23 -0.76
N LYS B 815 31.43 0.48 -1.83
CA LYS B 815 32.83 0.51 -2.21
C LYS B 815 33.68 1.32 -1.23
N ASP B 816 33.18 2.46 -0.77
CA ASP B 816 33.93 3.35 0.13
C ASP B 816 33.01 4.15 1.06
N CYS C 4 12.99 47.44 37.07
CA CYS C 4 12.98 45.98 37.13
C CYS C 4 13.51 45.47 38.46
N GLN C 5 12.68 44.68 39.15
CA GLN C 5 12.98 44.22 40.50
C GLN C 5 13.15 42.71 40.60
N TYR C 6 12.27 41.94 39.98
CA TYR C 6 12.34 40.49 39.99
C TYR C 6 12.15 39.94 38.57
N LYS C 7 12.82 38.84 38.29
CA LYS C 7 12.77 38.23 36.96
C LYS C 7 12.73 36.72 37.10
N ILE C 8 12.07 36.07 36.15
CA ILE C 8 11.95 34.63 36.13
C ILE C 8 13.05 34.06 35.25
N TYR C 9 13.71 33.01 35.74
CA TYR C 9 14.69 32.27 34.95
C TYR C 9 14.37 30.77 35.01
N PRO C 10 14.59 30.04 33.91
CA PRO C 10 15.09 30.55 32.63
C PRO C 10 14.02 31.33 31.85
N PRO C 11 14.44 32.15 30.88
CA PRO C 11 13.45 32.85 30.06
C PRO C 11 12.59 31.90 29.25
N LEU C 12 13.18 30.85 28.69
CA LEU C 12 12.45 29.83 27.95
C LEU C 12 12.73 28.49 28.62
N GLY C 13 11.81 28.05 29.48
CA GLY C 13 11.93 26.74 30.07
C GLY C 13 11.51 25.64 29.12
N ILE C 14 12.16 24.49 29.28
CA ILE C 14 11.92 23.32 28.45
C ILE C 14 11.56 22.17 29.36
N ALA C 15 10.41 21.54 29.12
CA ALA C 15 10.07 20.28 29.73
C ALA C 15 9.87 19.24 28.62
N ARG C 16 10.20 18.00 28.92
CA ARG C 16 10.08 16.93 27.95
C ARG C 16 9.08 15.90 28.44
N VAL C 17 8.30 15.34 27.51
CA VAL C 17 7.25 14.41 27.89
C VAL C 17 7.85 13.06 28.28
N GLY C 18 7.08 12.30 29.04
CA GLY C 18 7.43 10.95 29.41
C GLY C 18 6.33 10.28 30.20
N ASN C 19 6.26 8.96 30.13
CA ASN C 19 5.24 8.22 30.85
C ASN C 19 5.62 7.91 32.29
N GLY C 20 6.81 8.30 32.72
CA GLY C 20 7.15 8.24 34.13
C GLY C 20 6.25 9.17 34.92
N PRO C 21 6.12 8.95 36.21
CA PRO C 21 5.24 9.80 37.02
C PRO C 21 5.82 11.19 37.21
N ALA C 22 4.92 12.16 37.41
CA ALA C 22 5.32 13.53 37.69
C ALA C 22 5.53 13.69 39.19
N ILE C 23 6.63 13.09 39.66
CA ILE C 23 7.10 13.22 41.03
C ILE C 23 8.61 13.37 41.00
N LYS C 24 9.13 14.14 41.96
CA LYS C 24 10.55 14.51 41.93
C LYS C 24 11.49 13.31 42.00
N PRO C 25 11.30 12.31 42.88
CA PRO C 25 12.28 11.21 42.92
C PRO C 25 12.38 10.43 41.63
N LEU C 26 11.31 10.36 40.83
CA LEU C 26 11.30 9.53 39.63
C LEU C 26 11.33 10.35 38.36
N SER C 27 11.60 11.65 38.45
CA SER C 27 11.71 12.51 37.28
C SER C 27 13.08 13.17 37.25
N LEU C 28 13.42 13.73 36.09
CA LEU C 28 14.65 14.46 35.89
C LEU C 28 14.36 15.96 35.84
N SER C 29 15.45 16.74 35.81
CA SER C 29 15.36 18.19 35.72
C SER C 29 16.22 18.69 34.57
N THR C 30 15.67 19.65 33.82
CA THR C 30 16.39 20.25 32.71
C THR C 30 17.75 20.78 33.19
N PRO C 31 18.82 20.63 32.42
CA PRO C 31 20.13 21.12 32.86
C PRO C 31 20.08 22.60 33.21
N GLU C 32 20.46 22.92 34.43
CA GLU C 32 20.61 24.30 34.87
C GLU C 32 22.06 24.79 34.78
N VAL C 33 23.00 23.89 34.57
CA VAL C 33 24.40 24.21 34.33
C VAL C 33 24.86 23.44 33.10
N PRO C 34 25.37 24.10 32.06
CA PRO C 34 25.82 23.36 30.88
C PRO C 34 26.94 22.38 31.21
N TRP C 35 26.82 21.17 30.65
CA TRP C 35 27.87 20.15 30.64
C TRP C 35 28.11 19.50 31.99
N ALA C 36 27.19 19.65 32.95
CA ALA C 36 27.45 19.21 34.32
C ALA C 36 27.57 17.70 34.45
N HIS C 37 26.97 16.91 33.55
CA HIS C 37 26.83 15.47 33.80
C HIS C 37 27.13 14.64 32.56
N LEU C 38 28.12 15.05 31.77
CA LEU C 38 28.37 14.34 30.51
C LEU C 38 29.08 13.00 30.72
N TYR C 39 29.69 12.78 31.89
CA TYR C 39 30.37 11.51 32.17
C TYR C 39 29.77 10.81 33.39
N ASP C 40 28.66 11.31 33.90
CA ASP C 40 27.98 10.75 35.06
C ASP C 40 27.49 9.34 34.77
N THR C 41 28.29 8.33 35.12
CA THR C 41 27.91 6.94 34.89
C THR C 41 26.82 6.44 35.86
N ASN C 42 26.23 7.29 36.68
CA ASN C 42 25.17 6.89 37.61
C ASN C 42 23.78 7.32 37.15
N VAL C 43 23.66 7.90 35.96
CA VAL C 43 22.39 8.45 35.53
C VAL C 43 21.37 7.35 35.30
N GLN C 44 20.13 7.60 35.73
CA GLN C 44 19.00 6.69 35.52
C GLN C 44 17.90 7.50 34.85
N TYR C 45 17.90 7.52 33.52
CA TYR C 45 16.88 8.25 32.78
C TYR C 45 15.61 7.44 32.60
N LEU C 46 15.64 6.15 32.90
CA LEU C 46 14.46 5.29 32.92
C LEU C 46 14.15 4.89 34.35
N VAL C 47 12.86 4.72 34.64
CA VAL C 47 12.43 4.34 35.97
C VAL C 47 13.00 2.96 36.31
N THR C 48 13.79 2.89 37.38
CA THR C 48 14.37 1.62 37.78
C THR C 48 13.41 0.87 38.71
N GLN C 49 13.72 -0.41 38.93
CA GLN C 49 12.96 -1.16 39.92
C GLN C 49 13.23 -0.65 41.32
N GLN C 50 14.50 -0.35 41.63
CA GLN C 50 14.86 0.15 42.95
C GLN C 50 14.15 1.45 43.29
N GLU C 51 14.03 2.37 42.33
CA GLU C 51 13.24 3.59 42.56
C GLU C 51 11.80 3.23 42.91
N LEU C 52 11.20 2.32 42.16
CA LEU C 52 9.85 1.87 42.50
C LEU C 52 9.83 1.14 43.83
N GLU C 53 10.88 0.36 44.11
CA GLU C 53 10.98 -0.37 45.38
C GLU C 53 11.05 0.59 46.55
N GLN C 54 11.90 1.61 46.44
CA GLN C 54 12.05 2.51 47.58
C GLN C 54 10.82 3.39 47.76
N LEU C 55 10.19 3.81 46.66
CA LEU C 55 8.93 4.53 46.76
C LEU C 55 7.83 3.67 47.38
N LEU C 56 7.91 2.34 47.18
CA LEU C 56 7.07 1.39 47.91
C LEU C 56 7.12 1.66 49.40
N GLU C 57 8.31 1.52 49.99
CA GLU C 57 8.48 1.43 51.42
C GLU C 57 8.27 2.75 52.14
N GLU C 58 8.47 3.89 51.48
CA GLU C 58 8.11 5.15 52.11
C GLU C 58 6.60 5.27 52.23
N ALA C 59 5.87 4.77 51.23
CA ALA C 59 4.43 4.59 51.37
C ALA C 59 4.09 3.47 52.35
N PHE C 60 5.05 2.59 52.65
CA PHE C 60 4.83 1.46 53.53
C PHE C 60 5.57 1.57 54.87
N GLY C 61 6.48 2.52 55.02
CA GLY C 61 7.19 2.70 56.27
C GLY C 61 6.23 3.09 57.37
N ASN C 63 3.42 1.68 61.23
CA ASN C 63 2.60 2.67 60.52
C ASN C 63 1.42 2.02 59.85
N VAL C 64 1.58 1.77 58.55
CA VAL C 64 0.58 0.99 57.83
C VAL C 64 0.70 -0.48 58.21
N ILE C 65 1.93 -0.98 58.31
CA ILE C 65 2.14 -2.42 58.50
C ILE C 65 1.47 -2.92 59.79
N ASN C 66 1.55 -2.15 60.88
CA ASN C 66 0.81 -2.56 62.07
C ASN C 66 -0.68 -2.26 61.92
N GLU C 67 -1.04 -1.21 61.18
CA GLU C 67 -2.43 -1.06 60.76
C GLU C 67 -2.88 -2.26 59.96
N ILE C 68 -2.01 -2.81 59.10
CA ILE C 68 -2.43 -3.96 58.30
C ILE C 68 -2.53 -5.22 59.14
N SER C 69 -1.73 -5.32 60.20
CA SER C 69 -1.89 -6.43 61.11
C SER C 69 -2.93 -6.20 62.18
N GLN C 70 -3.60 -5.04 62.16
CA GLN C 70 -4.92 -4.97 62.78
C GLN C 70 -5.94 -5.72 61.95
N ILE C 71 -6.04 -5.41 60.67
CA ILE C 71 -7.01 -6.14 59.88
C ILE C 71 -6.47 -7.51 59.48
N LYS C 72 -5.19 -7.76 59.66
CA LYS C 72 -4.71 -9.14 59.70
C LYS C 72 -5.52 -9.93 60.69
N THR C 73 -5.66 -9.34 61.88
CA THR C 73 -6.26 -10.00 63.03
C THR C 73 -7.76 -10.02 62.94
N LYS C 74 -8.38 -8.88 62.62
CA LYS C 74 -9.83 -8.72 62.75
C LYS C 74 -10.53 -9.61 61.73
N LEU C 75 -9.87 -10.67 61.28
CA LEU C 75 -10.43 -11.60 60.32
C LEU C 75 -10.47 -13.01 60.89
N GLN C 85 -14.98 -4.97 50.79
CA GLN C 85 -14.56 -3.85 49.96
C GLN C 85 -13.76 -2.84 50.76
N GLU C 86 -14.33 -2.40 51.88
CA GLU C 86 -13.75 -1.29 52.64
C GLU C 86 -12.54 -1.67 53.48
N GLU C 87 -12.26 -2.95 53.72
CA GLU C 87 -10.94 -3.29 54.19
C GLU C 87 -9.93 -2.74 53.20
N ILE C 88 -10.03 -3.22 51.95
CA ILE C 88 -9.11 -2.79 50.89
C ILE C 88 -9.03 -1.28 50.79
N GLU C 89 -10.18 -0.60 50.88
CA GLU C 89 -10.21 0.83 50.59
C GLU C 89 -9.33 1.61 51.55
N THR C 90 -9.50 1.40 52.86
CA THR C 90 -8.62 2.06 53.81
C THR C 90 -7.19 1.57 53.67
N ILE C 91 -6.99 0.30 53.28
CA ILE C 91 -5.63 -0.17 52.98
C ILE C 91 -4.96 0.77 51.97
N THR C 92 -5.69 1.09 50.90
CA THR C 92 -5.13 1.93 49.85
C THR C 92 -4.95 3.37 50.34
N GLY C 93 -5.95 3.91 51.03
CA GLY C 93 -5.85 5.26 51.57
C GLY C 93 -4.70 5.45 52.55
N LEU C 94 -4.25 4.37 53.19
CA LEU C 94 -3.12 4.47 54.10
C LEU C 94 -1.89 5.03 53.41
N LEU C 95 -1.48 4.40 52.30
CA LEU C 95 -0.37 4.87 51.50
C LEU C 95 -0.89 5.75 50.36
N GLY C 96 -0.43 6.99 50.31
CA GLY C 96 -0.87 7.89 49.27
C GLY C 96 -0.30 7.53 47.91
N LEU C 97 -0.79 6.45 47.30
CA LEU C 97 -0.28 5.98 46.02
C LEU C 97 -1.33 6.04 44.92
N SER C 98 -2.49 6.67 45.17
CA SER C 98 -3.54 6.77 44.17
C SER C 98 -3.37 7.99 43.26
N HIS C 99 -2.30 8.76 43.44
CA HIS C 99 -1.92 9.78 42.48
C HIS C 99 -0.92 9.26 41.44
N LEU C 100 -0.50 8.01 41.58
CA LEU C 100 0.34 7.30 40.62
C LEU C 100 -0.42 6.28 39.79
N VAL C 101 -1.34 5.56 40.42
CA VAL C 101 -2.11 4.51 39.77
C VAL C 101 -3.55 4.67 40.23
N PRO C 102 -4.54 4.43 39.36
CA PRO C 102 -5.94 4.66 39.74
C PRO C 102 -6.35 3.78 40.92
N GLN C 103 -7.46 4.18 41.54
CA GLN C 103 -7.89 3.55 42.79
C GLN C 103 -8.36 2.11 42.58
N GLN C 104 -8.87 1.78 41.38
CA GLN C 104 -9.47 0.45 41.23
C GLN C 104 -8.43 -0.63 40.99
N GLN C 105 -7.39 -0.35 40.19
CA GLN C 105 -6.32 -1.33 40.02
C GLN C 105 -5.69 -1.67 41.36
N LEU C 106 -5.51 -0.67 42.22
CA LEU C 106 -5.06 -0.93 43.58
C LEU C 106 -6.06 -1.81 44.31
N SER C 107 -7.35 -1.51 44.19
CA SER C 107 -8.36 -2.15 45.03
C SER C 107 -8.49 -3.63 44.75
N ARG C 108 -8.48 -4.06 43.49
CA ARG C 108 -8.58 -5.49 43.24
C ARG C 108 -7.25 -6.16 42.92
N SER C 109 -6.12 -5.43 42.99
CA SER C 109 -4.88 -6.11 43.29
C SER C 109 -4.90 -6.69 44.69
N LEU C 110 -5.74 -6.12 45.56
CA LEU C 110 -5.96 -6.63 46.91
C LEU C 110 -7.21 -7.48 47.04
N ASP C 111 -8.14 -7.43 46.09
CA ASP C 111 -9.41 -8.16 46.23
C ASP C 111 -9.21 -9.66 46.05
N ASN C 112 -8.06 -10.09 45.54
CA ASN C 112 -7.75 -11.51 45.39
C ASN C 112 -6.32 -11.75 45.85
N LEU C 113 -6.19 -12.40 47.01
CA LEU C 113 -4.88 -12.68 47.58
C LEU C 113 -4.85 -14.01 48.33
N ILE C 124 2.66 -11.24 56.46
CA ILE C 124 2.27 -11.55 55.09
C ILE C 124 1.88 -10.29 54.33
N VAL C 125 2.04 -9.14 54.98
CA VAL C 125 1.92 -7.88 54.22
C VAL C 125 3.04 -7.73 53.22
N GLN C 126 4.02 -8.64 53.25
CA GLN C 126 4.90 -8.86 52.11
C GLN C 126 4.11 -9.18 50.85
N GLN C 127 2.89 -9.73 51.00
CA GLN C 127 2.05 -10.09 49.87
C GLN C 127 1.25 -8.91 49.35
N ILE C 128 0.69 -8.08 50.22
CA ILE C 128 0.01 -6.87 49.74
C ILE C 128 0.99 -5.92 49.09
N LYS C 129 2.16 -5.72 49.71
CA LYS C 129 3.18 -4.85 49.15
C LYS C 129 3.65 -5.38 47.80
N GLY C 130 4.04 -6.65 47.75
CA GLY C 130 4.43 -7.25 46.48
C GLY C 130 3.34 -7.18 45.43
N ALA C 131 2.08 -7.28 45.85
CA ALA C 131 0.97 -7.11 44.92
C ALA C 131 1.00 -5.70 44.32
N LEU C 132 1.20 -4.69 45.16
CA LEU C 132 1.20 -3.31 44.67
C LEU C 132 2.49 -2.96 43.93
N LEU C 133 3.63 -3.54 44.32
CA LEU C 133 4.85 -3.30 43.57
C LEU C 133 4.69 -3.72 42.12
N LYS C 134 3.94 -4.80 41.89
CA LYS C 134 3.69 -5.21 40.52
C LYS C 134 2.66 -4.30 39.84
N VAL C 135 1.80 -3.64 40.61
CA VAL C 135 0.96 -2.59 40.02
C VAL C 135 1.82 -1.42 39.58
N LEU C 136 2.72 -0.98 40.45
CA LEU C 136 3.57 0.15 40.11
C LEU C 136 4.60 -0.23 39.04
N SER C 137 5.04 -1.48 39.02
CA SER C 137 6.07 -1.87 38.06
C SER C 137 5.54 -1.84 36.64
N ASP C 138 4.37 -2.42 36.40
CA ASP C 138 3.86 -2.53 35.05
C ASP C 138 3.46 -1.16 34.49
N HIS C 139 2.98 -0.27 35.36
CA HIS C 139 2.74 1.11 34.95
C HIS C 139 4.04 1.83 34.60
N TYR C 140 5.04 1.73 35.46
CA TYR C 140 6.18 2.64 35.40
C TYR C 140 7.55 2.00 35.25
N LEU C 141 7.69 0.67 35.30
CA LEU C 141 9.01 0.09 35.14
C LEU C 141 9.56 0.37 33.75
N HIS C 142 10.81 0.82 33.70
CA HIS C 142 11.51 1.22 32.49
C HIS C 142 10.85 2.40 31.78
N ALA C 143 9.95 3.11 32.45
CA ALA C 143 9.25 4.22 31.80
C ALA C 143 10.22 5.35 31.49
N VAL C 144 9.87 6.12 30.45
CA VAL C 144 10.60 7.33 30.14
C VAL C 144 10.32 8.36 31.22
N LYS C 145 11.36 8.76 31.94
CA LYS C 145 11.19 9.76 32.99
C LYS C 145 10.86 11.12 32.38
N LYS C 146 9.93 11.82 33.03
CA LYS C 146 9.66 13.20 32.66
C LYS C 146 10.84 14.08 33.01
N GLN C 147 11.27 14.92 32.08
CA GLN C 147 12.28 15.94 32.36
C GLN C 147 11.54 17.24 32.66
N ALA C 148 11.50 17.60 33.93
CA ALA C 148 10.77 18.77 34.38
C ALA C 148 11.68 20.00 34.44
N GLN C 149 11.07 21.16 34.28
CA GLN C 149 11.79 22.43 34.30
C GLN C 149 11.53 23.17 35.60
N ASN C 150 12.60 23.51 36.32
CA ASN C 150 12.48 24.43 37.43
C ASN C 150 12.51 25.86 36.92
N PHE C 151 11.69 26.71 37.52
CA PHE C 151 11.73 28.15 37.28
C PHE C 151 12.05 28.86 38.59
N TYR C 152 12.87 29.90 38.51
CA TYR C 152 13.33 30.62 39.69
C TYR C 152 13.09 32.11 39.54
N ILE C 153 12.63 32.72 40.63
CA ILE C 153 12.60 34.19 40.72
C ILE C 153 13.96 34.67 41.19
N TYR C 154 14.50 35.69 40.52
CA TYR C 154 15.78 36.28 40.89
C TYR C 154 15.57 37.73 41.28
N LYS C 155 16.15 38.13 42.41
CA LYS C 155 16.13 39.52 42.82
C LYS C 155 17.12 40.31 41.97
N CYS C 156 16.65 41.40 41.37
CA CYS C 156 17.42 42.20 40.44
C CYS C 156 17.96 43.45 41.11
N ASP C 157 18.94 44.09 40.46
CA ASP C 157 19.42 45.38 40.91
C ASP C 157 18.74 46.47 40.07
N ASN C 161 18.80 42.43 35.66
CA ASN C 161 20.16 42.18 36.14
C ASN C 161 20.12 41.39 37.45
N PRO C 162 20.33 40.08 37.36
CA PRO C 162 20.11 39.19 38.50
C PRO C 162 21.40 38.94 39.28
N VAL C 163 21.23 38.82 40.61
CA VAL C 163 22.32 38.48 41.53
C VAL C 163 21.95 37.34 42.47
N GLU C 164 20.68 37.23 42.86
CA GLU C 164 20.34 36.18 43.80
C GLU C 164 18.91 35.68 43.61
N LYS C 165 18.71 34.39 43.88
CA LYS C 165 17.36 33.83 43.95
C LYS C 165 16.58 34.48 45.07
N LEU C 166 15.31 34.79 44.80
CA LEU C 166 14.44 35.38 45.81
C LEU C 166 14.36 34.46 47.02
N LYS C 167 14.67 34.99 48.20
CA LYS C 167 14.63 34.23 49.44
C LYS C 167 13.39 34.65 50.22
N LEU C 168 12.43 33.73 50.32
CA LEU C 168 11.21 34.01 51.05
C LEU C 168 11.47 34.02 52.55
N THR C 169 10.78 34.90 53.25
CA THR C 169 10.74 34.94 54.70
C THR C 169 9.31 34.69 55.15
N ASP C 170 9.15 34.40 56.44
CA ASP C 170 7.83 34.10 56.97
C ASP C 170 6.89 35.27 56.74
N GLY C 171 5.85 35.04 55.93
CA GLY C 171 4.96 36.07 55.46
C GLY C 171 5.11 36.39 53.99
N ASP C 172 6.18 35.92 53.35
CA ASP C 172 6.38 36.11 51.92
C ASP C 172 5.83 34.92 51.15
N LYS C 173 5.17 35.21 50.03
CA LYS C 173 4.65 34.17 49.16
C LYS C 173 4.84 34.60 47.71
N VAL C 174 5.04 33.62 46.84
CA VAL C 174 5.05 33.82 45.40
C VAL C 174 3.92 32.99 44.81
N THR C 175 3.23 33.54 43.82
CA THR C 175 2.14 32.84 43.14
C THR C 175 2.44 32.81 41.65
N TRP C 176 2.70 31.62 41.12
CA TRP C 176 2.98 31.44 39.70
C TRP C 176 1.69 31.25 38.92
N ARG C 177 1.73 31.65 37.66
CA ARG C 177 0.65 31.38 36.72
C ARG C 177 1.27 30.90 35.41
N VAL C 178 0.72 29.82 34.86
CA VAL C 178 1.17 29.28 33.58
C VAL C 178 -0.06 29.03 32.73
N GLU C 179 -0.04 29.55 31.51
CA GLU C 179 -1.10 29.32 30.53
C GLU C 179 -0.45 28.78 29.26
N VAL C 180 -0.92 27.63 28.79
CA VAL C 180 -0.28 26.92 27.71
C VAL C 180 -1.31 26.56 26.65
N ALA C 181 -0.82 26.25 25.47
CA ALA C 181 -1.70 25.85 24.38
C ALA C 181 -0.93 25.01 23.38
N ASN C 182 -1.69 24.24 22.60
CA ASN C 182 -1.22 23.49 21.45
C ASN C 182 -2.06 23.94 20.25
N LYS C 183 -1.39 24.38 19.19
CA LYS C 183 -2.06 24.84 17.98
C LYS C 183 -1.60 24.09 16.75
N LYS C 184 -0.90 22.97 16.94
CA LYS C 184 -0.45 22.18 15.79
C LYS C 184 -1.61 21.82 14.87
N SER C 185 -2.74 21.39 15.45
CA SER C 185 -3.85 20.95 14.63
C SER C 185 -4.58 22.14 14.00
N PHE C 186 -4.33 23.33 14.51
CA PHE C 186 -4.89 24.57 13.96
C PHE C 186 -4.01 25.20 12.91
N TRP C 187 -2.71 24.91 12.91
CA TRP C 187 -1.75 25.66 12.11
C TRP C 187 -1.61 25.06 10.72
N TYR C 188 -0.46 25.27 10.08
CA TYR C 188 -0.25 24.93 8.68
C TYR C 188 0.66 23.72 8.54
N ASP C 189 0.59 23.12 7.35
CA ASP C 189 1.57 22.10 6.96
C ASP C 189 2.98 22.64 7.13
N TYR C 190 3.89 21.77 7.56
CA TYR C 190 5.31 22.09 7.55
C TYR C 190 5.93 21.40 6.33
N ASN C 191 6.17 22.18 5.28
CA ASN C 191 6.86 21.65 4.11
C ASN C 191 8.36 21.94 4.17
N ASN C 192 8.73 23.15 4.56
CA ASN C 192 10.11 23.49 4.89
C ASN C 192 10.11 24.85 5.56
N ALA C 193 11.28 25.26 6.03
CA ALA C 193 11.42 26.53 6.74
C ALA C 193 11.09 27.69 5.81
N LEU C 194 10.15 28.53 6.26
CA LEU C 194 9.71 29.63 5.41
C LEU C 194 10.78 30.70 5.25
N ASP C 195 11.67 30.84 6.24
CA ASP C 195 12.67 31.89 6.20
C ASP C 195 13.73 31.67 5.13
N LEU C 196 13.73 30.50 4.47
CA LEU C 196 14.70 30.23 3.42
C LEU C 196 14.49 31.11 2.20
N SER C 197 13.33 31.76 2.08
CA SER C 197 13.10 32.72 1.01
C SER C 197 12.99 34.15 1.54
N LEU C 198 13.19 34.34 2.84
CA LEU C 198 13.09 35.66 3.46
C LEU C 198 14.31 36.49 3.08
N HIS C 199 14.06 37.65 2.45
CA HIS C 199 15.17 38.46 1.99
C HIS C 199 15.82 39.16 3.17
N THR C 200 17.14 39.01 3.27
CA THR C 200 17.89 39.35 4.47
C THR C 200 19.25 39.87 4.06
N GLN C 201 19.89 40.59 4.98
CA GLN C 201 21.31 40.88 4.88
C GLN C 201 22.16 39.79 5.53
N GLY C 202 21.53 38.74 6.04
CA GLY C 202 22.27 37.67 6.70
C GLY C 202 22.31 37.86 8.20
N SER C 203 22.42 36.75 8.91
CA SER C 203 22.55 36.72 10.35
C SER C 203 23.68 35.77 10.73
N GLY C 204 23.89 35.61 12.03
CA GLY C 204 24.83 34.61 12.50
C GLY C 204 24.33 33.19 12.31
N ASN C 205 23.04 33.03 12.05
CA ASN C 205 22.43 31.72 11.88
C ASN C 205 22.19 31.33 10.44
N LEU C 206 21.90 32.29 9.57
CA LEU C 206 21.49 31.99 8.20
C LEU C 206 22.13 32.99 7.26
N SER C 207 22.97 32.49 6.35
CA SER C 207 23.62 33.36 5.38
C SER C 207 22.60 33.87 4.37
N LYS C 208 22.79 35.12 3.93
CA LYS C 208 21.91 35.70 2.93
C LYS C 208 22.00 34.99 1.59
N ASN C 209 23.01 34.15 1.38
CA ASN C 209 23.16 33.46 0.09
C ASN C 209 22.01 32.51 -0.17
N VAL C 210 21.39 31.97 0.87
CA VAL C 210 20.35 30.97 0.68
C VAL C 210 19.13 31.58 0.00
N SER C 211 18.63 32.69 0.54
CA SER C 211 17.53 33.38 -0.11
C SER C 211 17.95 34.04 -1.40
N LYS C 212 19.15 34.65 -1.41
CA LYS C 212 19.57 35.46 -2.55
C LYS C 212 19.74 34.61 -3.80
N HIS C 213 20.40 33.45 -3.67
CA HIS C 213 20.62 32.59 -4.83
C HIS C 213 19.65 31.42 -4.87
N ARG C 214 18.55 31.50 -4.12
CA ARG C 214 17.43 30.57 -4.24
C ARG C 214 17.87 29.13 -4.04
N LEU C 215 18.65 28.92 -2.97
CA LEU C 215 19.27 27.63 -2.72
C LEU C 215 18.26 26.59 -2.22
N ALA C 216 17.19 27.02 -1.56
CA ALA C 216 16.19 26.11 -1.05
C ALA C 216 14.90 26.88 -0.84
N PRO C 217 14.16 27.18 -1.91
CA PRO C 217 13.04 28.12 -1.81
C PRO C 217 11.97 27.63 -0.86
N ALA C 218 11.43 28.56 -0.08
CA ALA C 218 10.29 28.27 0.77
C ALA C 218 9.10 27.84 -0.09
N MET C 219 8.36 26.84 0.40
CA MET C 219 7.16 26.38 -0.27
C MET C 219 5.93 26.95 0.42
N THR C 220 4.84 27.09 -0.35
CA THR C 220 3.56 27.36 0.28
C THR C 220 3.13 26.16 1.12
N ALA C 221 2.21 26.42 2.05
CA ALA C 221 1.75 25.38 2.97
C ALA C 221 0.27 25.56 3.24
N LYS C 222 -0.49 24.49 3.03
CA LYS C 222 -1.92 24.51 3.26
C LYS C 222 -2.24 24.33 4.74
N ARG C 223 -3.52 24.51 5.06
CA ARG C 223 -3.96 24.36 6.43
C ARG C 223 -4.01 22.88 6.82
N ARG C 224 -3.53 22.58 8.01
CA ARG C 224 -3.81 21.28 8.59
C ARG C 224 -5.29 21.19 8.91
N ASN C 225 -5.83 19.98 8.84
CA ASN C 225 -7.26 19.73 9.00
C ASN C 225 -8.08 20.69 8.13
N PRO C 226 -7.88 20.66 6.80
CA PRO C 226 -8.46 21.69 5.95
C PRO C 226 -9.97 21.62 5.81
N ASN C 227 -10.61 20.55 6.28
CA ASN C 227 -12.07 20.43 6.17
C ASN C 227 -12.80 21.20 7.25
N VAL C 228 -12.11 21.69 8.27
CA VAL C 228 -12.72 22.58 9.26
C VAL C 228 -12.58 24.01 8.76
N ILE C 229 -13.70 24.67 8.49
CA ILE C 229 -13.71 25.98 7.85
C ILE C 229 -14.28 27.00 8.83
N THR C 230 -14.07 28.29 8.48
CA THR C 230 -14.36 29.46 9.31
C THR C 230 -13.50 29.49 10.56
N ASN C 231 -13.03 30.70 10.91
CA ASN C 231 -12.14 30.85 12.06
C ASN C 231 -12.82 30.45 13.36
N SER C 232 -14.14 30.63 13.44
CA SER C 232 -14.86 30.28 14.66
C SER C 232 -14.76 28.77 14.93
N LEU C 233 -14.99 27.96 13.91
CA LEU C 233 -14.95 26.51 14.12
C LEU C 233 -13.52 26.02 14.31
N ARG C 234 -12.56 26.59 13.58
CA ARG C 234 -11.17 26.16 13.70
C ARG C 234 -10.62 26.41 15.10
N LYS C 235 -11.28 27.24 15.91
CA LYS C 235 -10.84 27.44 17.28
C LYS C 235 -10.88 26.14 18.08
N GLN C 236 -11.76 25.21 17.71
CA GLN C 236 -11.82 23.92 18.39
C GLN C 236 -10.54 23.12 18.22
N LEU C 237 -9.75 23.40 17.19
CA LEU C 237 -8.50 22.70 16.93
C LEU C 237 -7.36 23.14 17.85
N VAL C 238 -7.63 24.03 18.81
CA VAL C 238 -6.61 24.52 19.73
C VAL C 238 -6.88 23.97 21.11
N ILE C 239 -5.91 23.26 21.67
CA ILE C 239 -5.97 22.75 23.04
C ILE C 239 -5.29 23.77 23.95
N SER C 240 -5.97 24.17 25.01
CA SER C 240 -5.46 25.18 25.91
C SER C 240 -5.82 24.83 27.35
N SER C 241 -4.94 25.21 28.28
CA SER C 241 -5.19 25.06 29.71
C SER C 241 -4.30 26.04 30.45
N GLN C 242 -4.56 26.21 31.74
CA GLN C 242 -3.83 27.13 32.58
C GLN C 242 -3.98 26.72 34.03
N GLY C 243 -3.12 27.26 34.89
CA GLY C 243 -3.13 26.89 36.29
C GLY C 243 -2.21 27.76 37.11
N SER C 244 -2.52 27.85 38.40
CA SER C 244 -1.79 28.69 39.34
C SER C 244 -1.34 27.87 40.54
N VAL C 245 -0.10 28.09 40.96
CA VAL C 245 0.46 27.47 42.15
C VAL C 245 1.26 28.52 42.91
N SER C 246 1.28 28.39 44.23
CA SER C 246 1.99 29.34 45.09
C SER C 246 2.85 28.60 46.10
N SER C 247 3.72 29.35 46.77
CA SER C 247 4.59 28.80 47.81
C SER C 247 3.86 28.50 49.11
N ASP C 248 2.56 28.76 49.17
CA ASP C 248 1.76 28.41 50.33
C ASP C 248 1.17 27.00 50.26
N ASN C 249 1.41 26.28 49.15
CA ASN C 249 0.84 24.95 48.96
C ASN C 249 1.55 24.23 47.82
N ASN C 250 2.16 23.07 48.10
CA ASN C 250 2.92 22.35 47.10
C ASN C 250 2.09 21.36 46.30
N THR C 251 0.76 21.36 46.46
CA THR C 251 -0.07 20.40 45.76
C THR C 251 0.03 20.62 44.25
N GLN C 252 0.32 19.54 43.52
CA GLN C 252 0.53 19.64 42.09
C GLN C 252 -0.79 19.91 41.37
N VAL C 253 -0.71 20.70 40.31
CA VAL C 253 -1.88 21.21 39.59
C VAL C 253 -1.82 20.70 38.16
N PRO C 254 -2.87 20.07 37.65
CA PRO C 254 -2.84 19.59 36.26
C PRO C 254 -3.24 20.68 35.27
N LEU C 255 -2.50 20.74 34.17
CA LEU C 255 -2.82 21.61 33.04
C LEU C 255 -3.53 20.74 32.01
N ARG C 256 -4.86 20.70 32.11
CA ARG C 256 -5.68 19.74 31.38
C ARG C 256 -6.63 20.48 30.46
N GLY C 257 -6.50 20.23 29.16
CA GLY C 257 -7.39 20.78 28.17
C GLY C 257 -8.30 19.73 27.57
N LYS C 258 -8.92 20.09 26.45
CA LYS C 258 -9.82 19.20 25.73
C LYS C 258 -9.53 19.31 24.24
N PHE C 259 -9.71 18.19 23.53
CA PHE C 259 -9.63 18.20 22.09
C PHE C 259 -10.76 17.33 21.55
N PRO C 260 -11.62 17.85 20.66
CA PRO C 260 -11.63 19.26 20.26
C PRO C 260 -12.10 20.15 21.40
N ALA C 261 -11.68 21.42 21.41
CA ALA C 261 -12.03 22.30 22.51
C ALA C 261 -13.49 22.72 22.41
N ASN C 262 -13.99 23.30 23.49
CA ASN C 262 -15.36 23.81 23.53
C ASN C 262 -15.39 25.33 23.43
N GLU C 278 -16.61 11.30 22.46
CA GLU C 278 -16.38 12.59 21.81
C GLU C 278 -15.71 13.56 22.78
N ARG C 279 -14.66 14.23 22.30
CA ARG C 279 -13.80 15.12 23.08
C ARG C 279 -12.91 14.34 24.04
N HIS C 280 -11.60 14.45 23.87
CA HIS C 280 -10.61 13.80 24.70
C HIS C 280 -9.94 14.82 25.62
N ASN C 281 -9.66 14.41 26.85
CA ASN C 281 -8.89 15.25 27.74
C ASN C 281 -7.41 15.11 27.42
N VAL C 282 -6.71 16.24 27.39
CA VAL C 282 -5.30 16.30 27.03
C VAL C 282 -4.55 16.91 28.20
N LEU C 283 -3.72 16.12 28.86
CA LEU C 283 -2.87 16.62 29.94
C LEU C 283 -1.65 17.29 29.32
N GLN C 284 -1.68 18.61 29.23
CA GLN C 284 -0.58 19.35 28.64
C GLN C 284 0.60 19.48 29.58
N GLY C 285 0.38 19.26 30.87
CA GLY C 285 1.46 19.25 31.83
C GLY C 285 0.94 19.36 33.23
N SER C 286 1.89 19.46 34.17
CA SER C 286 1.58 19.63 35.58
C SER C 286 2.55 20.65 36.17
N ILE C 287 2.08 21.41 37.15
CA ILE C 287 2.89 22.41 37.82
C ILE C 287 2.79 22.22 39.32
N GLU C 288 3.90 22.44 40.01
CA GLU C 288 3.91 22.56 41.46
C GLU C 288 4.92 23.64 41.83
N CYS C 289 4.72 24.21 43.02
CA CYS C 289 5.63 25.20 43.58
C CYS C 289 5.92 24.80 45.02
N ASP C 290 7.20 24.81 45.39
CA ASP C 290 7.61 24.27 46.67
C ASP C 290 7.71 25.36 47.73
N ASN C 291 8.36 25.03 48.84
CA ASN C 291 8.47 25.92 49.99
C ASN C 291 9.08 27.26 49.60
N GLU C 292 10.22 27.24 48.93
CA GLU C 292 11.01 28.42 48.66
C GLU C 292 10.58 29.16 47.40
N GLY C 293 9.44 28.79 46.82
CA GLY C 293 8.94 29.48 45.65
C GLY C 293 9.49 29.00 44.33
N VAL C 294 9.93 27.76 44.24
CA VAL C 294 10.46 27.20 43.01
C VAL C 294 9.32 26.54 42.24
N LEU C 295 9.06 27.02 41.03
CA LEU C 295 8.08 26.38 40.17
C LEU C 295 8.70 25.19 39.46
N ARG C 296 8.00 24.06 39.46
CA ARG C 296 8.41 22.88 38.71
C ARG C 296 7.33 22.55 37.68
N PHE C 297 7.74 22.43 36.42
CA PHE C 297 6.82 22.21 35.31
C PHE C 297 7.11 20.85 34.69
N TYR C 298 6.17 19.92 34.80
CA TYR C 298 6.24 18.63 34.12
C TYR C 298 5.42 18.69 32.85
N ALA C 299 5.95 18.10 31.78
CA ALA C 299 5.21 17.96 30.53
C ALA C 299 4.27 16.77 30.60
N GLY C 300 3.50 16.57 29.53
CA GLY C 300 2.50 15.52 29.48
C GLY C 300 3.11 14.13 29.41
N ASN C 301 2.23 13.13 29.38
CA ASN C 301 2.64 11.73 29.40
C ASN C 301 3.03 11.20 28.03
N GLY C 302 3.04 12.05 26.99
CA GLY C 302 3.40 11.60 25.67
C GLY C 302 2.29 10.91 24.90
N ILE C 303 1.02 11.23 25.18
CA ILE C 303 -0.11 10.57 24.55
C ILE C 303 -0.56 11.37 23.34
N SER C 304 -0.43 10.78 22.15
CA SER C 304 -0.96 11.33 20.91
C SER C 304 -2.01 10.38 20.37
N GLN C 305 -3.07 10.93 19.78
CA GLN C 305 -4.20 10.12 19.37
C GLN C 305 -4.93 10.81 18.22
N ALA C 306 -5.61 10.00 17.42
CA ALA C 306 -6.53 10.50 16.40
C ALA C 306 -7.94 10.51 16.94
N LEU C 307 -8.83 11.21 16.23
CA LEU C 307 -10.23 11.20 16.63
C LEU C 307 -10.93 9.92 16.19
N SER C 308 -10.46 9.29 15.10
CA SER C 308 -10.92 7.96 14.74
C SER C 308 -9.73 7.02 14.65
N PRO C 309 -9.85 5.79 15.17
CA PRO C 309 -8.70 4.88 15.18
C PRO C 309 -8.12 4.59 13.81
N SER C 310 -8.92 4.71 12.74
CA SER C 310 -8.42 4.43 11.40
C SER C 310 -7.54 5.53 10.83
N SER C 311 -7.61 6.75 11.38
CA SER C 311 -6.74 7.84 10.94
C SER C 311 -5.30 7.53 11.31
N LEU C 312 -4.45 7.34 10.30
CA LEU C 312 -3.08 6.88 10.49
C LEU C 312 -2.10 8.01 10.22
N ASN C 313 -1.23 8.29 11.19
CA ASN C 313 -0.25 9.37 11.09
C ASN C 313 0.88 9.05 10.13
N THR C 314 0.58 8.96 8.83
CA THR C 314 1.54 8.47 7.87
C THR C 314 2.45 9.54 7.29
N ASP C 315 2.21 10.82 7.59
CA ASP C 315 3.09 11.89 7.13
C ASP C 315 3.99 12.34 8.26
N PHE C 316 5.23 12.69 7.90
CA PHE C 316 6.23 13.06 8.90
C PHE C 316 5.77 14.24 9.76
N ALA C 317 4.94 15.14 9.23
CA ALA C 317 4.65 16.36 9.97
C ALA C 317 3.16 16.67 10.04
N ASP C 318 2.44 16.37 8.97
CA ASP C 318 1.09 16.89 8.76
C ASP C 318 0.10 15.73 8.64
N ASN C 319 -0.61 15.46 9.72
CA ASN C 319 -1.59 14.38 9.77
C ASN C 319 -2.87 14.95 10.35
N SER C 320 -3.91 15.06 9.53
CA SER C 320 -5.17 15.58 10.00
C SER C 320 -5.79 14.60 11.00
N ASN C 321 -6.74 15.10 11.77
CA ASN C 321 -7.51 14.32 12.74
C ASN C 321 -6.67 13.87 13.94
N TRP C 322 -5.49 14.43 14.13
CA TRP C 322 -4.62 14.04 15.23
C TRP C 322 -4.45 15.18 16.22
N PHE C 323 -4.18 14.82 17.47
CA PHE C 323 -3.76 15.76 18.51
C PHE C 323 -2.68 15.10 19.34
N ASP C 324 -1.75 15.91 19.84
CA ASP C 324 -0.80 15.41 20.82
C ASP C 324 -0.77 16.37 22.01
N ASP C 325 -0.07 15.96 23.06
CA ASP C 325 -0.07 16.70 24.32
C ASP C 325 1.14 17.63 24.45
N ILE C 326 1.84 17.90 23.35
CA ILE C 326 2.86 18.95 23.33
C ILE C 326 2.18 20.31 23.53
N CYS C 327 2.88 21.23 24.20
CA CYS C 327 2.34 22.56 24.41
C CYS C 327 3.47 23.53 24.72
N ASP C 328 3.15 24.82 24.63
CA ASP C 328 4.04 25.87 25.09
C ASP C 328 3.20 27.06 25.50
N GLY C 329 3.77 27.91 26.33
CA GLY C 329 2.99 29.04 26.83
C GLY C 329 3.75 29.92 27.78
N ARG C 330 2.98 30.70 28.54
CA ARG C 330 3.44 31.90 29.22
C ARG C 330 3.55 31.64 30.71
N VAL C 331 4.68 31.99 31.29
CA VAL C 331 4.97 31.78 32.71
C VAL C 331 5.13 33.15 33.36
N THR C 332 4.28 33.42 34.35
CA THR C 332 4.33 34.67 35.10
C THR C 332 4.17 34.38 36.58
N ALA C 333 4.38 35.39 37.40
CA ALA C 333 4.33 35.21 38.85
C ALA C 333 4.05 36.55 39.52
N VAL C 334 3.65 36.47 40.78
CA VAL C 334 3.44 37.63 41.64
C VAL C 334 4.17 37.38 42.95
N VAL C 335 4.92 38.38 43.42
CA VAL C 335 5.71 38.30 44.65
C VAL C 335 5.07 39.23 45.67
N GLU C 336 4.60 38.64 46.78
CA GLU C 336 3.96 39.40 47.86
C GLU C 336 4.84 39.29 49.11
N LEU C 337 5.44 40.40 49.51
CA LEU C 337 6.25 40.43 50.71
C LEU C 337 5.37 40.69 51.94
N LYS C 338 5.97 40.49 53.13
CA LYS C 338 5.21 40.62 54.36
C LYS C 338 4.69 42.04 54.55
N ASN C 339 5.49 43.04 54.19
CA ASN C 339 5.14 44.45 54.39
C ASN C 339 4.07 44.93 53.42
N GLY C 340 3.37 43.99 52.79
CA GLY C 340 2.29 44.31 51.88
C GLY C 340 2.71 44.59 50.45
N ASP C 341 4.00 44.83 50.21
CA ASP C 341 4.46 45.14 48.87
C ASP C 341 4.18 43.97 47.93
N THR C 342 3.82 44.29 46.68
CA THR C 342 3.46 43.31 45.68
C THR C 342 4.15 43.65 44.37
N PHE C 343 4.86 42.67 43.80
CA PHE C 343 5.68 42.88 42.61
C PHE C 343 5.16 41.99 41.49
N GLU C 344 4.63 42.62 40.44
CA GLU C 344 4.03 41.90 39.32
C GLU C 344 5.11 41.54 38.30
N ILE C 345 5.34 40.24 38.11
CA ILE C 345 6.25 39.76 37.08
C ILE C 345 5.44 39.30 35.88
N GLN C 346 5.06 40.24 35.02
CA GLN C 346 4.17 39.94 33.89
C GLN C 346 4.64 40.51 32.55
N ASP C 347 5.48 41.53 32.52
CA ASP C 347 5.91 42.07 31.24
C ASP C 347 6.98 41.17 30.63
N GLU C 348 7.24 41.37 29.34
CA GLU C 348 8.06 40.40 28.61
C GLU C 348 9.54 40.44 28.97
N GLN C 349 9.97 41.42 29.75
CA GLN C 349 11.37 41.52 30.15
C GLN C 349 11.68 40.69 31.39
N SER C 350 10.68 40.45 32.24
CA SER C 350 10.88 39.70 33.47
C SER C 350 10.19 38.34 33.50
N SER C 351 9.10 38.15 32.76
CA SER C 351 8.39 36.87 32.75
C SER C 351 9.05 35.92 31.76
N ALA C 352 8.53 34.69 31.69
CA ALA C 352 9.22 33.63 30.96
C ALA C 352 8.25 32.86 30.08
N TRP C 353 8.81 31.92 29.32
CA TRP C 353 8.07 31.00 28.46
C TRP C 353 8.48 29.58 28.79
N VAL C 354 7.55 28.64 28.56
CA VAL C 354 7.81 27.22 28.73
C VAL C 354 7.31 26.48 27.49
N ALA C 355 8.08 25.49 27.06
CA ALA C 355 7.68 24.65 25.93
C ALA C 355 7.95 23.20 26.27
N THR C 356 7.09 22.32 25.75
CA THR C 356 7.26 20.89 25.92
C THR C 356 7.62 20.26 24.59
N THR C 357 8.44 19.20 24.67
CA THR C 357 9.14 18.66 23.51
C THR C 357 9.15 17.13 23.55
N PRO C 358 9.63 16.47 22.50
CA PRO C 358 9.90 15.03 22.58
C PRO C 358 10.98 14.73 23.61
N PRO C 359 11.10 13.47 24.02
CA PRO C 359 12.16 13.12 24.97
C PRO C 359 13.54 13.22 24.34
N ASP C 360 14.52 13.39 25.22
CA ASP C 360 15.94 13.37 24.85
C ASP C 360 16.43 11.94 25.12
N TYR C 361 16.62 11.18 24.05
CA TYR C 361 16.99 9.78 24.20
C TYR C 361 18.49 9.58 24.36
N ALA C 362 19.27 10.66 24.41
CA ALA C 362 20.69 10.60 24.77
C ALA C 362 21.06 11.89 25.48
N PRO C 363 20.53 12.10 26.70
CA PRO C 363 20.68 13.41 27.36
C PRO C 363 22.11 13.90 27.52
N GLN C 364 23.11 13.02 27.54
CA GLN C 364 24.49 13.46 27.71
C GLN C 364 25.21 13.70 26.38
N ILE C 365 24.55 13.46 25.25
CA ILE C 365 25.11 13.71 23.94
C ILE C 365 24.53 15.01 23.41
N GLU C 366 25.40 15.94 23.06
CA GLU C 366 24.93 17.29 22.72
C GLU C 366 24.84 17.48 21.21
N PRO C 367 23.77 18.11 20.73
CA PRO C 367 23.70 18.48 19.33
C PRO C 367 24.88 19.38 18.97
N ILE C 368 25.41 19.20 17.76
CA ILE C 368 26.61 19.93 17.37
C ILE C 368 26.34 21.43 17.40
N VAL C 369 25.16 21.82 16.96
CA VAL C 369 24.68 23.20 17.05
C VAL C 369 23.38 23.17 17.84
N THR C 370 23.32 23.96 18.91
CA THR C 370 22.23 23.89 19.87
C THR C 370 21.27 25.06 19.66
N MET C 371 20.19 25.06 20.45
CA MET C 371 19.24 26.17 20.38
C MET C 371 19.78 27.41 21.05
N TYR C 372 20.65 27.25 22.05
CA TYR C 372 21.32 28.42 22.62
C TYR C 372 22.26 29.05 21.61
N ASP C 373 22.88 28.24 20.75
CA ASP C 373 23.68 28.77 19.66
C ASP C 373 22.81 29.63 18.74
N MET C 374 21.55 29.21 18.51
CA MET C 374 20.65 29.98 17.67
C MET C 374 20.37 31.34 18.27
N VAL C 375 20.19 31.41 19.60
CA VAL C 375 20.03 32.69 20.27
C VAL C 375 21.24 33.58 19.99
N SER C 376 22.44 33.02 20.12
CA SER C 376 23.66 33.80 19.95
C SER C 376 23.83 34.22 18.50
N GLY C 377 23.55 33.32 17.56
CA GLY C 377 23.61 33.67 16.16
C GLY C 377 22.57 34.69 15.73
N ALA C 378 21.45 34.77 16.46
CA ALA C 378 20.38 35.68 16.08
C ALA C 378 20.76 37.14 16.31
N ALA C 379 21.59 37.41 17.32
CA ALA C 379 22.01 38.77 17.63
C ALA C 379 23.12 39.28 16.72
N LEU C 380 23.64 38.44 15.83
CA LEU C 380 24.74 38.81 14.95
C LEU C 380 24.24 38.99 13.53
N LYS C 381 24.84 39.94 12.83
CA LYS C 381 24.61 40.13 11.40
C LYS C 381 25.80 39.56 10.63
N GLU C 382 25.51 38.95 9.49
CA GLU C 382 26.56 38.24 8.74
C GLU C 382 27.67 39.20 8.30
N GLN C 383 27.30 40.41 7.91
CA GLN C 383 28.29 41.38 7.45
C GLN C 383 29.23 41.84 8.56
N ASP C 384 28.91 41.56 9.81
CA ASP C 384 29.73 41.97 10.95
C ASP C 384 30.53 40.83 11.54
N LEU C 385 30.51 39.65 10.93
CA LEU C 385 31.26 38.53 11.47
C LEU C 385 32.77 38.74 11.42
N ASP C 386 33.24 39.74 10.67
CA ASP C 386 34.67 40.03 10.64
C ASP C 386 35.18 40.51 11.99
N ASN C 387 34.36 41.26 12.72
CA ASN C 387 34.74 41.81 14.02
C ASN C 387 34.62 40.78 15.15
N LEU C 388 34.30 39.54 14.84
CA LEU C 388 34.13 38.51 15.86
C LEU C 388 35.48 38.13 16.46
N THR C 389 35.53 38.03 17.78
CA THR C 389 36.73 37.60 18.49
C THR C 389 36.56 36.15 18.93
N THR C 390 37.58 35.35 18.70
CA THR C 390 37.51 33.90 18.88
C THR C 390 38.55 33.44 19.88
N GLN C 391 38.10 32.70 20.89
CA GLN C 391 38.97 31.88 21.73
C GLN C 391 38.89 30.43 21.25
N PHE C 392 39.77 29.58 21.79
CA PHE C 392 39.66 28.16 21.49
C PHE C 392 38.40 27.56 22.10
N SER C 393 37.98 28.07 23.26
CA SER C 393 36.78 27.58 23.91
C SER C 393 35.50 27.95 23.15
N ASP C 394 35.60 28.79 22.11
CA ASP C 394 34.51 28.99 21.18
C ASP C 394 34.52 27.96 20.05
N VAL C 395 35.68 27.41 19.75
CA VAL C 395 35.80 26.39 18.72
C VAL C 395 35.66 24.98 19.30
N PHE C 396 36.11 24.78 20.53
CA PHE C 396 36.07 23.45 21.14
C PHE C 396 34.69 22.77 21.13
N PRO C 397 33.58 23.45 21.42
CA PRO C 397 32.29 22.72 21.43
C PRO C 397 31.98 22.03 20.11
N ILE C 398 32.35 22.64 18.99
N ILE C 398 32.35 22.63 18.99
CA ILE C 398 32.11 22.03 17.68
CA ILE C 398 32.09 21.99 17.70
C ILE C 398 32.83 20.70 17.57
C ILE C 398 32.83 20.68 17.58
N LEU C 399 34.11 20.67 17.96
CA LEU C 399 34.89 19.43 17.90
C LEU C 399 34.43 18.44 18.96
N TYR C 400 34.01 18.94 20.12
CA TYR C 400 33.69 18.05 21.23
C TYR C 400 32.35 17.37 21.03
N ARG C 401 31.34 18.12 20.58
CA ARG C 401 30.04 17.52 20.29
C ARG C 401 30.12 16.53 19.15
N LEU C 402 30.79 16.92 18.06
CA LEU C 402 30.98 16.01 16.93
C LEU C 402 31.71 14.74 17.36
N TYR C 403 32.71 14.87 18.24
CA TYR C 403 33.44 13.70 18.74
C TYR C 403 32.50 12.75 19.47
N ARG C 404 31.65 13.28 20.35
CA ARG C 404 30.75 12.48 21.15
C ARG C 404 29.52 12.01 20.38
N MET C 405 29.37 12.42 19.12
CA MET C 405 28.31 11.89 18.27
C MET C 405 28.57 10.44 17.86
N GLN C 406 29.78 9.93 18.09
CA GLN C 406 30.08 8.53 17.77
C GLN C 406 29.19 7.58 18.54
N TRP C 407 28.69 8.02 19.70
CA TRP C 407 27.85 7.20 20.55
C TRP C 407 26.40 7.09 20.07
N VAL C 408 25.99 7.88 19.08
CA VAL C 408 24.61 7.89 18.61
C VAL C 408 24.50 7.78 17.09
N ASN C 409 25.61 7.70 16.37
CA ASN C 409 25.59 7.79 14.92
C ASN C 409 26.82 7.10 14.36
N GLN C 410 26.64 6.23 13.36
CA GLN C 410 27.74 5.39 12.91
C GLN C 410 28.80 6.18 12.17
N ALA C 411 28.38 7.13 11.32
CA ALA C 411 29.33 7.89 10.53
C ALA C 411 30.34 8.60 11.42
N ASP C 412 29.90 9.07 12.60
CA ASP C 412 30.79 9.79 13.49
C ASP C 412 31.66 8.86 14.33
N PHE C 413 31.38 7.57 14.31
CA PHE C 413 32.20 6.56 14.98
C PHE C 413 33.25 5.98 14.03
N THR C 414 32.86 5.62 12.81
CA THR C 414 33.74 4.89 11.91
C THR C 414 33.92 5.55 10.54
N ASP C 415 33.34 6.73 10.31
CA ASP C 415 33.48 7.32 8.99
C ASP C 415 33.75 8.83 9.05
N ASN C 416 34.29 9.33 10.15
CA ASN C 416 34.50 10.75 10.37
C ASN C 416 36.00 10.99 10.53
N ALA C 417 36.65 11.45 9.46
CA ALA C 417 38.10 11.62 9.47
C ALA C 417 38.58 12.60 10.53
N VAL C 418 37.71 13.51 10.99
CA VAL C 418 38.10 14.44 12.04
C VAL C 418 38.04 13.77 13.40
N ASN C 419 37.02 12.95 13.65
CA ASN C 419 36.96 12.20 14.90
C ASN C 419 38.09 11.19 15.02
N THR C 420 38.54 10.61 13.90
CA THR C 420 39.67 9.70 13.96
C THR C 420 40.98 10.44 14.19
N GLN C 421 41.09 11.67 13.67
CA GLN C 421 42.28 12.49 13.93
C GLN C 421 42.32 12.92 15.39
N ILE C 422 41.17 13.23 15.98
CA ILE C 422 41.13 13.53 17.41
C ILE C 422 41.60 12.31 18.21
N ARG C 423 41.09 11.12 17.86
N ARG C 423 41.10 11.12 17.85
CA ARG C 423 41.56 9.90 18.49
CA ARG C 423 41.57 9.90 18.50
C ARG C 423 43.06 9.74 18.32
C ARG C 423 43.07 9.72 18.32
N GLU C 424 43.58 10.07 17.14
CA GLU C 424 45.02 10.03 16.91
C GLU C 424 45.75 10.96 17.87
N LEU C 425 45.25 12.19 18.03
CA LEU C 425 45.86 13.11 18.97
C LEU C 425 45.72 12.63 20.42
N ASN C 426 44.65 11.89 20.72
CA ASN C 426 44.42 11.47 22.10
C ASN C 426 45.37 10.37 22.53
N SER C 427 45.74 9.46 21.60
CA SER C 427 46.57 8.32 21.95
C SER C 427 48.00 8.71 22.29
N GLU C 428 48.48 9.83 21.77
CA GLU C 428 49.81 10.33 22.11
C GLU C 428 49.73 11.56 23.00
N LEU C 429 48.58 11.77 23.65
CA LEU C 429 48.31 12.92 24.50
C LEU C 429 48.74 14.22 23.83
N GLY C 430 48.52 14.31 22.53
CA GLY C 430 48.88 15.48 21.76
C GLY C 430 47.70 16.25 21.24
N PHE C 431 46.64 16.35 22.05
CA PHE C 431 45.49 17.17 21.68
C PHE C 431 45.77 18.65 21.83
N ALA C 432 46.72 19.03 22.70
CA ALA C 432 46.99 20.43 22.98
C ALA C 432 47.52 21.19 21.77
N GLN C 433 48.03 20.49 20.75
CA GLN C 433 48.50 21.19 19.55
C GLN C 433 47.38 22.00 18.90
N LEU C 434 46.13 21.53 18.99
CA LEU C 434 45.01 22.28 18.44
C LEU C 434 44.88 23.64 19.11
N LEU C 435 45.26 23.75 20.38
CA LEU C 435 45.20 25.01 21.10
C LEU C 435 46.33 25.96 20.74
N ASP C 436 47.20 25.57 19.80
CA ASP C 436 48.37 26.37 19.43
C ASP C 436 48.03 27.27 18.25
N ASN C 437 48.08 28.59 18.47
CA ASN C 437 47.74 29.56 17.44
C ASN C 437 48.94 29.99 16.59
N SER C 438 50.09 29.34 16.76
CA SER C 438 51.30 29.75 16.05
C SER C 438 51.39 29.06 14.69
N ALA C 439 52.38 29.49 13.90
CA ALA C 439 52.45 29.06 12.50
C ALA C 439 52.74 27.57 12.38
N SER C 440 53.56 27.02 13.29
CA SER C 440 53.94 25.62 13.19
C SER C 440 52.75 24.67 13.32
N ALA C 441 51.63 25.15 13.88
CA ALA C 441 50.42 24.36 14.00
C ALA C 441 49.33 24.76 13.01
N LYS C 442 49.63 25.69 12.09
CA LYS C 442 48.57 26.19 11.19
C LYS C 442 48.08 25.11 10.24
N SER C 443 49.00 24.32 9.67
CA SER C 443 48.60 23.26 8.76
C SER C 443 47.75 22.21 9.48
N LEU C 444 48.02 21.98 10.77
CA LEU C 444 47.19 21.06 11.55
C LEU C 444 45.77 21.60 11.68
N ARG C 445 45.62 22.85 12.09
CA ARG C 445 44.30 23.44 12.24
C ARG C 445 43.59 23.53 10.89
N GLU C 446 44.30 23.96 9.85
CA GLU C 446 43.68 24.15 8.55
C GLU C 446 43.19 22.83 7.95
N GLY C 447 43.92 21.74 8.17
CA GLY C 447 43.47 20.45 7.65
C GLY C 447 42.14 20.03 8.26
N ILE C 448 41.93 20.36 9.53
CA ILE C 448 40.68 20.03 10.18
C ILE C 448 39.58 20.99 9.76
N PHE C 449 39.89 22.29 9.67
CA PHE C 449 38.88 23.28 9.33
C PHE C 449 38.42 23.16 7.88
N ASN C 450 39.29 22.69 6.99
CA ASN C 450 38.91 22.56 5.58
C ASN C 450 37.85 21.49 5.36
N GLN C 451 37.68 20.56 6.29
CA GLN C 451 36.71 19.48 6.14
C GLN C 451 35.30 19.90 6.53
N PHE C 452 35.11 21.11 7.03
CA PHE C 452 33.81 21.52 7.52
C PHE C 452 33.04 22.28 6.44
N ARG C 453 31.72 22.11 6.45
CA ARG C 453 30.88 22.72 5.44
C ARG C 453 30.78 24.23 5.68
N ASN C 454 30.95 24.99 4.61
CA ASN C 454 30.94 26.45 4.69
C ASN C 454 29.51 26.95 4.61
N PRO C 455 28.96 27.57 5.67
CA PRO C 455 27.55 28.00 5.64
C PRO C 455 27.25 29.12 4.67
N LEU C 456 28.23 29.63 3.93
CA LEU C 456 27.93 30.45 2.77
C LEU C 456 27.27 29.64 1.66
N PHE C 457 27.40 28.32 1.71
CA PHE C 457 26.85 27.41 0.70
C PHE C 457 27.30 27.80 -0.71
N ASP C 458 28.47 28.44 -0.80
CA ASP C 458 29.05 28.85 -2.08
C ASP C 458 30.27 28.00 -2.45
N GLN C 459 30.57 26.97 -1.67
CA GLN C 459 31.64 26.03 -1.99
C GLN C 459 31.04 24.79 -2.64
N ASP C 460 31.89 24.07 -3.38
CA ASP C 460 31.52 22.79 -3.98
C ASP C 460 30.27 22.91 -4.86
N ILE C 461 30.20 23.99 -5.65
CA ILE C 461 29.06 24.21 -6.53
C ILE C 461 29.55 24.57 -7.91
N ASP C 462 28.73 24.22 -8.91
CA ASP C 462 28.92 24.66 -10.28
C ASP C 462 27.76 25.59 -10.63
N VAL C 463 28.09 26.83 -10.99
CA VAL C 463 27.07 27.85 -11.22
C VAL C 463 26.38 27.55 -12.56
N ASP C 464 25.13 27.10 -12.50
CA ASP C 464 24.35 26.82 -13.69
C ASP C 464 23.82 28.11 -14.29
N ASP C 465 23.90 28.20 -15.62
CA ASP C 465 23.39 29.34 -16.38
C ASP C 465 23.82 30.69 -15.79
N PRO C 466 25.12 31.01 -15.80
CA PRO C 466 25.48 32.37 -15.40
C PRO C 466 25.32 33.37 -16.53
N GLU C 472 21.57 29.60 -10.89
CA GLU C 472 21.38 28.42 -10.04
C GLU C 472 22.70 27.83 -9.58
N TRP C 473 22.81 27.59 -8.28
CA TRP C 473 23.99 26.97 -7.69
C TRP C 473 23.73 25.48 -7.52
N VAL C 474 24.48 24.65 -8.23
CA VAL C 474 24.29 23.21 -8.22
C VAL C 474 25.51 22.55 -7.61
N SER C 475 25.30 21.79 -6.54
CA SER C 475 26.40 21.15 -5.84
C SER C 475 27.12 20.15 -6.73
N ASN C 476 28.44 20.14 -6.64
CA ASN C 476 29.25 19.09 -7.23
C ASN C 476 29.73 18.08 -6.20
N SER C 477 29.21 18.14 -4.97
N SER C 477 29.19 18.12 -4.98
CA SER C 477 29.45 17.14 -3.95
CA SER C 477 29.49 17.12 -3.95
C SER C 477 28.33 16.12 -3.98
C SER C 477 28.49 15.97 -4.07
N ARG C 478 28.31 15.21 -3.00
CA ARG C 478 27.30 14.16 -2.98
C ARG C 478 25.94 14.72 -2.62
N ILE C 479 24.94 14.43 -3.45
CA ILE C 479 23.59 14.91 -3.23
C ILE C 479 22.80 13.87 -2.47
N ILE C 480 21.69 14.28 -1.89
CA ILE C 480 20.72 13.38 -1.27
C ILE C 480 19.55 13.25 -2.22
N PRO C 481 19.39 12.13 -2.92
CA PRO C 481 18.32 12.03 -3.91
C PRO C 481 16.94 12.04 -3.26
N SER C 482 15.96 12.48 -4.04
CA SER C 482 14.57 12.27 -3.69
C SER C 482 14.21 10.79 -3.81
N LYS C 483 13.17 10.38 -3.08
CA LYS C 483 12.64 9.03 -3.28
C LYS C 483 12.01 8.86 -4.66
N ASP C 484 11.63 9.96 -5.31
CA ASP C 484 11.08 9.92 -6.65
C ASP C 484 12.22 9.64 -7.63
N GLU C 485 12.34 8.39 -8.05
CA GLU C 485 13.48 7.91 -8.81
C GLU C 485 13.44 8.36 -10.27
N THR C 486 14.62 8.59 -10.83
CA THR C 486 14.81 8.79 -12.27
C THR C 486 15.98 7.92 -12.72
N ASN C 487 15.70 6.88 -13.51
CA ASN C 487 16.75 5.98 -13.96
C ASN C 487 17.61 6.66 -15.02
N ILE C 488 18.34 7.70 -14.62
CA ILE C 488 19.28 8.40 -15.46
C ILE C 488 20.60 8.53 -14.70
N ALA C 489 21.71 8.44 -15.43
CA ALA C 489 23.05 8.49 -14.83
C ALA C 489 23.22 9.68 -13.90
N ALA C 490 23.46 9.41 -12.63
CA ALA C 490 23.77 10.46 -11.67
C ALA C 490 25.08 11.13 -12.03
N LYS C 491 25.12 12.45 -11.84
CA LYS C 491 26.33 13.20 -12.13
C LYS C 491 27.42 12.81 -11.12
N PRO C 492 28.59 12.39 -11.57
CA PRO C 492 29.65 12.02 -10.62
C PRO C 492 30.10 13.22 -9.80
N ALA C 493 30.17 13.03 -8.49
CA ALA C 493 30.60 14.09 -7.59
C ALA C 493 32.10 14.34 -7.72
N THR C 494 32.48 15.62 -7.80
CA THR C 494 33.89 16.00 -7.90
C THR C 494 34.46 16.52 -6.59
N SER C 495 33.63 16.83 -5.61
CA SER C 495 34.07 17.39 -4.34
C SER C 495 33.73 16.45 -3.20
N SER C 496 34.67 16.31 -2.26
CA SER C 496 34.45 15.51 -1.08
C SER C 496 33.26 16.04 -0.29
N LEU C 497 32.53 15.13 0.35
CA LEU C 497 31.41 15.51 1.19
C LEU C 497 31.95 16.17 2.45
N LYS C 498 31.54 17.42 2.68
CA LYS C 498 32.03 18.14 3.84
C LYS C 498 31.29 17.73 5.10
N LEU C 499 31.74 18.26 6.23
CA LEU C 499 31.25 17.90 7.55
C LEU C 499 30.37 19.02 8.12
N PRO C 500 29.40 18.68 8.98
CA PRO C 500 29.07 17.31 9.39
C PRO C 500 28.14 16.58 8.41
N PHE C 501 28.04 15.27 8.56
CA PHE C 501 27.30 14.42 7.63
C PHE C 501 25.81 14.36 7.96
N TYR C 502 25.17 15.53 8.11
CA TYR C 502 23.76 15.56 8.46
C TYR C 502 22.96 16.30 7.39
N PRO C 503 21.70 15.91 7.16
CA PRO C 503 20.82 16.69 6.28
C PRO C 503 20.48 18.05 6.89
N ASN C 504 19.86 18.90 6.08
CA ASN C 504 19.61 20.28 6.48
C ASN C 504 18.31 20.78 5.86
N ASP C 505 18.02 22.05 6.09
CA ASP C 505 16.82 22.78 5.65
C ASP C 505 16.41 22.47 4.22
N GLY C 506 17.39 22.39 3.30
CA GLY C 506 17.09 22.22 1.90
C GLY C 506 17.09 20.80 1.39
N ILE C 507 16.78 19.85 2.28
CA ILE C 507 16.80 18.43 1.93
C ILE C 507 15.89 18.14 0.75
N ASP C 508 14.84 18.95 0.58
CA ASP C 508 13.85 18.70 -0.47
C ASP C 508 14.42 18.86 -1.87
N TYR C 509 15.59 19.49 -2.02
CA TYR C 509 16.09 19.93 -3.32
C TYR C 509 17.40 19.23 -3.66
N PRO C 510 17.34 18.12 -4.41
CA PRO C 510 18.58 17.47 -4.84
C PRO C 510 19.46 18.41 -5.63
N GLY C 511 20.74 18.47 -5.23
CA GLY C 511 21.71 19.33 -5.87
C GLY C 511 21.92 20.66 -5.18
N SER C 512 21.04 21.02 -4.24
CA SER C 512 21.22 22.26 -3.53
C SER C 512 22.30 22.09 -2.46
N PRO C 513 23.19 23.07 -2.30
CA PRO C 513 24.18 22.97 -1.23
C PRO C 513 23.57 22.91 0.15
N VAL C 514 22.29 23.24 0.29
CA VAL C 514 21.64 23.34 1.59
C VAL C 514 20.97 22.00 1.93
N GLN C 515 21.18 21.00 1.09
CA GLN C 515 20.74 19.65 1.46
C GLN C 515 21.44 19.16 2.72
N TRP C 516 22.65 19.66 2.98
CA TRP C 516 23.50 19.19 4.04
C TRP C 516 23.72 20.27 5.08
N PHE C 517 23.99 19.84 6.31
CA PHE C 517 24.08 20.78 7.42
C PHE C 517 25.46 21.43 7.48
N ALA C 518 25.46 22.74 7.71
CA ALA C 518 26.67 23.50 7.99
C ALA C 518 26.51 24.17 9.34
N ILE C 519 27.58 24.14 10.13
CA ILE C 519 27.58 24.97 11.35
C ILE C 519 27.33 26.42 10.94
N PRO C 520 26.60 27.20 11.72
CA PRO C 520 26.09 28.48 11.22
C PRO C 520 27.20 29.47 10.95
N PRO C 521 26.91 30.56 10.24
CA PRO C 521 27.98 31.50 9.84
C PRO C 521 28.90 31.95 10.97
N PHE C 522 28.38 32.19 12.16
CA PHE C 522 29.23 32.73 13.21
C PHE C 522 30.09 31.66 13.87
N MET C 523 29.58 30.43 13.98
CA MET C 523 30.41 29.35 14.50
C MET C 523 31.47 28.95 13.47
N TYR C 524 31.12 29.00 12.19
CA TYR C 524 32.14 28.79 11.16
C TYR C 524 33.13 29.95 11.11
N GLN C 525 32.70 31.15 11.51
CA GLN C 525 33.64 32.25 11.65
C GLN C 525 34.68 31.94 12.71
N HIS C 526 34.22 31.49 13.88
CA HIS C 526 35.12 31.03 14.94
C HIS C 526 36.08 29.98 14.40
N LEU C 527 35.56 29.01 13.63
CA LEU C 527 36.39 27.96 13.09
C LEU C 527 37.41 28.51 12.10
N GLN C 528 37.03 29.51 11.31
CA GLN C 528 37.97 30.13 10.40
C GLN C 528 39.03 30.91 11.16
N ASN C 529 38.62 31.61 12.22
CA ASN C 529 39.57 32.37 13.01
C ASN C 529 40.59 31.46 13.67
N TRP C 530 40.15 30.26 14.10
CA TRP C 530 41.06 29.30 14.71
C TRP C 530 42.04 28.75 13.69
N ALA C 531 41.54 28.43 12.48
CA ALA C 531 42.40 27.88 11.44
C ALA C 531 43.44 28.88 10.96
N ALA C 532 43.11 30.17 10.94
CA ALA C 532 44.07 31.17 10.47
C ALA C 532 45.10 31.52 11.54
N GLY C 533 44.78 31.32 12.81
CA GLY C 533 45.65 31.65 13.91
C GLY C 533 45.14 32.75 14.81
N ASP C 534 44.12 33.49 14.37
CA ASP C 534 43.62 34.62 15.15
C ASP C 534 42.64 34.12 16.21
N PHE C 535 43.21 33.49 17.23
CA PHE C 535 42.45 33.12 18.41
C PHE C 535 43.35 33.18 19.62
N SER C 536 42.71 33.28 20.79
CA SER C 536 43.40 33.36 22.06
C SER C 536 43.02 32.17 22.94
N VAL C 537 43.94 31.77 23.81
CA VAL C 537 43.69 30.68 24.74
C VAL C 537 44.70 30.79 25.87
N THR C 538 44.22 30.55 27.09
CA THR C 538 45.07 30.71 28.26
C THR C 538 45.98 29.50 28.43
N GLN C 539 47.06 29.71 29.19
CA GLN C 539 47.99 28.61 29.47
C GLN C 539 47.34 27.54 30.33
N VAL C 540 46.50 27.96 31.29
CA VAL C 540 45.79 27.01 32.13
C VAL C 540 44.96 26.04 31.29
N GLU C 541 44.37 26.55 30.20
CA GLU C 541 43.64 25.69 29.27
C GLU C 541 44.58 24.70 28.60
N LYS C 542 45.74 25.18 28.13
CA LYS C 542 46.71 24.30 27.49
C LYS C 542 47.15 23.17 28.42
N GLU C 543 47.26 23.45 29.72
CA GLU C 543 47.75 22.43 30.64
C GLU C 543 46.75 21.31 30.88
N SER C 544 45.46 21.56 30.62
CA SER C 544 44.44 20.55 30.82
C SER C 544 43.88 20.01 29.50
N ALA C 545 44.65 20.11 28.41
CA ALA C 545 44.17 19.80 27.08
C ALA C 545 45.04 18.74 26.42
N ASN C 546 45.47 17.73 27.19
CA ASN C 546 46.26 16.65 26.62
C ASN C 546 45.41 15.68 25.83
N THR C 547 44.21 15.38 26.31
CA THR C 547 43.17 14.71 25.54
C THR C 547 41.95 15.60 25.50
N ILE C 548 41.04 15.30 24.55
CA ILE C 548 39.83 16.11 24.43
C ILE C 548 38.95 15.94 25.67
N GLU C 549 38.95 14.74 26.26
CA GLU C 549 38.13 14.49 27.45
C GLU C 549 38.60 15.32 28.64
N GLU C 550 39.92 15.44 28.82
CA GLU C 550 40.43 16.25 29.93
C GLU C 550 40.05 17.72 29.76
N LEU C 551 40.20 18.25 28.55
CA LEU C 551 39.78 19.62 28.30
C LEU C 551 38.28 19.78 28.49
N GLY C 552 37.50 18.78 28.07
CA GLY C 552 36.06 18.84 28.30
C GLY C 552 35.72 18.84 29.77
N LEU C 553 36.43 18.03 30.56
CA LEU C 553 36.21 18.04 32.01
C LEU C 553 36.65 19.37 32.62
N PHE C 554 37.69 19.99 32.06
CA PHE C 554 38.13 21.30 32.54
C PHE C 554 37.07 22.36 32.26
N TYR C 555 36.60 22.45 31.00
CA TYR C 555 35.55 23.40 30.67
C TYR C 555 34.28 23.11 31.46
N SER C 556 34.00 21.83 31.69
CA SER C 556 32.87 21.46 32.55
C SER C 556 33.01 22.10 33.93
N GLU C 557 34.22 22.09 34.50
CA GLU C 557 34.43 22.73 35.79
C GLU C 557 34.29 24.24 35.70
N GLN C 558 34.62 24.83 34.55
CA GLN C 558 34.42 26.28 34.38
C GLN C 558 32.94 26.64 34.45
N PHE C 559 32.09 25.85 33.80
CA PHE C 559 30.64 26.05 33.92
C PHE C 559 30.19 25.87 35.36
N LYS C 560 30.61 24.77 35.99
CA LYS C 560 30.12 24.43 37.32
C LYS C 560 30.38 25.54 38.33
N ASN C 561 31.49 26.28 38.18
CA ASN C 561 31.88 27.30 39.13
C ASN C 561 31.66 28.72 38.63
N SER C 562 30.93 28.90 37.54
CA SER C 562 30.56 30.24 37.11
C SER C 562 29.51 30.80 38.06
N PRO C 563 29.66 32.04 38.53
CA PRO C 563 28.75 32.56 39.55
C PRO C 563 27.42 33.08 39.01
N ASN C 564 27.23 33.17 37.70
N ASN C 564 27.24 33.13 37.69
CA ASN C 564 25.97 33.65 37.17
CA ASN C 564 25.99 33.61 37.09
C ASN C 564 25.05 32.45 36.94
C ASN C 564 25.05 32.42 36.93
N SER C 565 24.38 32.04 38.03
CA SER C 565 23.50 30.89 37.97
C SER C 565 22.28 31.15 37.08
N ALA C 566 21.77 32.38 37.08
CA ALA C 566 20.59 32.69 36.27
C ALA C 566 20.90 32.55 34.78
N LEU C 567 21.98 33.19 34.32
CA LEU C 567 22.32 33.12 32.91
C LEU C 567 22.74 31.71 32.49
N LEU C 568 23.48 31.01 33.34
CA LEU C 568 23.83 29.62 33.06
C LEU C 568 22.57 28.77 32.91
N CYS C 569 21.63 28.91 33.87
CA CYS C 569 20.37 28.19 33.79
C CYS C 569 19.57 28.58 32.55
N ALA C 570 19.66 29.85 32.14
CA ALA C 570 19.06 30.24 30.87
C ALA C 570 19.67 29.48 29.72
N ARG C 571 21.00 29.33 29.73
CA ARG C 571 21.70 28.62 28.67
C ARG C 571 21.53 27.10 28.79
N GLY C 572 21.38 26.59 30.01
CA GLY C 572 21.26 25.15 30.19
C GLY C 572 19.94 24.61 29.70
N ALA C 573 18.88 25.43 29.75
CA ALA C 573 17.60 25.02 29.22
C ALA C 573 17.65 24.75 27.73
N LEU C 574 18.54 25.44 27.01
CA LEU C 574 18.54 25.41 25.56
C LEU C 574 19.77 24.76 24.95
N ASP C 575 20.79 24.45 25.75
CA ASP C 575 21.98 23.82 25.18
C ASP C 575 21.72 22.37 24.79
N ALA C 576 20.71 21.74 25.37
CA ALA C 576 20.38 20.36 25.02
C ALA C 576 19.40 20.26 23.85
N LEU C 577 18.84 21.38 23.42
CA LEU C 577 17.91 21.40 22.31
C LEU C 577 18.65 21.57 20.98
N TYR C 578 18.02 21.09 19.92
CA TYR C 578 18.65 21.15 18.60
C TYR C 578 18.56 22.55 18.01
N GLY C 579 19.52 22.85 17.13
CA GLY C 579 19.53 24.09 16.38
C GLY C 579 19.84 23.86 14.92
N GLY C 580 19.07 22.99 14.28
CA GLY C 580 19.31 22.64 12.89
C GLY C 580 19.66 21.17 12.70
N GLY C 581 19.31 20.60 11.56
CA GLY C 581 18.54 21.28 10.54
C GLY C 581 17.08 21.38 10.95
N PHE C 582 16.36 22.30 10.32
CA PHE C 582 14.97 22.60 10.67
C PHE C 582 14.08 22.07 9.55
N HIS C 583 13.58 20.85 9.74
CA HIS C 583 12.66 20.29 8.77
C HIS C 583 11.58 19.42 9.41
N PRO C 584 10.87 19.89 10.45
CA PRO C 584 10.97 21.15 11.20
C PRO C 584 12.03 21.08 12.29
N GLY C 585 12.39 19.85 12.67
CA GLY C 585 13.34 19.64 13.74
C GLY C 585 12.79 18.71 14.81
N VAL C 586 13.32 18.81 16.03
CA VAL C 586 12.90 17.96 17.14
C VAL C 586 12.03 18.74 18.13
N GLU C 587 12.60 19.77 18.76
CA GLU C 587 11.90 20.51 19.81
C GLU C 587 11.21 21.75 19.25
N LEU C 588 11.99 22.70 18.75
CA LEU C 588 11.53 23.93 18.13
C LEU C 588 12.08 24.02 16.72
N THR C 589 11.76 25.09 16.02
CA THR C 589 12.11 25.21 14.61
C THR C 589 12.51 26.65 14.29
N TRP C 590 12.48 26.99 13.01
CA TRP C 590 13.26 28.10 12.49
C TRP C 590 12.96 29.50 13.05
N PRO C 591 11.74 29.84 13.54
CA PRO C 591 11.56 31.21 14.07
C PRO C 591 12.55 31.56 15.18
N MET C 592 13.08 30.55 15.87
CA MET C 592 13.98 30.78 16.98
C MET C 592 15.35 31.31 16.55
N ARG C 593 15.73 31.14 15.29
CA ARG C 593 17.00 31.65 14.78
C ARG C 593 16.88 33.08 14.24
N HIS C 594 15.79 33.78 14.56
CA HIS C 594 15.59 35.17 14.14
C HIS C 594 15.48 36.04 15.37
N ASN C 595 16.21 37.15 15.38
CA ASN C 595 16.12 38.10 16.48
C ASN C 595 14.71 38.64 16.65
N LEU C 596 13.90 38.59 15.59
CA LEU C 596 12.53 39.08 15.66
C LEU C 596 11.71 38.39 16.76
N ILE C 597 12.03 37.14 17.11
CA ILE C 597 11.22 36.47 18.12
C ILE C 597 11.59 36.86 19.54
N TYR C 598 12.73 37.50 19.73
CA TYR C 598 13.18 37.93 21.05
C TYR C 598 12.92 39.41 21.21
N SER C 599 12.33 39.78 22.35
CA SER C 599 12.22 41.18 22.71
C SER C 599 13.52 41.74 23.27
N GLN C 600 14.51 40.88 23.52
CA GLN C 600 15.78 41.30 24.11
C GLN C 600 16.78 40.18 23.91
N ASN C 601 17.98 40.52 23.47
CA ASN C 601 19.00 39.50 23.17
C ASN C 601 20.38 40.16 23.31
N ASP C 602 20.93 40.12 24.52
CA ASP C 602 22.13 40.87 24.87
C ASP C 602 23.25 39.95 25.38
N TYR C 603 24.42 40.08 24.77
CA TYR C 603 25.63 39.54 25.37
C TYR C 603 25.85 40.18 26.73
N VAL C 604 26.18 39.37 27.73
CA VAL C 604 26.43 39.84 29.09
C VAL C 604 27.89 39.65 29.48
N SER C 605 28.40 38.43 29.38
CA SER C 605 29.73 38.13 29.88
C SER C 605 30.22 36.81 29.32
N SER C 606 31.51 36.58 29.45
N SER C 606 31.52 36.58 29.47
CA SER C 606 32.05 35.25 29.25
CA SER C 606 32.06 35.24 29.25
C SER C 606 31.64 34.34 30.41
C SER C 606 31.64 34.34 30.41
N VAL C 607 31.82 33.03 30.22
CA VAL C 607 31.45 32.09 31.27
C VAL C 607 32.34 32.30 32.49
N THR C 608 33.65 32.36 32.28
CA THR C 608 34.60 32.84 33.28
C THR C 608 35.34 34.05 32.70
N PRO C 609 35.89 34.91 33.56
CA PRO C 609 36.55 36.13 33.05
C PRO C 609 37.55 35.90 31.93
N GLU C 610 38.22 34.74 31.89
CA GLU C 610 39.22 34.49 30.85
C GLU C 610 38.77 33.49 29.80
N ILE C 611 37.62 32.86 29.96
CA ILE C 611 37.18 31.77 29.09
C ILE C 611 35.74 32.06 28.68
N ASN C 612 35.53 32.26 27.38
N ASN C 612 35.51 32.25 27.38
CA ASN C 612 34.21 32.63 26.87
CA ASN C 612 34.18 32.63 26.91
C ASN C 612 33.27 31.43 26.85
C ASN C 612 33.25 31.43 26.84
N LEU C 613 33.66 30.37 26.15
CA LEU C 613 32.81 29.20 25.93
C LEU C 613 31.48 29.61 25.30
N LEU C 614 31.57 30.41 24.25
CA LEU C 614 30.43 30.95 23.51
C LEU C 614 29.56 31.86 24.36
N GLY C 615 29.98 32.14 25.59
CA GLY C 615 29.45 33.23 26.37
C GLY C 615 28.09 32.98 26.99
N LEU C 616 27.68 33.94 27.81
CA LEU C 616 26.39 33.94 28.51
C LEU C 616 25.59 35.16 28.08
N ARG C 617 24.33 34.96 27.74
CA ARG C 617 23.47 36.03 27.25
C ARG C 617 22.23 36.18 28.10
N GLU C 618 21.68 37.39 28.09
CA GLU C 618 20.36 37.66 28.64
C GLU C 618 19.40 37.84 27.48
N PHE C 619 18.38 36.98 27.41
CA PHE C 619 17.45 37.02 26.30
C PHE C 619 16.04 36.80 26.82
N ARG C 620 15.07 37.39 26.12
CA ARG C 620 13.67 37.23 26.45
C ARG C 620 12.88 37.04 25.16
N LEU C 621 11.84 36.23 25.24
CA LEU C 621 10.95 36.03 24.10
C LEU C 621 9.97 37.19 23.98
N LYS C 622 9.65 37.55 22.74
CA LYS C 622 8.49 38.41 22.51
C LYS C 622 7.24 37.72 23.03
N GLN C 623 6.41 38.45 23.75
CA GLN C 623 5.21 37.86 24.34
C GLN C 623 4.00 38.76 24.10
N ASP C 624 2.87 38.13 23.81
CA ASP C 624 1.59 38.83 23.85
C ASP C 624 1.12 38.87 25.29
N LEU C 625 1.00 40.08 25.85
CA LEU C 625 0.83 40.22 27.29
C LEU C 625 -0.51 39.68 27.77
N GLN C 626 -1.53 39.68 26.91
CA GLN C 626 -2.83 39.13 27.30
C GLN C 626 -2.84 37.60 27.32
N GLY C 627 -1.82 36.95 26.77
CA GLY C 627 -1.70 35.50 26.85
C GLY C 627 -2.79 34.76 26.10
N LEU C 628 -3.55 33.92 26.81
CA LEU C 628 -4.61 33.15 26.18
C LEU C 628 -5.75 34.05 25.70
N ASN C 629 -5.91 35.23 26.28
CA ASN C 629 -6.99 36.12 25.90
C ASN C 629 -6.58 37.09 24.82
N SER C 630 -5.40 36.90 24.22
CA SER C 630 -4.99 37.74 23.11
C SER C 630 -6.04 37.70 21.99
N PRO C 631 -6.35 38.83 21.37
CA PRO C 631 -7.19 38.80 20.17
C PRO C 631 -6.51 38.16 18.97
N ASN C 632 -5.20 37.91 19.04
CA ASN C 632 -4.45 37.25 17.99
C ASN C 632 -4.17 35.79 18.30
N MET C 633 -4.79 35.25 19.35
CA MET C 633 -4.62 33.85 19.70
C MET C 633 -4.97 32.92 18.55
N TYR C 634 -5.88 33.33 17.68
CA TYR C 634 -6.43 32.46 16.65
C TYR C 634 -6.22 33.03 15.25
N GLN C 635 -5.06 33.63 15.02
CA GLN C 635 -4.76 34.28 13.76
C GLN C 635 -4.19 33.30 12.75
N ASP C 636 -4.33 33.63 11.47
CA ASP C 636 -3.70 32.87 10.40
C ASP C 636 -3.65 33.75 9.16
N PHE C 637 -3.13 33.18 8.07
CA PHE C 637 -3.00 33.89 6.80
C PHE C 637 -3.92 33.32 5.73
N GLY C 638 -5.03 32.68 6.11
CA GLY C 638 -5.94 32.15 5.12
C GLY C 638 -5.55 30.76 4.64
N HIS C 639 -5.84 30.51 3.36
CA HIS C 639 -5.78 29.14 2.84
C HIS C 639 -4.36 28.57 2.87
N VAL C 640 -3.35 29.41 2.72
CA VAL C 640 -1.97 28.98 2.75
C VAL C 640 -1.16 29.97 3.58
N ILE C 641 0.01 29.50 4.01
CA ILE C 641 1.04 30.37 4.55
C ILE C 641 2.21 30.33 3.57
N ALA C 642 2.89 31.47 3.43
CA ALA C 642 3.96 31.59 2.47
C ALA C 642 4.98 32.57 3.03
N VAL C 643 6.11 32.71 2.33
CA VAL C 643 7.17 33.58 2.83
C VAL C 643 6.72 35.04 2.81
N ASP C 644 5.77 35.39 1.93
CA ASP C 644 5.28 36.77 1.86
C ASP C 644 4.65 37.18 3.18
N ASN C 645 3.98 36.25 3.86
CA ASN C 645 3.42 36.58 5.17
C ASN C 645 4.53 36.82 6.17
N VAL C 646 5.61 36.05 6.11
CA VAL C 646 6.74 36.26 7.01
C VAL C 646 7.43 37.57 6.67
N THR C 647 7.48 37.91 5.38
CA THR C 647 8.03 39.20 4.96
C THR C 647 7.25 40.35 5.59
N ALA C 648 5.92 40.32 5.48
CA ALA C 648 5.09 41.37 6.06
C ALA C 648 5.15 41.38 7.58
N SER C 649 5.55 40.27 8.20
CA SER C 649 5.67 40.18 9.65
C SER C 649 6.91 40.90 10.18
N ILE C 650 7.90 41.18 9.33
CA ILE C 650 9.14 41.78 9.80
C ILE C 650 8.85 43.09 10.53
N ASP C 651 8.11 43.99 9.90
CA ASP C 651 7.73 45.28 10.46
C ASP C 651 6.92 45.08 11.73
N PRO C 652 7.44 45.46 12.90
CA PRO C 652 6.68 45.28 14.15
C PRO C 652 5.38 46.09 14.20
N ASN C 653 5.18 47.07 13.33
CA ASN C 653 3.94 47.83 13.29
C ASN C 653 2.92 47.29 12.31
N SER C 654 3.32 46.35 11.44
CA SER C 654 2.39 45.84 10.45
C SER C 654 1.38 44.90 11.11
N ASP C 655 0.35 44.54 10.35
CA ASP C 655 -0.71 43.69 10.87
C ASP C 655 -0.33 42.22 10.92
N ALA C 656 0.82 41.85 10.38
CA ALA C 656 1.34 40.49 10.45
C ALA C 656 2.40 40.32 11.53
N ALA C 657 2.68 41.37 12.32
CA ALA C 657 3.70 41.29 13.35
C ALA C 657 3.32 40.33 14.46
N TRP C 658 2.02 40.01 14.61
CA TRP C 658 1.57 39.03 15.60
C TRP C 658 2.29 37.70 15.46
N LEU C 659 2.86 37.43 14.28
CA LEU C 659 3.56 36.17 14.05
C LEU C 659 4.72 35.99 15.00
N TRP C 660 5.38 37.08 15.39
CA TRP C 660 6.52 37.02 16.28
C TRP C 660 6.18 37.31 17.73
N ARG C 661 4.99 37.85 18.00
CA ARG C 661 4.58 38.18 19.37
C ARG C 661 3.79 36.99 19.87
N SER C 662 4.49 36.10 20.56
CA SER C 662 3.97 34.75 20.80
C SER C 662 2.88 34.76 21.85
N THR C 663 1.74 34.15 21.50
CA THR C 663 0.66 33.67 22.34
C THR C 663 0.91 32.21 22.70
N PRO C 664 0.28 31.69 23.74
CA PRO C 664 0.45 30.27 24.09
C PRO C 664 0.24 29.35 22.90
N GLY C 665 1.20 28.45 22.68
CA GLY C 665 1.18 27.51 21.59
C GLY C 665 1.92 27.94 20.34
N ASP C 666 2.38 29.20 20.26
CA ASP C 666 2.99 29.69 19.04
C ASP C 666 4.32 29.04 18.74
N LEU C 667 5.02 28.57 19.78
CA LEU C 667 6.35 28.00 19.58
C LEU C 667 6.30 26.58 19.03
N THR C 668 5.33 25.77 19.47
CA THR C 668 5.27 24.36 19.07
C THR C 668 4.31 24.09 17.91
N LYS C 669 3.41 25.03 17.58
CA LYS C 669 2.43 24.79 16.52
C LYS C 669 3.08 24.48 15.18
N TRP C 670 4.35 24.85 15.00
CA TRP C 670 5.02 24.59 13.73
C TRP C 670 5.37 23.12 13.56
N MET C 671 5.60 22.42 14.66
CA MET C 671 6.22 21.11 14.62
C MET C 671 5.25 20.05 14.11
N GLY C 672 5.75 18.82 13.96
CA GLY C 672 4.95 17.75 13.40
C GLY C 672 3.86 17.30 14.37
N ILE C 673 2.71 16.99 13.80
CA ILE C 673 1.55 16.52 14.55
C ILE C 673 1.21 15.11 14.08
N PRO C 674 1.30 14.07 14.93
CA PRO C 674 1.85 14.15 16.28
C PRO C 674 3.37 14.15 16.22
N TRP C 675 4.02 14.47 17.34
CA TRP C 675 5.48 14.54 17.33
C TRP C 675 6.12 13.19 17.03
N GLN C 676 5.47 12.08 17.41
CA GLN C 676 6.04 10.77 17.15
C GLN C 676 6.24 10.53 15.67
N SER C 677 5.39 11.13 14.81
CA SER C 677 5.60 11.02 13.38
C SER C 677 6.92 11.65 12.97
N ASP C 678 7.30 12.75 13.63
CA ASP C 678 8.55 13.41 13.32
C ASP C 678 9.74 12.61 13.83
N ALA C 679 9.63 12.06 15.04
CA ALA C 679 10.74 11.30 15.61
C ALA C 679 11.03 10.05 14.79
N ALA C 680 9.99 9.33 14.36
CA ALA C 680 10.20 8.17 13.51
C ALA C 680 10.80 8.55 12.17
N SER C 681 10.46 9.73 11.67
CA SER C 681 11.07 10.29 10.47
C SER C 681 12.39 11.00 10.75
N CYS C 682 12.85 11.01 12.00
CA CYS C 682 14.08 11.70 12.37
C CYS C 682 15.20 10.67 12.56
N GLN C 683 15.63 10.09 11.45
CA GLN C 683 16.67 9.07 11.50
C GLN C 683 17.65 9.23 10.34
N ALA C 684 17.88 8.13 9.62
CA ALA C 684 18.83 8.13 8.52
C ALA C 684 18.14 8.50 7.21
N VAL C 685 18.90 9.15 6.33
CA VAL C 685 18.47 9.41 4.96
C VAL C 685 19.53 8.75 4.08
N TYR C 686 19.22 7.57 3.58
CA TYR C 686 20.22 6.79 2.86
C TYR C 686 20.47 7.38 1.47
N THR C 687 21.73 7.44 1.09
CA THR C 687 22.20 7.84 -0.22
C THR C 687 22.57 6.61 -1.04
N PRO C 688 22.71 6.75 -2.36
CA PRO C 688 23.17 5.59 -3.15
C PRO C 688 24.51 5.06 -2.71
N GLU C 689 25.38 5.92 -2.20
CA GLU C 689 26.62 5.48 -1.59
C GLU C 689 26.35 5.02 -0.17
N ASP C 690 26.94 3.89 0.22
CA ASP C 690 26.60 3.28 1.49
C ASP C 690 27.07 4.11 2.67
N PHE C 691 28.28 4.63 2.61
CA PHE C 691 28.83 5.38 3.72
C PHE C 691 29.38 6.71 3.25
N PRO C 692 29.30 7.76 4.09
CA PRO C 692 28.70 7.75 5.42
C PRO C 692 27.18 7.75 5.38
N ILE C 693 26.54 7.18 6.40
CA ILE C 693 25.09 7.15 6.47
C ILE C 693 24.63 8.48 7.06
N PRO C 694 23.90 9.31 6.31
CA PRO C 694 23.46 10.60 6.85
C PRO C 694 22.39 10.42 7.90
N SER C 695 22.38 11.32 8.88
CA SER C 695 21.50 11.22 10.04
C SER C 695 21.00 12.61 10.42
N TRP C 696 19.70 12.70 10.70
CA TRP C 696 19.04 13.98 10.93
C TRP C 696 19.44 14.65 12.24
N TNQ C 697 18.86 14.19 13.35
CA TNQ C 697 19.09 14.80 14.68
C TNQ C 697 19.59 13.77 15.68
O TNQ C 697 19.03 13.66 16.78
CB TNQ C 697 17.82 15.46 15.19
CG TNQ C 697 17.21 16.35 14.11
CD1 TNQ C 697 17.68 17.61 13.71
CD2 TNQ C 697 16.02 16.11 13.25
NE1 TNQ C 697 16.90 18.14 12.72
CE2 TNQ C 697 15.90 17.31 12.40
CE3 TNQ C 697 15.13 15.05 13.15
CZ2 TNQ C 697 14.79 17.34 11.41
CZ3 TNQ C 697 14.08 15.10 12.24
CH2 TNQ C 697 13.86 16.18 11.38
C1 TNQ C 697 12.18 15.06 8.35
C2 TNQ C 697 13.06 15.36 9.49
N1 TNQ C 697 12.79 16.11 10.47
O2 TNQ C 697 11.76 13.89 8.23
O3 TNQ C 697 11.89 15.95 7.53
O7 TNQ C 697 14.64 18.43 10.61
N ALA C 698 20.65 13.06 15.32
CA ALA C 698 21.07 11.86 16.05
C ALA C 698 21.47 12.06 17.51
N ALA C 699 21.76 13.30 17.93
CA ALA C 699 22.15 13.52 19.32
C ALA C 699 20.97 13.45 20.28
N ASN C 700 19.75 13.73 19.79
CA ASN C 700 18.55 13.64 20.61
C ASN C 700 17.64 12.50 20.20
N LEU C 701 17.63 12.13 18.92
CA LEU C 701 16.97 10.92 18.43
C LEU C 701 18.05 10.08 17.76
N PRO C 702 18.76 9.25 18.52
CA PRO C 702 19.92 8.53 17.97
C PRO C 702 19.53 7.60 16.83
N VAL C 703 20.52 7.28 16.01
CA VAL C 703 20.34 6.42 14.85
C VAL C 703 21.06 5.09 14.99
N HIS C 704 22.31 5.12 15.46
CA HIS C 704 23.09 3.90 15.70
C HIS C 704 23.59 3.93 17.13
N VAL C 705 23.17 2.96 17.93
CA VAL C 705 23.47 2.95 19.36
C VAL C 705 24.16 1.66 19.74
N LEU C 706 24.88 1.74 20.85
CA LEU C 706 25.52 0.62 21.53
C LEU C 706 24.52 0.08 22.55
N PRO C 707 23.87 -1.04 22.26
CA PRO C 707 22.83 -1.54 23.17
C PRO C 707 23.43 -2.23 24.39
N LEU C 708 22.61 -2.31 25.44
CA LEU C 708 23.05 -2.97 26.67
C LEU C 708 23.57 -4.38 26.40
N ALA C 709 22.99 -5.07 25.41
CA ALA C 709 23.44 -6.42 25.09
C ALA C 709 24.93 -6.47 24.81
N ARG C 710 25.46 -5.48 24.08
CA ARG C 710 26.89 -5.45 23.83
C ARG C 710 27.67 -4.99 25.06
N TYR C 711 27.09 -4.06 25.83
CA TYR C 711 27.73 -3.61 27.06
C TYR C 711 28.05 -4.78 27.98
N ASN C 712 27.11 -5.72 28.13
CA ASN C 712 27.34 -6.89 28.94
C ASN C 712 28.34 -7.86 28.32
N LYS C 713 28.76 -7.63 27.08
CA LYS C 713 29.77 -8.47 26.45
C LYS C 713 31.13 -7.78 26.33
N PHE C 714 31.31 -6.62 26.94
CA PHE C 714 32.65 -6.04 27.02
C PHE C 714 32.99 -5.37 28.34
N LYS C 715 32.03 -5.15 29.24
CA LYS C 715 32.30 -4.36 30.43
C LYS C 715 33.26 -5.06 31.39
N ASP C 716 33.30 -6.40 31.39
CA ASP C 716 34.13 -7.15 32.34
C ASP C 716 35.55 -7.32 31.82
N SER C 717 36.50 -7.30 32.75
CA SER C 717 37.86 -7.74 32.46
C SER C 717 37.97 -9.24 32.69
N GLN C 718 39.05 -9.82 32.16
CA GLN C 718 39.20 -11.27 32.22
C GLN C 718 39.36 -11.79 33.64
N SER C 719 39.75 -10.93 34.59
CA SER C 719 39.92 -11.34 35.98
C SER C 719 38.67 -11.12 36.82
N ALA C 720 37.54 -10.80 36.20
CA ALA C 720 36.31 -10.56 36.93
C ALA C 720 35.91 -11.77 37.76
N ASP C 721 35.17 -11.51 38.85
CA ASP C 721 34.75 -12.57 39.78
C ASP C 721 33.27 -12.88 39.60
N LEU C 722 32.95 -13.39 38.40
CA LEU C 722 31.57 -13.68 38.02
C LEU C 722 31.54 -14.99 37.25
N PRO C 723 30.54 -15.82 37.49
CA PRO C 723 30.44 -17.07 36.72
C PRO C 723 30.30 -16.86 35.22
N GLU C 724 29.83 -15.69 34.79
CA GLU C 724 29.74 -15.33 33.38
C GLU C 724 30.50 -14.04 33.14
N ILE C 725 31.44 -14.05 32.19
CA ILE C 725 32.28 -12.91 31.87
C ILE C 725 32.08 -12.57 30.40
N ASN C 726 31.51 -11.38 30.14
CA ASN C 726 31.34 -10.86 28.78
C ASN C 726 30.57 -11.83 27.90
N GLY C 727 29.48 -12.39 28.44
CA GLY C 727 28.68 -13.38 27.72
C GLY C 727 29.22 -14.78 27.73
N MET C 728 30.47 -14.98 28.12
CA MET C 728 31.10 -16.30 28.12
C MET C 728 31.04 -16.92 29.52
N THR C 729 31.19 -18.24 29.56
CA THR C 729 31.39 -18.90 30.84
C THR C 729 32.76 -18.52 31.40
N HIS C 730 32.86 -18.55 32.73
CA HIS C 730 34.13 -18.28 33.42
C HIS C 730 35.30 -19.00 32.76
N SER C 731 35.17 -20.31 32.56
CA SER C 731 36.28 -21.12 32.08
C SER C 731 36.69 -20.75 30.66
N ILE C 732 35.71 -20.47 29.80
CA ILE C 732 36.02 -20.09 28.42
C ILE C 732 36.59 -18.68 28.38
N ALA C 733 36.09 -17.80 29.25
CA ALA C 733 36.59 -16.43 29.28
C ALA C 733 38.05 -16.39 29.70
N GLN C 734 38.41 -17.11 30.76
CA GLN C 734 39.77 -17.09 31.26
C GLN C 734 40.68 -18.11 30.57
N GLY C 735 40.13 -18.97 29.72
CA GLY C 735 40.95 -19.90 28.98
C GLY C 735 41.59 -19.31 27.74
N MET C 736 41.04 -18.24 27.22
CA MET C 736 41.56 -17.65 25.99
C MET C 736 42.76 -16.75 26.28
N SER C 737 43.59 -16.57 25.25
CA SER C 737 44.73 -15.67 25.36
C SER C 737 44.25 -14.24 25.62
N GLU C 738 45.10 -13.45 26.28
CA GLU C 738 44.74 -12.10 26.64
C GLU C 738 44.45 -11.26 25.40
N GLU C 739 45.22 -11.45 24.34
CA GLU C 739 44.98 -10.73 23.09
C GLU C 739 43.58 -11.01 22.56
N THR C 740 43.18 -12.29 22.54
CA THR C 740 41.90 -12.65 21.93
C THR C 740 40.73 -12.20 22.79
N PHE C 741 40.87 -12.25 24.12
CA PHE C 741 39.82 -11.72 25.00
C PHE C 741 39.58 -10.25 24.72
N GLU C 742 40.66 -9.46 24.66
CA GLU C 742 40.51 -8.03 24.42
C GLU C 742 39.94 -7.76 23.03
N HIS C 743 40.32 -8.57 22.04
CA HIS C 743 39.80 -8.39 20.69
C HIS C 743 38.29 -8.60 20.66
N LEU C 744 37.79 -9.58 21.44
CA LEU C 744 36.35 -9.78 21.49
C LEU C 744 35.64 -8.62 22.16
N ARG C 745 36.27 -7.99 23.15
CA ARG C 745 35.66 -6.84 23.80
C ARG C 745 35.45 -5.71 22.82
N LEU C 746 36.48 -5.39 22.03
CA LEU C 746 36.36 -4.35 21.03
C LEU C 746 35.39 -4.73 19.92
N GLU C 747 35.35 -6.01 19.56
CA GLU C 747 34.39 -6.47 18.56
C GLU C 747 32.97 -6.21 19.03
N GLN C 748 32.67 -6.59 20.28
CA GLN C 748 31.35 -6.34 20.85
C GLN C 748 31.06 -4.84 20.93
N PHE C 749 32.03 -4.08 21.43
CA PHE C 749 31.89 -2.63 21.58
C PHE C 749 31.52 -1.95 20.27
N SER C 750 31.92 -2.53 19.15
CA SER C 750 31.75 -1.92 17.84
C SER C 750 30.42 -2.26 17.17
N GLN C 751 29.62 -3.15 17.76
CA GLN C 751 28.34 -3.54 17.17
C GLN C 751 27.29 -2.50 17.51
N ARG C 752 26.94 -1.68 16.53
CA ARG C 752 25.95 -0.62 16.72
C ARG C 752 24.62 -1.07 16.12
N LEU C 753 23.55 -0.88 16.88
CA LEU C 753 22.22 -1.31 16.49
C LEU C 753 21.41 -0.11 16.01
N ASP C 754 20.72 -0.29 14.88
CA ASP C 754 19.76 0.71 14.44
C ASP C 754 18.81 1.04 15.58
N TRP C 755 18.71 2.34 15.89
CA TRP C 755 17.88 2.77 17.01
C TRP C 755 16.41 2.49 16.75
N LEU C 756 16.00 2.46 15.49
CA LEU C 756 14.63 2.10 15.17
C LEU C 756 14.32 0.66 15.52
N HIS C 757 15.34 -0.18 15.65
CA HIS C 757 15.13 -1.59 15.99
C HIS C 757 15.16 -1.85 17.48
N THR C 758 15.23 -0.81 18.31
CA THR C 758 15.25 -1.02 19.74
C THR C 758 13.86 -1.31 20.30
N ALA C 759 12.82 -1.17 19.50
CA ALA C 759 11.48 -1.58 19.86
C ALA C 759 10.81 -2.11 18.60
N ASP C 760 9.58 -2.60 18.73
CA ASP C 760 8.85 -3.14 17.59
C ASP C 760 8.18 -1.99 16.85
N LEU C 761 8.75 -1.62 15.70
N LEU C 761 8.75 -1.63 15.70
CA LEU C 761 8.22 -0.54 14.88
CA LEU C 761 8.22 -0.55 14.88
C LEU C 761 7.57 -1.06 13.60
C LEU C 761 7.62 -1.07 13.57
N GLY C 762 7.16 -2.33 13.57
CA GLY C 762 6.53 -2.91 12.41
C GLY C 762 7.40 -3.82 11.58
N PHE C 763 8.64 -4.09 12.03
CA PHE C 763 9.56 -4.99 11.35
C PHE C 763 9.66 -6.35 12.03
N VAL C 764 8.97 -6.55 13.17
CA VAL C 764 9.08 -7.77 13.96
C VAL C 764 8.04 -8.77 13.50
N GLY C 765 8.47 -10.02 13.32
CA GLY C 765 7.59 -11.12 12.99
C GLY C 765 7.84 -11.66 11.59
N PHE C 766 7.27 -12.83 11.34
CA PHE C 766 7.44 -13.47 10.05
C PHE C 766 6.73 -12.69 8.96
N HIS C 767 7.41 -12.45 7.88
CA HIS C 767 6.99 -11.60 6.84
C HIS C 767 6.56 -10.19 7.21
N ALA C 768 7.09 -9.62 8.27
CA ALA C 768 6.71 -8.27 8.69
C ALA C 768 7.18 -7.26 7.66
N GLU C 769 6.36 -6.23 7.44
CA GLU C 769 6.64 -5.27 6.37
C GLU C 769 7.76 -4.31 6.77
N GLY C 770 7.74 -3.83 8.01
CA GLY C 770 8.68 -2.79 8.38
C GLY C 770 8.46 -1.54 7.53
N GLY C 771 9.53 -0.79 7.34
CA GLY C 771 9.50 0.35 6.45
C GLY C 771 9.28 1.67 7.17
N TYR C 772 9.38 2.74 6.40
CA TYR C 772 9.30 4.09 6.95
C TYR C 772 7.93 4.35 7.58
N THR C 773 6.86 4.04 6.84
CA THR C 773 5.52 4.44 7.28
C THR C 773 5.09 3.68 8.53
N ASN C 774 5.33 2.37 8.58
CA ASN C 774 5.01 1.63 9.79
C ASN C 774 5.79 2.16 10.99
N GLY C 775 7.04 2.59 10.76
CA GLY C 775 7.77 3.27 11.80
C GLY C 775 7.03 4.46 12.37
N LEU C 776 6.55 5.36 11.49
CA LEU C 776 5.75 6.50 11.93
C LEU C 776 4.52 6.03 12.70
N ILE C 777 3.79 5.05 12.17
CA ILE C 777 2.56 4.60 12.81
C ILE C 777 2.86 4.01 14.18
N GLN C 778 3.86 3.13 14.25
CA GLN C 778 4.13 2.43 15.51
C GLN C 778 4.74 3.35 16.56
N MET C 779 5.45 4.41 16.14
CA MET C 779 6.11 5.29 17.11
C MET C 779 5.13 5.93 18.07
N VAL C 780 3.85 6.04 17.70
CA VAL C 780 2.86 6.67 18.56
C VAL C 780 2.73 5.91 19.87
N SER C 781 2.84 4.58 19.82
CA SER C 781 2.84 3.77 21.03
C SER C 781 4.23 3.31 21.46
N GLN C 782 5.16 3.15 20.51
CA GLN C 782 6.47 2.59 20.80
C GLN C 782 7.51 3.64 21.17
N TRP C 783 7.16 4.94 21.13
CA TRP C 783 8.11 5.97 21.51
C TRP C 783 8.65 5.74 22.91
N LYS C 784 7.82 5.19 23.81
CA LYS C 784 8.19 5.02 25.21
C LYS C 784 9.02 3.77 25.44
N ASN C 785 9.18 2.91 24.44
CA ASN C 785 10.01 1.72 24.56
C ASN C 785 11.32 1.84 23.79
N MET C 786 11.58 2.98 23.17
CA MET C 786 12.83 3.14 22.43
C MET C 786 14.00 3.18 23.40
N ALA C 787 15.20 2.92 22.88
CA ALA C 787 16.38 2.83 23.72
C ALA C 787 16.77 4.22 24.23
N MET C 788 17.11 4.27 25.52
CA MET C 788 17.58 5.47 26.19
C MET C 788 19.07 5.32 26.47
N VAL C 789 19.86 6.28 25.99
CA VAL C 789 21.32 6.18 26.00
C VAL C 789 21.85 6.76 27.31
N MET C 790 22.68 5.98 27.99
CA MET C 790 23.17 6.36 29.31
C MET C 790 24.65 6.03 29.44
N ALA C 791 25.40 6.97 30.04
CA ALA C 791 26.80 6.75 30.35
C ALA C 791 26.95 5.61 31.35
N ARG C 792 27.89 4.71 31.09
CA ARG C 792 28.13 3.55 31.94
C ARG C 792 29.62 3.29 32.03
N PRO C 793 30.11 2.76 33.15
CA PRO C 793 31.55 2.57 33.34
C PRO C 793 32.07 1.29 32.72
N VAL C 794 33.33 1.35 32.31
CA VAL C 794 34.13 0.18 31.96
C VAL C 794 35.31 0.19 32.92
N GLU C 795 35.21 -0.60 33.99
CA GLU C 795 36.08 -0.42 35.14
C GLU C 795 37.54 -0.74 34.83
N ASN C 796 37.78 -1.79 34.04
CA ASN C 796 39.14 -2.19 33.69
C ASN C 796 39.21 -2.46 32.19
N PRO C 797 39.28 -1.42 31.37
CA PRO C 797 39.35 -1.62 29.91
C PRO C 797 40.62 -2.30 29.46
N GLY C 798 41.70 -2.18 30.22
CA GLY C 798 42.95 -2.81 29.83
C GLY C 798 43.49 -2.20 28.55
N SER C 799 43.92 -3.07 27.64
CA SER C 799 44.37 -2.66 26.32
C SER C 799 43.30 -2.85 25.25
N SER C 800 42.04 -2.95 25.67
CA SER C 800 40.97 -3.19 24.72
C SER C 800 40.76 -2.03 23.76
N GLY C 801 41.12 -0.81 24.18
CA GLY C 801 40.73 0.38 23.44
C GLY C 801 39.33 0.87 23.72
N ILE C 802 38.64 0.26 24.69
CA ILE C 802 37.31 0.68 25.11
C ILE C 802 37.48 1.80 26.12
N PRO C 803 36.87 2.97 25.91
CA PRO C 803 37.06 4.06 26.86
C PRO C 803 36.46 3.73 28.22
N ASN C 804 36.94 4.43 29.25
CA ASN C 804 36.53 4.15 30.63
C ASN C 804 35.06 4.50 30.84
N VAL C 805 34.50 5.40 30.06
CA VAL C 805 33.08 5.70 30.11
C VAL C 805 32.51 5.48 28.73
N VAL C 806 31.51 4.61 28.64
CA VAL C 806 30.81 4.34 27.40
C VAL C 806 29.37 4.80 27.58
N TYR C 807 28.69 5.03 26.46
CA TYR C 807 27.31 5.47 26.46
C TYR C 807 26.46 4.36 25.86
N VAL C 808 25.54 3.81 26.66
CA VAL C 808 24.89 2.54 26.37
C VAL C 808 23.38 2.76 26.27
N ALA C 809 22.77 2.19 25.23
CA ALA C 809 21.34 2.33 24.98
C ALA C 809 20.56 1.21 25.65
N TYR C 810 19.65 1.57 26.55
CA TYR C 810 18.84 0.61 27.28
C TYR C 810 17.43 0.55 26.68
N SER C 811 16.96 -0.66 26.39
CA SER C 811 15.58 -0.89 26.02
C SER C 811 15.22 -2.34 26.34
N GLN C 812 13.93 -2.65 26.20
CA GLN C 812 13.48 -4.00 26.51
C GLN C 812 13.90 -5.00 25.44
N ALA C 813 13.98 -4.57 24.19
CA ALA C 813 14.35 -5.47 23.12
C ALA C 813 15.86 -5.75 23.08
N ASP C 814 16.69 -4.85 23.60
CA ASP C 814 18.12 -4.86 23.33
C ASP C 814 18.97 -5.23 24.56
N LYS C 815 18.40 -5.91 25.55
CA LYS C 815 19.11 -6.07 26.82
C LYS C 815 19.97 -7.33 26.89
N ASP C 816 19.70 -8.34 26.07
CA ASP C 816 20.57 -9.52 26.05
C ASP C 816 20.70 -10.10 24.63
N CYS D 4 1.93 39.79 -45.40
CA CYS D 4 0.55 39.33 -45.18
C CYS D 4 -0.01 38.64 -46.43
N GLN D 5 0.76 37.73 -47.02
CA GLN D 5 0.34 37.08 -48.27
C GLN D 5 -0.23 35.68 -48.06
N TYR D 6 0.39 34.88 -47.20
CA TYR D 6 -0.08 33.52 -46.92
C TYR D 6 -0.12 33.30 -45.41
N LYS D 7 -1.07 32.47 -44.98
CA LYS D 7 -1.23 32.16 -43.57
C LYS D 7 -1.65 30.71 -43.41
N ILE D 8 -1.15 30.06 -42.35
CA ILE D 8 -1.52 28.69 -42.03
C ILE D 8 -2.71 28.71 -41.08
N TYR D 9 -3.71 27.86 -41.38
CA TYR D 9 -4.88 27.68 -40.52
C TYR D 9 -5.07 26.20 -40.24
N PRO D 10 -5.48 25.84 -39.01
CA PRO D 10 -5.73 26.75 -37.89
C PRO D 10 -4.44 27.21 -37.21
N PRO D 11 -4.50 28.32 -36.47
CA PRO D 11 -3.31 28.77 -35.73
C PRO D 11 -2.85 27.76 -34.68
N LEU D 12 -3.79 27.07 -34.04
CA LEU D 12 -3.47 26.01 -33.08
C LEU D 12 -4.23 24.75 -33.49
N GLY D 13 -3.53 23.84 -34.16
CA GLY D 13 -4.12 22.56 -34.48
C GLY D 13 -4.05 21.60 -33.31
N ILE D 14 -5.02 20.69 -33.27
CA ILE D 14 -5.12 19.69 -32.21
C ILE D 14 -5.17 18.31 -32.85
N ALA D 15 -4.30 17.42 -32.40
CA ALA D 15 -4.28 16.04 -32.84
C ALA D 15 -4.29 15.15 -31.61
N ARG D 16 -5.17 14.17 -31.56
CA ARG D 16 -5.34 13.35 -30.38
C ARG D 16 -4.73 11.97 -30.58
N VAL D 17 -4.10 11.44 -29.53
CA VAL D 17 -3.44 10.14 -29.65
C VAL D 17 -4.49 9.05 -29.85
N GLY D 18 -4.02 7.89 -30.27
CA GLY D 18 -4.87 6.74 -30.52
C GLY D 18 -4.06 5.59 -31.08
N ASN D 19 -4.51 4.36 -30.84
CA ASN D 19 -3.77 3.19 -31.29
C ASN D 19 -4.26 2.64 -32.61
N GLY D 20 -5.27 3.26 -33.22
CA GLY D 20 -5.59 2.99 -34.60
C GLY D 20 -4.47 3.52 -35.47
N PRO D 21 -4.40 3.08 -36.72
CA PRO D 21 -3.29 3.47 -37.58
C PRO D 21 -3.40 4.91 -38.06
N ALA D 22 -2.26 5.46 -38.46
CA ALA D 22 -2.19 6.81 -39.02
C ALA D 22 -2.37 6.77 -40.54
N ILE D 23 -3.56 6.33 -40.95
CA ILE D 23 -3.98 6.34 -42.34
C ILE D 23 -5.32 7.04 -42.43
N LYS D 24 -5.54 7.72 -43.56
CA LYS D 24 -6.75 8.54 -43.70
C LYS D 24 -8.04 7.75 -43.51
N PRO D 25 -8.28 6.63 -44.19
CA PRO D 25 -9.60 5.97 -44.05
C PRO D 25 -9.87 5.40 -42.68
N LEU D 26 -8.85 5.19 -41.84
CA LEU D 26 -9.05 4.63 -40.51
C LEU D 26 -8.74 5.63 -39.41
N SER D 27 -8.72 6.92 -39.73
CA SER D 27 -8.50 7.97 -38.76
C SER D 27 -9.68 8.94 -38.78
N LEU D 28 -9.62 9.91 -37.88
CA LEU D 28 -10.57 11.01 -37.81
C LEU D 28 -9.83 12.31 -38.08
N SER D 29 -10.60 13.39 -38.24
CA SER D 29 -10.03 14.70 -38.49
C SER D 29 -10.66 15.71 -37.55
N THR D 30 -9.80 16.52 -36.92
CA THR D 30 -10.25 17.54 -35.99
C THR D 30 -11.37 18.38 -36.62
N PRO D 31 -12.45 18.67 -35.89
CA PRO D 31 -13.54 19.48 -36.45
C PRO D 31 -13.06 20.80 -37.04
N GLU D 32 -13.37 21.02 -38.32
CA GLU D 32 -13.09 22.28 -38.98
C GLU D 32 -14.33 23.16 -39.10
N VAL D 33 -15.50 22.62 -38.78
CA VAL D 33 -16.75 23.37 -38.76
C VAL D 33 -17.43 23.05 -37.43
N PRO D 34 -17.70 24.03 -36.58
CA PRO D 34 -18.34 23.74 -35.29
C PRO D 34 -19.71 23.10 -35.47
N TRP D 35 -20.00 22.12 -34.60
CA TRP D 35 -21.31 21.49 -34.47
C TRP D 35 -21.75 20.74 -35.73
N ALA D 36 -20.80 20.40 -36.61
CA ALA D 36 -21.16 19.84 -37.91
C ALA D 36 -21.67 18.41 -37.82
N HIS D 37 -21.33 17.67 -36.77
CA HIS D 37 -21.70 16.25 -36.70
C HIS D 37 -22.22 15.89 -35.31
N LEU D 38 -23.02 16.79 -34.72
CA LEU D 38 -23.49 16.56 -33.35
C LEU D 38 -24.48 15.42 -33.28
N TYR D 39 -25.26 15.18 -34.34
CA TYR D 39 -26.30 14.16 -34.34
C TYR D 39 -26.03 13.07 -35.37
N ASP D 40 -24.80 12.95 -35.86
CA ASP D 40 -24.46 11.97 -36.88
C ASP D 40 -24.44 10.58 -36.23
N THR D 41 -25.48 9.78 -36.50
CA THR D 41 -25.57 8.44 -35.94
C THR D 41 -24.74 7.42 -36.71
N ASN D 42 -24.05 7.82 -37.76
CA ASN D 42 -23.18 6.94 -38.54
C ASN D 42 -21.72 7.01 -38.11
N VAL D 43 -21.36 7.87 -37.15
CA VAL D 43 -19.96 8.05 -36.81
C VAL D 43 -19.36 6.74 -36.29
N GLN D 44 -18.08 6.53 -36.58
CA GLN D 44 -17.33 5.38 -36.12
C GLN D 44 -16.01 5.90 -35.58
N TYR D 45 -15.91 6.04 -34.26
CA TYR D 45 -14.69 6.54 -33.62
C TYR D 45 -13.74 5.42 -33.23
N LEU D 46 -14.17 4.18 -33.30
CA LEU D 46 -13.31 3.01 -33.12
C LEU D 46 -13.14 2.29 -34.45
N VAL D 47 -11.95 1.71 -34.65
CA VAL D 47 -11.66 1.00 -35.87
C VAL D 47 -12.57 -0.23 -35.98
N THR D 48 -13.45 -0.21 -36.97
CA THR D 48 -14.40 -1.30 -37.20
C THR D 48 -13.77 -2.37 -38.08
N GLN D 49 -14.40 -3.56 -38.08
CA GLN D 49 -13.89 -4.63 -38.92
C GLN D 49 -14.22 -4.42 -40.38
N GLN D 50 -15.31 -3.71 -40.70
CA GLN D 50 -15.57 -3.34 -42.08
C GLN D 50 -14.44 -2.47 -42.62
N GLU D 51 -13.92 -1.57 -41.78
CA GLU D 51 -12.84 -0.69 -42.21
C GLU D 51 -11.57 -1.48 -42.48
N LEU D 52 -11.35 -2.58 -41.75
CA LEU D 52 -10.19 -3.42 -41.98
C LEU D 52 -10.38 -4.30 -43.21
N GLU D 53 -11.58 -4.86 -43.40
CA GLU D 53 -11.88 -5.61 -44.62
C GLU D 53 -11.77 -4.71 -45.84
N GLN D 54 -12.42 -3.54 -45.79
CA GLN D 54 -12.35 -2.59 -46.89
C GLN D 54 -10.91 -2.18 -47.16
N LEU D 55 -10.13 -1.95 -46.11
CA LEU D 55 -8.72 -1.61 -46.27
C LEU D 55 -7.95 -2.76 -46.90
N LEU D 56 -8.22 -3.99 -46.48
CA LEU D 56 -7.51 -5.15 -47.02
C LEU D 56 -7.93 -5.43 -48.46
N GLU D 57 -9.16 -5.09 -48.83
CA GLU D 57 -9.62 -5.35 -50.18
C GLU D 57 -8.93 -4.43 -51.19
N GLU D 58 -8.78 -3.15 -50.84
CA GLU D 58 -8.11 -2.22 -51.74
C GLU D 58 -6.62 -2.49 -51.85
N ALA D 59 -6.04 -3.22 -50.89
CA ALA D 59 -4.63 -3.60 -50.98
C ALA D 59 -4.42 -4.80 -51.90
N PHE D 60 -5.48 -5.53 -52.23
CA PHE D 60 -5.39 -6.71 -53.08
C PHE D 60 -5.67 -6.43 -54.55
N GLY D 61 -6.61 -5.52 -54.84
CA GLY D 61 -6.90 -5.17 -56.21
C GLY D 61 -5.79 -4.34 -56.80
N GLY D 62 -5.22 -4.77 -57.92
CA GLY D 62 -5.64 -6.00 -58.58
C GLY D 62 -4.47 -6.73 -59.22
N ASN D 63 -3.38 -5.99 -59.45
CA ASN D 63 -2.11 -6.57 -59.91
C ASN D 63 -1.43 -7.40 -58.85
N VAL D 64 -2.01 -7.50 -57.67
CA VAL D 64 -1.43 -8.38 -56.66
C VAL D 64 -1.91 -9.80 -56.88
N ILE D 65 -3.23 -10.01 -56.97
CA ILE D 65 -3.79 -11.30 -57.33
C ILE D 65 -3.37 -11.73 -58.73
N ASN D 66 -2.95 -10.77 -59.58
CA ASN D 66 -2.24 -11.08 -60.82
C ASN D 66 -1.17 -12.15 -60.63
N GLU D 67 -0.10 -11.82 -59.92
CA GLU D 67 1.04 -12.71 -59.78
C GLU D 67 0.84 -13.81 -58.72
N ILE D 68 -0.16 -13.67 -57.84
CA ILE D 68 -0.44 -14.72 -56.86
C ILE D 68 -0.99 -15.96 -57.53
N SER D 69 -1.52 -15.81 -58.75
CA SER D 69 -1.72 -16.99 -59.57
C SER D 69 -0.43 -17.43 -60.25
N GLN D 70 0.48 -16.49 -60.52
CA GLN D 70 1.81 -16.92 -60.96
C GLN D 70 2.61 -17.44 -59.79
N ILE D 71 2.31 -16.97 -58.58
CA ILE D 71 2.84 -17.66 -57.40
C ILE D 71 2.59 -19.16 -57.49
N LYS D 72 1.42 -19.58 -57.98
CA LYS D 72 0.86 -20.79 -57.43
C LYS D 72 1.14 -22.09 -58.17
N THR D 73 1.76 -22.12 -59.35
CA THR D 73 2.18 -23.44 -59.81
C THR D 73 3.69 -23.62 -59.86
N LYS D 74 4.46 -22.53 -59.69
CA LYS D 74 5.78 -22.69 -59.08
C LYS D 74 5.63 -23.18 -57.64
N LEU D 75 4.55 -22.77 -56.97
CA LEU D 75 4.08 -23.49 -55.78
C LEU D 75 3.78 -24.96 -56.10
N ASP D 76 2.80 -25.21 -56.99
CA ASP D 76 2.25 -26.51 -57.28
C ASP D 76 3.20 -27.38 -58.11
N GLU D 77 4.42 -26.94 -58.34
CA GLU D 77 5.34 -27.65 -59.22
C GLU D 77 5.77 -28.96 -58.58
N LYS D 82 2.70 -24.61 -47.63
CA LYS D 82 4.13 -24.42 -47.82
C LYS D 82 4.43 -23.27 -48.80
N PHE D 83 4.96 -22.17 -48.26
CA PHE D 83 5.55 -21.11 -49.05
C PHE D 83 6.98 -20.87 -48.57
N LYS D 84 7.73 -20.13 -49.36
CA LYS D 84 9.13 -19.88 -49.07
C LYS D 84 9.34 -18.39 -48.76
N GLN D 85 10.32 -18.15 -47.89
CA GLN D 85 10.85 -16.83 -47.55
C GLN D 85 10.83 -15.86 -48.73
N GLU D 86 11.23 -16.35 -49.91
CA GLU D 86 11.29 -15.49 -51.08
C GLU D 86 9.88 -15.17 -51.60
N GLU D 87 8.96 -16.11 -51.50
CA GLU D 87 7.62 -15.89 -52.04
C GLU D 87 6.79 -14.99 -51.13
N ILE D 88 6.98 -15.11 -49.81
CA ILE D 88 6.28 -14.22 -48.90
C ILE D 88 6.79 -12.79 -49.05
N GLU D 89 8.12 -12.61 -49.00
CA GLU D 89 8.71 -11.28 -48.96
C GLU D 89 8.25 -10.40 -50.13
N THR D 90 7.91 -11.00 -51.26
CA THR D 90 7.39 -10.23 -52.38
C THR D 90 5.86 -10.15 -52.39
N ILE D 91 5.18 -11.10 -51.73
CA ILE D 91 3.77 -10.88 -51.40
C ILE D 91 3.65 -9.68 -50.46
N THR D 92 4.58 -9.56 -49.51
CA THR D 92 4.61 -8.41 -48.62
C THR D 92 4.68 -7.11 -49.41
N GLY D 93 5.66 -7.01 -50.31
CA GLY D 93 5.83 -5.79 -51.09
C GLY D 93 4.62 -5.41 -51.90
N LEU D 94 3.90 -6.40 -52.43
CA LEU D 94 2.66 -6.10 -53.17
C LEU D 94 1.63 -5.45 -52.26
N LEU D 95 1.16 -6.18 -51.24
CA LEU D 95 0.30 -5.61 -50.22
C LEU D 95 1.09 -4.66 -49.33
N GLY D 96 1.23 -3.40 -49.73
CA GLY D 96 2.00 -2.46 -48.94
C GLY D 96 1.43 -2.26 -47.56
N LEU D 97 1.62 -3.25 -46.68
CA LEU D 97 1.06 -3.26 -45.33
C LEU D 97 2.12 -3.25 -44.24
N SER D 98 3.41 -3.18 -44.60
CA SER D 98 4.46 -3.18 -43.59
C SER D 98 4.37 -1.97 -42.66
N HIS D 99 3.74 -0.88 -43.11
CA HIS D 99 3.59 0.28 -42.23
C HIS D 99 2.54 0.03 -41.15
N LEU D 100 1.52 -0.78 -41.42
CA LEU D 100 0.48 -1.04 -40.44
C LEU D 100 0.97 -1.98 -39.35
N VAL D 101 1.38 -3.17 -39.75
CA VAL D 101 1.85 -4.19 -38.80
C VAL D 101 3.31 -4.47 -39.12
N PRO D 102 4.08 -4.95 -38.15
CA PRO D 102 5.46 -5.33 -38.42
C PRO D 102 5.52 -6.46 -39.44
N GLN D 103 6.28 -6.23 -40.52
CA GLN D 103 6.38 -7.21 -41.59
C GLN D 103 6.83 -8.56 -41.09
N GLN D 104 7.48 -8.61 -39.93
CA GLN D 104 7.78 -9.90 -39.30
C GLN D 104 6.50 -10.68 -39.04
N GLN D 105 5.47 -10.03 -38.50
CA GLN D 105 4.29 -10.76 -38.03
C GLN D 105 3.44 -11.26 -39.19
N LEU D 106 3.32 -10.48 -40.27
CA LEU D 106 2.57 -10.96 -41.42
C LEU D 106 3.38 -11.97 -42.23
N SER D 107 4.68 -12.03 -42.01
CA SER D 107 5.48 -13.10 -42.61
C SER D 107 5.24 -14.45 -41.94
N ARG D 108 5.10 -14.46 -40.61
CA ARG D 108 4.77 -15.68 -39.90
C ARG D 108 3.29 -16.02 -39.99
N SER D 109 2.45 -15.01 -40.27
CA SER D 109 1.05 -15.28 -40.62
C SER D 109 0.95 -16.18 -41.84
N LEU D 110 1.87 -16.01 -42.79
CA LEU D 110 1.82 -16.76 -44.03
C LEU D 110 2.75 -17.97 -44.07
N ASP D 111 3.86 -17.96 -43.34
CA ASP D 111 4.74 -19.12 -43.31
C ASP D 111 4.09 -20.33 -42.67
N ASN D 112 2.94 -20.16 -42.02
CA ASN D 112 2.27 -21.24 -41.31
C ASN D 112 0.91 -21.55 -41.91
N LEU D 113 0.78 -21.44 -43.23
CA LEU D 113 -0.48 -21.78 -43.88
C LEU D 113 -0.40 -23.16 -44.54
N GLU D 114 -1.15 -23.36 -45.61
CA GLU D 114 -1.20 -24.66 -46.30
C GLU D 114 -0.27 -24.71 -47.51
N ASP D 122 -7.61 -19.23 -56.85
CA ASP D 122 -8.45 -18.46 -55.94
C ASP D 122 -8.15 -18.79 -54.48
N ASP D 123 -8.27 -20.07 -54.15
CA ASP D 123 -8.15 -20.61 -52.79
C ASP D 123 -7.10 -19.91 -51.94
N ILE D 124 -5.85 -19.84 -52.44
CA ILE D 124 -4.75 -19.48 -51.56
C ILE D 124 -4.75 -18.00 -51.22
N VAL D 125 -5.21 -17.13 -52.11
CA VAL D 125 -5.16 -15.71 -51.80
C VAL D 125 -6.32 -15.31 -50.89
N GLN D 126 -7.45 -16.02 -50.95
CA GLN D 126 -8.52 -15.75 -50.01
C GLN D 126 -8.19 -16.23 -48.60
N GLN D 127 -7.28 -17.20 -48.47
CA GLN D 127 -6.75 -17.54 -47.16
C GLN D 127 -5.61 -16.62 -46.76
N ILE D 128 -4.87 -16.11 -47.74
CA ILE D 128 -3.94 -15.01 -47.48
C ILE D 128 -4.69 -13.79 -46.96
N LYS D 129 -5.77 -13.42 -47.65
CA LYS D 129 -6.61 -12.31 -47.20
C LYS D 129 -7.17 -12.57 -45.81
N GLY D 130 -7.43 -13.82 -45.45
CA GLY D 130 -7.99 -14.11 -44.14
C GLY D 130 -6.94 -14.04 -43.05
N ALA D 131 -5.77 -14.61 -43.30
CA ALA D 131 -4.74 -14.67 -42.26
C ALA D 131 -4.18 -13.29 -41.93
N LEU D 132 -4.06 -12.42 -42.94
CA LEU D 132 -3.56 -11.08 -42.67
C LEU D 132 -4.58 -10.21 -41.96
N LEU D 133 -5.89 -10.41 -42.23
CA LEU D 133 -6.92 -9.64 -41.56
C LEU D 133 -6.98 -10.03 -40.09
N LYS D 134 -6.61 -11.27 -39.79
CA LYS D 134 -6.38 -11.66 -38.40
C LYS D 134 -5.31 -10.76 -37.78
N VAL D 135 -4.17 -10.62 -38.46
CA VAL D 135 -3.08 -9.81 -37.93
C VAL D 135 -3.53 -8.37 -37.72
N LEU D 136 -4.21 -7.81 -38.73
CA LEU D 136 -4.66 -6.43 -38.64
C LEU D 136 -5.75 -6.26 -37.58
N SER D 137 -6.74 -7.16 -37.58
CA SER D 137 -7.80 -7.09 -36.58
C SER D 137 -7.25 -7.28 -35.18
N ASP D 138 -6.26 -8.17 -35.03
CA ASP D 138 -5.61 -8.32 -33.73
C ASP D 138 -5.01 -7.00 -33.25
N HIS D 139 -4.31 -6.31 -34.14
CA HIS D 139 -3.65 -5.07 -33.75
C HIS D 139 -4.64 -3.91 -33.64
N TYR D 140 -5.68 -3.89 -34.47
CA TYR D 140 -6.42 -2.66 -34.70
C TYR D 140 -7.92 -2.72 -34.49
N LEU D 141 -8.52 -3.90 -34.33
CA LEU D 141 -9.97 -3.97 -34.16
C LEU D 141 -10.38 -3.26 -32.87
N HIS D 142 -11.36 -2.36 -32.97
CA HIS D 142 -11.89 -1.54 -31.89
C HIS D 142 -10.88 -0.51 -31.39
N ALA D 143 -9.78 -0.31 -32.09
CA ALA D 143 -8.77 0.63 -31.64
C ALA D 143 -9.31 2.06 -31.64
N VAL D 144 -8.79 2.88 -30.74
CA VAL D 144 -9.16 4.29 -30.66
C VAL D 144 -8.54 5.00 -31.87
N LYS D 145 -9.38 5.45 -32.79
CA LYS D 145 -8.87 6.13 -33.98
C LYS D 145 -8.16 7.41 -33.60
N LYS D 146 -7.05 7.68 -34.29
CA LYS D 146 -6.33 8.93 -34.10
C LYS D 146 -7.13 10.08 -34.69
N GLN D 147 -7.36 11.12 -33.90
CA GLN D 147 -7.95 12.36 -34.40
C GLN D 147 -6.82 13.22 -34.93
N ALA D 148 -6.72 13.30 -36.25
CA ALA D 148 -5.65 14.04 -36.91
C ALA D 148 -6.11 15.43 -37.32
N GLN D 149 -5.18 16.36 -37.38
CA GLN D 149 -5.47 17.74 -37.72
C GLN D 149 -5.01 18.03 -39.14
N ASN D 150 -5.85 18.72 -39.89
CA ASN D 150 -5.51 19.21 -41.22
C ASN D 150 -5.09 20.67 -41.11
N PHE D 151 -3.98 21.01 -41.78
CA PHE D 151 -3.50 22.38 -41.85
C PHE D 151 -3.58 22.88 -43.28
N TYR D 152 -4.04 24.11 -43.44
CA TYR D 152 -4.26 24.69 -44.76
C TYR D 152 -3.48 25.99 -44.92
N ILE D 153 -2.91 26.17 -46.11
CA ILE D 153 -2.40 27.48 -46.52
C ILE D 153 -3.55 28.29 -47.08
N TYR D 154 -3.70 29.51 -46.58
CA TYR D 154 -4.73 30.42 -47.08
C TYR D 154 -4.06 31.64 -47.69
N LYS D 155 -4.71 32.17 -48.74
CA LYS D 155 -4.25 33.39 -49.38
C LYS D 155 -5.00 34.57 -48.79
N CYS D 156 -4.27 35.64 -48.52
CA CYS D 156 -4.85 36.84 -47.91
C CYS D 156 -5.04 37.92 -48.96
N ASP D 157 -5.37 39.13 -48.52
CA ASP D 157 -5.68 40.23 -49.42
C ASP D 157 -4.94 41.51 -49.07
N ASN D 161 -5.42 38.57 -43.87
CA ASN D 161 -6.88 38.39 -43.90
C ASN D 161 -7.26 37.36 -44.96
N PRO D 162 -7.62 36.15 -44.52
CA PRO D 162 -7.80 35.05 -45.45
C PRO D 162 -9.03 35.22 -46.32
N VAL D 163 -8.97 34.68 -47.54
CA VAL D 163 -10.15 34.59 -48.40
C VAL D 163 -10.22 33.22 -49.06
N GLU D 164 -9.07 32.67 -49.50
CA GLU D 164 -9.09 31.43 -50.26
C GLU D 164 -7.91 30.54 -49.90
N LYS D 165 -8.16 29.24 -49.86
CA LYS D 165 -7.09 28.25 -49.74
C LYS D 165 -6.11 28.38 -50.90
N LEU D 166 -4.84 28.13 -50.61
CA LEU D 166 -3.84 28.06 -51.68
C LEU D 166 -4.22 26.96 -52.67
N LYS D 167 -4.18 27.29 -53.95
CA LYS D 167 -4.42 26.32 -55.02
C LYS D 167 -3.16 26.18 -55.86
N LEU D 168 -2.51 25.03 -55.76
CA LEU D 168 -1.24 24.79 -56.44
C LEU D 168 -1.49 24.53 -57.92
N THR D 169 -0.74 25.22 -58.76
CA THR D 169 -0.76 24.93 -60.19
C THR D 169 0.36 23.93 -60.51
N ASP D 170 0.69 23.78 -61.79
CA ASP D 170 1.60 22.72 -62.20
C ASP D 170 2.98 22.85 -61.55
N GLY D 171 3.60 24.00 -61.69
CA GLY D 171 4.94 24.19 -61.15
C GLY D 171 5.01 24.57 -59.69
N ASP D 172 3.88 24.65 -58.99
CA ASP D 172 3.85 25.14 -57.62
C ASP D 172 4.11 24.01 -56.63
N LYS D 173 4.64 24.40 -55.47
CA LYS D 173 4.99 23.44 -54.43
C LYS D 173 4.93 24.10 -53.07
N VAL D 174 4.40 23.37 -52.09
CA VAL D 174 4.41 23.78 -50.69
C VAL D 174 5.26 22.78 -49.92
N THR D 175 5.98 23.26 -48.90
CA THR D 175 6.77 22.40 -48.04
C THR D 175 6.52 22.78 -46.58
N TRP D 176 5.98 21.85 -45.81
CA TRP D 176 5.69 22.07 -44.41
C TRP D 176 6.88 21.67 -43.54
N ARG D 177 7.03 22.39 -42.43
CA ARG D 177 8.05 22.08 -41.42
C ARG D 177 7.39 22.10 -40.05
N VAL D 178 7.56 21.00 -39.30
CA VAL D 178 7.07 20.94 -37.92
C VAL D 178 8.22 20.51 -37.03
N GLU D 179 8.40 21.22 -35.92
CA GLU D 179 9.32 20.82 -34.87
C GLU D 179 8.55 20.82 -33.56
N VAL D 180 8.47 19.66 -32.91
CA VAL D 180 7.64 19.48 -31.73
C VAL D 180 8.53 18.98 -30.60
N ALA D 181 8.01 19.12 -29.38
CA ALA D 181 8.77 18.67 -28.22
C ALA D 181 7.83 18.28 -27.09
N ASN D 182 8.37 17.51 -26.16
CA ASN D 182 7.70 17.15 -24.91
C ASN D 182 8.62 17.53 -23.76
N LYS D 183 8.19 18.48 -22.94
CA LYS D 183 8.98 18.93 -21.80
C LYS D 183 8.35 18.52 -20.47
N LYS D 184 7.42 17.57 -20.48
CA LYS D 184 6.70 17.21 -19.26
C LYS D 184 7.68 16.77 -18.16
N SER D 185 8.53 15.80 -18.46
CA SER D 185 9.46 15.28 -17.46
C SER D 185 10.51 16.30 -17.05
N PHE D 186 10.66 17.38 -17.81
CA PHE D 186 11.62 18.43 -17.52
C PHE D 186 11.03 19.55 -16.66
N TRP D 187 9.72 19.71 -16.68
CA TRP D 187 9.06 20.89 -16.11
C TRP D 187 8.78 20.65 -14.62
N TYR D 188 7.83 21.39 -14.06
CA TYR D 188 7.55 21.39 -12.63
C TYR D 188 6.29 20.60 -12.31
N ASP D 189 6.12 20.32 -11.02
CA ASP D 189 4.89 19.71 -10.53
C ASP D 189 3.69 20.59 -10.85
N TYR D 190 2.55 19.97 -11.10
CA TYR D 190 1.30 20.72 -11.21
C TYR D 190 0.52 20.57 -9.91
N ASN D 191 0.57 21.60 -9.08
CA ASN D 191 -0.20 21.60 -7.84
C ASN D 191 -1.50 22.38 -7.97
N ASN D 192 -1.48 23.54 -8.62
CA ASN D 192 -2.68 24.25 -9.03
C ASN D 192 -2.25 25.34 -10.01
N ALA D 193 -3.23 26.07 -10.53
CA ALA D 193 -2.97 27.10 -11.54
C ALA D 193 -2.26 28.29 -10.90
N LEU D 194 -1.06 28.60 -11.40
CA LEU D 194 -0.28 29.67 -10.79
C LEU D 194 -0.95 31.03 -10.91
N ASP D 195 -1.77 31.24 -11.95
CA ASP D 195 -2.37 32.55 -12.13
C ASP D 195 -3.45 32.87 -11.09
N LEU D 196 -3.80 31.89 -10.24
CA LEU D 196 -4.86 32.09 -9.25
C LEU D 196 -4.52 33.17 -8.23
N SER D 197 -3.24 33.51 -8.08
CA SER D 197 -2.83 34.59 -7.20
C SER D 197 -2.16 35.74 -7.97
N LEU D 198 -2.05 35.62 -9.29
CA LEU D 198 -1.47 36.68 -10.10
C LEU D 198 -2.31 37.95 -10.02
N HIS D 199 -1.67 39.08 -9.72
CA HIS D 199 -2.38 40.34 -9.66
C HIS D 199 -2.91 40.72 -11.03
N THR D 200 -4.16 41.21 -11.06
CA THR D 200 -4.82 41.50 -12.32
C THR D 200 -5.98 42.45 -12.07
N GLN D 201 -6.45 43.06 -13.14
CA GLN D 201 -7.69 43.82 -13.08
C GLN D 201 -8.90 42.96 -13.44
N GLY D 202 -8.69 41.75 -13.91
CA GLY D 202 -9.76 40.86 -14.29
C GLY D 202 -9.82 40.76 -15.80
N SER D 203 -10.08 39.56 -16.30
CA SER D 203 -10.27 39.28 -17.71
C SER D 203 -11.67 38.73 -17.94
N GLY D 204 -11.97 38.41 -19.19
CA GLY D 204 -13.21 37.72 -19.50
C GLY D 204 -13.24 36.30 -18.98
N ASN D 205 -12.08 35.72 -18.68
CA ASN D 205 -11.96 34.34 -18.23
C ASN D 205 -11.79 34.19 -16.72
N LEU D 206 -11.31 35.23 -16.03
CA LEU D 206 -10.97 35.07 -14.61
C LEU D 206 -11.19 36.40 -13.89
N SER D 207 -12.03 36.38 -12.87
CA SER D 207 -12.30 37.58 -12.09
C SER D 207 -11.08 37.96 -11.25
N LYS D 208 -10.90 39.28 -11.09
CA LYS D 208 -9.88 39.79 -10.19
C LYS D 208 -10.13 39.37 -8.74
N ASN D 209 -11.36 38.93 -8.43
CA ASN D 209 -11.70 38.61 -7.05
C ASN D 209 -10.91 37.42 -6.52
N VAL D 210 -10.53 36.49 -7.40
CA VAL D 210 -9.86 35.27 -6.97
C VAL D 210 -8.50 35.59 -6.37
N SER D 211 -7.68 36.36 -7.07
CA SER D 211 -6.38 36.75 -6.54
C SER D 211 -6.53 37.78 -5.43
N LYS D 212 -7.38 38.79 -5.65
CA LYS D 212 -7.49 39.91 -4.72
C LYS D 212 -7.93 39.44 -3.33
N HIS D 213 -8.80 38.44 -3.27
CA HIS D 213 -9.29 37.94 -1.99
C HIS D 213 -8.70 36.59 -1.62
N ARG D 214 -7.66 36.14 -2.32
CA ARG D 214 -6.88 34.95 -1.95
C ARG D 214 -7.79 33.73 -1.80
N LEU D 215 -8.65 33.54 -2.81
CA LEU D 215 -9.65 32.48 -2.74
C LEU D 215 -9.06 31.11 -2.99
N ALA D 216 -8.04 31.03 -3.85
CA ALA D 216 -7.37 29.77 -4.15
C ALA D 216 -5.91 30.06 -4.41
N PRO D 217 -5.12 30.27 -3.36
CA PRO D 217 -3.74 30.77 -3.56
C PRO D 217 -2.91 29.79 -4.36
N ALA D 218 -2.08 30.34 -5.25
CA ALA D 218 -1.21 29.51 -6.07
C ALA D 218 -0.17 28.83 -5.19
N MET D 219 0.12 27.57 -5.50
CA MET D 219 1.08 26.80 -4.74
C MET D 219 2.43 26.82 -5.45
N THR D 220 3.50 26.78 -4.65
CA THR D 220 4.81 26.54 -5.21
C THR D 220 4.89 25.12 -5.76
N ALA D 221 5.73 24.93 -6.76
CA ALA D 221 5.86 23.63 -7.41
C ALA D 221 7.33 23.27 -7.55
N LYS D 222 7.69 22.08 -7.12
CA LYS D 222 9.06 21.60 -7.25
C LYS D 222 9.25 20.93 -8.62
N ARG D 223 10.51 20.61 -8.91
CA ARG D 223 10.85 20.02 -10.20
C ARG D 223 10.43 18.56 -10.28
N ARG D 224 9.79 18.19 -11.39
CA ARG D 224 9.64 16.78 -11.72
C ARG D 224 11.01 16.19 -12.02
N ASN D 225 11.15 14.88 -11.79
CA ASN D 225 12.42 14.16 -11.86
C ASN D 225 13.54 14.98 -11.20
N PRO D 226 13.39 15.32 -9.93
CA PRO D 226 14.34 16.28 -9.32
C PRO D 226 15.74 15.71 -9.15
N ASN D 227 15.92 14.39 -9.24
CA ASN D 227 17.26 13.81 -9.05
C ASN D 227 18.19 14.09 -10.22
N VAL D 228 17.67 14.57 -11.36
CA VAL D 228 18.50 14.97 -12.48
C VAL D 228 18.88 16.42 -12.26
N ILE D 229 20.17 16.68 -12.03
CA ILE D 229 20.63 17.99 -11.62
C ILE D 229 21.44 18.62 -12.74
N THR D 230 21.57 19.95 -12.68
CA THR D 230 22.16 20.82 -13.69
C THR D 230 21.29 20.89 -14.94
N ASN D 231 21.21 22.08 -15.54
CA ASN D 231 20.39 22.26 -16.73
C ASN D 231 20.88 21.41 -17.90
N SER D 232 22.19 21.19 -17.99
CA SER D 232 22.72 20.40 -19.09
C SER D 232 22.20 18.97 -19.04
N LEU D 233 22.21 18.36 -17.85
CA LEU D 233 21.71 17.00 -17.72
C LEU D 233 20.19 16.96 -17.82
N ARG D 234 19.51 18.04 -17.47
CA ARG D 234 18.05 18.09 -17.56
C ARG D 234 17.55 18.24 -18.99
N LYS D 235 18.42 18.58 -19.94
CA LYS D 235 18.03 18.54 -21.35
C LYS D 235 17.70 17.13 -21.80
N GLN D 236 18.20 16.10 -21.08
CA GLN D 236 17.87 14.72 -21.43
C GLN D 236 16.39 14.42 -21.25
N LEU D 237 15.71 15.15 -20.36
CA LEU D 237 14.31 14.86 -20.06
C LEU D 237 13.36 15.33 -21.16
N VAL D 238 13.82 16.19 -22.06
CA VAL D 238 12.98 16.72 -23.12
C VAL D 238 13.04 15.77 -24.31
N ILE D 239 11.86 15.42 -24.83
CA ILE D 239 11.75 14.66 -26.07
C ILE D 239 11.39 15.63 -27.18
N SER D 240 12.05 15.50 -28.33
CA SER D 240 11.75 16.39 -29.44
C SER D 240 12.10 15.70 -30.75
N SER D 241 11.43 16.14 -31.81
CA SER D 241 11.65 15.64 -33.16
C SER D 241 11.15 16.69 -34.14
N GLN D 242 11.56 16.54 -35.39
CA GLN D 242 11.11 17.46 -36.43
C GLN D 242 11.07 16.72 -37.76
N GLY D 243 10.45 17.35 -38.75
CA GLY D 243 10.30 16.75 -40.05
C GLY D 243 9.75 17.74 -41.04
N SER D 244 9.82 17.36 -42.32
CA SER D 244 9.34 18.19 -43.41
C SER D 244 8.72 17.31 -44.49
N VAL D 245 7.59 17.75 -45.01
CA VAL D 245 6.91 17.08 -46.12
C VAL D 245 6.41 18.13 -47.10
N SER D 246 6.45 17.80 -48.38
CA SER D 246 6.06 18.74 -49.44
C SER D 246 4.99 18.12 -50.32
N SER D 247 4.36 18.96 -51.13
CA SER D 247 3.26 18.53 -51.97
C SER D 247 3.70 17.67 -53.16
N ASP D 248 5.00 17.51 -53.36
CA ASP D 248 5.48 16.63 -54.43
C ASP D 248 5.46 15.16 -54.04
N ASN D 249 5.38 14.85 -52.74
CA ASN D 249 5.42 13.47 -52.28
C ASN D 249 4.54 13.34 -51.04
N ASN D 250 3.58 12.43 -51.09
CA ASN D 250 2.66 12.20 -49.99
C ASN D 250 3.13 11.12 -49.02
N THR D 251 4.44 10.86 -48.97
CA THR D 251 4.98 9.85 -48.08
C THR D 251 4.98 10.38 -46.65
N GLN D 252 4.26 9.70 -45.76
CA GLN D 252 4.16 10.12 -44.37
C GLN D 252 5.52 10.04 -43.70
N VAL D 253 5.84 11.07 -42.92
CA VAL D 253 7.12 11.20 -42.24
C VAL D 253 6.87 11.10 -40.74
N PRO D 254 7.55 10.20 -40.03
CA PRO D 254 7.35 10.10 -38.58
C PRO D 254 8.15 11.13 -37.81
N LEU D 255 7.56 11.65 -36.76
CA LEU D 255 8.23 12.54 -35.81
C LEU D 255 8.63 11.68 -34.61
N ARG D 256 9.89 11.25 -34.57
CA ARG D 256 10.37 10.32 -33.56
C ARG D 256 11.54 10.91 -32.81
N GLY D 257 11.44 10.92 -31.48
CA GLY D 257 12.54 11.33 -30.62
C GLY D 257 12.97 10.22 -29.71
N LYS D 258 13.80 10.54 -28.71
CA LYS D 258 14.30 9.55 -27.77
C LYS D 258 14.12 10.04 -26.35
N PHE D 259 13.85 9.10 -25.44
CA PHE D 259 13.84 9.37 -24.00
C PHE D 259 14.64 8.29 -23.30
N PRO D 260 15.66 8.65 -22.50
CA PRO D 260 16.13 10.03 -22.37
C PRO D 260 16.82 10.51 -23.64
N ALA D 261 16.69 11.79 -23.95
CA ALA D 261 17.23 12.32 -25.20
C ALA D 261 18.75 12.29 -25.19
N ASN D 262 19.32 12.42 -26.38
CA ASN D 262 20.76 12.44 -26.61
C ASN D 262 21.50 13.36 -25.64
N GLU D 278 17.75 0.50 -22.25
CA GLU D 278 18.26 1.87 -22.23
C GLU D 278 17.74 2.68 -23.42
N ARG D 279 17.10 3.80 -23.12
CA ARG D 279 16.60 4.77 -24.09
C ARG D 279 15.51 4.20 -24.99
N HIS D 280 14.36 4.85 -24.99
CA HIS D 280 13.18 4.39 -25.71
C HIS D 280 12.85 5.33 -26.86
N ASN D 281 12.34 4.77 -27.95
CA ASN D 281 11.90 5.56 -29.08
C ASN D 281 10.48 6.06 -28.84
N VAL D 282 10.26 7.34 -29.11
CA VAL D 282 8.98 8.00 -28.82
C VAL D 282 8.43 8.55 -30.13
N LEU D 283 7.37 7.92 -30.63
CA LEU D 283 6.66 8.44 -31.79
C LEU D 283 5.77 9.59 -31.32
N GLN D 284 6.23 10.82 -31.54
CA GLN D 284 5.45 11.98 -31.13
C GLN D 284 4.40 12.38 -32.16
N GLY D 285 4.45 11.82 -33.35
CA GLY D 285 3.44 12.13 -34.35
C GLY D 285 3.88 11.75 -35.74
N SER D 286 2.97 11.94 -36.68
CA SER D 286 3.18 11.66 -38.09
C SER D 286 2.69 12.85 -38.90
N ILE D 287 3.40 13.19 -39.97
CA ILE D 287 2.99 14.26 -40.87
C ILE D 287 3.00 13.74 -42.30
N GLU D 288 2.04 14.19 -43.09
CA GLU D 288 1.98 13.88 -44.51
C GLU D 288 1.33 15.07 -45.22
N CYS D 289 1.77 15.32 -46.45
CA CYS D 289 1.25 16.39 -47.28
C CYS D 289 0.74 15.81 -48.58
N ASP D 290 -0.48 16.16 -48.96
CA ASP D 290 -1.04 15.66 -50.21
C ASP D 290 -0.60 16.54 -51.38
N ASN D 291 -0.93 16.09 -52.59
CA ASN D 291 -0.55 16.82 -53.80
C ASN D 291 -1.28 18.15 -53.95
N GLU D 292 -2.21 18.47 -53.05
CA GLU D 292 -2.91 19.74 -53.08
C GLU D 292 -2.34 20.76 -52.11
N GLY D 293 -1.36 20.37 -51.30
CA GLY D 293 -0.73 21.29 -50.39
C GLY D 293 -1.24 21.27 -48.97
N VAL D 294 -2.08 20.30 -48.62
CA VAL D 294 -2.71 20.23 -47.31
C VAL D 294 -1.88 19.32 -46.41
N LEU D 295 -1.53 19.82 -45.23
CA LEU D 295 -0.77 19.05 -44.25
C LEU D 295 -1.72 18.33 -43.30
N ARG D 296 -1.40 17.09 -42.99
CA ARG D 296 -2.17 16.25 -42.08
C ARG D 296 -1.26 15.81 -40.95
N PHE D 297 -1.62 16.15 -39.72
CA PHE D 297 -0.81 15.85 -38.54
C PHE D 297 -1.54 14.81 -37.69
N TYR D 298 -0.91 13.65 -37.53
CA TYR D 298 -1.37 12.61 -36.61
C TYR D 298 -0.57 12.68 -35.32
N ALA D 299 -1.19 12.26 -34.22
CA ALA D 299 -0.53 12.23 -32.93
C ALA D 299 0.13 10.88 -32.71
N GLY D 300 0.73 10.71 -31.53
CA GLY D 300 1.36 9.45 -31.18
C GLY D 300 0.34 8.34 -31.02
N ASN D 301 0.86 7.17 -30.68
CA ASN D 301 0.03 5.98 -30.45
C ASN D 301 -0.54 5.92 -29.04
N GLY D 302 -0.14 6.83 -28.15
CA GLY D 302 -0.60 6.74 -26.78
C GLY D 302 0.25 5.87 -25.89
N ILE D 303 1.52 5.66 -26.24
CA ILE D 303 2.44 4.88 -25.42
C ILE D 303 2.97 5.78 -24.31
N SER D 304 2.75 5.37 -23.06
CA SER D 304 3.34 6.02 -21.91
C SER D 304 4.10 4.96 -21.12
N GLN D 305 5.31 5.29 -20.68
CA GLN D 305 6.16 4.26 -20.11
C GLN D 305 7.07 4.86 -19.04
N ALA D 306 7.41 4.04 -18.06
CA ALA D 306 8.42 4.39 -17.07
C ALA D 306 9.77 3.85 -17.51
N LEU D 307 10.83 4.44 -16.94
CA LEU D 307 12.17 3.95 -17.25
C LEU D 307 12.45 2.60 -16.61
N SER D 308 11.77 2.29 -15.51
CA SER D 308 11.79 0.92 -15.00
C SER D 308 10.37 0.50 -14.64
N PRO D 309 10.02 -0.77 -14.88
CA PRO D 309 8.64 -1.21 -14.67
C PRO D 309 8.13 -1.01 -13.25
N SER D 310 9.01 -1.01 -12.26
CA SER D 310 8.57 -0.91 -10.87
C SER D 310 8.18 0.51 -10.47
N SER D 311 8.41 1.50 -11.32
CA SER D 311 7.98 2.87 -11.04
C SER D 311 6.54 3.05 -11.49
N LEU D 312 5.66 3.34 -10.55
CA LEU D 312 4.22 3.42 -10.81
C LEU D 312 3.75 4.87 -10.79
N ASN D 313 2.80 5.19 -11.67
CA ASN D 313 2.26 6.54 -11.79
C ASN D 313 1.09 6.72 -10.81
N THR D 314 1.43 6.80 -9.54
CA THR D 314 0.41 6.90 -8.50
C THR D 314 -0.10 8.32 -8.27
N ASP D 315 0.54 9.34 -8.84
CA ASP D 315 0.10 10.71 -8.68
C ASP D 315 -0.66 11.17 -9.92
N PHE D 316 -1.65 12.05 -9.71
CA PHE D 316 -2.51 12.49 -10.79
C PHE D 316 -1.77 13.32 -11.84
N ALA D 317 -0.60 13.89 -11.51
CA ALA D 317 0.07 14.78 -12.46
C ALA D 317 1.57 14.57 -12.50
N ASP D 318 2.19 14.33 -11.35
CA ASP D 318 3.64 14.40 -11.20
C ASP D 318 4.16 13.01 -10.85
N ASN D 319 4.69 12.32 -11.85
CA ASN D 319 5.26 10.99 -11.68
C ASN D 319 6.65 11.01 -12.32
N SER D 320 7.69 11.06 -11.49
CA SER D 320 9.04 10.98 -12.01
C SER D 320 9.27 9.62 -12.67
N ASN D 321 10.27 9.56 -13.54
CA ASN D 321 10.72 8.38 -14.28
C ASN D 321 9.79 8.00 -15.43
N TRP D 322 8.82 8.83 -15.76
CA TRP D 322 7.82 8.52 -16.78
C TRP D 322 7.97 9.46 -17.98
N PHE D 323 7.61 8.95 -19.16
CA PHE D 323 7.49 9.76 -20.35
C PHE D 323 6.21 9.37 -21.08
N ASP D 324 5.69 10.30 -21.89
CA ASP D 324 4.59 9.99 -22.79
C ASP D 324 4.85 10.65 -24.13
N ASP D 325 4.08 10.24 -25.14
CA ASP D 325 4.27 10.70 -26.51
C ASP D 325 3.48 11.95 -26.83
N ILE D 326 2.98 12.66 -25.81
CA ILE D 326 2.34 13.94 -26.04
C ILE D 326 3.36 14.94 -26.54
N CYS D 327 2.96 15.78 -27.48
CA CYS D 327 3.87 16.76 -28.07
C CYS D 327 3.11 18.05 -28.37
N ASP D 328 3.89 19.10 -28.60
CA ASP D 328 3.37 20.32 -29.21
C ASP D 328 4.55 21.07 -29.80
N GLY D 329 4.31 21.76 -30.91
CA GLY D 329 5.41 22.45 -31.54
C GLY D 329 4.99 23.41 -32.63
N ARG D 330 5.97 23.76 -33.44
CA ARG D 330 5.91 24.88 -34.39
C ARG D 330 5.61 24.35 -35.78
N VAL D 331 4.66 24.99 -36.46
CA VAL D 331 4.25 24.60 -37.82
C VAL D 331 4.51 25.79 -38.75
N THR D 332 5.47 25.63 -39.64
CA THR D 332 5.82 26.65 -40.63
C THR D 332 5.80 26.03 -42.02
N ALA D 333 5.74 26.89 -43.04
CA ALA D 333 5.59 26.41 -44.40
C ALA D 333 6.35 27.31 -45.36
N VAL D 334 6.57 26.78 -46.57
CA VAL D 334 7.28 27.48 -47.64
C VAL D 334 6.48 27.26 -48.93
N VAL D 335 6.04 28.36 -49.54
CA VAL D 335 5.29 28.29 -50.80
C VAL D 335 6.23 28.69 -51.93
N GLU D 336 6.43 27.77 -52.87
CA GLU D 336 7.28 27.99 -54.04
C GLU D 336 6.40 27.89 -55.29
N LEU D 337 6.24 29.00 -56.00
CA LEU D 337 5.33 29.05 -57.13
C LEU D 337 6.04 28.63 -58.42
N LYS D 338 5.25 28.54 -59.50
CA LYS D 338 5.81 28.23 -60.81
C LYS D 338 6.80 29.30 -61.22
N ASN D 339 6.57 30.53 -60.81
CA ASN D 339 7.32 31.70 -61.25
C ASN D 339 8.61 31.88 -60.48
N GLY D 340 9.06 30.82 -59.80
CA GLY D 340 10.21 30.93 -58.91
C GLY D 340 10.01 31.75 -57.65
N ASP D 341 8.91 32.50 -57.54
CA ASP D 341 8.71 33.35 -56.37
C ASP D 341 8.50 32.49 -55.14
N THR D 342 9.19 32.84 -54.07
CA THR D 342 9.17 32.09 -52.82
C THR D 342 8.42 32.89 -51.76
N PHE D 343 7.55 32.21 -51.02
CA PHE D 343 6.83 32.81 -49.90
C PHE D 343 7.10 31.96 -48.66
N GLU D 344 7.63 32.59 -47.62
CA GLU D 344 8.01 31.91 -46.38
C GLU D 344 7.01 32.25 -45.29
N ILE D 345 6.39 31.23 -44.72
CA ILE D 345 5.38 31.39 -43.67
C ILE D 345 6.07 30.98 -42.37
N GLN D 346 6.75 31.95 -41.75
CA GLN D 346 7.54 31.65 -40.55
C GLN D 346 7.35 32.64 -39.41
N ASP D 347 6.72 33.80 -39.64
CA ASP D 347 6.51 34.72 -38.52
C ASP D 347 5.29 34.27 -37.71
N GLU D 348 5.20 34.79 -36.49
CA GLU D 348 4.16 34.32 -35.58
C GLU D 348 2.76 34.70 -36.05
N GLN D 349 2.63 35.72 -36.91
CA GLN D 349 1.32 36.11 -37.41
C GLN D 349 0.80 35.17 -38.50
N SER D 350 1.69 34.47 -39.19
CA SER D 350 1.28 33.56 -40.26
C SER D 350 1.54 32.10 -39.94
N SER D 351 2.41 31.80 -38.97
CA SER D 351 2.69 30.42 -38.59
C SER D 351 1.59 29.88 -37.68
N ALA D 352 1.67 28.58 -37.42
CA ALA D 352 0.68 27.89 -36.60
C ALA D 352 1.39 27.10 -35.50
N TRP D 353 0.58 26.51 -34.63
CA TRP D 353 1.05 25.61 -33.59
C TRP D 353 0.21 24.35 -33.63
N VAL D 354 0.80 23.25 -33.18
CA VAL D 354 0.10 21.98 -33.07
C VAL D 354 0.37 21.42 -31.69
N ALA D 355 -0.66 20.84 -31.07
CA ALA D 355 -0.53 20.23 -29.75
C ALA D 355 -1.30 18.93 -29.74
N THR D 356 -0.67 17.87 -29.23
CA THR D 356 -1.35 16.59 -29.12
C THR D 356 -1.91 16.43 -27.71
N THR D 357 -3.02 15.70 -27.63
CA THR D 357 -3.85 15.66 -26.42
C THR D 357 -4.30 14.23 -26.13
N PRO D 358 -4.86 13.98 -24.94
CA PRO D 358 -5.58 12.71 -24.71
C PRO D 358 -6.76 12.58 -25.66
N PRO D 359 -7.28 11.37 -25.85
CA PRO D 359 -8.37 11.19 -26.82
C PRO D 359 -9.66 11.83 -26.33
N ASP D 360 -10.51 12.16 -27.29
CA ASP D 360 -11.86 12.64 -27.02
C ASP D 360 -12.79 11.43 -27.00
N TYR D 361 -13.27 11.05 -25.82
CA TYR D 361 -14.11 9.87 -25.67
C TYR D 361 -15.59 10.15 -25.89
N ALA D 362 -15.97 11.40 -26.16
CA ALA D 362 -17.33 11.75 -26.57
C ALA D 362 -17.27 12.91 -27.54
N PRO D 363 -16.72 12.69 -28.74
CA PRO D 363 -16.41 13.80 -29.64
C PRO D 363 -17.60 14.68 -29.98
N GLN D 364 -18.82 14.14 -29.91
CA GLN D 364 -20.02 14.93 -30.16
C GLN D 364 -20.55 15.60 -28.90
N ILE D 365 -19.90 15.42 -27.76
CA ILE D 365 -20.33 16.02 -26.50
C ILE D 365 -19.35 17.15 -26.18
N GLU D 366 -19.85 18.38 -26.21
CA GLU D 366 -18.99 19.55 -26.10
C GLU D 366 -18.90 20.02 -24.65
N PRO D 367 -17.71 20.39 -24.20
CA PRO D 367 -17.59 21.03 -22.87
C PRO D 367 -18.41 22.30 -22.81
N ILE D 368 -18.98 22.58 -21.64
CA ILE D 368 -19.82 23.76 -21.47
C ILE D 368 -19.01 25.03 -21.74
N VAL D 369 -17.74 25.04 -21.34
CA VAL D 369 -16.83 26.14 -21.60
C VAL D 369 -15.59 25.56 -22.28
N THR D 370 -15.28 26.06 -23.47
CA THR D 370 -14.27 25.45 -24.32
C THR D 370 -13.00 26.29 -24.36
N MET D 371 -11.95 25.70 -24.94
CA MET D 371 -10.71 26.43 -25.12
C MET D 371 -10.90 27.63 -26.03
N TYR D 372 -11.79 27.51 -27.02
CA TYR D 372 -12.11 28.67 -27.83
C TYR D 372 -12.76 29.76 -27.01
N ASP D 373 -13.61 29.39 -26.05
CA ASP D 373 -14.17 30.38 -25.14
C ASP D 373 -13.07 31.11 -24.38
N MET D 374 -12.05 30.36 -23.95
CA MET D 374 -10.90 30.99 -23.28
C MET D 374 -10.23 31.99 -24.20
N VAL D 375 -10.06 31.65 -25.48
CA VAL D 375 -9.43 32.56 -26.43
C VAL D 375 -10.21 33.88 -26.49
N SER D 376 -11.54 33.79 -26.55
CA SER D 376 -12.36 34.99 -26.68
C SER D 376 -12.32 35.82 -25.41
N GLY D 377 -12.45 35.17 -24.25
CA GLY D 377 -12.41 35.89 -22.99
C GLY D 377 -11.06 36.49 -22.65
N ALA D 378 -9.98 36.01 -23.29
CA ALA D 378 -8.65 36.50 -22.95
C ALA D 378 -8.46 37.95 -23.34
N ALA D 379 -9.18 38.43 -24.37
CA ALA D 379 -9.00 39.78 -24.87
C ALA D 379 -9.92 40.79 -24.20
N LEU D 380 -10.73 40.36 -23.26
CA LEU D 380 -11.71 41.23 -22.62
C LEU D 380 -11.25 41.62 -21.22
N LYS D 381 -11.54 42.86 -20.85
CA LYS D 381 -11.26 43.35 -19.51
C LYS D 381 -12.53 43.27 -18.68
N GLU D 382 -12.44 42.61 -17.52
CA GLU D 382 -13.60 42.37 -16.67
C GLU D 382 -14.36 43.65 -16.34
N GLN D 383 -13.64 44.77 -16.20
CA GLN D 383 -14.32 46.03 -15.90
C GLN D 383 -15.19 46.49 -17.06
N ASP D 384 -14.81 46.15 -18.29
CA ASP D 384 -15.54 46.57 -19.48
C ASP D 384 -16.53 45.51 -19.96
N LEU D 385 -16.90 44.57 -19.09
CA LEU D 385 -17.86 43.55 -19.49
C LEU D 385 -19.26 44.12 -19.64
N ASP D 386 -19.55 45.29 -19.06
CA ASP D 386 -20.84 45.93 -19.27
C ASP D 386 -20.96 46.57 -20.65
N ASN D 387 -19.88 46.60 -21.43
CA ASN D 387 -19.94 47.02 -22.82
C ASN D 387 -20.23 45.86 -23.77
N LEU D 388 -20.14 44.63 -23.29
CA LEU D 388 -20.47 43.47 -24.09
C LEU D 388 -21.93 43.53 -24.53
N THR D 389 -22.16 43.31 -25.81
CA THR D 389 -23.51 43.18 -26.37
C THR D 389 -23.82 41.70 -26.58
N THR D 390 -25.07 41.34 -26.36
CA THR D 390 -25.50 39.96 -26.19
C THR D 390 -26.66 39.61 -27.12
N GLN D 391 -26.46 38.60 -28.00
CA GLN D 391 -27.50 37.94 -28.76
C GLN D 391 -27.85 36.63 -28.05
N PHE D 392 -29.04 36.11 -28.33
CA PHE D 392 -29.41 34.83 -27.73
C PHE D 392 -28.48 33.70 -28.18
N SER D 393 -27.92 33.81 -29.38
CA SER D 393 -27.03 32.77 -29.89
C SER D 393 -25.72 32.69 -29.14
N ASP D 394 -25.44 33.60 -28.22
CA ASP D 394 -24.26 33.44 -27.37
C ASP D 394 -24.58 32.79 -26.03
N VAL D 395 -25.81 32.96 -25.52
CA VAL D 395 -26.17 32.23 -24.32
C VAL D 395 -26.59 30.80 -24.65
N PHE D 396 -27.11 30.57 -25.85
CA PHE D 396 -27.60 29.23 -26.19
C PHE D 396 -26.55 28.13 -26.04
N PRO D 397 -25.27 28.31 -26.43
CA PRO D 397 -24.31 27.21 -26.23
C PRO D 397 -24.19 26.75 -24.78
N ILE D 398 -24.27 27.67 -23.82
CA ILE D 398 -24.24 27.28 -22.41
C ILE D 398 -25.37 26.31 -22.10
N LEU D 399 -26.61 26.70 -22.43
CA LEU D 399 -27.76 25.84 -22.16
C LEU D 399 -27.70 24.56 -23.00
N TYR D 400 -27.28 24.69 -24.26
CA TYR D 400 -27.19 23.54 -25.15
C TYR D 400 -26.17 22.52 -24.65
N ARG D 401 -24.95 22.98 -24.34
CA ARG D 401 -23.91 22.05 -23.92
C ARG D 401 -24.25 21.42 -22.57
N LEU D 402 -24.74 22.21 -21.62
CA LEU D 402 -25.12 21.68 -20.32
C LEU D 402 -26.19 20.61 -20.47
N TYR D 403 -27.16 20.84 -21.35
CA TYR D 403 -28.23 19.88 -21.55
C TYR D 403 -27.70 18.59 -22.15
N ARG D 404 -26.76 18.69 -23.08
CA ARG D 404 -26.14 17.52 -23.68
C ARG D 404 -25.13 16.83 -22.76
N MET D 405 -24.85 17.38 -21.58
CA MET D 405 -24.02 16.69 -20.60
C MET D 405 -24.73 15.51 -19.96
N GLN D 406 -26.03 15.35 -20.19
CA GLN D 406 -26.77 14.21 -19.63
C GLN D 406 -26.24 12.88 -20.13
N TRP D 407 -25.54 12.86 -21.26
CA TRP D 407 -25.06 11.62 -21.85
C TRP D 407 -23.73 11.14 -21.27
N VAL D 408 -23.08 11.92 -20.41
CA VAL D 408 -21.74 11.58 -19.93
C VAL D 408 -21.62 11.84 -18.43
N ASN D 409 -22.71 12.23 -17.79
CA ASN D 409 -22.63 12.68 -16.39
C ASN D 409 -24.01 12.55 -15.75
N GLN D 410 -24.08 11.81 -14.63
CA GLN D 410 -25.39 11.48 -14.06
C GLN D 410 -26.07 12.70 -13.49
N ALA D 411 -25.31 13.62 -12.87
CA ALA D 411 -25.93 14.80 -12.28
C ALA D 411 -26.71 15.60 -13.31
N ASP D 412 -26.22 15.63 -14.55
CA ASP D 412 -26.87 16.36 -15.62
C ASP D 412 -27.96 15.53 -16.32
N PHE D 413 -28.18 14.30 -15.88
CA PHE D 413 -29.27 13.48 -16.37
C PHE D 413 -30.46 13.47 -15.41
N THR D 414 -30.19 13.43 -14.10
CA THR D 414 -31.25 13.27 -13.12
C THR D 414 -31.17 14.24 -11.95
N ASP D 415 -30.21 15.16 -11.93
CA ASP D 415 -30.06 16.05 -10.79
C ASP D 415 -29.76 17.48 -11.21
N ASN D 416 -30.17 17.87 -12.41
CA ASN D 416 -29.94 19.20 -12.95
C ASN D 416 -31.31 19.82 -13.26
N ALA D 417 -31.79 20.68 -12.35
CA ALA D 417 -33.11 21.28 -12.49
C ALA D 417 -33.23 22.18 -13.72
N VAL D 418 -32.12 22.63 -14.28
CA VAL D 418 -32.21 23.43 -15.50
C VAL D 418 -32.41 22.52 -16.71
N ASN D 419 -31.74 21.38 -16.74
CA ASN D 419 -31.99 20.40 -17.78
C ASN D 419 -33.41 19.85 -17.70
N THR D 420 -33.93 19.70 -16.48
CA THR D 420 -35.29 19.20 -16.32
C THR D 420 -36.31 20.22 -16.77
N GLN D 421 -36.02 21.51 -16.57
CA GLN D 421 -36.93 22.54 -17.03
C GLN D 421 -36.85 22.71 -18.54
N ILE D 422 -35.67 22.55 -19.13
CA ILE D 422 -35.57 22.48 -20.58
C ILE D 422 -36.42 21.35 -21.11
N ARG D 423 -36.41 20.20 -20.41
N ARG D 423 -36.39 20.21 -20.41
CA ARG D 423 -37.24 19.08 -20.83
CA ARG D 423 -37.23 19.06 -20.76
C ARG D 423 -38.73 19.43 -20.76
C ARG D 423 -38.71 19.43 -20.75
N GLU D 424 -39.12 20.24 -19.78
CA GLU D 424 -40.51 20.65 -19.67
C GLU D 424 -40.92 21.53 -20.84
N LEU D 425 -40.14 22.57 -21.13
CA LEU D 425 -40.42 23.42 -22.28
C LEU D 425 -40.44 22.60 -23.57
N ASN D 426 -39.47 21.70 -23.73
CA ASN D 426 -39.44 20.84 -24.90
C ASN D 426 -40.71 20.01 -25.02
N SER D 427 -41.24 19.56 -23.88
CA SER D 427 -42.41 18.69 -23.91
C SER D 427 -43.63 19.41 -24.46
N GLU D 428 -43.71 20.72 -24.26
CA GLU D 428 -44.81 21.54 -24.76
C GLU D 428 -44.39 22.41 -25.93
N LEU D 429 -43.32 22.03 -26.63
CA LEU D 429 -42.82 22.76 -27.80
C LEU D 429 -42.70 24.26 -27.53
N GLY D 430 -42.41 24.61 -26.27
CA GLY D 430 -42.35 26.00 -25.87
C GLY D 430 -40.97 26.47 -25.47
N PHE D 431 -39.94 25.92 -26.09
CA PHE D 431 -38.57 26.37 -25.82
C PHE D 431 -38.38 27.81 -26.27
N ALA D 432 -39.15 28.28 -27.25
CA ALA D 432 -38.94 29.60 -27.82
C ALA D 432 -39.18 30.72 -26.83
N GLN D 433 -39.94 30.46 -25.75
CA GLN D 433 -40.09 31.48 -24.71
C GLN D 433 -38.75 31.99 -24.20
N LEU D 434 -37.73 31.13 -24.16
CA LEU D 434 -36.41 31.54 -23.69
C LEU D 434 -35.84 32.66 -24.55
N LEU D 435 -36.21 32.68 -25.83
CA LEU D 435 -35.71 33.69 -26.77
C LEU D 435 -36.48 35.00 -26.66
N ASP D 436 -37.49 35.06 -25.81
CA ASP D 436 -38.31 36.26 -25.63
C ASP D 436 -37.60 37.21 -24.66
N ASN D 437 -37.31 38.44 -25.12
CA ASN D 437 -36.61 39.41 -24.29
C ASN D 437 -37.54 40.36 -23.56
N SER D 438 -38.85 40.15 -23.66
CA SER D 438 -39.82 41.07 -23.10
C SER D 438 -40.01 40.84 -21.60
N ALA D 439 -40.70 41.80 -20.95
CA ALA D 439 -40.93 41.74 -19.52
C ALA D 439 -41.75 40.53 -19.09
N SER D 440 -42.59 39.98 -19.96
CA SER D 440 -43.44 38.88 -19.55
C SER D 440 -42.64 37.58 -19.39
N ALA D 441 -41.51 37.47 -20.07
CA ALA D 441 -40.66 36.30 -19.97
C ALA D 441 -39.47 36.50 -19.02
N LYS D 442 -39.38 37.66 -18.36
CA LYS D 442 -38.22 37.94 -17.52
C LYS D 442 -38.13 36.98 -16.33
N SER D 443 -39.26 36.67 -15.70
CA SER D 443 -39.25 35.71 -14.60
C SER D 443 -38.72 34.36 -15.05
N LEU D 444 -39.06 33.97 -16.29
CA LEU D 444 -38.60 32.70 -16.82
C LEU D 444 -37.09 32.70 -17.00
N ARG D 445 -36.56 33.74 -17.66
CA ARG D 445 -35.13 33.80 -17.91
C ARG D 445 -34.35 33.95 -16.61
N GLU D 446 -34.92 34.66 -15.63
CA GLU D 446 -34.19 34.92 -14.40
C GLU D 446 -34.07 33.67 -13.55
N GLY D 447 -35.13 32.86 -13.48
CA GLY D 447 -35.06 31.65 -12.69
C GLY D 447 -34.02 30.67 -13.17
N ILE D 448 -33.75 30.67 -14.48
CA ILE D 448 -32.67 29.83 -15.01
C ILE D 448 -31.32 30.45 -14.74
N PHE D 449 -31.21 31.77 -14.93
CA PHE D 449 -29.94 32.44 -14.72
C PHE D 449 -29.50 32.34 -13.26
N ASN D 450 -30.45 32.46 -12.33
CA ASN D 450 -30.11 32.51 -10.90
C ASN D 450 -29.62 31.18 -10.36
N GLN D 451 -29.68 30.10 -11.12
CA GLN D 451 -29.10 28.84 -10.68
C GLN D 451 -27.63 28.72 -11.04
N PHE D 452 -27.14 29.56 -11.95
CA PHE D 452 -25.75 29.48 -12.37
C PHE D 452 -24.84 30.17 -11.37
N ARG D 453 -23.68 29.58 -11.15
CA ARG D 453 -22.68 30.14 -10.25
C ARG D 453 -22.03 31.37 -10.88
N ASN D 454 -21.81 32.39 -10.05
CA ASN D 454 -21.24 33.65 -10.51
C ASN D 454 -19.71 33.58 -10.46
N PRO D 455 -19.01 33.77 -11.58
CA PRO D 455 -17.54 33.74 -11.57
C PRO D 455 -16.90 34.89 -10.81
N LEU D 456 -17.69 35.79 -10.23
CA LEU D 456 -17.13 36.73 -9.26
C LEU D 456 -16.73 36.00 -7.98
N PHE D 457 -17.37 34.87 -7.70
CA PHE D 457 -17.09 34.06 -6.51
C PHE D 457 -17.33 34.84 -5.22
N ASP D 458 -18.27 35.78 -5.27
CA ASP D 458 -18.66 36.57 -4.11
C ASP D 458 -20.07 36.28 -3.65
N GLN D 459 -20.71 35.24 -4.19
CA GLN D 459 -22.02 34.81 -3.73
C GLN D 459 -21.88 33.58 -2.84
N ASP D 460 -22.84 33.43 -1.93
CA ASP D 460 -22.90 32.28 -1.03
C ASP D 460 -21.60 32.15 -0.21
N ILE D 461 -21.20 33.25 0.41
CA ILE D 461 -19.99 33.30 1.22
C ILE D 461 -20.28 34.04 2.52
N ASP D 462 -19.48 33.74 3.52
CA ASP D 462 -19.48 34.47 4.79
C ASP D 462 -18.07 35.00 5.00
N VAL D 463 -17.93 36.32 5.07
CA VAL D 463 -16.62 36.94 5.22
C VAL D 463 -16.11 36.67 6.63
N ASP D 464 -15.03 35.90 6.72
CA ASP D 464 -14.44 35.53 8.01
C ASP D 464 -13.60 36.67 8.56
N ASN D 471 -9.24 39.32 5.57
CA ASN D 471 -10.64 38.94 5.36
C ASN D 471 -10.74 37.68 4.50
N GLU D 472 -11.46 36.68 5.00
CA GLU D 472 -11.56 35.38 4.35
C GLU D 472 -12.98 35.16 3.86
N TRP D 473 -13.10 34.72 2.60
CA TRP D 473 -14.38 34.39 2.00
C TRP D 473 -14.62 32.88 2.15
N VAL D 474 -15.53 32.51 3.04
CA VAL D 474 -15.84 31.10 3.32
C VAL D 474 -17.21 30.79 2.74
N SER D 475 -17.25 29.84 1.80
CA SER D 475 -18.52 29.41 1.22
C SER D 475 -19.46 28.87 2.28
N ASN D 476 -20.72 29.28 2.21
CA ASN D 476 -21.77 28.70 3.05
C ASN D 476 -22.63 27.72 2.27
N SER D 477 -22.22 27.34 1.07
CA SER D 477 -22.86 26.30 0.29
C SER D 477 -22.12 24.98 0.52
N ARG D 478 -22.30 24.03 -0.39
CA ARG D 478 -21.69 22.72 -0.22
C ARG D 478 -20.23 22.77 -0.62
N ILE D 479 -19.37 22.31 0.28
CA ILE D 479 -17.94 22.27 0.03
C ILE D 479 -17.56 20.90 -0.51
N ILE D 480 -16.39 20.83 -1.14
CA ILE D 480 -15.79 19.56 -1.51
C ILE D 480 -14.68 19.26 -0.50
N PRO D 481 -14.83 18.26 0.35
CA PRO D 481 -13.84 18.04 1.41
C PRO D 481 -12.51 17.53 0.88
N SER D 482 -11.47 17.85 1.63
CA SER D 482 -10.21 17.14 1.52
C SER D 482 -10.40 15.67 1.87
N LYS D 483 -9.58 14.82 1.26
CA LYS D 483 -9.59 13.40 1.64
C LYS D 483 -9.07 13.20 3.05
N ASP D 484 -8.22 14.11 3.54
CA ASP D 484 -7.72 14.08 4.92
C ASP D 484 -8.84 14.54 5.84
N GLU D 485 -9.54 13.60 6.46
CA GLU D 485 -10.74 13.91 7.21
C GLU D 485 -10.39 14.44 8.60
N THR D 486 -11.42 14.96 9.27
CA THR D 486 -11.33 15.45 10.64
C THR D 486 -12.69 15.21 11.26
N ASN D 487 -12.74 14.37 12.29
CA ASN D 487 -14.02 13.94 12.85
C ASN D 487 -14.61 15.06 13.70
N ILE D 488 -14.96 16.14 13.01
CA ILE D 488 -15.72 17.25 13.57
C ILE D 488 -16.86 17.51 12.61
N ALA D 489 -18.06 17.75 13.15
CA ALA D 489 -19.22 17.93 12.30
C ALA D 489 -19.04 19.13 11.38
N ALA D 490 -19.40 18.95 10.11
CA ALA D 490 -19.26 20.02 9.13
C ALA D 490 -20.22 21.17 9.45
N LYS D 491 -19.84 22.36 9.04
CA LYS D 491 -20.75 23.49 9.15
C LYS D 491 -21.87 23.31 8.12
N PRO D 492 -23.14 23.36 8.54
CA PRO D 492 -24.24 23.13 7.60
C PRO D 492 -24.25 24.19 6.51
N ALA D 493 -24.41 23.73 5.26
CA ALA D 493 -24.56 24.65 4.15
C ALA D 493 -25.91 25.36 4.25
N THR D 494 -25.89 26.69 4.08
CA THR D 494 -27.11 27.48 4.08
C THR D 494 -27.51 27.98 2.70
N SER D 495 -26.72 27.69 1.67
CA SER D 495 -26.98 28.16 0.32
C SER D 495 -26.99 26.98 -0.64
N SER D 496 -27.94 27.00 -1.57
CA SER D 496 -28.04 25.95 -2.56
C SER D 496 -26.78 25.90 -3.42
N LEU D 497 -26.44 24.70 -3.86
CA LEU D 497 -25.31 24.53 -4.76
C LEU D 497 -25.68 25.02 -6.15
N LYS D 498 -24.87 25.91 -6.69
CA LYS D 498 -25.16 26.48 -8.00
C LYS D 498 -24.48 25.66 -9.09
N LEU D 499 -24.87 25.93 -10.32
CA LEU D 499 -24.50 25.25 -11.54
C LEU D 499 -23.30 25.92 -12.20
N PRO D 500 -22.47 25.14 -12.93
CA PRO D 500 -22.63 23.69 -13.07
C PRO D 500 -21.93 22.92 -11.96
N PHE D 501 -22.31 21.66 -11.78
CA PHE D 501 -21.86 20.86 -10.65
C PHE D 501 -20.49 20.24 -10.89
N TYR D 502 -19.50 21.05 -11.25
CA TYR D 502 -18.16 20.55 -11.55
C TYR D 502 -17.12 21.21 -10.67
N PRO D 503 -16.07 20.48 -10.29
CA PRO D 503 -14.97 21.10 -9.55
C PRO D 503 -14.16 22.07 -10.41
N ASN D 504 -13.38 22.91 -9.74
CA ASN D 504 -12.71 24.03 -10.40
C ASN D 504 -11.26 24.13 -9.90
N ASP D 505 -10.61 25.23 -10.27
CA ASP D 505 -9.18 25.40 -10.04
C ASP D 505 -8.82 25.42 -8.55
N GLY D 506 -9.74 25.89 -7.71
CA GLY D 506 -9.48 25.96 -6.28
C GLY D 506 -9.96 24.74 -5.49
N ILE D 507 -10.01 23.58 -6.15
CA ILE D 507 -10.53 22.37 -5.52
C ILE D 507 -9.78 22.04 -4.23
N ASP D 508 -8.50 22.42 -4.16
CA ASP D 508 -7.64 22.01 -3.04
C ASP D 508 -8.03 22.64 -1.72
N TYR D 509 -8.86 23.68 -1.72
CA TYR D 509 -9.14 24.44 -0.51
C TYR D 509 -10.60 24.31 -0.10
N PRO D 510 -10.93 23.45 0.86
CA PRO D 510 -12.33 23.33 1.30
C PRO D 510 -12.85 24.67 1.82
N GLY D 511 -14.06 25.02 1.39
CA GLY D 511 -14.67 26.28 1.76
C GLY D 511 -14.40 27.42 0.81
N SER D 512 -13.50 27.25 -0.14
CA SER D 512 -13.25 28.31 -1.10
C SER D 512 -14.33 28.26 -2.19
N PRO D 513 -14.91 29.40 -2.56
CA PRO D 513 -15.93 29.39 -3.62
C PRO D 513 -15.38 28.90 -4.95
N VAL D 514 -14.06 28.88 -5.12
CA VAL D 514 -13.44 28.48 -6.39
C VAL D 514 -13.26 26.97 -6.39
N GLN D 515 -13.77 26.30 -5.36
CA GLN D 515 -13.84 24.84 -5.42
C GLN D 515 -14.73 24.37 -6.56
N TRP D 516 -15.70 25.18 -6.95
CA TRP D 516 -16.74 24.79 -7.88
C TRP D 516 -16.64 25.59 -9.18
N PHE D 517 -16.93 24.93 -10.30
CA PHE D 517 -16.73 25.59 -11.58
C PHE D 517 -17.80 26.63 -11.84
N ALA D 518 -17.40 27.73 -12.48
CA ALA D 518 -18.29 28.77 -12.96
C ALA D 518 -17.99 29.01 -14.43
N ILE D 519 -19.01 29.42 -15.18
CA ILE D 519 -18.72 29.86 -16.54
C ILE D 519 -18.01 31.20 -16.46
N PRO D 520 -17.06 31.50 -17.36
CA PRO D 520 -16.15 32.64 -17.14
C PRO D 520 -16.90 33.96 -17.13
N PRO D 521 -16.26 35.01 -16.61
CA PRO D 521 -16.93 36.33 -16.50
C PRO D 521 -17.64 36.81 -17.76
N PHE D 522 -17.07 36.59 -18.94
CA PHE D 522 -17.71 37.12 -20.15
C PHE D 522 -18.92 36.29 -20.55
N MET D 523 -18.84 34.96 -20.41
CA MET D 523 -20.00 34.12 -20.67
C MET D 523 -21.10 34.37 -19.64
N TYR D 524 -20.71 34.53 -18.37
CA TYR D 524 -21.71 34.88 -17.35
C TYR D 524 -22.35 36.23 -17.65
N GLN D 525 -21.59 37.16 -18.24
CA GLN D 525 -22.16 38.46 -18.60
C GLN D 525 -23.26 38.30 -19.65
N HIS D 526 -22.99 37.52 -20.69
CA HIS D 526 -24.01 37.23 -21.70
C HIS D 526 -25.28 36.68 -21.06
N LEU D 527 -25.12 35.71 -20.16
CA LEU D 527 -26.27 35.11 -19.48
C LEU D 527 -26.97 36.12 -18.56
N GLN D 528 -26.22 37.07 -18.00
CA GLN D 528 -26.85 38.09 -17.17
C GLN D 528 -27.63 39.08 -18.02
N ASN D 529 -27.11 39.42 -19.20
CA ASN D 529 -27.86 40.28 -20.10
C ASN D 529 -29.11 39.58 -20.61
N TRP D 530 -28.98 38.29 -20.93
CA TRP D 530 -30.14 37.49 -21.33
C TRP D 530 -31.20 37.48 -20.25
N ALA D 531 -30.79 37.35 -18.98
CA ALA D 531 -31.76 37.36 -17.89
C ALA D 531 -32.53 38.68 -17.84
N ALA D 532 -31.82 39.80 -17.97
CA ALA D 532 -32.42 41.11 -17.85
C ALA D 532 -33.14 41.57 -19.11
N GLY D 533 -33.03 40.82 -20.21
CA GLY D 533 -33.67 41.20 -21.45
C GLY D 533 -32.79 41.98 -22.41
N ASP D 534 -31.57 42.31 -22.03
CA ASP D 534 -30.66 43.08 -22.87
C ASP D 534 -30.02 42.19 -23.92
N PHE D 535 -30.87 41.51 -24.69
CA PHE D 535 -30.39 40.66 -25.76
C PHE D 535 -31.30 40.77 -26.96
N SER D 536 -30.73 40.46 -28.13
CA SER D 536 -31.43 40.51 -29.40
C SER D 536 -31.42 39.13 -30.04
N VAL D 537 -32.43 38.87 -30.86
CA VAL D 537 -32.57 37.60 -31.57
C VAL D 537 -33.48 37.84 -32.76
N THR D 538 -33.21 37.14 -33.86
CA THR D 538 -33.98 37.30 -35.08
C THR D 538 -35.20 36.38 -35.08
N GLN D 539 -36.20 36.77 -35.89
CA GLN D 539 -37.43 35.99 -35.96
C GLN D 539 -37.17 34.59 -36.52
N VAL D 540 -36.22 34.47 -37.45
CA VAL D 540 -35.84 33.15 -37.98
C VAL D 540 -35.42 32.22 -36.85
N GLU D 541 -34.71 32.76 -35.86
CA GLU D 541 -34.30 31.95 -34.72
C GLU D 541 -35.51 31.54 -33.88
N LYS D 542 -36.46 32.46 -33.69
CA LYS D 542 -37.66 32.13 -32.92
C LYS D 542 -38.55 31.11 -33.63
N GLU D 543 -38.37 30.92 -34.94
CA GLU D 543 -39.24 30.02 -35.69
C GLU D 543 -38.73 28.58 -35.73
N SER D 544 -37.48 28.36 -35.33
CA SER D 544 -36.90 27.03 -35.19
C SER D 544 -36.49 26.74 -33.75
N ALA D 545 -37.20 27.34 -32.79
CA ALA D 545 -36.90 27.20 -31.37
C ALA D 545 -38.05 26.54 -30.63
N ASN D 546 -38.67 25.52 -31.22
CA ASN D 546 -39.74 24.82 -30.52
C ASN D 546 -39.18 23.87 -29.49
N THR D 547 -38.16 23.10 -29.85
CA THR D 547 -37.36 22.33 -28.92
C THR D 547 -35.93 22.80 -28.98
N ILE D 548 -35.14 22.46 -27.95
CA ILE D 548 -33.73 22.83 -27.96
C ILE D 548 -33.01 22.11 -29.10
N GLU D 549 -33.50 20.92 -29.48
CA GLU D 549 -32.86 20.18 -30.55
C GLU D 549 -33.04 20.87 -31.89
N GLU D 550 -34.23 21.40 -32.16
CA GLU D 550 -34.46 22.08 -33.43
C GLU D 550 -33.60 23.33 -33.54
N LEU D 551 -33.56 24.15 -32.49
CA LEU D 551 -32.72 25.35 -32.53
C LEU D 551 -31.24 24.98 -32.64
N GLY D 552 -30.82 23.92 -31.95
CA GLY D 552 -29.45 23.45 -32.11
C GLY D 552 -29.16 23.02 -33.53
N LEU D 553 -30.13 22.38 -34.19
CA LEU D 553 -29.95 22.00 -35.59
C LEU D 553 -29.94 23.22 -36.49
N PHE D 554 -30.69 24.26 -36.12
CA PHE D 554 -30.65 25.51 -36.88
C PHE D 554 -29.29 26.17 -36.77
N TYR D 555 -28.79 26.35 -35.54
CA TYR D 555 -27.48 26.96 -35.35
C TYR D 555 -26.38 26.13 -36.00
N SER D 556 -26.53 24.80 -36.00
CA SER D 556 -25.57 23.97 -36.72
C SER D 556 -25.55 24.31 -38.21
N GLU D 557 -26.72 24.57 -38.79
CA GLU D 557 -26.77 24.94 -40.21
C GLU D 557 -26.09 26.29 -40.44
N GLN D 558 -26.23 27.22 -39.50
CA GLN D 558 -25.59 28.53 -39.65
C GLN D 558 -24.08 28.40 -39.67
N PHE D 559 -23.52 27.43 -38.94
CA PHE D 559 -22.08 27.20 -38.96
C PHE D 559 -21.64 26.66 -40.31
N LYS D 560 -22.35 25.67 -40.83
CA LYS D 560 -21.91 24.96 -42.02
C LYS D 560 -21.82 25.89 -43.23
N ASN D 561 -22.81 26.77 -43.40
CA ASN D 561 -22.86 27.65 -44.55
C ASN D 561 -22.25 29.02 -44.31
N SER D 562 -21.58 29.20 -43.18
CA SER D 562 -20.82 30.42 -42.96
C SER D 562 -19.63 30.45 -43.91
N PRO D 563 -19.33 31.61 -44.53
CA PRO D 563 -18.35 31.63 -45.62
C PRO D 563 -16.90 31.58 -45.13
N ASN D 564 -16.61 32.05 -43.93
N ASN D 564 -16.63 32.00 -43.91
CA ASN D 564 -15.22 32.16 -43.48
CA ASN D 564 -15.27 32.13 -43.38
C ASN D 564 -14.74 30.79 -43.05
C ASN D 564 -14.73 30.74 -43.02
N SER D 565 -14.22 30.04 -44.03
CA SER D 565 -13.73 28.68 -43.79
C SER D 565 -12.50 28.70 -42.88
N ALA D 566 -11.57 29.63 -43.13
CA ALA D 566 -10.35 29.68 -42.33
C ALA D 566 -10.65 29.93 -40.86
N LEU D 567 -11.60 30.82 -40.57
CA LEU D 567 -11.85 31.18 -39.18
C LEU D 567 -12.72 30.15 -38.47
N LEU D 568 -13.63 29.49 -39.19
CA LEU D 568 -14.33 28.35 -38.59
C LEU D 568 -13.38 27.19 -38.38
N CYS D 569 -12.36 27.06 -39.23
CA CYS D 569 -11.34 26.04 -39.03
C CYS D 569 -10.54 26.31 -37.76
N ALA D 570 -10.18 27.58 -37.52
CA ALA D 570 -9.48 27.92 -36.29
C ALA D 570 -10.34 27.63 -35.07
N ARG D 571 -11.63 27.96 -35.15
CA ARG D 571 -12.51 27.78 -34.01
C ARG D 571 -12.81 26.31 -33.74
N GLY D 572 -12.92 25.49 -34.79
CA GLY D 572 -13.27 24.10 -34.59
C GLY D 572 -12.17 23.30 -33.93
N ALA D 573 -10.90 23.68 -34.15
CA ALA D 573 -9.80 22.97 -33.52
C ALA D 573 -9.84 23.09 -32.00
N LEU D 574 -10.33 24.22 -31.49
CA LEU D 574 -10.34 24.48 -30.06
C LEU D 574 -11.72 24.36 -29.43
N ASP D 575 -12.79 24.28 -30.23
CA ASP D 575 -14.13 24.23 -29.70
C ASP D 575 -14.44 22.91 -28.98
N ALA D 576 -13.72 21.84 -29.30
CA ALA D 576 -13.90 20.57 -28.61
C ALA D 576 -13.10 20.48 -27.32
N LEU D 577 -12.16 21.39 -27.10
CA LEU D 577 -11.25 21.31 -25.96
C LEU D 577 -11.88 21.95 -24.73
N TYR D 578 -11.39 21.55 -23.57
CA TYR D 578 -11.93 22.06 -22.32
C TYR D 578 -11.35 23.43 -22.00
N GLY D 579 -12.18 24.27 -21.37
CA GLY D 579 -11.75 25.58 -20.96
C GLY D 579 -11.98 25.83 -19.49
N GLY D 580 -11.64 24.84 -18.66
CA GLY D 580 -11.87 24.92 -17.23
C GLY D 580 -12.72 23.77 -16.72
N GLY D 581 -12.52 23.34 -15.48
CA GLY D 581 -11.47 23.87 -14.61
C GLY D 581 -10.09 23.39 -15.01
N PHE D 582 -9.07 24.03 -14.46
CA PHE D 582 -7.68 23.73 -14.81
C PHE D 582 -6.98 23.15 -13.59
N HIS D 583 -7.06 21.82 -13.42
CA HIS D 583 -6.31 21.19 -12.34
C HIS D 583 -5.61 19.90 -12.77
N PRO D 584 -4.80 19.91 -13.84
CA PRO D 584 -4.47 20.99 -14.79
C PRO D 584 -5.47 21.07 -15.93
N GLY D 585 -6.19 19.98 -16.18
CA GLY D 585 -7.14 19.89 -17.26
C GLY D 585 -6.93 18.62 -18.05
N VAL D 586 -7.54 18.57 -19.24
CA VAL D 586 -7.48 17.41 -20.10
C VAL D 586 -6.40 17.62 -21.16
N GLU D 587 -6.55 18.68 -21.96
CA GLU D 587 -5.68 18.94 -23.11
C GLU D 587 -4.65 20.02 -22.82
N LEU D 588 -5.12 21.24 -22.56
CA LEU D 588 -4.28 22.37 -22.21
C LEU D 588 -4.76 22.95 -20.88
N THR D 589 -4.05 23.95 -20.38
CA THR D 589 -4.33 24.45 -19.04
C THR D 589 -4.27 25.97 -19.04
N TRP D 590 -4.02 26.54 -17.85
CA TRP D 590 -4.37 27.93 -17.60
C TRP D 590 -3.60 28.99 -18.40
N PRO D 591 -2.37 28.77 -18.91
CA PRO D 591 -1.74 29.84 -19.69
C PRO D 591 -2.56 30.27 -20.89
N MET D 592 -3.38 29.37 -21.43
CA MET D 592 -4.19 29.67 -22.60
C MET D 592 -5.26 30.73 -22.32
N ARG D 593 -5.64 30.92 -21.07
CA ARG D 593 -6.68 31.90 -20.72
C ARG D 593 -6.10 33.28 -20.45
N HIS D 594 -4.89 33.57 -20.91
CA HIS D 594 -4.27 34.88 -20.78
C HIS D 594 -3.92 35.39 -22.18
N ASN D 595 -4.34 36.63 -22.46
CA ASN D 595 -4.02 37.24 -23.75
C ASN D 595 -2.52 37.38 -23.96
N LEU D 596 -1.76 37.36 -22.86
CA LEU D 596 -0.30 37.48 -22.94
C LEU D 596 0.31 36.38 -23.81
N ILE D 597 -0.32 35.20 -23.87
CA ILE D 597 0.26 34.10 -24.65
C ILE D 597 -0.01 34.23 -26.14
N TYR D 598 -0.96 35.07 -26.54
CA TYR D 598 -1.25 35.30 -27.95
C TYR D 598 -0.57 36.58 -28.42
N SER D 599 0.05 36.50 -29.60
CA SER D 599 0.61 37.70 -30.21
C SER D 599 -0.46 38.52 -30.92
N GLN D 600 -1.53 37.87 -31.35
CA GLN D 600 -2.67 38.51 -31.98
C GLN D 600 -3.94 37.78 -31.55
N ASN D 601 -4.99 38.55 -31.24
CA ASN D 601 -6.26 37.96 -30.81
C ASN D 601 -7.34 39.02 -31.01
N ASP D 602 -8.08 38.92 -32.12
CA ASP D 602 -9.02 39.95 -32.52
C ASP D 602 -10.35 39.34 -32.93
N TYR D 603 -11.44 39.97 -32.49
CA TYR D 603 -12.77 39.63 -33.00
C TYR D 603 -12.89 40.08 -34.45
N VAL D 604 -13.26 39.17 -35.34
CA VAL D 604 -13.32 39.49 -36.76
C VAL D 604 -14.77 39.73 -37.17
N SER D 605 -15.65 38.76 -36.91
CA SER D 605 -17.02 38.91 -37.37
C SER D 605 -17.92 37.88 -36.70
N SER D 606 -19.22 38.11 -36.81
CA SER D 606 -20.22 37.12 -36.46
C SER D 606 -20.03 35.87 -37.32
N VAL D 607 -20.59 34.75 -36.85
CA VAL D 607 -20.62 33.54 -37.67
C VAL D 607 -21.40 33.81 -38.95
N THR D 608 -22.61 34.33 -38.81
CA THR D 608 -23.55 34.75 -39.83
C THR D 608 -23.91 36.21 -39.58
N PRO D 609 -24.09 37.03 -40.65
CA PRO D 609 -24.36 38.47 -40.44
C PRO D 609 -25.32 38.80 -39.31
N GLU D 610 -26.41 38.03 -39.17
CA GLU D 610 -27.39 38.30 -38.12
C GLU D 610 -27.10 37.57 -36.81
N ILE D 611 -26.31 36.51 -36.84
CA ILE D 611 -26.20 35.59 -35.72
C ILE D 611 -24.75 35.51 -35.28
N ASN D 612 -24.48 35.92 -34.04
CA ASN D 612 -23.10 35.93 -33.54
C ASN D 612 -22.58 34.52 -33.28
N LEU D 613 -23.26 33.77 -32.39
CA LEU D 613 -22.83 32.42 -32.00
C LEU D 613 -21.42 32.42 -31.40
N LEU D 614 -21.16 33.39 -30.52
CA LEU D 614 -19.89 33.64 -29.84
C LEU D 614 -18.80 34.17 -30.78
N GLY D 615 -19.10 34.41 -32.05
CA GLY D 615 -18.21 35.14 -32.92
C GLY D 615 -17.10 34.28 -33.51
N LEU D 616 -16.39 34.89 -34.46
CA LEU D 616 -15.20 34.31 -35.06
C LEU D 616 -14.03 35.26 -34.83
N ARG D 617 -12.91 34.73 -34.34
CA ARG D 617 -11.75 35.54 -34.03
C ARG D 617 -10.56 35.14 -34.90
N GLU D 618 -9.62 36.07 -35.02
CA GLU D 618 -8.32 35.81 -35.62
C GLU D 618 -7.28 35.89 -34.51
N PHE D 619 -6.69 34.75 -34.18
CA PHE D 619 -5.74 34.68 -33.07
C PHE D 619 -4.51 33.90 -33.49
N ARG D 620 -3.38 34.26 -32.88
CA ARG D 620 -2.10 33.60 -33.10
C ARG D 620 -1.37 33.49 -31.78
N LEU D 621 -0.63 32.40 -31.61
CA LEU D 621 0.23 32.28 -30.45
C LEU D 621 1.50 33.10 -30.62
N LYS D 622 2.02 33.61 -29.50
CA LYS D 622 3.39 34.10 -29.49
C LYS D 622 4.35 32.94 -29.70
N GLN D 623 5.37 33.16 -30.52
CA GLN D 623 6.29 32.08 -30.89
C GLN D 623 7.73 32.57 -30.88
N ASP D 624 8.61 31.79 -30.26
CA ASP D 624 10.05 31.94 -30.47
C ASP D 624 10.38 31.39 -31.85
N LEU D 625 10.94 32.23 -32.71
CA LEU D 625 11.05 31.87 -34.13
C LEU D 625 12.23 30.96 -34.42
N GLN D 626 13.09 30.69 -33.45
CA GLN D 626 14.16 29.71 -33.64
C GLN D 626 13.72 28.29 -33.30
N GLY D 627 12.53 28.13 -32.71
CA GLY D 627 11.98 26.80 -32.54
C GLY D 627 12.78 25.96 -31.57
N LEU D 628 13.17 24.76 -32.00
CA LEU D 628 13.97 23.88 -31.18
C LEU D 628 15.34 24.46 -30.87
N ASN D 629 15.84 25.37 -31.69
CA ASN D 629 17.15 25.96 -31.53
C ASN D 629 17.15 27.19 -30.64
N SER D 630 16.02 27.53 -30.02
CA SER D 630 15.95 28.73 -29.22
C SER D 630 16.86 28.60 -28.00
N PRO D 631 17.53 29.69 -27.59
CA PRO D 631 18.30 29.63 -26.34
C PRO D 631 17.43 29.42 -25.11
N ASN D 632 16.18 29.85 -25.16
CA ASN D 632 15.23 29.67 -24.06
C ASN D 632 14.54 28.31 -24.11
N MET D 633 15.00 27.41 -24.96
CA MET D 633 14.34 26.11 -25.10
C MET D 633 14.37 25.32 -23.80
N TYR D 634 15.40 25.51 -22.98
CA TYR D 634 15.60 24.73 -21.77
C TYR D 634 15.62 25.62 -20.52
N GLN D 635 14.80 26.67 -20.53
CA GLN D 635 14.76 27.61 -19.42
C GLN D 635 13.86 27.08 -18.31
N ASP D 636 14.10 27.59 -17.10
CA ASP D 636 13.22 27.34 -15.95
C ASP D 636 13.45 28.45 -14.93
N PHE D 637 12.97 28.21 -13.70
CA PHE D 637 13.05 29.19 -12.63
C PHE D 637 13.74 28.61 -11.40
N GLY D 638 14.57 27.60 -11.59
CA GLY D 638 15.29 27.03 -10.47
C GLY D 638 14.56 25.89 -9.77
N HIS D 639 14.82 25.76 -8.46
CA HIS D 639 14.31 24.62 -7.70
C HIS D 639 12.79 24.58 -7.66
N VAL D 640 12.13 25.74 -7.71
CA VAL D 640 10.68 25.81 -7.71
C VAL D 640 10.24 26.86 -8.74
N ILE D 641 8.98 26.75 -9.14
CA ILE D 641 8.27 27.79 -9.87
C ILE D 641 7.18 28.32 -8.94
N ALA D 642 6.93 29.62 -9.01
CA ALA D 642 5.93 30.24 -8.16
C ALA D 642 5.21 31.32 -8.95
N VAL D 643 4.19 31.91 -8.32
CA VAL D 643 3.46 33.00 -8.97
C VAL D 643 4.33 34.23 -9.14
N ASP D 644 5.37 34.39 -8.30
CA ASP D 644 6.35 35.45 -8.51
C ASP D 644 7.00 35.33 -9.88
N ASN D 645 7.28 34.10 -10.32
CA ASN D 645 7.88 33.90 -11.63
C ASN D 645 6.90 34.30 -12.73
N VAL D 646 5.61 34.06 -12.52
CA VAL D 646 4.61 34.47 -13.51
C VAL D 646 4.42 35.99 -13.46
N THR D 647 4.46 36.56 -12.26
CA THR D 647 4.35 38.02 -12.12
C THR D 647 5.47 38.72 -12.87
N ALA D 648 6.71 38.26 -12.70
CA ALA D 648 7.82 38.84 -13.43
C ALA D 648 7.67 38.64 -14.93
N SER D 649 7.00 37.57 -15.34
CA SER D 649 6.89 37.27 -16.76
C SER D 649 6.00 38.25 -17.51
N ILE D 650 5.15 39.00 -16.80
CA ILE D 650 4.24 39.93 -17.48
C ILE D 650 5.02 40.96 -18.26
N ASP D 651 5.94 41.67 -17.58
CA ASP D 651 6.86 42.61 -18.19
C ASP D 651 7.62 41.95 -19.33
N PRO D 652 7.36 42.33 -20.58
CA PRO D 652 8.00 41.65 -21.72
C PRO D 652 9.50 41.86 -21.81
N ASN D 653 10.09 42.66 -20.92
CA ASN D 653 11.53 42.88 -20.90
C ASN D 653 12.24 42.04 -19.85
N SER D 654 11.51 41.43 -18.91
CA SER D 654 12.13 40.68 -17.85
C SER D 654 12.79 39.42 -18.38
N ASP D 655 13.67 38.83 -17.56
CA ASP D 655 14.28 37.56 -17.89
C ASP D 655 13.34 36.38 -17.63
N ALA D 656 12.05 36.64 -17.45
CA ALA D 656 11.04 35.61 -17.31
C ALA D 656 10.01 35.63 -18.42
N ALA D 657 9.97 36.69 -19.24
CA ALA D 657 8.94 36.84 -20.27
C ALA D 657 8.96 35.73 -21.29
N TRP D 658 10.04 34.95 -21.37
CA TRP D 658 10.08 33.78 -22.25
C TRP D 658 8.95 32.81 -21.95
N LEU D 659 8.36 32.89 -20.77
CA LEU D 659 7.25 32.01 -20.39
C LEU D 659 6.07 32.12 -21.35
N TRP D 660 5.94 33.25 -22.05
CA TRP D 660 4.81 33.49 -22.93
C TRP D 660 5.16 33.45 -24.40
N ARG D 661 6.43 33.24 -24.74
CA ARG D 661 6.89 33.08 -26.11
C ARG D 661 7.27 31.62 -26.29
N SER D 662 6.28 30.80 -26.64
CA SER D 662 6.44 29.35 -26.54
C SER D 662 7.42 28.81 -27.57
N THR D 663 8.28 27.91 -27.10
CA THR D 663 9.07 27.02 -27.91
C THR D 663 8.39 25.65 -27.96
N PRO D 664 8.80 24.75 -28.86
CA PRO D 664 8.16 23.43 -28.90
C PRO D 664 8.15 22.76 -27.54
N GLY D 665 6.99 22.22 -27.17
CA GLY D 665 6.79 21.57 -25.90
C GLY D 665 6.28 22.46 -24.78
N ASP D 666 6.04 23.74 -25.06
CA ASP D 666 5.68 24.68 -24.00
C ASP D 666 4.20 24.64 -23.65
N LEU D 667 3.34 24.19 -24.55
CA LEU D 667 1.91 24.17 -24.24
C LEU D 667 1.56 22.98 -23.34
N THR D 668 2.11 21.80 -23.63
CA THR D 668 1.72 20.58 -22.94
C THR D 668 2.62 20.25 -21.75
N LYS D 669 3.66 21.06 -21.49
CA LYS D 669 4.60 20.72 -20.42
C LYS D 669 3.93 20.77 -19.04
N TRP D 670 2.95 21.66 -18.87
CA TRP D 670 2.26 21.75 -17.58
C TRP D 670 1.46 20.50 -17.25
N MET D 671 1.06 19.72 -18.26
CA MET D 671 0.04 18.71 -18.05
C MET D 671 0.60 17.51 -17.29
N GLY D 672 -0.32 16.64 -16.87
CA GLY D 672 0.09 15.47 -16.11
C GLY D 672 0.96 14.54 -16.92
N ILE D 673 1.88 13.86 -16.23
CA ILE D 673 2.77 12.91 -16.84
C ILE D 673 2.74 11.61 -16.03
N PRO D 674 2.35 10.47 -16.62
CA PRO D 674 1.79 10.39 -17.97
C PRO D 674 0.38 10.95 -18.00
N TRP D 675 -0.13 11.30 -19.19
CA TRP D 675 -1.46 11.87 -19.27
C TRP D 675 -2.53 10.90 -18.76
N GLN D 676 -2.28 9.60 -18.86
CA GLN D 676 -3.24 8.62 -18.36
C GLN D 676 -3.49 8.79 -16.87
N SER D 677 -2.47 9.24 -16.12
CA SER D 677 -2.66 9.53 -14.70
C SER D 677 -3.69 10.63 -14.50
N ASP D 678 -3.67 11.64 -15.37
CA ASP D 678 -4.64 12.72 -15.28
C ASP D 678 -6.02 12.25 -15.71
N ALA D 679 -6.09 11.47 -16.80
CA ALA D 679 -7.38 10.98 -17.27
C ALA D 679 -8.04 10.08 -16.24
N ALA D 680 -7.27 9.22 -15.58
CA ALA D 680 -7.87 8.35 -14.57
C ALA D 680 -8.23 9.12 -13.30
N SER D 681 -7.63 10.29 -13.10
CA SER D 681 -7.99 11.19 -12.03
C SER D 681 -9.08 12.18 -12.44
N CYS D 682 -9.52 12.13 -13.70
CA CYS D 682 -10.46 13.11 -14.23
C CYS D 682 -11.86 12.51 -14.26
N GLN D 683 -12.43 12.34 -13.07
CA GLN D 683 -13.71 11.67 -12.93
C GLN D 683 -14.60 12.33 -11.88
N ALA D 684 -15.23 11.51 -11.04
CA ALA D 684 -16.09 12.02 -9.98
C ALA D 684 -15.27 12.40 -8.76
N VAL D 685 -15.71 13.45 -8.08
CA VAL D 685 -15.12 13.87 -6.81
C VAL D 685 -16.25 13.86 -5.79
N TYR D 686 -16.33 12.80 -5.00
CA TYR D 686 -17.50 12.56 -4.17
C TYR D 686 -17.48 13.44 -2.93
N THR D 687 -18.67 13.86 -2.52
CA THR D 687 -18.91 14.66 -1.33
C THR D 687 -19.65 13.81 -0.30
N PRO D 688 -19.70 14.25 0.96
CA PRO D 688 -20.52 13.50 1.94
C PRO D 688 -21.93 13.29 1.47
N GLU D 689 -22.49 14.29 0.79
CA GLU D 689 -23.82 14.22 0.20
C GLU D 689 -23.75 13.44 -1.12
N ASP D 690 -24.67 12.50 -1.30
CA ASP D 690 -24.55 11.56 -2.40
C ASP D 690 -24.81 12.22 -3.75
N PHE D 691 -25.75 13.18 -3.79
CA PHE D 691 -26.15 13.81 -5.03
C PHE D 691 -26.25 15.32 -4.86
N PRO D 692 -25.90 16.09 -5.90
CA PRO D 692 -25.38 15.59 -7.18
C PRO D 692 -23.92 15.13 -7.11
N ILE D 693 -23.52 14.27 -8.04
CA ILE D 693 -22.16 13.72 -8.07
C ILE D 693 -21.29 14.68 -8.85
N PRO D 694 -20.31 15.34 -8.23
CA PRO D 694 -19.46 16.26 -8.98
C PRO D 694 -18.55 15.52 -9.94
N SER D 695 -18.36 16.10 -11.13
N SER D 695 -18.37 16.08 -11.13
CA SER D 695 -17.58 15.49 -12.19
CA SER D 695 -17.56 15.47 -12.16
C SER D 695 -16.66 16.53 -12.80
C SER D 695 -16.66 16.52 -12.80
N TRP D 696 -15.41 16.14 -13.06
CA TRP D 696 -14.40 17.06 -13.56
C TRP D 696 -14.58 17.56 -14.99
N TNQ D 697 -14.33 16.68 -15.95
CA TNQ D 697 -14.35 17.05 -17.40
C TNQ D 697 -15.11 16.03 -18.18
O TNQ D 697 -14.57 15.40 -19.11
CB TNQ D 697 -12.93 17.15 -17.94
CG TNQ D 697 -12.07 18.04 -17.04
CD1 TNQ D 697 -12.11 19.44 -16.92
CD2 TNQ D 697 -11.02 17.63 -16.07
NE1 TNQ D 697 -11.21 19.89 -16.00
CE2 TNQ D 697 -10.51 18.86 -15.45
CE3 TNQ D 697 -10.53 16.38 -15.73
CZ2 TNQ D 697 -9.44 18.73 -14.43
CZ3 TNQ D 697 -9.52 16.28 -14.78
CH2 TNQ D 697 -8.95 17.36 -14.13
C1 TNQ D 697 -7.57 16.42 -10.88
C2 TNQ D 697 -8.41 16.74 -12.06
N1 TNQ D 697 -7.96 17.13 -13.16
O2 TNQ D 697 -7.26 15.22 -10.68
O3 TNQ D 697 -7.22 17.32 -10.11
O7 TNQ D 697 -8.91 19.80 -13.81
N ALA D 698 -16.39 15.88 -17.86
CA ALA D 698 -17.17 14.74 -18.34
C ALA D 698 -17.45 14.73 -19.85
N ALA D 699 -17.35 15.88 -20.50
CA ALA D 699 -17.67 15.93 -21.93
C ALA D 699 -16.60 15.24 -22.77
N ASN D 700 -15.37 15.16 -22.26
CA ASN D 700 -14.28 14.49 -22.96
C ASN D 700 -13.74 13.27 -22.22
N LEU D 701 -13.89 13.22 -20.90
CA LEU D 701 -13.62 12.03 -20.10
C LEU D 701 -14.92 11.74 -19.36
N PRO D 702 -15.84 10.98 -19.97
CA PRO D 702 -17.16 10.78 -19.37
C PRO D 702 -17.06 10.10 -18.01
N VAL D 703 -18.11 10.29 -17.21
CA VAL D 703 -18.18 9.76 -15.87
C VAL D 703 -19.29 8.72 -15.72
N HIS D 704 -20.46 8.97 -16.32
CA HIS D 704 -21.54 8.00 -16.37
C HIS D 704 -22.04 7.93 -17.80
N VAL D 705 -22.04 6.73 -18.38
CA VAL D 705 -22.37 6.57 -19.79
C VAL D 705 -23.48 5.55 -19.95
N LEU D 706 -24.12 5.59 -21.12
N LEU D 706 -24.08 5.55 -21.14
CA LEU D 706 -25.08 4.57 -21.51
CA LEU D 706 -25.08 4.59 -21.58
C LEU D 706 -24.36 3.52 -22.34
C LEU D 706 -24.39 3.50 -22.37
N PRO D 707 -24.13 2.33 -21.80
CA PRO D 707 -23.34 1.33 -22.52
C PRO D 707 -24.13 0.69 -23.66
N LEU D 708 -23.37 0.11 -24.60
CA LEU D 708 -23.99 -0.60 -25.71
C LEU D 708 -24.91 -1.71 -25.21
N ALA D 709 -24.53 -2.38 -24.12
CA ALA D 709 -25.35 -3.45 -23.56
C ALA D 709 -26.76 -2.96 -23.21
N ARG D 710 -26.89 -1.72 -22.75
CA ARG D 710 -28.21 -1.16 -22.54
C ARG D 710 -28.86 -0.74 -23.84
N TYR D 711 -28.07 -0.24 -24.79
CA TYR D 711 -28.61 0.19 -26.08
C TYR D 711 -29.30 -0.96 -26.81
N ASN D 712 -28.70 -2.15 -26.77
CA ASN D 712 -29.32 -3.32 -27.41
C ASN D 712 -30.58 -3.79 -26.69
N LYS D 713 -30.92 -3.19 -25.55
CA LYS D 713 -32.12 -3.57 -24.81
C LYS D 713 -33.16 -2.46 -24.77
N PHE D 714 -33.00 -1.40 -25.56
CA PHE D 714 -34.09 -0.44 -25.76
C PHE D 714 -34.20 0.08 -27.19
N LYS D 715 -33.33 -0.34 -28.11
CA LYS D 715 -33.33 0.23 -29.45
C LYS D 715 -34.38 -0.38 -30.36
N ASP D 716 -34.93 -1.54 -30.01
CA ASP D 716 -35.92 -2.21 -30.85
C ASP D 716 -37.33 -1.81 -30.44
N SER D 717 -38.24 -1.89 -31.40
CA SER D 717 -39.66 -1.77 -31.13
C SER D 717 -40.27 -3.15 -30.92
N GLN D 718 -41.42 -3.17 -30.23
CA GLN D 718 -42.16 -4.42 -30.05
C GLN D 718 -42.57 -5.01 -31.40
N SER D 719 -42.75 -4.16 -32.41
CA SER D 719 -43.16 -4.59 -33.74
C SER D 719 -42.14 -5.51 -34.40
N ALA D 720 -40.88 -5.48 -33.97
CA ALA D 720 -39.79 -6.05 -34.74
C ALA D 720 -39.99 -7.54 -34.99
N ASP D 721 -39.47 -8.00 -36.12
CA ASP D 721 -39.56 -9.40 -36.54
C ASP D 721 -38.17 -10.03 -36.41
N LEU D 722 -37.76 -10.30 -35.18
CA LEU D 722 -36.49 -10.95 -34.90
C LEU D 722 -36.66 -11.84 -33.69
N PRO D 723 -35.90 -12.94 -33.60
CA PRO D 723 -36.11 -13.89 -32.49
C PRO D 723 -35.76 -13.32 -31.12
N GLU D 724 -34.93 -12.28 -31.04
CA GLU D 724 -34.64 -11.61 -29.78
C GLU D 724 -34.84 -10.11 -29.95
N ILE D 725 -35.63 -9.53 -29.04
CA ILE D 725 -36.04 -8.13 -29.14
C ILE D 725 -35.71 -7.46 -27.80
N ASN D 726 -34.86 -6.44 -27.85
CA ASN D 726 -34.38 -5.75 -26.65
C ASN D 726 -33.83 -6.74 -25.62
N GLY D 727 -33.10 -7.74 -26.11
CA GLY D 727 -32.59 -8.78 -25.22
C GLY D 727 -33.63 -9.75 -24.71
N MET D 728 -34.88 -9.66 -25.17
CA MET D 728 -35.94 -10.58 -24.77
C MET D 728 -36.22 -11.56 -25.91
N THR D 729 -36.70 -12.74 -25.55
CA THR D 729 -37.19 -13.66 -26.58
C THR D 729 -38.37 -13.03 -27.29
N HIS D 730 -38.53 -13.39 -28.58
CA HIS D 730 -39.65 -12.87 -29.35
C HIS D 730 -40.97 -13.14 -28.65
N SER D 731 -41.10 -14.29 -27.99
CA SER D 731 -42.34 -14.64 -27.30
C SER D 731 -42.59 -13.70 -26.13
N ILE D 732 -41.57 -13.49 -25.29
CA ILE D 732 -41.74 -12.68 -24.09
C ILE D 732 -41.95 -11.22 -24.43
N ALA D 733 -41.25 -10.73 -25.47
CA ALA D 733 -41.34 -9.30 -25.81
C ALA D 733 -42.75 -8.93 -26.26
N GLN D 734 -43.29 -9.65 -27.23
CA GLN D 734 -44.63 -9.36 -27.73
C GLN D 734 -45.74 -9.89 -26.82
N GLY D 735 -45.41 -10.71 -25.82
CA GLY D 735 -46.41 -11.19 -24.89
C GLY D 735 -46.81 -10.20 -23.83
N MET D 736 -45.97 -9.20 -23.55
CA MET D 736 -46.30 -8.18 -22.58
C MET D 736 -47.07 -7.04 -23.23
N SER D 737 -47.84 -6.32 -22.42
CA SER D 737 -48.54 -5.15 -22.91
C SER D 737 -47.54 -4.11 -23.42
N GLU D 738 -48.01 -3.28 -24.35
CA GLU D 738 -47.13 -2.29 -24.96
C GLU D 738 -46.62 -1.30 -23.92
N GLU D 739 -47.47 -0.93 -22.96
CA GLU D 739 -47.05 0.00 -21.91
C GLU D 739 -45.92 -0.58 -21.08
N THR D 740 -46.03 -1.85 -20.69
CA THR D 740 -44.95 -2.51 -19.98
C THR D 740 -43.69 -2.59 -20.82
N PHE D 741 -43.85 -2.79 -22.13
CA PHE D 741 -42.69 -2.96 -23.02
C PHE D 741 -41.88 -1.68 -23.13
N GLU D 742 -42.54 -0.53 -23.26
CA GLU D 742 -41.79 0.72 -23.34
C GLU D 742 -41.25 1.13 -21.98
N HIS D 743 -41.91 0.74 -20.90
CA HIS D 743 -41.37 0.96 -19.57
C HIS D 743 -40.03 0.27 -19.39
N LEU D 744 -39.91 -0.96 -19.92
CA LEU D 744 -38.63 -1.65 -19.86
C LEU D 744 -37.59 -0.97 -20.74
N ARG D 745 -38.01 -0.41 -21.88
CA ARG D 745 -37.10 0.38 -22.70
C ARG D 745 -36.56 1.56 -21.91
N LEU D 746 -37.43 2.23 -21.16
CA LEU D 746 -37.00 3.38 -20.38
C LEU D 746 -36.07 2.98 -19.25
N GLU D 747 -36.39 1.90 -18.54
CA GLU D 747 -35.53 1.46 -17.43
C GLU D 747 -34.12 1.18 -17.94
N GLN D 748 -34.00 0.43 -19.03
CA GLN D 748 -32.70 0.16 -19.62
C GLN D 748 -32.00 1.46 -20.01
N PHE D 749 -32.73 2.37 -20.67
CA PHE D 749 -32.16 3.64 -21.11
C PHE D 749 -31.58 4.43 -19.95
N SER D 750 -32.14 4.27 -18.75
CA SER D 750 -31.75 5.03 -17.59
C SER D 750 -30.60 4.41 -16.81
N GLN D 751 -30.10 3.24 -17.23
CA GLN D 751 -29.01 2.56 -16.52
C GLN D 751 -27.68 3.13 -16.99
N ARG D 752 -27.08 3.98 -16.16
CA ARG D 752 -25.83 4.63 -16.50
C ARG D 752 -24.67 3.95 -15.78
N LEU D 753 -23.62 3.66 -16.52
CA LEU D 753 -22.47 2.94 -15.99
C LEU D 753 -21.32 3.89 -15.70
N ASP D 754 -20.66 3.68 -14.56
CA ASP D 754 -19.41 4.40 -14.29
C ASP D 754 -18.43 4.13 -15.42
N TRP D 755 -17.94 5.20 -16.04
CA TRP D 755 -17.05 5.06 -17.17
C TRP D 755 -15.76 4.34 -16.79
N LEU D 756 -15.34 4.47 -15.52
CA LEU D 756 -14.17 3.72 -15.06
C LEU D 756 -14.42 2.22 -15.05
N HIS D 757 -15.68 1.79 -15.08
CA HIS D 757 -16.02 0.37 -15.10
C HIS D 757 -16.19 -0.17 -16.51
N THR D 758 -15.84 0.59 -17.53
CA THR D 758 -15.92 0.14 -18.91
C THR D 758 -14.67 -0.60 -19.35
N ALA D 759 -13.66 -0.67 -18.50
CA ALA D 759 -12.50 -1.53 -18.71
C ALA D 759 -12.01 -1.98 -17.34
N ASP D 760 -10.96 -2.80 -17.35
CA ASP D 760 -10.43 -3.35 -16.10
C ASP D 760 -9.41 -2.37 -15.54
N LEU D 761 -9.88 -1.46 -14.70
CA LEU D 761 -9.00 -0.49 -14.03
C LEU D 761 -8.57 -0.96 -12.65
N GLY D 762 -8.52 -2.27 -12.42
CA GLY D 762 -8.04 -2.82 -11.17
C GLY D 762 -9.10 -3.18 -10.16
N PHE D 763 -10.36 -3.28 -10.57
CA PHE D 763 -11.46 -3.62 -9.68
C PHE D 763 -12.08 -4.96 -10.02
N VAL D 764 -11.62 -5.61 -11.08
CA VAL D 764 -12.20 -6.85 -11.58
C VAL D 764 -11.58 -8.03 -10.86
N GLY D 765 -12.41 -8.95 -10.38
CA GLY D 765 -11.89 -10.13 -9.74
C GLY D 765 -12.28 -10.27 -8.29
N PHE D 766 -12.23 -11.51 -7.78
CA PHE D 766 -12.53 -11.75 -6.39
C PHE D 766 -11.53 -11.02 -5.50
N HIS D 767 -12.06 -10.19 -4.59
CA HIS D 767 -11.27 -9.40 -3.65
C HIS D 767 -10.34 -8.40 -4.33
N ALA D 768 -10.65 -7.97 -5.55
CA ALA D 768 -9.84 -6.95 -6.20
C ALA D 768 -9.93 -5.63 -5.44
N GLU D 769 -8.79 -4.95 -5.30
CA GLU D 769 -8.75 -3.74 -4.48
C GLU D 769 -9.54 -2.60 -5.11
N GLY D 770 -9.43 -2.43 -6.43
CA GLY D 770 -10.05 -1.26 -7.02
C GLY D 770 -9.40 0.01 -6.52
N GLY D 771 -10.20 1.07 -6.45
CA GLY D 771 -9.77 2.32 -5.84
C GLY D 771 -9.09 3.28 -6.78
N TYR D 772 -8.77 4.44 -6.23
CA TYR D 772 -8.26 5.55 -7.04
C TYR D 772 -6.92 5.21 -7.68
N THR D 773 -5.96 4.73 -6.87
CA THR D 773 -4.61 4.57 -7.37
C THR D 773 -4.50 3.47 -8.41
N ASN D 774 -5.20 2.34 -8.19
CA ASN D 774 -5.19 1.28 -9.19
C ASN D 774 -5.72 1.78 -10.52
N GLY D 775 -6.69 2.70 -10.49
CA GLY D 775 -7.19 3.29 -11.72
C GLY D 775 -6.12 4.08 -12.46
N LEU D 776 -5.39 4.92 -11.74
CA LEU D 776 -4.25 5.62 -12.34
C LEU D 776 -3.28 4.64 -12.98
N ILE D 777 -2.85 3.63 -12.21
CA ILE D 777 -1.85 2.69 -12.70
C ILE D 777 -2.36 1.96 -13.94
N GLN D 778 -3.58 1.41 -13.86
CA GLN D 778 -4.10 0.60 -14.94
C GLN D 778 -4.43 1.41 -16.20
N MET D 779 -4.66 2.71 -16.07
CA MET D 779 -5.04 3.52 -17.24
C MET D 779 -3.93 3.57 -18.27
N VAL D 780 -2.68 3.31 -17.88
CA VAL D 780 -1.57 3.35 -18.84
C VAL D 780 -1.82 2.36 -19.97
N SER D 781 -2.36 1.18 -19.64
CA SER D 781 -2.72 0.20 -20.66
C SER D 781 -4.18 0.26 -21.06
N GLN D 782 -5.07 0.66 -20.16
CA GLN D 782 -6.51 0.53 -20.36
C GLN D 782 -7.15 1.74 -21.01
N TRP D 783 -6.41 2.83 -21.23
CA TRP D 783 -6.99 4.00 -21.87
C TRP D 783 -7.59 3.63 -23.23
N LYS D 784 -6.95 2.71 -23.95
CA LYS D 784 -7.40 2.34 -25.29
C LYS D 784 -8.59 1.39 -25.28
N ASN D 785 -8.96 0.83 -24.12
CA ASN D 785 -10.14 -0.01 -24.00
C ASN D 785 -11.32 0.69 -23.35
N MET D 786 -11.15 1.94 -22.92
CA MET D 786 -12.24 2.67 -22.30
C MET D 786 -13.34 2.93 -23.32
N ALA D 787 -14.57 3.04 -22.82
CA ALA D 787 -15.72 3.15 -23.70
C ALA D 787 -15.69 4.46 -24.49
N MET D 788 -16.13 4.38 -25.74
CA MET D 788 -16.17 5.53 -26.64
C MET D 788 -17.64 5.86 -26.91
N VAL D 789 -18.03 7.09 -26.58
CA VAL D 789 -19.42 7.50 -26.75
C VAL D 789 -19.64 7.88 -28.20
N MET D 790 -20.70 7.32 -28.79
CA MET D 790 -21.04 7.58 -30.19
C MET D 790 -22.55 7.78 -30.33
N ALA D 791 -22.95 8.67 -31.23
CA ALA D 791 -24.36 8.86 -31.52
C ALA D 791 -24.92 7.63 -32.22
N ARG D 792 -26.09 7.18 -31.78
CA ARG D 792 -26.71 6.00 -32.36
C ARG D 792 -28.21 6.23 -32.48
N PRO D 793 -28.85 5.65 -33.49
CA PRO D 793 -30.28 5.92 -33.71
C PRO D 793 -31.19 4.95 -32.98
N VAL D 794 -32.29 5.50 -32.47
CA VAL D 794 -33.47 4.72 -32.08
C VAL D 794 -34.53 4.99 -33.13
N GLU D 795 -34.87 3.97 -33.91
CA GLU D 795 -35.68 4.19 -35.11
C GLU D 795 -37.12 4.54 -34.76
N ASN D 796 -37.72 3.85 -33.79
CA ASN D 796 -39.10 4.13 -33.40
C ASN D 796 -39.21 4.11 -31.88
N PRO D 797 -39.01 5.27 -31.23
CA PRO D 797 -39.20 5.34 -29.78
C PRO D 797 -40.63 5.11 -29.34
N GLY D 798 -41.60 5.37 -30.21
CA GLY D 798 -42.99 5.29 -29.77
C GLY D 798 -43.26 6.31 -28.69
N SER D 799 -43.86 5.84 -27.59
CA SER D 799 -44.12 6.69 -26.43
C SER D 799 -43.17 6.40 -25.28
N SER D 800 -41.98 5.86 -25.57
CA SER D 800 -41.10 5.41 -24.50
C SER D 800 -40.53 6.58 -23.72
N GLY D 801 -40.21 7.67 -24.40
CA GLY D 801 -39.47 8.77 -23.80
C GLY D 801 -38.00 8.75 -24.12
N ILE D 802 -37.59 8.03 -25.14
CA ILE D 802 -36.19 7.85 -25.55
C ILE D 802 -35.99 8.63 -26.85
N PRO D 803 -35.09 9.61 -26.89
CA PRO D 803 -34.97 10.44 -28.10
C PRO D 803 -34.51 9.63 -29.30
N ASN D 804 -34.83 10.16 -30.49
CA ASN D 804 -34.51 9.45 -31.74
C ASN D 804 -33.02 9.34 -31.98
N VAL D 805 -32.20 10.13 -31.28
CA VAL D 805 -30.75 9.99 -31.31
C VAL D 805 -30.27 9.81 -29.87
N VAL D 806 -29.57 8.71 -29.63
CA VAL D 806 -28.97 8.47 -28.32
C VAL D 806 -27.46 8.40 -28.50
N TYR D 807 -26.76 8.58 -27.39
CA TYR D 807 -25.30 8.59 -27.37
C TYR D 807 -24.82 7.43 -26.51
N VAL D 808 -24.13 6.48 -27.13
CA VAL D 808 -23.95 5.14 -26.60
C VAL D 808 -22.46 4.87 -26.44
N ALA D 809 -22.08 4.31 -25.29
CA ALA D 809 -20.69 4.04 -24.98
C ALA D 809 -20.33 2.63 -25.45
N TYR D 810 -19.35 2.53 -26.34
CA TYR D 810 -18.89 1.26 -26.88
C TYR D 810 -17.56 0.90 -26.20
N SER D 811 -17.56 -0.22 -25.49
CA SER D 811 -16.33 -0.83 -24.97
C SER D 811 -16.44 -2.33 -25.18
N GLN D 812 -15.39 -3.06 -24.78
CA GLN D 812 -15.45 -4.52 -24.86
C GLN D 812 -16.21 -5.09 -23.68
N ALA D 813 -15.93 -4.59 -22.47
CA ALA D 813 -16.60 -5.09 -21.27
C ALA D 813 -18.10 -4.85 -21.31
N ASP D 814 -18.53 -3.70 -21.83
CA ASP D 814 -19.93 -3.29 -21.80
C ASP D 814 -20.69 -3.71 -23.06
N LYS D 815 -20.11 -4.59 -23.87
CA LYS D 815 -20.79 -5.11 -25.04
C LYS D 815 -22.07 -5.87 -24.70
N ASP D 816 -22.12 -6.45 -23.51
CA ASP D 816 -23.03 -7.55 -23.21
C ASP D 816 -23.65 -7.44 -21.82
MG MG E . -33.18 -9.04 3.88
MG MG F . 27.38 -19.76 0.05
MG MG G . 21.38 14.37 23.41
S SO4 H . 37.44 19.36 -2.29
O1 SO4 H . 37.53 18.12 -1.53
O2 SO4 H . 38.74 20.03 -2.29
O3 SO4 H . 37.04 19.06 -3.66
O4 SO4 H . 36.45 20.24 -1.66
S SO4 I . 54.88 32.24 14.99
O1 SO4 I . 55.87 31.16 14.88
O2 SO4 I . 54.36 32.29 16.36
O3 SO4 I . 53.78 31.98 14.07
O4 SO4 I . 55.50 33.51 14.66
MG MG J . -16.40 15.63 -26.09
S SO4 K . -16.49 53.12 -20.20
O1 SO4 K . -16.91 53.19 -18.80
O2 SO4 K . -15.15 52.53 -20.28
O3 SO4 K . -16.48 54.46 -20.78
O4 SO4 K . -17.42 52.28 -20.95
#